data_8YPT
#
_entry.id   8YPT
#
_cell.length_a   1.00
_cell.length_b   1.00
_cell.length_c   1.00
_cell.angle_alpha   90.00
_cell.angle_beta   90.00
_cell.angle_gamma   90.00
#
_symmetry.space_group_name_H-M   'P 1'
#
loop_
_entity.id
_entity.type
_entity.pdbx_description
1 polymer 'Membrane protein'
2 polymer 'TonB-linked outer membrane protein'
3 polymer 'Ubiquitin-like protein'
#
loop_
_entity_poly.entity_id
_entity_poly.type
_entity_poly.pdbx_seq_one_letter_code
_entity_poly.pdbx_strand_id
1 'polypeptide(L)'
;CDSYLDIRPVGSVIPQTAEEYRALLARAYLNVPNDRGLACLRSDEMLVNDNEYDRNSYGDIERWNDVSPFPGTSQFTWSN
FYNVLFIANQVIESQKEITEGTPEVVNQLVGEAHLLRAYLHFVLVNLHGQPYTKSGALNSKSIPLKLDTDLEKTLGRNTV
EEVYTSILSDIEHARELINKEKWETVFSYRFNVLSVDALQSRVSLYMGAWPKCLESAEAVLAKKSVLVDMNETPLALPNH
FESVESITALEQVMGSSVNNAVWVPATFLALYQEGDKRLAAYFAAPDENGNRKSSKGGKREFSCTFRVGELYLNAAEAAA
NMDKLPHARMRLLELMRKRYTPEAYAKKENAVNVMDKNALISEILNERARELAFEGHRWFDLRRTTRPRMVKVLQGKTYI
LEQDDPRYTIPIPRDAIAANPGL
;
A,B
2 'polypeptide(L)'
;DAVVVTGYQTVERRKLTAAVGKLNISDETIGAVKSIDQALAGQIAGLSVTSTSGAPGAPAKIRIRGTSSLNGTQDPLWVL
DGIPLEGTDVPQSNVLNDVSNIQQSSIAGLNPADIENITVLKDAAATAIYGARAANGVIVITTKKGKVGKPVINFSSKFT
YMPTLSTNRLNMLNSQEKVDLELELLRSNFAYGDNKGGVSKIISGYGLTDAYKKGGWSALTPEAQTDISRLRNTETDWGD
ILFRDAFNQEYSLSLSGGNERVTYYTSIGYYQENGNVKGVGLDRLNIVAKTSYKVNRMLKFGVSLFVNRRNNKTYLTDTY
GLVNPVYYSRKANPYYQPFDANGNYVYDFDVQNNSDTDLGFNIFEERKNTSNEETINALSSIFDAELRFNDKLKFTTQLG
LQLDKASKEQIADKESFSMRIIRKNSKYWDSASQSNKYFIPDGGVHKAYENTNSQITWKAMGEYRDSFNDIHELEVMVGT
ELRKTWYETLFSAGYGFDRQTLTTKPVVFPDEDRARQFPLHQKTYKENAYVSFFSTASYSLMNRYTFGGSIRFDGSDLFG
VDKKYRYLPLYSVSGLWRLSNEPFMQGTRKWMDNLAFRVSYGIQGNIDKNTSPFLLGKYIVDNILPGGSEHMIDINSAPN
KKLRWEKTQSVNVGLDFSVLNQALNLSVDYYYRKGTDLIGKQMLPLETGFVSTNINWASMVNKGVEVSLSTRNVATKNFS
WYTNLNFAYNNNKVLREAIPEAQTIPGREGYPVDAIFAIKTAGLDEEGYPLFYDKEGKKVTLKELYRLQDPFGLGFTVNS
DVTPAEERSFYSYIGSQDTPYTGGLINTFSYKNWELTANLSFNLGGYVRTTPSYNFINFDRGQNVNSDILDRWTPENTDG
RLPALITSEKRADEYYWYDQKSEIYKNLDIWVKKLNYFRLQNLRLGYRLPEKMTKSLGMGSASVAIEGRNLLVFGSSYKN
FLDPESMYNPYAPPIPKSITFSLNLN
;
C,D
3 'polypeptide(L)' MQVFIKNRYGWTITLEVSPTDTVENVKQKIQDKEGFPPDKIRLIYGGKQMEDGRTLADYNVQKDSTILICIRDVDC E
#
# COMPACT_ATOMS: atom_id res chain seq x y z
N CYS A 1 8.58 15.41 23.51
CA CYS A 1 8.78 16.82 23.18
C CYS A 1 7.48 17.44 22.69
N ASP A 2 6.53 16.58 22.32
CA ASP A 2 5.22 17.01 21.83
C ASP A 2 4.15 16.41 22.72
N SER A 3 3.31 17.27 23.30
CA SER A 3 2.21 16.81 24.14
C SER A 3 1.19 17.90 24.37
N TYR A 4 -0.08 17.63 24.05
CA TYR A 4 -1.17 18.56 24.33
C TYR A 4 -2.34 17.86 24.99
N LEU A 5 -2.48 16.54 24.86
CA LEU A 5 -3.58 15.77 25.42
C LEU A 5 -4.92 16.05 24.73
N ASP A 6 -4.88 16.66 23.55
CA ASP A 6 -6.08 16.92 22.76
C ASP A 6 -5.96 16.13 21.47
N ILE A 7 -6.36 14.86 21.51
CA ILE A 7 -6.27 13.96 20.37
C ILE A 7 -7.58 13.20 20.25
N ARG A 8 -8.18 13.24 19.05
CA ARG A 8 -9.43 12.54 18.81
C ARG A 8 -9.14 11.27 18.02
N PRO A 9 -9.54 10.10 18.52
CA PRO A 9 -9.22 8.86 17.81
C PRO A 9 -9.84 8.80 16.43
N VAL A 10 -9.15 8.13 15.51
CA VAL A 10 -9.59 7.97 14.13
C VAL A 10 -9.92 6.50 13.91
N GLY A 11 -11.12 6.24 13.37
CA GLY A 11 -11.56 4.89 13.15
C GLY A 11 -13.01 4.69 13.55
N SER A 12 -13.61 5.71 14.15
CA SER A 12 -15.01 5.68 14.54
C SER A 12 -15.55 7.10 14.48
N VAL A 13 -16.86 7.21 14.36
CA VAL A 13 -17.52 8.51 14.28
C VAL A 13 -17.70 9.05 15.69
N ILE A 14 -17.03 10.16 15.98
CA ILE A 14 -17.14 10.83 17.27
C ILE A 14 -17.88 12.15 17.04
N PRO A 15 -19.10 12.29 17.55
CA PRO A 15 -19.88 13.51 17.27
C PRO A 15 -19.21 14.75 17.86
N GLN A 16 -18.84 15.67 16.98
CA GLN A 16 -18.30 16.96 17.38
C GLN A 16 -19.01 18.13 16.71
N THR A 17 -19.40 17.98 15.45
CA THR A 17 -20.04 19.08 14.74
C THR A 17 -21.53 19.12 15.03
N ALA A 18 -22.16 20.22 14.62
CA ALA A 18 -23.60 20.36 14.81
C ALA A 18 -24.38 19.34 13.99
N GLU A 19 -23.88 18.99 12.80
CA GLU A 19 -24.55 17.96 12.00
C GLU A 19 -24.43 16.59 12.67
N GLU A 20 -23.27 16.29 13.26
CA GLU A 20 -23.10 15.02 13.95
C GLU A 20 -24.00 14.92 15.17
N TYR A 21 -24.10 16.01 15.94
CA TYR A 21 -25.00 16.00 17.10
C TYR A 21 -26.45 15.98 16.67
N ARG A 22 -26.77 16.58 15.53
CA ARG A 22 -28.12 16.46 14.97
C ARG A 22 -28.42 15.01 14.59
N ALA A 23 -27.44 14.31 14.04
CA ALA A 23 -27.61 12.90 13.74
C ALA A 23 -27.82 12.09 15.02
N LEU A 24 -27.04 12.38 16.06
CA LEU A 24 -27.21 11.68 17.34
C LEU A 24 -28.60 11.93 17.93
N LEU A 25 -29.05 13.19 17.90
CA LEU A 25 -30.37 13.50 18.44
C LEU A 25 -31.48 12.90 17.57
N ALA A 26 -31.25 12.79 16.26
CA ALA A 26 -32.23 12.12 15.40
C ALA A 26 -32.33 10.65 15.72
N ARG A 27 -31.20 9.99 15.99
CA ARG A 27 -31.25 8.60 16.42
C ARG A 27 -31.96 8.48 17.76
N ALA A 28 -31.75 9.44 18.67
CA ALA A 28 -32.51 9.44 19.92
C ALA A 28 -34.00 9.58 19.66
N TYR A 29 -34.38 10.47 18.73
CA TYR A 29 -35.78 10.65 18.39
C TYR A 29 -36.39 9.36 17.84
N LEU A 30 -35.63 8.64 17.01
CA LEU A 30 -36.14 7.41 16.42
C LEU A 30 -36.43 6.36 17.48
N ASN A 31 -35.56 6.23 18.48
CA ASN A 31 -35.68 5.20 19.50
C ASN A 31 -36.62 5.58 20.64
N VAL A 32 -37.47 6.59 20.46
CA VAL A 32 -38.42 6.96 21.50
C VAL A 32 -39.44 5.82 21.63
N PRO A 33 -39.57 5.21 22.80
CA PRO A 33 -40.46 4.05 22.93
C PRO A 33 -41.92 4.46 22.91
N ASN A 34 -42.73 3.64 22.25
CA ASN A 34 -44.17 3.84 22.16
C ASN A 34 -44.84 2.98 23.22
N ASP A 35 -44.64 3.32 24.48
CA ASP A 35 -45.23 2.59 25.59
C ASP A 35 -46.56 3.17 26.05
N ARG A 36 -47.03 4.24 25.40
CA ARG A 36 -48.37 4.74 25.70
C ARG A 36 -49.46 3.88 25.07
N GLY A 37 -49.15 3.22 23.96
CA GLY A 37 -50.10 2.25 23.41
C GLY A 37 -50.31 1.07 24.34
N LEU A 38 -49.22 0.53 24.88
CA LEU A 38 -49.34 -0.53 25.87
C LEU A 38 -50.02 -0.04 27.14
N ALA A 39 -49.77 1.21 27.51
CA ALA A 39 -50.42 1.79 28.69
C ALA A 39 -51.92 1.91 28.48
N CYS A 40 -52.36 2.30 27.29
CA CYS A 40 -53.78 2.39 27.00
C CYS A 40 -54.40 1.04 26.70
N LEU A 41 -53.59 0.01 26.44
CA LEU A 41 -54.08 -1.36 26.45
C LEU A 41 -54.64 -1.74 27.82
N ARG A 42 -54.11 -1.12 28.88
CA ARG A 42 -54.60 -1.31 30.23
C ARG A 42 -55.96 -0.65 30.45
N SER A 43 -56.42 0.17 29.51
CA SER A 43 -57.66 0.92 29.64
C SER A 43 -58.83 0.13 29.10
N ASP A 44 -59.97 0.79 28.93
CA ASP A 44 -61.22 0.16 28.51
C ASP A 44 -61.48 0.29 27.01
N GLU A 45 -60.53 0.81 26.24
CA GLU A 45 -60.74 1.07 24.82
C GLU A 45 -60.09 0.03 23.93
N MET A 46 -59.66 -1.10 24.47
CA MET A 46 -58.93 -2.10 23.70
C MET A 46 -59.31 -3.50 24.16
N LEU A 47 -59.41 -4.42 23.18
CA LEU A 47 -59.73 -5.81 23.46
C LEU A 47 -58.80 -6.68 22.62
N VAL A 48 -57.99 -7.51 23.30
CA VAL A 48 -57.06 -8.38 22.59
C VAL A 48 -57.84 -9.48 21.87
N ASN A 49 -57.31 -9.90 20.72
CA ASN A 49 -57.95 -10.91 19.90
C ASN A 49 -58.04 -12.24 20.65
N ASP A 50 -59.01 -13.07 20.22
CA ASP A 50 -59.21 -14.38 20.82
C ASP A 50 -58.12 -15.39 20.46
N ASN A 51 -57.09 -14.98 19.72
CA ASN A 51 -56.01 -15.87 19.35
C ASN A 51 -55.19 -16.25 20.58
N GLU A 52 -54.19 -17.11 20.37
CA GLU A 52 -53.30 -17.54 21.44
C GLU A 52 -51.99 -16.77 21.46
N TYR A 53 -51.29 -16.71 20.33
CA TYR A 53 -50.05 -15.94 20.26
C TYR A 53 -50.33 -14.45 20.45
N ASP A 54 -51.43 -13.95 19.86
CA ASP A 54 -51.77 -12.54 19.99
C ASP A 54 -52.22 -12.18 21.41
N ARG A 55 -52.62 -13.17 22.21
CA ARG A 55 -53.07 -12.93 23.58
C ARG A 55 -52.03 -13.28 24.62
N ASN A 56 -51.12 -14.21 24.32
CA ASN A 56 -50.06 -14.54 25.28
C ASN A 56 -49.08 -13.40 25.48
N SER A 57 -49.09 -12.39 24.62
CA SER A 57 -48.21 -11.24 24.75
C SER A 57 -48.88 -10.04 25.40
N TYR A 58 -50.15 -9.77 25.04
CA TYR A 58 -50.85 -8.59 25.52
C TYR A 58 -52.04 -8.89 26.42
N GLY A 59 -52.33 -10.16 26.68
CA GLY A 59 -53.49 -10.49 27.48
C GLY A 59 -53.38 -10.03 28.93
N ASP A 60 -52.21 -10.25 29.54
CA ASP A 60 -52.04 -9.95 30.96
C ASP A 60 -52.03 -8.46 31.24
N ILE A 61 -51.55 -7.65 30.28
CA ILE A 61 -51.57 -6.21 30.45
C ILE A 61 -53.01 -5.70 30.52
N GLU A 62 -53.87 -6.21 29.64
CA GLU A 62 -55.26 -5.78 29.62
C GLU A 62 -56.01 -6.19 30.89
N ARG A 63 -55.73 -7.40 31.39
CA ARG A 63 -56.42 -7.90 32.57
C ARG A 63 -55.92 -7.28 33.87
N TRP A 64 -55.04 -6.29 33.81
CA TRP A 64 -54.43 -5.69 35.01
C TRP A 64 -53.72 -6.75 35.85
N ASN A 65 -53.10 -7.72 35.18
CA ASN A 65 -52.41 -8.81 35.87
C ASN A 65 -50.97 -8.40 36.19
N ASP A 66 -50.84 -7.61 37.25
CA ASP A 66 -49.52 -7.16 37.67
C ASP A 66 -48.73 -8.28 38.34
N VAL A 67 -49.41 -9.13 39.11
CA VAL A 67 -48.75 -10.23 39.79
C VAL A 67 -48.85 -11.50 38.94
N SER A 68 -47.70 -12.14 38.73
CA SER A 68 -47.54 -13.34 37.91
C SER A 68 -48.08 -13.21 36.48
N PRO A 69 -47.62 -12.25 35.67
CA PRO A 69 -47.86 -12.33 34.24
C PRO A 69 -47.33 -13.64 33.64
N PHE A 70 -47.81 -13.94 32.44
CA PHE A 70 -47.15 -14.94 31.62
C PHE A 70 -45.77 -14.42 31.25
N PRO A 71 -44.70 -15.19 31.46
CA PRO A 71 -43.35 -14.68 31.13
C PRO A 71 -43.19 -14.26 29.68
N GLY A 72 -44.03 -14.75 28.77
CA GLY A 72 -43.99 -14.32 27.38
C GLY A 72 -44.72 -13.02 27.08
N THR A 73 -45.30 -12.38 28.08
CA THR A 73 -46.06 -11.16 27.85
C THR A 73 -45.12 -10.00 27.47
N SER A 74 -45.72 -8.97 26.88
CA SER A 74 -44.97 -7.79 26.49
C SER A 74 -44.53 -7.01 27.72
N GLN A 75 -43.39 -6.34 27.60
CA GLN A 75 -42.78 -5.60 28.70
C GLN A 75 -42.57 -4.15 28.29
N PHE A 76 -42.80 -3.24 29.24
CA PHE A 76 -42.55 -1.83 28.99
C PHE A 76 -41.04 -1.58 28.89
N THR A 77 -40.66 -0.67 27.99
CA THR A 77 -39.26 -0.50 27.61
C THR A 77 -38.61 0.58 28.47
N TRP A 78 -38.17 0.16 29.66
CA TRP A 78 -37.35 1.02 30.52
C TRP A 78 -36.03 1.37 29.84
N SER A 79 -35.41 0.37 29.21
CA SER A 79 -34.07 0.53 28.63
C SER A 79 -34.07 1.57 27.53
N ASN A 80 -35.08 1.54 26.65
CA ASN A 80 -35.14 2.51 25.56
C ASN A 80 -35.36 3.92 26.09
N PHE A 81 -36.25 4.06 27.08
CA PHE A 81 -36.47 5.36 27.70
C PHE A 81 -35.16 5.94 28.21
N TYR A 82 -34.42 5.16 28.99
CA TYR A 82 -33.21 5.70 29.58
C TYR A 82 -32.05 5.81 28.59
N ASN A 83 -32.07 5.04 27.50
CA ASN A 83 -31.07 5.24 26.46
C ASN A 83 -31.28 6.56 25.72
N VAL A 84 -32.54 6.87 25.37
CA VAL A 84 -32.83 8.16 24.76
C VAL A 84 -32.55 9.29 25.75
N LEU A 85 -32.81 9.06 27.04
CA LEU A 85 -32.48 10.05 28.05
C LEU A 85 -30.97 10.28 28.13
N PHE A 86 -30.18 9.21 28.01
CA PHE A 86 -28.73 9.35 27.99
C PHE A 86 -28.28 10.18 26.80
N ILE A 87 -28.86 9.92 25.62
CA ILE A 87 -28.46 10.68 24.44
C ILE A 87 -28.84 12.16 24.59
N ALA A 88 -30.03 12.42 25.13
CA ALA A 88 -30.45 13.81 25.36
C ALA A 88 -29.52 14.51 26.35
N ASN A 89 -29.14 13.82 27.43
CA ASN A 89 -28.22 14.41 28.39
C ASN A 89 -26.85 14.63 27.80
N GLN A 90 -26.40 13.73 26.91
CA GLN A 90 -25.14 13.93 26.23
C GLN A 90 -25.17 15.16 25.33
N VAL A 91 -26.28 15.36 24.63
CA VAL A 91 -26.43 16.55 23.79
C VAL A 91 -26.45 17.80 24.66
N ILE A 92 -27.12 17.74 25.80
CA ILE A 92 -27.21 18.90 26.69
C ILE A 92 -25.83 19.25 27.25
N GLU A 93 -25.08 18.24 27.72
CA GLU A 93 -23.77 18.50 28.29
C GLU A 93 -22.75 18.89 27.24
N SER A 94 -23.01 18.63 25.96
CA SER A 94 -22.09 18.96 24.89
C SER A 94 -22.24 20.37 24.37
N GLN A 95 -23.14 21.17 24.96
CA GLN A 95 -23.22 22.58 24.61
C GLN A 95 -21.93 23.28 25.03
N LYS A 96 -21.64 24.39 24.34
CA LYS A 96 -20.37 25.09 24.42
C LYS A 96 -19.21 24.25 23.90
N GLU A 97 -19.51 23.12 23.26
CA GLU A 97 -18.50 22.27 22.62
C GLU A 97 -18.92 21.82 21.23
N ILE A 98 -20.06 22.29 20.73
CA ILE A 98 -20.54 21.89 19.40
C ILE A 98 -19.88 22.77 18.36
N THR A 99 -19.20 22.14 17.41
CA THR A 99 -18.38 22.82 16.40
C THR A 99 -19.16 22.92 15.09
N GLU A 100 -18.85 23.96 14.30
CA GLU A 100 -19.36 24.09 12.94
C GLU A 100 -20.88 24.23 12.93
N GLY A 101 -21.38 25.16 13.74
CA GLY A 101 -22.81 25.38 13.81
C GLY A 101 -23.19 26.80 14.17
N THR A 102 -24.23 27.31 13.51
CA THR A 102 -24.75 28.62 13.87
C THR A 102 -25.28 28.59 15.30
N PRO A 103 -25.10 29.67 16.07
CA PRO A 103 -25.67 29.68 17.43
C PRO A 103 -27.16 29.43 17.47
N GLU A 104 -27.91 29.87 16.46
CA GLU A 104 -29.32 29.55 16.37
C GLU A 104 -29.57 28.09 16.06
N VAL A 105 -28.56 27.34 15.62
CA VAL A 105 -28.69 25.91 15.40
C VAL A 105 -28.28 25.12 16.63
N VAL A 106 -27.18 25.50 17.27
CA VAL A 106 -26.75 24.85 18.51
C VAL A 106 -27.78 25.06 19.60
N ASN A 107 -28.32 26.29 19.70
CA ASN A 107 -29.35 26.56 20.69
C ASN A 107 -30.60 25.72 20.42
N GLN A 108 -30.97 25.57 19.16
CA GLN A 108 -32.13 24.74 18.83
C GLN A 108 -31.87 23.27 19.19
N LEU A 109 -30.65 22.79 18.93
CA LEU A 109 -30.31 21.41 19.30
C LEU A 109 -30.40 21.20 20.80
N VAL A 110 -29.86 22.13 21.58
CA VAL A 110 -29.89 21.98 23.03
C VAL A 110 -31.32 22.09 23.56
N GLY A 111 -32.13 22.98 22.97
CA GLY A 111 -33.51 23.08 23.38
C GLY A 111 -34.31 21.85 23.04
N GLU A 112 -34.06 21.26 21.87
CA GLU A 112 -34.70 19.99 21.52
C GLU A 112 -34.31 18.90 22.50
N ALA A 113 -33.03 18.85 22.88
CA ALA A 113 -32.59 17.87 23.87
C ALA A 113 -33.29 18.09 25.21
N HIS A 114 -33.41 19.35 25.64
CA HIS A 114 -34.09 19.65 26.89
C HIS A 114 -35.55 19.21 26.86
N LEU A 115 -36.25 19.53 25.76
CA LEU A 115 -37.66 19.18 25.66
C LEU A 115 -37.85 17.67 25.54
N LEU A 116 -36.95 16.98 24.83
CA LEU A 116 -37.03 15.53 24.75
C LEU A 116 -36.82 14.89 26.11
N ARG A 117 -35.85 15.40 26.88
CA ARG A 117 -35.63 14.89 28.23
C ARG A 117 -36.85 15.13 29.11
N ALA A 118 -37.43 16.32 29.03
CA ALA A 118 -38.64 16.61 29.82
C ALA A 118 -39.79 15.69 29.43
N TYR A 119 -39.99 15.47 28.13
CA TYR A 119 -41.07 14.60 27.69
C TYR A 119 -40.85 13.16 28.12
N LEU A 120 -39.62 12.67 28.01
CA LEU A 120 -39.34 11.29 28.42
C LEU A 120 -39.56 11.12 29.92
N HIS A 121 -39.12 12.09 30.72
CA HIS A 121 -39.37 12.01 32.16
C HIS A 121 -40.86 12.06 32.45
N PHE A 122 -41.61 12.90 31.73
CA PHE A 122 -43.04 12.98 31.92
C PHE A 122 -43.71 11.64 31.61
N VAL A 123 -43.35 11.02 30.50
CA VAL A 123 -43.95 9.74 30.13
C VAL A 123 -43.57 8.66 31.11
N LEU A 124 -42.32 8.66 31.59
CA LEU A 124 -41.91 7.65 32.55
C LEU A 124 -42.65 7.80 33.89
N VAL A 125 -42.75 9.03 34.39
CA VAL A 125 -43.46 9.25 35.65
C VAL A 125 -44.96 9.03 35.50
N ASN A 126 -45.49 9.16 34.28
CA ASN A 126 -46.89 8.81 34.05
C ASN A 126 -47.08 7.30 34.02
N LEU A 127 -46.15 6.58 33.39
CA LEU A 127 -46.27 5.13 33.28
C LEU A 127 -46.11 4.46 34.64
N HIS A 128 -45.05 4.82 35.37
CA HIS A 128 -44.65 4.07 36.57
C HIS A 128 -44.72 4.91 37.83
N GLY A 129 -45.45 6.02 37.80
CA GLY A 129 -45.59 6.86 38.98
C GLY A 129 -47.04 7.18 39.24
N GLN A 130 -47.34 7.40 40.53
CA GLN A 130 -48.70 7.71 40.92
C GLN A 130 -49.12 9.06 40.37
N PRO A 131 -50.41 9.25 40.07
CA PRO A 131 -50.85 10.52 39.47
C PRO A 131 -50.59 11.70 40.40
N TYR A 132 -50.29 12.84 39.78
CA TYR A 132 -49.98 14.05 40.54
C TYR A 132 -51.17 14.51 41.36
N THR A 133 -52.39 14.30 40.87
CA THR A 133 -53.59 14.74 41.56
C THR A 133 -54.02 13.82 42.69
N LYS A 134 -53.45 12.62 42.77
CA LYS A 134 -53.83 11.69 43.84
C LYS A 134 -53.32 12.19 45.19
N SER A 135 -54.14 12.01 46.21
CA SER A 135 -53.75 12.39 47.56
C SER A 135 -52.67 11.44 48.09
N GLY A 136 -51.62 12.01 48.67
CA GLY A 136 -50.52 11.20 49.16
C GLY A 136 -49.58 10.71 48.10
N ALA A 137 -49.68 11.19 46.86
CA ALA A 137 -48.82 10.78 45.77
C ALA A 137 -47.75 11.80 45.45
N LEU A 138 -47.72 12.94 46.14
CA LEU A 138 -46.72 13.97 45.87
C LEU A 138 -45.35 13.59 46.42
N ASN A 139 -45.31 12.91 47.56
CA ASN A 139 -44.05 12.53 48.20
C ASN A 139 -43.66 11.08 47.93
N SER A 140 -44.38 10.40 47.04
CA SER A 140 -44.10 9.01 46.73
C SER A 140 -43.04 8.91 45.64
N LYS A 141 -42.09 8.00 45.82
CA LYS A 141 -41.04 7.80 44.84
C LYS A 141 -41.60 7.13 43.60
N SER A 142 -41.32 7.71 42.43
CA SER A 142 -41.84 7.19 41.18
C SER A 142 -40.79 6.66 40.22
N ILE A 143 -39.85 7.48 39.75
CA ILE A 143 -38.83 7.06 38.79
C ILE A 143 -37.52 7.77 39.12
N PRO A 144 -36.37 7.19 38.77
CA PRO A 144 -35.09 7.91 38.92
C PRO A 144 -34.89 8.89 37.78
N LEU A 145 -34.66 10.16 38.14
CA LEU A 145 -34.40 11.19 37.14
C LEU A 145 -32.99 11.05 36.60
N LYS A 146 -32.87 11.04 35.27
CA LYS A 146 -31.56 10.98 34.61
C LYS A 146 -31.21 12.39 34.16
N LEU A 147 -30.25 13.01 34.85
CA LEU A 147 -29.85 14.39 34.57
C LEU A 147 -28.36 14.50 34.27
N ASP A 148 -27.69 13.38 33.99
CA ASP A 148 -26.28 13.38 33.64
C ASP A 148 -25.99 12.14 32.80
N THR A 149 -24.72 12.01 32.40
CA THR A 149 -24.26 10.87 31.61
C THR A 149 -23.25 10.04 32.38
N ASP A 150 -23.47 9.87 33.68
CA ASP A 150 -22.56 9.11 34.52
C ASP A 150 -22.87 7.63 34.42
N LEU A 151 -21.84 6.82 34.20
CA LEU A 151 -21.98 5.37 34.04
C LEU A 151 -21.57 4.60 35.28
N GLU A 152 -21.15 5.28 36.36
CA GLU A 152 -20.61 4.60 37.54
C GLU A 152 -21.46 4.87 38.78
N LYS A 153 -22.70 5.32 38.61
CA LYS A 153 -23.59 5.57 39.73
C LYS A 153 -24.91 4.85 39.53
N THR A 154 -25.55 4.50 40.64
CA THR A 154 -26.87 3.88 40.64
C THR A 154 -27.89 4.90 41.10
N LEU A 155 -28.91 5.13 40.28
CA LEU A 155 -29.89 6.16 40.53
C LEU A 155 -31.04 5.64 41.38
N GLY A 156 -31.44 6.42 42.38
CA GLY A 156 -32.57 6.10 43.21
C GLY A 156 -33.83 6.80 42.72
N ARG A 157 -34.97 6.22 43.06
CA ARG A 157 -36.24 6.75 42.59
C ARG A 157 -36.51 8.12 43.21
N ASN A 158 -36.89 9.08 42.36
CA ASN A 158 -37.24 10.41 42.80
C ASN A 158 -38.75 10.51 43.02
N THR A 159 -39.14 11.38 43.95
CA THR A 159 -40.55 11.59 44.22
C THR A 159 -41.20 12.30 43.04
N VAL A 160 -42.54 12.20 42.99
CA VAL A 160 -43.29 12.75 41.86
C VAL A 160 -43.12 14.26 41.79
N GLU A 161 -43.08 14.92 42.95
CA GLU A 161 -42.88 16.38 42.96
C GLU A 161 -41.53 16.75 42.38
N GLU A 162 -40.47 16.01 42.73
CA GLU A 162 -39.15 16.27 42.16
C GLU A 162 -39.15 16.06 40.66
N VAL A 163 -39.78 14.98 40.20
CA VAL A 163 -39.81 14.68 38.77
C VAL A 163 -40.53 15.79 38.02
N TYR A 164 -41.68 16.23 38.54
CA TYR A 164 -42.42 17.27 37.84
C TYR A 164 -41.72 18.63 37.91
N THR A 165 -41.02 18.92 39.00
CA THR A 165 -40.22 20.14 39.06
C THR A 165 -39.11 20.10 38.01
N SER A 166 -38.44 18.96 37.85
CA SER A 166 -37.42 18.82 36.81
C SER A 166 -38.03 18.97 35.43
N ILE A 167 -39.23 18.41 35.22
CA ILE A 167 -39.90 18.52 33.93
C ILE A 167 -40.20 19.98 33.61
N LEU A 168 -40.72 20.71 34.59
CA LEU A 168 -41.02 22.13 34.38
C LEU A 168 -39.75 22.93 34.10
N SER A 169 -38.67 22.62 34.82
CA SER A 169 -37.41 23.32 34.58
C SER A 169 -36.89 23.05 33.18
N ASP A 170 -36.97 21.80 32.72
CA ASP A 170 -36.52 21.48 31.36
C ASP A 170 -37.41 22.14 30.32
N ILE A 171 -38.72 22.23 30.59
CA ILE A 171 -39.61 22.92 29.67
C ILE A 171 -39.24 24.39 29.56
N GLU A 172 -38.93 25.03 30.69
CA GLU A 172 -38.51 26.42 30.66
C GLU A 172 -37.19 26.58 29.90
N HIS A 173 -36.25 25.67 30.11
CA HIS A 173 -34.99 25.72 29.38
C HIS A 173 -35.21 25.59 27.88
N ALA A 174 -36.07 24.65 27.46
CA ALA A 174 -36.37 24.47 26.05
C ALA A 174 -37.05 25.71 25.47
N ARG A 175 -37.96 26.31 26.25
CA ARG A 175 -38.60 27.55 25.80
C ARG A 175 -37.58 28.66 25.59
N GLU A 176 -36.60 28.74 26.49
CA GLU A 176 -35.56 29.76 26.34
C GLU A 176 -34.63 29.45 25.17
N LEU A 177 -34.47 28.18 24.80
CA LEU A 177 -33.48 27.80 23.81
C LEU A 177 -34.05 27.50 22.43
N ILE A 178 -35.23 26.88 22.34
CA ILE A 178 -35.79 26.54 21.03
C ILE A 178 -36.20 27.80 20.30
N ASN A 179 -35.77 27.92 19.04
CA ASN A 179 -36.04 29.10 18.24
C ASN A 179 -36.61 28.80 16.86
N LYS A 180 -36.89 27.55 16.54
CA LYS A 180 -37.46 27.18 15.25
C LYS A 180 -38.97 27.27 15.31
N GLU A 181 -39.57 27.87 14.29
CA GLU A 181 -41.02 28.04 14.26
C GLU A 181 -41.73 26.83 13.66
N LYS A 182 -41.21 26.29 12.57
CA LYS A 182 -41.81 25.11 11.94
C LYS A 182 -40.73 24.37 11.16
N TRP A 183 -40.69 23.05 11.31
CA TRP A 183 -39.76 22.22 10.57
C TRP A 183 -40.40 21.75 9.27
N GLU A 184 -39.63 21.01 8.47
CA GLU A 184 -40.18 20.41 7.27
C GLU A 184 -41.20 19.33 7.64
N THR A 185 -42.09 19.04 6.70
CA THR A 185 -43.08 17.99 6.94
C THR A 185 -42.41 16.64 7.15
N VAL A 186 -41.37 16.34 6.36
CA VAL A 186 -40.65 15.09 6.52
C VAL A 186 -39.82 15.07 7.80
N PHE A 187 -39.45 16.23 8.32
CA PHE A 187 -38.67 16.33 9.56
C PHE A 187 -39.49 17.01 10.66
N SER A 188 -40.78 16.70 10.73
CA SER A 188 -41.66 17.34 11.71
C SER A 188 -41.65 16.66 13.06
N TYR A 189 -40.91 15.56 13.22
CA TYR A 189 -40.82 14.91 14.53
C TYR A 189 -40.05 15.75 15.54
N ARG A 190 -39.24 16.70 15.07
CA ARG A 190 -38.47 17.54 15.96
C ARG A 190 -39.36 18.55 16.66
N PHE A 191 -38.84 19.12 17.75
CA PHE A 191 -39.62 20.01 18.60
C PHE A 191 -39.44 21.47 18.16
N ASN A 192 -40.53 22.23 18.25
CA ASN A 192 -40.48 23.66 17.99
C ASN A 192 -41.25 24.40 19.09
N VAL A 193 -41.32 25.73 19.01
CA VAL A 193 -41.88 26.54 20.08
C VAL A 193 -43.31 26.09 20.39
N LEU A 194 -44.09 25.81 19.35
CA LEU A 194 -45.44 25.27 19.55
C LEU A 194 -45.39 23.96 20.33
N SER A 195 -44.38 23.13 20.07
CA SER A 195 -44.20 21.91 20.84
C SER A 195 -43.93 22.21 22.30
N VAL A 196 -43.10 23.22 22.58
CA VAL A 196 -42.81 23.61 23.96
C VAL A 196 -44.10 24.00 24.67
N ASP A 197 -44.90 24.85 24.02
CA ASP A 197 -46.12 25.33 24.66
C ASP A 197 -47.14 24.20 24.83
N ALA A 198 -47.25 23.32 23.85
CA ALA A 198 -48.18 22.19 23.96
C ALA A 198 -47.77 21.24 25.08
N LEU A 199 -46.46 20.95 25.18
CA LEU A 199 -45.99 20.09 26.26
C LEU A 199 -46.22 20.74 27.61
N GLN A 200 -45.99 22.05 27.71
CA GLN A 200 -46.27 22.74 28.97
C GLN A 200 -47.75 22.67 29.33
N SER A 201 -48.62 22.84 28.33
CA SER A 201 -50.06 22.75 28.58
C SER A 201 -50.45 21.37 29.07
N ARG A 202 -49.94 20.32 28.42
CA ARG A 202 -50.27 18.97 28.85
C ARG A 202 -49.73 18.67 30.24
N VAL A 203 -48.50 19.11 30.53
CA VAL A 203 -47.93 18.88 31.84
C VAL A 203 -48.77 19.57 32.91
N SER A 204 -49.11 20.83 32.69
CA SER A 204 -49.90 21.57 33.68
C SER A 204 -51.30 21.00 33.82
N LEU A 205 -51.85 20.44 32.73
CA LEU A 205 -53.14 19.76 32.82
C LEU A 205 -53.05 18.52 33.69
N TYR A 206 -51.96 17.75 33.55
CA TYR A 206 -51.81 16.55 34.36
C TYR A 206 -51.51 16.87 35.82
N MET A 207 -50.79 17.96 36.09
CA MET A 207 -50.58 18.41 37.47
C MET A 207 -51.83 19.01 38.09
N GLY A 208 -52.81 19.41 37.27
CA GLY A 208 -53.94 20.15 37.78
C GLY A 208 -53.73 21.64 37.87
N ALA A 209 -52.61 22.15 37.34
CA ALA A 209 -52.35 23.59 37.31
C ALA A 209 -53.13 24.18 36.14
N TRP A 210 -54.42 24.38 36.36
CA TRP A 210 -55.29 24.87 35.29
C TRP A 210 -54.90 26.23 34.73
N PRO A 211 -54.50 27.23 35.53
CA PRO A 211 -54.09 28.52 34.93
C PRO A 211 -53.00 28.39 33.87
N LYS A 212 -51.88 27.73 34.21
CA LYS A 212 -50.79 27.61 33.24
C LYS A 212 -51.19 26.75 32.05
N CYS A 213 -52.00 25.71 32.30
CA CYS A 213 -52.48 24.87 31.20
C CYS A 213 -53.31 25.69 30.21
N LEU A 214 -54.24 26.50 30.72
CA LEU A 214 -55.02 27.37 29.85
C LEU A 214 -54.13 28.38 29.13
N GLU A 215 -53.17 28.95 29.83
CA GLU A 215 -52.28 29.94 29.23
C GLU A 215 -51.53 29.34 28.05
N SER A 216 -50.94 28.15 28.25
CA SER A 216 -50.17 27.52 27.18
C SER A 216 -51.07 27.06 26.03
N ALA A 217 -52.24 26.50 26.35
CA ALA A 217 -53.15 26.09 25.30
C ALA A 217 -53.62 27.26 24.46
N GLU A 218 -53.94 28.38 25.11
CA GLU A 218 -54.36 29.56 24.37
C GLU A 218 -53.22 30.16 23.57
N ALA A 219 -51.98 30.10 24.08
CA ALA A 219 -50.84 30.54 23.28
C ALA A 219 -50.70 29.71 22.02
N VAL A 220 -50.82 28.38 22.14
CA VAL A 220 -50.76 27.53 20.96
C VAL A 220 -51.88 27.87 19.99
N LEU A 221 -53.10 28.02 20.50
CA LEU A 221 -54.24 28.29 19.63
C LEU A 221 -54.10 29.63 18.92
N ALA A 222 -53.58 30.65 19.62
CA ALA A 222 -53.33 31.93 19.00
C ALA A 222 -52.27 31.80 17.90
N LYS A 223 -51.22 31.02 18.16
CA LYS A 223 -50.21 30.82 17.13
C LYS A 223 -50.70 29.88 16.02
N LYS A 224 -51.51 28.90 16.36
CA LYS A 224 -52.06 27.98 15.36
C LYS A 224 -53.32 27.33 15.91
N SER A 225 -54.43 27.46 15.18
CA SER A 225 -55.68 26.86 15.61
C SER A 225 -56.43 26.19 14.47
N VAL A 226 -55.82 26.06 13.30
CA VAL A 226 -56.48 25.45 12.15
C VAL A 226 -56.62 23.96 12.38
N LEU A 227 -57.84 23.45 12.20
CA LEU A 227 -58.16 22.04 12.38
C LEU A 227 -58.48 21.40 11.03
N VAL A 228 -58.70 20.10 11.05
CA VAL A 228 -59.19 19.38 9.89
C VAL A 228 -60.69 19.26 10.01
N ASP A 229 -61.41 19.77 9.01
CA ASP A 229 -62.87 19.73 9.03
C ASP A 229 -63.32 18.36 8.54
N MET A 230 -64.06 17.64 9.39
CA MET A 230 -64.43 16.27 9.06
C MET A 230 -65.54 16.22 8.02
N ASN A 231 -66.34 17.30 7.92
CA ASN A 231 -67.51 17.30 7.05
C ASN A 231 -67.17 17.47 5.58
N GLU A 232 -65.99 18.00 5.24
CA GLU A 232 -65.58 18.10 3.85
C GLU A 232 -64.71 16.94 3.39
N THR A 233 -64.12 16.20 4.32
CA THR A 233 -63.34 15.00 4.01
C THR A 233 -63.58 13.96 5.09
N PRO A 234 -64.53 13.05 4.89
CA PRO A 234 -64.84 12.08 5.96
C PRO A 234 -63.64 11.24 6.37
N LEU A 235 -62.80 10.82 5.42
CA LEU A 235 -61.62 10.02 5.74
C LEU A 235 -60.42 10.94 5.82
N ALA A 236 -60.45 11.88 6.77
CA ALA A 236 -59.32 12.76 7.06
C ALA A 236 -58.93 12.54 8.51
N LEU A 237 -57.86 11.77 8.73
CA LEU A 237 -57.44 11.41 10.08
C LEU A 237 -56.69 12.58 10.71
N PRO A 238 -57.14 13.10 11.85
CA PRO A 238 -56.47 14.27 12.45
C PRO A 238 -55.04 13.98 12.88
N ASN A 239 -54.71 12.73 13.19
CA ASN A 239 -53.40 12.39 13.73
C ASN A 239 -52.37 12.09 12.65
N HIS A 240 -52.75 12.18 11.37
CA HIS A 240 -51.79 11.95 10.29
C HIS A 240 -50.72 13.02 10.31
N PHE A 241 -49.47 12.62 10.08
CA PHE A 241 -48.35 13.54 10.20
C PHE A 241 -48.39 14.65 9.16
N GLU A 242 -49.04 14.42 8.02
CA GLU A 242 -49.15 15.43 6.97
C GLU A 242 -50.35 16.35 7.15
N SER A 243 -51.19 16.10 8.15
CA SER A 243 -52.37 16.92 8.37
C SER A 243 -51.97 18.30 8.89
N VAL A 244 -52.89 19.27 8.70
CA VAL A 244 -52.64 20.64 9.15
C VAL A 244 -52.84 20.80 10.65
N GLU A 245 -53.12 19.72 11.37
CA GLU A 245 -53.38 19.79 12.81
C GLU A 245 -52.22 19.31 13.65
N SER A 246 -51.36 18.45 13.12
CA SER A 246 -50.27 17.88 13.90
C SER A 246 -49.20 18.92 14.17
N ILE A 247 -48.80 19.05 15.44
CA ILE A 247 -47.71 19.94 15.82
C ILE A 247 -46.38 19.19 15.84
N THR A 248 -46.34 18.03 16.49
CA THR A 248 -45.16 17.18 16.53
C THR A 248 -45.57 15.76 16.19
N ALA A 249 -44.80 15.11 15.32
CA ALA A 249 -45.10 13.75 14.90
C ALA A 249 -44.00 12.80 15.36
N LEU A 250 -43.59 12.93 16.62
CA LEU A 250 -42.43 12.21 17.11
C LEU A 250 -42.69 10.70 17.19
N GLU A 251 -43.64 10.30 18.04
CA GLU A 251 -43.79 8.90 18.40
C GLU A 251 -45.02 8.30 17.72
N GLN A 252 -44.80 7.22 16.98
CA GLN A 252 -45.89 6.38 16.51
C GLN A 252 -46.43 5.62 17.72
N VAL A 253 -47.53 6.12 18.29
CA VAL A 253 -48.02 5.59 19.56
C VAL A 253 -48.36 4.11 19.43
N MET A 254 -48.91 3.70 18.28
CA MET A 254 -49.39 2.35 18.09
C MET A 254 -48.40 1.58 17.23
N GLY A 255 -47.75 0.58 17.83
CA GLY A 255 -46.91 -0.30 17.06
C GLY A 255 -47.71 -1.22 16.16
N SER A 256 -47.02 -1.81 15.18
CA SER A 256 -47.68 -2.71 14.25
C SER A 256 -48.22 -3.94 14.98
N SER A 257 -47.40 -4.54 15.84
CA SER A 257 -47.80 -5.78 16.51
C SER A 257 -48.97 -5.56 17.45
N VAL A 258 -48.95 -4.47 18.22
CA VAL A 258 -50.05 -4.21 19.15
C VAL A 258 -51.31 -3.84 18.41
N ASN A 259 -51.20 -3.02 17.36
CA ASN A 259 -52.39 -2.62 16.62
C ASN A 259 -53.01 -3.79 15.87
N ASN A 260 -52.19 -4.74 15.42
CA ASN A 260 -52.71 -5.93 14.75
C ASN A 260 -53.35 -6.92 15.72
N ALA A 261 -53.22 -6.71 17.03
CA ALA A 261 -53.65 -7.69 18.01
C ALA A 261 -54.81 -7.22 18.88
N VAL A 262 -55.40 -6.07 18.60
CA VAL A 262 -56.47 -5.54 19.44
C VAL A 262 -57.64 -5.07 18.57
N TRP A 263 -58.82 -5.03 19.19
CA TRP A 263 -60.02 -4.45 18.63
C TRP A 263 -60.43 -3.24 19.46
N VAL A 264 -61.52 -2.60 19.05
CA VAL A 264 -62.15 -1.54 19.82
C VAL A 264 -63.43 -2.10 20.44
N PRO A 265 -63.49 -2.26 21.77
CA PRO A 265 -64.66 -2.92 22.38
C PRO A 265 -65.96 -2.21 22.04
N ALA A 266 -67.03 -2.99 21.99
CA ALA A 266 -68.33 -2.47 21.56
C ALA A 266 -68.83 -1.37 22.47
N THR A 267 -68.41 -1.37 23.74
CA THR A 267 -68.82 -0.30 24.65
C THR A 267 -68.23 1.04 24.24
N PHE A 268 -66.94 1.06 23.90
CA PHE A 268 -66.30 2.31 23.47
C PHE A 268 -66.93 2.83 22.19
N LEU A 269 -67.24 1.94 21.25
CA LEU A 269 -67.93 2.36 20.04
C LEU A 269 -69.33 2.88 20.35
N ALA A 270 -70.02 2.23 21.30
CA ALA A 270 -71.34 2.70 21.71
C ALA A 270 -71.27 4.07 22.37
N LEU A 271 -70.12 4.42 22.94
CA LEU A 271 -69.91 5.77 23.44
C LEU A 271 -70.00 6.80 22.32
N TYR A 272 -69.64 6.41 21.09
CA TYR A 272 -69.77 7.27 19.92
C TYR A 272 -71.23 7.32 19.50
N GLN A 273 -71.86 8.48 19.65
CA GLN A 273 -73.26 8.63 19.29
C GLN A 273 -73.41 8.85 17.79
N GLU A 274 -74.65 8.73 17.31
CA GLU A 274 -74.94 8.90 15.90
C GLU A 274 -74.66 10.34 15.46
N GLY A 275 -74.03 10.48 14.29
CA GLY A 275 -73.63 11.77 13.79
C GLY A 275 -72.16 12.09 13.93
N ASP A 276 -71.38 11.21 14.54
CA ASP A 276 -69.94 11.39 14.68
C ASP A 276 -69.25 10.82 13.44
N LYS A 277 -68.57 11.68 12.69
CA LYS A 277 -67.78 11.20 11.57
C LYS A 277 -66.56 10.42 12.03
N ARG A 278 -66.11 10.63 13.27
CA ARG A 278 -65.02 9.84 13.83
C ARG A 278 -65.39 8.36 13.90
N LEU A 279 -66.68 8.05 14.06
CA LEU A 279 -67.12 6.66 14.12
C LEU A 279 -66.80 5.95 12.80
N ALA A 280 -67.07 6.59 11.68
CA ALA A 280 -66.83 6.00 10.37
C ALA A 280 -65.45 6.31 9.81
N ALA A 281 -64.67 7.16 10.47
CA ALA A 281 -63.34 7.53 9.99
C ALA A 281 -62.22 6.84 10.76
N TYR A 282 -62.35 6.70 12.08
CA TYR A 282 -61.27 6.14 12.88
C TYR A 282 -61.14 4.64 12.69
N PHE A 283 -62.26 3.93 12.63
CA PHE A 283 -62.29 2.48 12.71
C PHE A 283 -62.68 1.86 11.38
N ALA A 284 -62.46 0.54 11.30
CA ALA A 284 -62.72 -0.24 10.10
C ALA A 284 -64.13 -0.82 10.14
N ALA A 285 -64.37 -1.77 9.21
CA ALA A 285 -65.68 -2.44 9.07
C ALA A 285 -66.05 -3.17 10.37
N PRO A 286 -67.34 -3.16 10.77
CA PRO A 286 -67.78 -3.82 12.00
C PRO A 286 -67.59 -5.35 11.96
N ASP A 287 -67.30 -5.94 13.12
CA ASP A 287 -67.12 -7.38 13.27
C ASP A 287 -68.41 -7.96 13.83
N GLU A 288 -68.62 -9.26 13.59
CA GLU A 288 -69.86 -9.90 14.02
C GLU A 288 -70.08 -9.76 15.51
N ASN A 289 -69.02 -9.73 16.31
CA ASN A 289 -69.16 -9.54 17.75
C ASN A 289 -69.54 -8.10 18.10
N GLY A 290 -69.40 -7.16 17.16
CA GLY A 290 -69.73 -5.79 17.40
C GLY A 290 -68.57 -4.88 17.75
N ASN A 291 -67.34 -5.39 17.71
CA ASN A 291 -66.14 -4.62 18.04
C ASN A 291 -65.30 -4.44 16.79
N ARG A 292 -65.00 -3.19 16.45
CA ARG A 292 -64.26 -2.86 15.24
C ARG A 292 -62.77 -2.84 15.49
N LYS A 293 -62.01 -2.89 14.41
CA LYS A 293 -60.57 -2.66 14.44
C LYS A 293 -60.31 -1.16 14.39
N SER A 294 -59.06 -0.75 14.20
CA SER A 294 -58.70 0.65 14.18
C SER A 294 -57.87 0.96 12.95
N SER A 295 -57.93 2.22 12.52
CA SER A 295 -57.14 2.70 11.39
C SER A 295 -56.40 3.99 11.72
N LYS A 296 -56.18 4.27 13.00
CA LYS A 296 -55.48 5.47 13.44
C LYS A 296 -54.01 5.24 13.73
N GLY A 297 -53.52 4.03 13.54
CA GLY A 297 -52.13 3.74 13.84
C GLY A 297 -51.66 2.48 13.17
N GLY A 298 -50.61 1.89 13.73
CA GLY A 298 -50.02 0.68 13.20
C GLY A 298 -48.99 0.88 12.12
N LYS A 299 -48.77 2.12 11.67
CA LYS A 299 -47.79 2.41 10.64
C LYS A 299 -47.16 3.76 10.93
N ARG A 300 -46.00 3.99 10.32
CA ARG A 300 -45.13 5.08 10.74
C ARG A 300 -45.73 6.46 10.45
N GLU A 301 -46.59 6.57 9.43
CA GLU A 301 -47.11 7.88 9.06
C GLU A 301 -48.23 8.37 9.99
N PHE A 302 -48.69 7.54 10.93
CA PHE A 302 -49.64 7.98 11.94
C PHE A 302 -48.98 8.42 13.24
N SER A 303 -47.73 8.86 13.17
CA SER A 303 -47.04 9.35 14.35
C SER A 303 -47.60 10.71 14.76
N CYS A 304 -47.92 10.86 16.04
CA CYS A 304 -48.48 12.10 16.54
C CYS A 304 -48.21 12.20 18.03
N THR A 305 -47.52 13.26 18.45
CA THR A 305 -47.30 13.55 19.86
C THR A 305 -48.19 14.68 20.35
N PHE A 306 -48.23 15.79 19.63
CA PHE A 306 -49.11 16.91 19.94
C PHE A 306 -49.88 17.30 18.68
N ARG A 307 -51.10 17.79 18.88
CA ARG A 307 -51.90 18.33 17.78
C ARG A 307 -52.92 19.30 18.37
N VAL A 308 -53.52 20.10 17.48
CA VAL A 308 -54.31 21.24 17.94
C VAL A 308 -55.59 20.80 18.64
N GLY A 309 -56.17 19.66 18.24
CA GLY A 309 -57.37 19.20 18.90
C GLY A 309 -57.15 18.91 20.38
N GLU A 310 -56.02 18.30 20.70
CA GLU A 310 -55.67 18.08 22.10
C GLU A 310 -55.53 19.41 22.83
N LEU A 311 -55.01 20.44 22.15
CA LEU A 311 -54.89 21.75 22.77
C LEU A 311 -56.27 22.36 23.04
N TYR A 312 -57.20 22.20 22.10
CA TYR A 312 -58.58 22.64 22.34
C TYR A 312 -59.18 21.93 23.55
N LEU A 313 -58.98 20.62 23.64
CA LEU A 313 -59.54 19.88 24.76
C LEU A 313 -58.92 20.32 26.09
N ASN A 314 -57.60 20.54 26.10
CA ASN A 314 -56.94 21.02 27.31
C ASN A 314 -57.46 22.40 27.71
N ALA A 315 -57.62 23.29 26.73
CA ALA A 315 -58.12 24.63 27.03
C ALA A 315 -59.54 24.57 27.59
N ALA A 316 -60.39 23.75 26.98
CA ALA A 316 -61.76 23.60 27.48
C ALA A 316 -61.77 23.05 28.91
N GLU A 317 -60.96 22.03 29.18
CA GLU A 317 -60.94 21.45 30.52
C GLU A 317 -60.44 22.45 31.55
N ALA A 318 -59.38 23.19 31.22
CA ALA A 318 -58.87 24.19 32.16
C ALA A 318 -59.88 25.29 32.42
N ALA A 319 -60.54 25.78 31.35
CA ALA A 319 -61.55 26.82 31.53
C ALA A 319 -62.70 26.33 32.38
N ALA A 320 -63.15 25.09 32.16
CA ALA A 320 -64.21 24.52 32.98
C ALA A 320 -63.77 24.38 34.43
N ASN A 321 -62.52 23.99 34.66
CA ASN A 321 -62.04 23.80 36.03
C ASN A 321 -61.80 25.11 36.76
N MET A 322 -61.60 26.22 36.05
CA MET A 322 -61.49 27.53 36.70
C MET A 322 -62.76 28.36 36.56
N ASP A 323 -63.92 27.70 36.50
CA ASP A 323 -65.24 28.34 36.47
C ASP A 323 -65.46 29.19 35.23
N LYS A 324 -64.52 29.20 34.29
CA LYS A 324 -64.67 29.96 33.04
C LYS A 324 -65.51 29.14 32.06
N LEU A 325 -66.76 28.92 32.44
CA LEU A 325 -67.66 28.10 31.63
C LEU A 325 -67.86 28.64 30.21
N PRO A 326 -68.04 29.95 29.97
CA PRO A 326 -68.17 30.40 28.57
C PRO A 326 -66.99 30.02 27.69
N HIS A 327 -65.76 30.14 28.20
CA HIS A 327 -64.59 29.80 27.39
C HIS A 327 -64.53 28.31 27.10
N ALA A 328 -64.78 27.48 28.12
CA ALA A 328 -64.79 26.03 27.92
C ALA A 328 -65.85 25.63 26.92
N ARG A 329 -67.04 26.20 27.03
CA ARG A 329 -68.12 25.90 26.10
C ARG A 329 -67.76 26.34 24.68
N MET A 330 -67.15 27.53 24.54
CA MET A 330 -66.76 28.01 23.22
C MET A 330 -65.78 27.05 22.56
N ARG A 331 -64.74 26.64 23.31
CA ARG A 331 -63.76 25.73 22.74
C ARG A 331 -64.36 24.37 22.41
N LEU A 332 -65.20 23.85 23.32
CA LEU A 332 -65.78 22.53 23.09
C LEU A 332 -66.70 22.53 21.88
N LEU A 333 -67.55 23.55 21.74
CA LEU A 333 -68.41 23.62 20.57
C LEU A 333 -67.63 23.92 19.30
N GLU A 334 -66.51 24.64 19.38
CA GLU A 334 -65.66 24.81 18.20
C GLU A 334 -65.14 23.45 17.73
N LEU A 335 -64.63 22.65 18.66
CA LEU A 335 -64.15 21.32 18.29
C LEU A 335 -65.27 20.45 17.74
N MET A 336 -66.45 20.50 18.38
CA MET A 336 -67.59 19.70 17.93
C MET A 336 -68.03 20.11 16.53
N ARG A 337 -68.10 21.41 16.27
CA ARG A 337 -68.44 21.89 14.93
C ARG A 337 -67.41 21.43 13.91
N LYS A 338 -66.13 21.43 14.30
CA LYS A 338 -65.10 20.89 13.43
C LYS A 338 -65.22 19.38 13.24
N ARG A 339 -65.93 18.69 14.14
CA ARG A 339 -66.00 17.23 14.09
C ARG A 339 -67.40 16.68 13.82
N TYR A 340 -68.45 17.31 14.34
CA TYR A 340 -69.78 16.74 14.30
C TYR A 340 -70.51 17.08 12.99
N THR A 341 -71.45 16.22 12.64
CA THR A 341 -72.41 16.53 11.58
C THR A 341 -73.22 17.75 12.00
N PRO A 342 -73.43 18.74 11.12
CA PRO A 342 -74.11 19.97 11.55
C PRO A 342 -75.56 19.77 11.95
N GLU A 343 -76.18 18.64 11.59
CA GLU A 343 -77.48 18.31 12.16
C GLU A 343 -77.36 17.94 13.64
N ALA A 344 -76.39 17.09 13.97
CA ALA A 344 -76.17 16.69 15.35
C ALA A 344 -75.48 17.78 16.17
N TYR A 345 -74.76 18.69 15.51
CA TYR A 345 -74.11 19.78 16.23
C TYR A 345 -75.12 20.67 16.91
N ALA A 346 -76.30 20.86 16.33
CA ALA A 346 -77.34 21.64 16.98
C ALA A 346 -77.77 21.00 18.29
N LYS A 347 -77.98 19.68 18.28
CA LYS A 347 -78.35 18.98 19.52
C LYS A 347 -77.22 19.04 20.53
N LYS A 348 -75.97 18.89 20.08
CA LYS A 348 -74.85 18.97 21.00
C LYS A 348 -74.75 20.35 21.64
N GLU A 349 -74.94 21.41 20.85
CA GLU A 349 -74.92 22.76 21.40
C GLU A 349 -76.06 22.96 22.39
N ASN A 350 -77.26 22.48 22.04
CA ASN A 350 -78.41 22.62 22.94
C ASN A 350 -78.16 21.92 24.27
N ALA A 351 -77.52 20.74 24.22
CA ALA A 351 -77.24 20.03 25.46
C ALA A 351 -76.13 20.70 26.27
N VAL A 352 -75.05 21.11 25.60
CA VAL A 352 -73.87 21.62 26.31
C VAL A 352 -74.15 22.99 26.92
N ASN A 353 -74.89 23.85 26.21
CA ASN A 353 -75.05 25.23 26.64
C ASN A 353 -75.81 25.38 27.95
N VAL A 354 -76.47 24.33 28.43
CA VAL A 354 -77.21 24.38 29.69
C VAL A 354 -76.53 23.55 30.77
N MET A 355 -75.32 23.04 30.50
CA MET A 355 -74.62 22.20 31.45
C MET A 355 -73.99 23.02 32.57
N ASP A 356 -73.98 22.45 33.77
CA ASP A 356 -73.32 23.06 34.91
C ASP A 356 -71.84 22.66 34.89
N LYS A 357 -71.12 22.98 35.97
CA LYS A 357 -69.67 22.76 35.97
C LYS A 357 -69.32 21.28 35.85
N ASN A 358 -69.91 20.44 36.69
CA ASN A 358 -69.55 19.02 36.71
C ASN A 358 -69.96 18.32 35.43
N ALA A 359 -71.19 18.59 34.96
CA ALA A 359 -71.64 17.98 33.70
C ALA A 359 -70.79 18.46 32.54
N LEU A 360 -70.43 19.75 32.53
CA LEU A 360 -69.56 20.25 31.46
C LEU A 360 -68.21 19.55 31.48
N ILE A 361 -67.62 19.39 32.67
CA ILE A 361 -66.31 18.74 32.76
C ILE A 361 -66.40 17.29 32.28
N SER A 362 -67.47 16.60 32.68
CA SER A 362 -67.66 15.23 32.19
C SER A 362 -67.82 15.20 30.68
N GLU A 363 -68.48 16.21 30.11
CA GLU A 363 -68.66 16.24 28.66
C GLU A 363 -67.32 16.46 27.95
N ILE A 364 -66.48 17.36 28.47
CA ILE A 364 -65.16 17.54 27.85
C ILE A 364 -64.33 16.28 27.99
N LEU A 365 -64.45 15.59 29.12
CA LEU A 365 -63.70 14.34 29.28
C LEU A 365 -64.17 13.28 28.27
N ASN A 366 -65.48 13.19 28.05
CA ASN A 366 -66.00 12.26 27.05
C ASN A 366 -65.53 12.63 25.65
N GLU A 367 -65.54 13.92 25.33
CA GLU A 367 -65.07 14.37 24.02
C GLU A 367 -63.58 14.11 23.85
N ARG A 368 -62.81 14.26 24.94
CA ARG A 368 -61.39 13.95 24.91
C ARG A 368 -61.16 12.46 24.66
N ALA A 369 -61.95 11.60 25.30
CA ALA A 369 -61.85 10.17 25.06
C ALA A 369 -62.23 9.83 23.62
N ARG A 370 -63.23 10.51 23.08
CA ARG A 370 -63.65 10.26 21.70
C ARG A 370 -62.58 10.70 20.71
N GLU A 371 -62.03 11.89 20.91
CA GLU A 371 -61.13 12.49 19.92
C GLU A 371 -59.78 11.79 19.89
N LEU A 372 -59.21 11.51 21.06
CA LEU A 372 -57.87 10.94 21.17
C LEU A 372 -57.87 9.43 21.23
N ALA A 373 -58.86 8.77 20.62
CA ALA A 373 -58.92 7.33 20.63
C ALA A 373 -57.72 6.74 19.88
N PHE A 374 -57.14 5.69 20.45
CA PHE A 374 -55.98 5.01 19.88
C PHE A 374 -54.81 5.98 19.66
N GLU A 375 -54.60 6.88 20.63
CA GLU A 375 -53.48 7.81 20.59
C GLU A 375 -52.69 7.80 21.89
N GLY A 376 -52.85 6.77 22.71
CA GLY A 376 -52.15 6.70 23.98
C GLY A 376 -52.55 7.77 24.96
N HIS A 377 -53.85 8.08 25.05
CA HIS A 377 -54.33 9.14 25.92
C HIS A 377 -55.41 8.72 26.90
N ARG A 378 -56.10 7.60 26.67
CA ARG A 378 -57.24 7.25 27.52
C ARG A 378 -56.78 6.82 28.91
N TRP A 379 -55.74 5.99 28.99
CA TRP A 379 -55.28 5.48 30.28
C TRP A 379 -54.80 6.61 31.18
N PHE A 380 -53.99 7.52 30.62
CA PHE A 380 -53.46 8.61 31.42
C PHE A 380 -54.55 9.61 31.81
N ASP A 381 -55.52 9.82 30.91
CA ASP A 381 -56.66 10.66 31.28
C ASP A 381 -57.46 10.04 32.42
N LEU A 382 -57.66 8.73 32.37
CA LEU A 382 -58.35 8.04 33.47
C LEU A 382 -57.58 8.18 34.77
N ARG A 383 -56.25 8.03 34.72
CA ARG A 383 -55.44 8.17 35.93
C ARG A 383 -55.50 9.59 36.48
N ARG A 384 -55.41 10.61 35.63
CA ARG A 384 -55.34 11.97 36.15
C ARG A 384 -56.70 12.50 36.57
N THR A 385 -57.80 12.00 35.99
CA THR A 385 -59.09 12.64 36.21
C THR A 385 -59.95 12.08 37.34
N THR A 386 -60.25 10.78 37.30
CA THR A 386 -61.18 10.21 38.26
C THR A 386 -60.79 8.86 38.84
N ARG A 387 -59.90 8.09 38.19
CA ARG A 387 -59.62 6.72 38.61
C ARG A 387 -60.91 5.95 38.80
N PRO A 388 -61.71 5.76 37.75
CA PRO A 388 -63.02 5.13 37.94
C PRO A 388 -62.94 3.61 37.97
N ARG A 389 -63.91 3.02 38.67
CA ARG A 389 -64.00 1.57 38.77
C ARG A 389 -64.33 0.97 37.42
N MET A 390 -63.54 0.00 36.98
CA MET A 390 -63.67 -0.55 35.64
C MET A 390 -63.98 -2.04 35.71
N VAL A 391 -64.95 -2.46 34.90
CA VAL A 391 -65.34 -3.86 34.79
C VAL A 391 -65.00 -4.33 33.38
N LYS A 392 -64.23 -5.41 33.28
CA LYS A 392 -63.82 -5.94 31.99
C LYS A 392 -64.21 -7.40 31.91
N VAL A 393 -64.96 -7.76 30.86
CA VAL A 393 -65.40 -9.13 30.63
C VAL A 393 -64.48 -9.73 29.57
N LEU A 394 -63.85 -10.85 29.88
CA LEU A 394 -62.88 -11.48 28.99
C LEU A 394 -63.03 -12.99 29.09
N GLN A 395 -63.44 -13.63 28.00
CA GLN A 395 -63.46 -15.08 27.87
C GLN A 395 -64.26 -15.73 29.00
N GLY A 396 -65.38 -15.11 29.37
CA GLY A 396 -66.25 -15.64 30.39
C GLY A 396 -65.89 -15.25 31.81
N LYS A 397 -64.78 -14.56 32.02
CA LYS A 397 -64.35 -14.12 33.33
C LYS A 397 -64.54 -12.61 33.47
N THR A 398 -64.66 -12.17 34.72
CA THR A 398 -64.80 -10.75 35.03
C THR A 398 -63.57 -10.28 35.78
N TYR A 399 -63.04 -9.12 35.39
CA TYR A 399 -61.91 -8.51 36.04
C TYR A 399 -62.30 -7.11 36.48
N ILE A 400 -62.02 -6.78 37.73
CA ILE A 400 -62.51 -5.56 38.35
C ILE A 400 -61.32 -4.73 38.81
N LEU A 401 -61.28 -3.47 38.36
CA LEU A 401 -60.29 -2.50 38.82
C LEU A 401 -61.02 -1.51 39.71
N GLU A 402 -60.74 -1.57 41.02
CA GLU A 402 -61.44 -0.74 41.99
C GLU A 402 -61.21 0.75 41.70
N GLN A 403 -62.11 1.57 42.20
CA GLN A 403 -61.90 3.01 42.14
C GLN A 403 -60.66 3.38 42.95
N ASP A 404 -59.78 4.17 42.34
CA ASP A 404 -58.48 4.50 42.93
C ASP A 404 -57.67 3.25 43.24
N ASP A 405 -57.70 2.29 42.32
CA ASP A 405 -56.93 1.07 42.50
C ASP A 405 -55.43 1.39 42.48
N PRO A 406 -54.64 0.74 43.35
CA PRO A 406 -53.18 0.86 43.23
C PRO A 406 -52.63 0.29 41.94
N ARG A 407 -53.43 -0.43 41.14
CA ARG A 407 -53.00 -0.95 39.86
C ARG A 407 -53.07 0.09 38.75
N TYR A 408 -53.52 1.31 39.05
CA TYR A 408 -53.47 2.39 38.06
C TYR A 408 -52.04 2.79 37.74
N THR A 409 -51.09 2.43 38.60
CA THR A 409 -49.67 2.66 38.36
C THR A 409 -49.05 1.37 37.88
N ILE A 410 -48.50 1.39 36.67
CA ILE A 410 -47.85 0.19 36.13
C ILE A 410 -46.57 -0.08 36.89
N PRO A 411 -46.34 -1.31 37.35
CA PRO A 411 -45.09 -1.60 38.07
C PRO A 411 -43.87 -1.43 37.18
N ILE A 412 -42.75 -1.07 37.81
CA ILE A 412 -41.49 -0.89 37.08
C ILE A 412 -41.12 -2.21 36.42
N PRO A 413 -40.65 -2.20 35.16
CA PRO A 413 -40.43 -3.47 34.46
C PRO A 413 -39.43 -4.37 35.17
N ARG A 414 -39.59 -5.67 34.94
CA ARG A 414 -38.80 -6.67 35.66
C ARG A 414 -37.31 -6.52 35.36
N ASP A 415 -36.94 -6.24 34.11
CA ASP A 415 -35.54 -6.08 33.76
C ASP A 415 -34.92 -4.88 34.47
N ALA A 416 -35.68 -3.81 34.64
CA ALA A 416 -35.18 -2.63 35.32
C ALA A 416 -34.83 -2.94 36.78
N ILE A 417 -35.70 -3.69 37.46
CA ILE A 417 -35.42 -4.07 38.84
C ILE A 417 -34.29 -5.07 38.90
N ALA A 418 -34.21 -5.97 37.92
CA ALA A 418 -33.13 -6.96 37.91
C ALA A 418 -31.77 -6.29 37.76
N ALA A 419 -31.67 -5.29 36.89
CA ALA A 419 -30.40 -4.58 36.72
C ALA A 419 -30.14 -3.64 37.89
N ASN A 420 -31.20 -3.03 38.43
CA ASN A 420 -31.10 -2.08 39.53
C ASN A 420 -31.99 -2.56 40.66
N PRO A 421 -31.47 -3.36 41.59
CA PRO A 421 -32.33 -3.93 42.65
C PRO A 421 -32.91 -2.88 43.59
N GLY A 422 -32.37 -1.67 43.61
CA GLY A 422 -32.84 -0.64 44.51
C GLY A 422 -34.10 0.09 44.09
N LEU A 423 -34.67 -0.27 42.95
CA LEU A 423 -35.90 0.36 42.47
C LEU A 423 -37.10 -0.09 43.29
N CYS B 1 33.26 -14.03 -10.06
CA CYS B 1 32.24 -13.04 -9.77
C CYS B 1 31.15 -13.05 -10.83
N ASP B 2 31.17 -14.06 -11.70
CA ASP B 2 30.14 -14.19 -12.72
C ASP B 2 28.79 -14.54 -12.11
N SER B 3 28.79 -15.35 -11.05
CA SER B 3 27.54 -15.70 -10.37
C SER B 3 26.92 -14.51 -9.65
N TYR B 4 27.72 -13.48 -9.34
CA TYR B 4 27.19 -12.30 -8.67
C TYR B 4 26.22 -11.54 -9.56
N LEU B 5 26.49 -11.48 -10.86
CA LEU B 5 25.72 -10.66 -11.79
C LEU B 5 24.62 -11.45 -12.50
N ASP B 6 24.15 -12.54 -11.91
CA ASP B 6 23.08 -13.34 -12.50
C ASP B 6 21.77 -12.98 -11.80
N ILE B 7 21.13 -11.92 -12.29
CA ILE B 7 19.83 -11.48 -11.79
C ILE B 7 18.87 -11.41 -12.95
N ARG B 8 17.70 -12.05 -12.79
CA ARG B 8 16.67 -12.00 -13.80
C ARG B 8 15.63 -10.95 -13.43
N PRO B 9 15.38 -9.97 -14.29
CA PRO B 9 14.43 -8.91 -13.93
C PRO B 9 13.03 -9.47 -13.71
N VAL B 10 12.29 -8.80 -12.82
CA VAL B 10 10.94 -9.20 -12.46
C VAL B 10 9.99 -8.09 -12.87
N GLY B 11 8.95 -8.44 -13.61
CA GLY B 11 8.01 -7.46 -14.12
C GLY B 11 7.50 -7.81 -15.50
N SER B 12 8.16 -8.75 -16.17
CA SER B 12 7.74 -9.22 -17.47
C SER B 12 8.08 -10.70 -17.58
N VAL B 13 7.68 -11.31 -18.70
CA VAL B 13 7.90 -12.73 -18.93
C VAL B 13 9.20 -12.90 -19.70
N ILE B 14 10.23 -13.42 -19.02
CA ILE B 14 11.49 -13.79 -19.66
C ILE B 14 11.47 -15.30 -19.86
N PRO B 15 11.35 -15.80 -21.08
CA PRO B 15 11.23 -17.25 -21.30
C PRO B 15 12.53 -17.96 -20.93
N GLN B 16 12.44 -18.85 -19.96
CA GLN B 16 13.55 -19.70 -19.58
C GLN B 16 13.19 -21.18 -19.58
N THR B 17 11.98 -21.54 -19.15
CA THR B 17 11.57 -22.93 -19.10
C THR B 17 11.16 -23.41 -20.48
N ALA B 18 10.94 -24.73 -20.59
CA ALA B 18 10.49 -25.30 -21.86
C ALA B 18 9.06 -24.92 -22.18
N GLU B 19 8.20 -24.78 -21.17
CA GLU B 19 6.81 -24.39 -21.39
C GLU B 19 6.66 -22.92 -21.74
N GLU B 20 7.72 -22.12 -21.59
CA GLU B 20 7.72 -20.73 -22.04
C GLU B 20 8.28 -20.58 -23.44
N TYR B 21 9.35 -21.34 -23.74
CA TYR B 21 9.85 -21.36 -25.11
C TYR B 21 8.88 -22.03 -26.07
N ARG B 22 8.08 -22.99 -25.58
CA ARG B 22 6.99 -23.52 -26.40
C ARG B 22 5.95 -22.45 -26.68
N ALA B 23 5.66 -21.60 -25.70
CA ALA B 23 4.74 -20.48 -25.93
C ALA B 23 5.31 -19.51 -26.96
N LEU B 24 6.61 -19.21 -26.86
CA LEU B 24 7.26 -18.33 -27.83
C LEU B 24 7.17 -18.92 -29.23
N LEU B 25 7.47 -20.22 -29.37
CA LEU B 25 7.40 -20.87 -30.67
C LEU B 25 5.97 -20.97 -31.18
N ALA B 26 4.99 -21.13 -30.30
CA ALA B 26 3.59 -21.12 -30.71
C ALA B 26 3.17 -19.76 -31.25
N ARG B 27 3.59 -18.67 -30.60
CA ARG B 27 3.29 -17.36 -31.16
C ARG B 27 4.02 -17.13 -32.47
N ALA B 28 5.21 -17.71 -32.62
CA ALA B 28 5.87 -17.68 -33.92
C ALA B 28 5.06 -18.42 -34.97
N TYR B 29 4.49 -19.57 -34.60
CA TYR B 29 3.66 -20.35 -35.51
C TYR B 29 2.43 -19.56 -35.93
N LEU B 30 1.82 -18.84 -34.98
CA LEU B 30 0.61 -18.08 -35.29
C LEU B 30 0.88 -17.01 -36.35
N ASN B 31 2.01 -16.32 -36.24
CA ASN B 31 2.35 -15.22 -37.13
C ASN B 31 3.03 -15.68 -38.42
N VAL B 32 2.91 -16.96 -38.77
CA VAL B 32 3.48 -17.43 -40.02
C VAL B 32 2.66 -16.81 -41.15
N PRO B 33 3.26 -16.00 -42.01
CA PRO B 33 2.47 -15.27 -43.00
C PRO B 33 1.96 -16.18 -44.10
N ASN B 34 0.78 -15.85 -44.61
CA ASN B 34 0.16 -16.57 -45.72
C ASN B 34 0.39 -15.78 -46.99
N ASP B 35 1.60 -15.89 -47.56
CA ASP B 35 1.93 -15.23 -48.81
C ASP B 35 1.86 -16.16 -50.01
N ARG B 36 1.69 -17.47 -49.79
CA ARG B 36 1.50 -18.37 -50.92
C ARG B 36 0.20 -18.09 -51.65
N GLY B 37 -0.85 -17.69 -50.91
CA GLY B 37 -2.08 -17.29 -51.56
C GLY B 37 -1.91 -16.09 -52.46
N LEU B 38 -1.19 -15.07 -51.97
CA LEU B 38 -0.91 -13.90 -52.81
C LEU B 38 -0.02 -14.27 -53.98
N ALA B 39 0.91 -15.21 -53.80
CA ALA B 39 1.73 -15.66 -54.90
C ALA B 39 0.91 -16.33 -55.98
N CYS B 40 -0.03 -17.19 -55.57
CA CYS B 40 -0.90 -17.84 -56.55
C CYS B 40 -1.94 -16.87 -57.13
N LEU B 41 -2.18 -15.75 -56.46
CA LEU B 41 -2.98 -14.69 -57.09
C LEU B 41 -2.30 -14.18 -58.35
N ARG B 42 -0.97 -14.25 -58.41
CA ARG B 42 -0.22 -13.93 -59.62
C ARG B 42 -0.42 -14.98 -60.71
N SER B 43 -1.00 -16.12 -60.39
CA SER B 43 -1.20 -17.20 -61.34
C SER B 43 -2.60 -17.12 -61.95
N ASP B 44 -2.97 -18.15 -62.70
CA ASP B 44 -4.26 -18.19 -63.40
C ASP B 44 -5.34 -18.94 -62.65
N GLU B 45 -5.05 -19.44 -61.44
CA GLU B 45 -5.99 -20.31 -60.75
C GLU B 45 -7.19 -19.56 -60.17
N MET B 46 -7.10 -18.24 -60.02
CA MET B 46 -8.23 -17.46 -59.54
C MET B 46 -8.15 -16.04 -60.10
N LEU B 47 -9.30 -15.37 -60.10
CA LEU B 47 -9.45 -14.05 -60.70
C LEU B 47 -10.13 -13.13 -59.69
N VAL B 48 -9.70 -11.86 -59.66
CA VAL B 48 -10.17 -10.93 -58.65
C VAL B 48 -11.60 -10.49 -58.95
N ASN B 49 -12.29 -10.05 -57.89
CA ASN B 49 -13.67 -9.59 -58.02
C ASN B 49 -13.73 -8.27 -58.78
N ASP B 50 -14.92 -7.98 -59.30
CA ASP B 50 -15.15 -6.78 -60.10
C ASP B 50 -15.68 -5.63 -59.23
N ASN B 51 -14.85 -5.24 -58.25
CA ASN B 51 -15.15 -4.10 -57.41
C ASN B 51 -13.90 -3.23 -57.30
N GLU B 52 -14.14 -1.94 -57.02
CA GLU B 52 -13.03 -1.01 -56.85
C GLU B 52 -12.23 -1.31 -55.59
N TYR B 53 -12.86 -1.92 -54.59
CA TYR B 53 -12.15 -2.27 -53.36
C TYR B 53 -11.16 -3.41 -53.59
N ASP B 54 -11.59 -4.46 -54.28
CA ASP B 54 -10.74 -5.62 -54.49
C ASP B 54 -9.75 -5.42 -55.63
N ARG B 55 -10.10 -4.58 -56.62
CA ARG B 55 -9.17 -4.30 -57.71
C ARG B 55 -8.03 -3.40 -57.27
N ASN B 56 -8.21 -2.61 -56.21
CA ASN B 56 -7.15 -1.73 -55.74
C ASN B 56 -5.95 -2.53 -55.24
N SER B 57 -6.20 -3.63 -54.53
CA SER B 57 -5.14 -4.41 -53.90
C SER B 57 -4.83 -5.69 -54.66
N TYR B 58 -5.83 -6.55 -54.85
CA TYR B 58 -5.56 -7.86 -55.45
C TYR B 58 -5.54 -7.80 -56.97
N GLY B 59 -6.35 -6.92 -57.56
CA GLY B 59 -6.36 -6.77 -59.00
C GLY B 59 -5.01 -6.35 -59.56
N ASP B 60 -4.36 -5.40 -58.88
CA ASP B 60 -3.04 -4.96 -59.32
C ASP B 60 -2.00 -6.07 -59.17
N ILE B 61 -2.19 -6.95 -58.19
CA ILE B 61 -1.28 -8.09 -58.04
C ILE B 61 -1.48 -9.09 -59.18
N GLU B 62 -2.73 -9.30 -59.59
CA GLU B 62 -3.02 -10.34 -60.57
C GLU B 62 -2.33 -10.08 -61.91
N ARG B 63 -2.35 -8.83 -62.39
CA ARG B 63 -1.77 -8.52 -63.69
C ARG B 63 -0.25 -8.52 -63.71
N TRP B 64 0.41 -8.99 -62.64
CA TRP B 64 1.87 -8.98 -62.53
C TRP B 64 2.43 -7.57 -62.77
N ASN B 65 1.85 -6.59 -62.09
CA ASN B 65 2.31 -5.21 -62.18
C ASN B 65 3.41 -5.01 -61.15
N ASP B 66 4.66 -5.06 -61.60
CA ASP B 66 5.81 -4.92 -60.72
C ASP B 66 6.58 -3.63 -60.96
N VAL B 67 6.17 -2.80 -61.92
CA VAL B 67 6.89 -1.58 -62.23
C VAL B 67 6.17 -0.33 -61.72
N SER B 68 4.83 -0.35 -61.65
CA SER B 68 4.06 0.79 -61.13
C SER B 68 2.75 0.28 -60.55
N PRO B 69 2.79 -0.37 -59.39
CA PRO B 69 1.56 -0.82 -58.75
C PRO B 69 0.84 0.33 -58.05
N PHE B 70 -0.42 0.08 -57.73
CA PHE B 70 -1.21 1.07 -56.99
C PHE B 70 -0.63 1.25 -55.58
N PRO B 71 -0.63 2.48 -55.06
CA PRO B 71 -0.12 2.68 -53.70
C PRO B 71 -0.88 1.90 -52.64
N GLY B 72 -2.15 1.61 -52.88
CA GLY B 72 -2.96 0.83 -51.96
C GLY B 72 -2.89 -0.67 -52.15
N THR B 73 -2.01 -1.15 -53.01
CA THR B 73 -1.89 -2.59 -53.26
C THR B 73 -1.42 -3.30 -52.01
N SER B 74 -1.99 -4.48 -51.76
CA SER B 74 -1.56 -5.30 -50.63
C SER B 74 -0.12 -5.76 -50.85
N GLN B 75 0.70 -5.66 -49.81
CA GLN B 75 2.12 -5.95 -49.89
C GLN B 75 2.45 -7.26 -49.18
N PHE B 76 3.47 -7.93 -49.70
CA PHE B 76 3.92 -9.18 -49.08
C PHE B 76 4.57 -8.90 -47.74
N THR B 77 4.34 -9.81 -46.78
CA THR B 77 4.71 -9.57 -45.38
C THR B 77 6.14 -10.05 -45.13
N TRP B 78 7.09 -9.23 -45.58
CA TRP B 78 8.51 -9.48 -45.31
C TRP B 78 8.81 -9.43 -43.81
N SER B 79 8.26 -8.42 -43.14
CA SER B 79 8.56 -8.21 -41.72
C SER B 79 8.07 -9.39 -40.87
N ASN B 80 6.89 -9.92 -41.16
CA ASN B 80 6.40 -11.06 -40.39
C ASN B 80 7.25 -12.31 -40.65
N PHE B 81 7.66 -12.52 -41.89
CA PHE B 81 8.57 -13.61 -42.21
C PHE B 81 9.81 -13.53 -41.32
N TYR B 82 10.44 -12.36 -41.27
CA TYR B 82 11.67 -12.25 -40.50
C TYR B 82 11.43 -12.18 -39.00
N ASN B 83 10.23 -11.80 -38.55
CA ASN B 83 9.91 -11.91 -37.13
C ASN B 83 9.83 -13.36 -36.69
N VAL B 84 9.13 -14.19 -37.48
CA VAL B 84 9.07 -15.62 -37.16
C VAL B 84 10.46 -16.25 -37.25
N LEU B 85 11.26 -15.80 -38.23
CA LEU B 85 12.63 -16.27 -38.33
C LEU B 85 13.44 -15.89 -37.09
N PHE B 86 13.23 -14.67 -36.57
CA PHE B 86 13.92 -14.26 -35.37
C PHE B 86 13.54 -15.13 -34.19
N ILE B 87 12.26 -15.43 -34.04
CA ILE B 87 11.84 -16.26 -32.90
C ILE B 87 12.42 -17.66 -33.02
N ALA B 88 12.42 -18.23 -34.24
CA ALA B 88 13.02 -19.54 -34.44
C ALA B 88 14.52 -19.53 -34.11
N ASN B 89 15.22 -18.47 -34.54
CA ASN B 89 16.64 -18.36 -34.25
C ASN B 89 16.88 -18.20 -32.75
N GLN B 90 15.99 -17.48 -32.06
CA GLN B 90 16.11 -17.34 -30.62
C GLN B 90 15.96 -18.69 -29.92
N VAL B 91 15.00 -19.50 -30.35
CA VAL B 91 14.85 -20.83 -29.78
C VAL B 91 16.09 -21.67 -30.04
N ILE B 92 16.62 -21.61 -31.28
CA ILE B 92 17.81 -22.37 -31.62
C ILE B 92 18.99 -21.95 -30.75
N GLU B 93 19.15 -20.64 -30.53
CA GLU B 93 20.28 -20.14 -29.77
C GLU B 93 20.15 -20.48 -28.28
N SER B 94 18.92 -20.47 -27.76
CA SER B 94 18.69 -20.76 -26.35
C SER B 94 18.47 -22.24 -26.08
N GLN B 95 18.60 -23.08 -27.12
CA GLN B 95 18.51 -24.54 -26.95
C GLN B 95 19.25 -25.03 -25.71
N LYS B 96 20.42 -24.45 -25.41
CA LYS B 96 21.23 -24.94 -24.30
C LYS B 96 20.81 -24.38 -22.94
N GLU B 97 19.98 -23.35 -22.92
CA GLU B 97 19.58 -22.69 -21.68
C GLU B 97 18.11 -22.89 -21.36
N ILE B 98 17.54 -24.03 -21.76
CA ILE B 98 16.15 -24.36 -21.50
C ILE B 98 16.10 -25.27 -20.28
N THR B 99 15.32 -24.86 -19.28
CA THR B 99 15.19 -25.59 -18.03
C THR B 99 13.78 -26.14 -17.88
N GLU B 100 13.60 -26.96 -16.84
CA GLU B 100 12.32 -27.55 -16.51
C GLU B 100 11.69 -28.27 -17.70
N GLY B 101 12.52 -29.02 -18.42
CA GLY B 101 12.05 -29.80 -19.56
C GLY B 101 12.89 -31.02 -19.81
N THR B 102 12.25 -32.12 -20.18
CA THR B 102 12.97 -33.34 -20.49
C THR B 102 13.79 -33.15 -21.76
N PRO B 103 14.91 -33.88 -21.90
CA PRO B 103 15.75 -33.71 -23.09
C PRO B 103 15.02 -33.94 -24.39
N GLU B 104 14.07 -34.89 -24.44
CA GLU B 104 13.32 -35.10 -25.67
C GLU B 104 12.44 -33.91 -26.00
N VAL B 105 11.83 -33.28 -24.99
CA VAL B 105 11.00 -32.11 -25.24
C VAL B 105 11.84 -30.95 -25.78
N VAL B 106 13.01 -30.71 -25.17
CA VAL B 106 13.89 -29.64 -25.64
C VAL B 106 14.36 -29.93 -27.06
N ASN B 107 14.73 -31.18 -27.34
CA ASN B 107 15.17 -31.55 -28.68
C ASN B 107 14.05 -31.34 -29.69
N GLN B 108 12.82 -31.69 -29.32
CA GLN B 108 11.68 -31.46 -30.20
C GLN B 108 11.48 -29.96 -30.47
N LEU B 109 11.60 -29.14 -29.43
CA LEU B 109 11.44 -27.70 -29.61
C LEU B 109 12.50 -27.14 -30.56
N VAL B 110 13.76 -27.55 -30.38
CA VAL B 110 14.83 -27.03 -31.21
C VAL B 110 14.70 -27.53 -32.64
N GLY B 111 14.28 -28.80 -32.82
CA GLY B 111 14.05 -29.31 -34.15
C GLY B 111 12.91 -28.59 -34.86
N GLU B 112 11.84 -28.28 -34.11
CA GLU B 112 10.75 -27.50 -34.68
C GLU B 112 11.22 -26.12 -35.09
N ALA B 113 12.06 -25.49 -34.27
CA ALA B 113 12.60 -24.19 -34.65
C ALA B 113 13.45 -24.28 -35.90
N HIS B 114 14.29 -25.32 -36.00
CA HIS B 114 15.10 -25.51 -37.20
C HIS B 114 14.22 -25.70 -38.44
N LEU B 115 13.18 -26.53 -38.33
CA LEU B 115 12.31 -26.78 -39.47
C LEU B 115 11.51 -25.54 -39.85
N LEU B 116 11.10 -24.75 -38.86
CA LEU B 116 10.39 -23.50 -39.14
C LEU B 116 11.31 -22.53 -39.86
N ARG B 117 12.56 -22.43 -39.43
CA ARG B 117 13.51 -21.56 -40.12
C ARG B 117 13.71 -22.03 -41.56
N ALA B 118 13.86 -23.34 -41.77
CA ALA B 118 14.04 -23.87 -43.11
C ALA B 118 12.83 -23.58 -43.99
N TYR B 119 11.62 -23.78 -43.45
CA TYR B 119 10.40 -23.56 -44.23
C TYR B 119 10.24 -22.08 -44.58
N LEU B 120 10.50 -21.19 -43.63
CA LEU B 120 10.38 -19.76 -43.90
C LEU B 120 11.39 -19.32 -44.95
N HIS B 121 12.63 -19.80 -44.86
CA HIS B 121 13.63 -19.48 -45.87
C HIS B 121 13.20 -20.02 -47.23
N PHE B 122 12.64 -21.23 -47.26
CA PHE B 122 12.17 -21.82 -48.51
C PHE B 122 11.08 -20.97 -49.14
N VAL B 123 10.11 -20.55 -48.35
CA VAL B 123 9.01 -19.74 -48.87
C VAL B 123 9.52 -18.39 -49.36
N LEU B 124 10.43 -17.77 -48.59
CA LEU B 124 10.97 -16.46 -48.99
C LEU B 124 11.76 -16.56 -50.29
N VAL B 125 12.60 -17.59 -50.42
CA VAL B 125 13.40 -17.74 -51.63
C VAL B 125 12.54 -18.18 -52.81
N ASN B 126 11.39 -18.80 -52.56
CA ASN B 126 10.47 -19.11 -53.65
C ASN B 126 9.72 -17.86 -54.10
N LEU B 127 9.37 -16.98 -53.15
CA LEU B 127 8.64 -15.77 -53.50
C LEU B 127 9.55 -14.77 -54.21
N HIS B 128 10.63 -14.34 -53.55
CA HIS B 128 11.44 -13.24 -54.03
C HIS B 128 12.76 -13.69 -54.66
N GLY B 129 12.93 -14.99 -54.88
CA GLY B 129 14.14 -15.49 -55.51
C GLY B 129 13.89 -16.12 -56.85
N GLN B 130 14.92 -16.16 -57.69
CA GLN B 130 14.80 -16.81 -58.98
C GLN B 130 14.72 -18.32 -58.81
N PRO B 131 14.03 -19.02 -59.70
CA PRO B 131 13.87 -20.47 -59.55
C PRO B 131 15.22 -21.19 -59.59
N TYR B 132 15.32 -22.26 -58.80
CA TYR B 132 16.56 -23.04 -58.76
C TYR B 132 16.83 -23.71 -60.10
N THR B 133 15.79 -24.25 -60.74
CA THR B 133 15.97 -24.95 -62.00
C THR B 133 16.26 -24.00 -63.16
N LYS B 134 16.00 -22.71 -62.98
CA LYS B 134 16.30 -21.74 -64.03
C LYS B 134 17.81 -21.62 -64.23
N SER B 135 18.23 -21.59 -65.49
CA SER B 135 19.65 -21.50 -65.81
C SER B 135 20.19 -20.11 -65.46
N GLY B 136 21.35 -20.08 -64.82
CA GLY B 136 21.98 -18.85 -64.43
C GLY B 136 21.47 -18.25 -63.14
N ALA B 137 20.53 -18.89 -62.46
CA ALA B 137 19.96 -18.39 -61.23
C ALA B 137 20.65 -18.90 -59.99
N LEU B 138 21.67 -19.75 -60.13
CA LEU B 138 22.34 -20.31 -58.97
C LEU B 138 23.14 -19.25 -58.21
N ASN B 139 23.71 -18.28 -58.91
CA ASN B 139 24.55 -17.26 -58.30
C ASN B 139 23.83 -15.92 -58.14
N SER B 140 22.51 -15.89 -58.30
CA SER B 140 21.74 -14.66 -58.19
C SER B 140 21.34 -14.43 -56.74
N LYS B 141 21.50 -13.19 -56.28
CA LYS B 141 21.11 -12.84 -54.92
C LYS B 141 19.59 -12.87 -54.79
N SER B 142 19.09 -13.58 -53.77
CA SER B 142 17.65 -13.72 -53.59
C SER B 142 17.11 -13.09 -52.31
N ILE B 143 17.54 -13.55 -51.13
CA ILE B 143 17.02 -13.03 -49.86
C ILE B 143 18.12 -13.09 -48.82
N PRO B 144 18.09 -12.22 -47.80
CA PRO B 144 19.04 -12.35 -46.68
C PRO B 144 18.68 -13.54 -45.80
N LEU B 145 19.70 -14.32 -45.45
CA LEU B 145 19.51 -15.46 -44.54
C LEU B 145 19.66 -14.97 -43.11
N LYS B 146 18.62 -15.17 -42.31
CA LYS B 146 18.64 -14.81 -40.89
C LYS B 146 19.03 -16.05 -40.10
N LEU B 147 20.33 -16.17 -39.80
CA LEU B 147 20.86 -17.31 -39.07
C LEU B 147 21.24 -16.95 -37.64
N ASP B 148 20.89 -15.76 -37.17
CA ASP B 148 21.22 -15.35 -35.81
C ASP B 148 20.19 -14.31 -35.36
N THR B 149 20.32 -13.87 -34.11
CA THR B 149 19.40 -12.91 -33.51
C THR B 149 20.04 -11.54 -33.28
N ASP B 150 21.07 -11.21 -34.07
CA ASP B 150 21.73 -9.93 -33.91
C ASP B 150 20.86 -8.79 -34.39
N LEU B 151 20.88 -7.67 -33.65
CA LEU B 151 20.10 -6.50 -33.99
C LEU B 151 20.93 -5.35 -34.56
N GLU B 152 22.26 -5.41 -34.43
CA GLU B 152 23.13 -4.32 -34.86
C GLU B 152 23.85 -4.64 -36.18
N LYS B 153 23.32 -5.56 -36.96
CA LYS B 153 23.93 -5.97 -38.22
C LYS B 153 22.90 -5.84 -39.34
N THR B 154 23.30 -5.20 -40.43
CA THR B 154 22.48 -5.12 -41.63
C THR B 154 22.76 -6.33 -42.51
N LEU B 155 21.74 -7.14 -42.74
CA LEU B 155 21.92 -8.40 -43.46
C LEU B 155 22.03 -8.17 -44.96
N GLY B 156 22.95 -8.89 -45.59
CA GLY B 156 23.09 -8.83 -47.03
C GLY B 156 22.32 -9.92 -47.74
N ARG B 157 22.11 -9.72 -49.04
CA ARG B 157 21.30 -10.63 -49.84
C ARG B 157 22.14 -11.84 -50.25
N ASN B 158 21.77 -13.01 -49.77
CA ASN B 158 22.48 -14.24 -50.11
C ASN B 158 22.02 -14.76 -51.47
N THR B 159 22.87 -15.59 -52.07
CA THR B 159 22.55 -16.22 -53.34
C THR B 159 21.60 -17.40 -53.14
N VAL B 160 21.08 -17.93 -54.25
CA VAL B 160 20.10 -18.99 -54.18
C VAL B 160 20.75 -20.29 -53.69
N GLU B 161 21.95 -20.60 -54.18
CA GLU B 161 22.61 -21.83 -53.77
C GLU B 161 22.92 -21.82 -52.27
N GLU B 162 23.37 -20.68 -51.74
CA GLU B 162 23.63 -20.58 -50.31
C GLU B 162 22.35 -20.76 -49.50
N VAL B 163 21.26 -20.14 -49.95
CA VAL B 163 19.99 -20.26 -49.24
C VAL B 163 19.52 -21.71 -49.23
N TYR B 164 19.64 -22.41 -50.36
CA TYR B 164 19.20 -23.80 -50.41
C TYR B 164 20.12 -24.71 -49.60
N THR B 165 21.42 -24.42 -49.57
CA THR B 165 22.32 -25.18 -48.71
C THR B 165 21.95 -25.00 -47.24
N SER B 166 21.64 -23.76 -46.83
CA SER B 166 21.20 -23.52 -45.46
C SER B 166 19.89 -24.25 -45.17
N ILE B 167 18.97 -24.26 -46.14
CA ILE B 167 17.71 -24.96 -45.96
C ILE B 167 17.95 -26.46 -45.76
N LEU B 168 18.83 -27.04 -46.58
CA LEU B 168 19.14 -28.46 -46.43
C LEU B 168 19.80 -28.76 -45.09
N SER B 169 20.70 -27.88 -44.65
CA SER B 169 21.33 -28.07 -43.34
C SER B 169 20.30 -28.02 -42.22
N ASP B 170 19.34 -27.09 -42.31
CA ASP B 170 18.29 -27.02 -41.31
C ASP B 170 17.40 -28.26 -41.36
N ILE B 171 17.14 -28.78 -42.56
CA ILE B 171 16.38 -30.02 -42.67
C ILE B 171 17.11 -31.16 -41.96
N GLU B 172 18.42 -31.26 -42.18
CA GLU B 172 19.19 -32.32 -41.53
C GLU B 172 19.17 -32.16 -40.01
N HIS B 173 19.33 -30.92 -39.53
CA HIS B 173 19.29 -30.69 -38.08
C HIS B 173 17.94 -31.05 -37.49
N ALA B 174 16.86 -30.67 -38.15
CA ALA B 174 15.53 -31.00 -37.65
C ALA B 174 15.30 -32.51 -37.66
N ARG B 175 15.77 -33.20 -38.72
CA ARG B 175 15.65 -34.65 -38.75
C ARG B 175 16.41 -35.29 -37.61
N GLU B 176 17.61 -34.77 -37.31
CA GLU B 176 18.41 -35.31 -36.21
C GLU B 176 17.81 -34.97 -34.85
N LEU B 177 17.00 -33.93 -34.75
CA LEU B 177 16.50 -33.48 -33.45
C LEU B 177 15.02 -33.77 -33.21
N ILE B 178 14.16 -33.67 -34.22
CA ILE B 178 12.73 -33.89 -34.02
C ILE B 178 12.47 -35.36 -33.71
N ASN B 179 11.71 -35.61 -32.65
CA ASN B 179 11.38 -36.97 -32.24
C ASN B 179 9.89 -37.25 -32.12
N LYS B 180 9.05 -36.22 -32.02
CA LYS B 180 7.61 -36.45 -31.92
C LYS B 180 7.07 -37.04 -33.21
N GLU B 181 6.15 -38.00 -33.06
CA GLU B 181 5.59 -38.72 -34.20
C GLU B 181 4.20 -38.23 -34.61
N LYS B 182 3.35 -37.87 -33.65
CA LYS B 182 1.98 -37.49 -33.96
C LYS B 182 1.47 -36.53 -32.89
N TRP B 183 1.00 -35.37 -33.32
CA TRP B 183 0.47 -34.35 -32.43
C TRP B 183 -1.05 -34.43 -32.37
N GLU B 184 -1.62 -33.72 -31.39
CA GLU B 184 -3.06 -33.75 -31.20
C GLU B 184 -3.77 -33.12 -32.39
N THR B 185 -5.09 -33.36 -32.46
CA THR B 185 -5.89 -32.86 -33.57
C THR B 185 -6.05 -31.35 -33.53
N VAL B 186 -5.72 -30.70 -32.41
CA VAL B 186 -5.76 -29.26 -32.30
C VAL B 186 -4.38 -28.63 -32.24
N PHE B 187 -3.33 -29.42 -32.05
CA PHE B 187 -1.95 -28.94 -32.04
C PHE B 187 -1.16 -29.53 -33.20
N SER B 188 -1.82 -29.76 -34.34
CA SER B 188 -1.19 -30.42 -35.47
C SER B 188 -0.29 -29.49 -36.28
N TYR B 189 -0.34 -28.18 -36.03
CA TYR B 189 0.50 -27.26 -36.78
C TYR B 189 1.98 -27.43 -36.46
N ARG B 190 2.31 -28.06 -35.34
CA ARG B 190 3.70 -28.27 -34.97
C ARG B 190 4.32 -29.37 -35.82
N PHE B 191 5.59 -29.21 -36.15
CA PHE B 191 6.27 -30.14 -37.05
C PHE B 191 6.57 -31.45 -36.35
N ASN B 192 6.71 -32.51 -37.15
CA ASN B 192 7.07 -33.84 -36.67
C ASN B 192 7.99 -34.48 -37.71
N VAL B 193 8.28 -35.77 -37.52
CA VAL B 193 9.19 -36.46 -38.43
C VAL B 193 8.60 -36.52 -39.84
N LEU B 194 7.30 -36.80 -39.94
CA LEU B 194 6.63 -36.78 -41.23
C LEU B 194 6.75 -35.41 -41.88
N SER B 195 6.63 -34.35 -41.09
CA SER B 195 6.81 -33.00 -41.62
C SER B 195 8.24 -32.81 -42.14
N VAL B 196 9.23 -33.31 -41.41
CA VAL B 196 10.62 -33.20 -41.86
C VAL B 196 10.77 -33.86 -43.22
N ASP B 197 10.30 -35.10 -43.35
CA ASP B 197 10.50 -35.82 -44.61
C ASP B 197 9.70 -35.19 -45.74
N ALA B 198 8.47 -34.75 -45.48
CA ALA B 198 7.65 -34.13 -46.51
C ALA B 198 8.26 -32.84 -47.01
N LEU B 199 8.75 -31.99 -46.10
CA LEU B 199 9.33 -30.72 -46.54
C LEU B 199 10.68 -30.94 -47.20
N GLN B 200 11.43 -31.98 -46.79
CA GLN B 200 12.64 -32.34 -47.52
C GLN B 200 12.30 -32.78 -48.95
N SER B 201 11.23 -33.56 -49.11
CA SER B 201 10.79 -33.95 -50.44
C SER B 201 10.43 -32.73 -51.28
N ARG B 202 9.68 -31.79 -50.70
CA ARG B 202 9.30 -30.59 -51.44
C ARG B 202 10.52 -29.76 -51.82
N VAL B 203 11.48 -29.62 -50.90
CA VAL B 203 12.69 -28.87 -51.19
C VAL B 203 13.49 -29.54 -52.30
N SER B 204 13.61 -30.86 -52.25
CA SER B 204 14.34 -31.57 -53.30
C SER B 204 13.64 -31.47 -54.65
N LEU B 205 12.30 -31.47 -54.65
CA LEU B 205 11.56 -31.36 -55.90
C LEU B 205 11.71 -29.97 -56.50
N TYR B 206 11.55 -28.92 -55.69
CA TYR B 206 11.75 -27.57 -56.19
C TYR B 206 13.20 -27.34 -56.61
N MET B 207 14.14 -28.03 -55.95
CA MET B 207 15.56 -27.91 -56.28
C MET B 207 15.95 -28.77 -57.47
N GLY B 208 15.09 -29.71 -57.88
CA GLY B 208 15.43 -30.62 -58.95
C GLY B 208 16.19 -31.86 -58.53
N ALA B 209 16.19 -32.19 -57.25
CA ALA B 209 16.87 -33.39 -56.75
C ALA B 209 15.86 -34.54 -56.75
N TRP B 210 15.76 -35.20 -57.90
CA TRP B 210 14.79 -36.29 -58.05
C TRP B 210 15.05 -37.47 -57.11
N PRO B 211 16.28 -37.99 -56.96
CA PRO B 211 16.46 -39.13 -56.04
C PRO B 211 16.10 -38.82 -54.59
N LYS B 212 16.53 -37.66 -54.08
CA LYS B 212 16.21 -37.30 -52.71
C LYS B 212 14.72 -37.09 -52.53
N CYS B 213 14.06 -36.45 -53.50
CA CYS B 213 12.62 -36.25 -53.42
C CYS B 213 11.89 -37.60 -53.42
N LEU B 214 12.33 -38.53 -54.27
CA LEU B 214 11.71 -39.85 -54.30
C LEU B 214 11.91 -40.58 -52.97
N GLU B 215 13.12 -40.51 -52.42
CA GLU B 215 13.38 -41.18 -51.15
C GLU B 215 12.50 -40.62 -50.04
N SER B 216 12.41 -39.30 -49.94
CA SER B 216 11.60 -38.69 -48.90
C SER B 216 10.12 -39.00 -49.09
N ALA B 217 9.64 -38.94 -50.34
CA ALA B 217 8.23 -39.26 -50.59
C ALA B 217 7.91 -40.70 -50.26
N GLU B 218 8.82 -41.63 -50.61
CA GLU B 218 8.61 -43.03 -50.29
C GLU B 218 8.62 -43.24 -48.78
N ALA B 219 9.50 -42.54 -48.06
CA ALA B 219 9.51 -42.66 -46.61
C ALA B 219 8.20 -42.17 -46.01
N VAL B 220 7.69 -41.03 -46.49
CA VAL B 220 6.42 -40.53 -45.98
C VAL B 220 5.29 -41.51 -46.27
N LEU B 221 5.25 -42.03 -47.51
CA LEU B 221 4.17 -42.94 -47.90
C LEU B 221 4.22 -44.23 -47.10
N ALA B 222 5.42 -44.77 -46.88
CA ALA B 222 5.55 -45.98 -46.06
C ALA B 222 5.11 -45.70 -44.63
N LYS B 223 5.50 -44.55 -44.07
CA LYS B 223 5.07 -44.22 -42.72
C LYS B 223 3.59 -43.84 -42.67
N LYS B 224 3.09 -43.18 -43.70
CA LYS B 224 1.69 -42.72 -43.70
C LYS B 224 1.22 -42.62 -45.14
N SER B 225 0.24 -43.45 -45.52
CA SER B 225 -0.32 -43.42 -46.87
C SER B 225 -1.84 -43.45 -46.91
N VAL B 226 -2.52 -43.38 -45.78
CA VAL B 226 -3.98 -43.44 -45.77
C VAL B 226 -4.54 -42.20 -46.48
N LEU B 227 -5.39 -42.42 -47.47
CA LEU B 227 -5.91 -41.36 -48.31
C LEU B 227 -7.42 -41.21 -48.10
N VAL B 228 -7.91 -39.99 -48.33
CA VAL B 228 -9.33 -39.70 -48.27
C VAL B 228 -9.95 -39.99 -49.63
N ASP B 229 -11.09 -40.66 -49.62
CA ASP B 229 -11.78 -41.06 -50.84
C ASP B 229 -12.80 -39.99 -51.24
N MET B 230 -12.78 -39.62 -52.53
CA MET B 230 -13.82 -38.74 -53.08
C MET B 230 -15.12 -39.52 -53.17
N ASN B 231 -15.90 -39.43 -52.09
CA ASN B 231 -17.25 -39.99 -52.02
C ASN B 231 -18.28 -38.92 -51.67
N GLU B 232 -17.95 -38.02 -50.77
CA GLU B 232 -18.84 -36.93 -50.36
C GLU B 232 -18.08 -35.61 -50.44
N THR B 233 -18.84 -34.51 -50.44
CA THR B 233 -18.20 -33.20 -50.52
C THR B 233 -17.33 -32.88 -49.30
N PRO B 234 -17.77 -33.06 -48.04
CA PRO B 234 -16.84 -32.85 -46.92
C PRO B 234 -16.13 -34.13 -46.52
N LEU B 235 -15.29 -34.64 -47.43
CA LEU B 235 -14.66 -35.95 -47.26
C LEU B 235 -13.39 -35.78 -46.42
N ALA B 236 -13.57 -35.14 -45.27
CA ALA B 236 -12.40 -34.70 -44.49
C ALA B 236 -11.38 -34.09 -45.44
N LEU B 237 -11.78 -32.98 -46.06
CA LEU B 237 -11.14 -32.29 -47.17
C LEU B 237 -9.61 -32.20 -47.06
N PRO B 238 -8.88 -32.52 -48.13
CA PRO B 238 -7.42 -32.71 -48.03
C PRO B 238 -6.70 -31.62 -47.25
N ASN B 239 -7.16 -30.38 -47.35
CA ASN B 239 -6.56 -29.29 -46.59
C ASN B 239 -7.22 -29.05 -45.25
N HIS B 240 -8.22 -29.85 -44.88
CA HIS B 240 -8.83 -29.72 -43.56
C HIS B 240 -7.85 -30.14 -42.48
N PHE B 241 -7.88 -29.44 -41.34
CA PHE B 241 -7.00 -29.77 -40.24
C PHE B 241 -7.42 -31.02 -39.49
N GLU B 242 -8.70 -31.39 -39.56
CA GLU B 242 -9.20 -32.62 -38.97
C GLU B 242 -9.07 -33.83 -39.89
N SER B 243 -8.57 -33.62 -41.11
CA SER B 243 -8.48 -34.70 -42.07
C SER B 243 -7.43 -35.73 -41.67
N VAL B 244 -7.60 -36.94 -42.19
CA VAL B 244 -6.61 -37.99 -41.99
C VAL B 244 -5.46 -37.90 -42.99
N GLU B 245 -5.49 -36.89 -43.87
CA GLU B 245 -4.45 -36.71 -44.87
C GLU B 245 -3.48 -35.59 -44.52
N SER B 246 -3.89 -34.61 -43.71
CA SER B 246 -3.05 -33.48 -43.39
C SER B 246 -1.93 -33.90 -42.45
N ILE B 247 -0.69 -33.70 -42.89
CA ILE B 247 0.46 -34.00 -42.04
C ILE B 247 0.72 -32.86 -41.06
N THR B 248 0.80 -31.63 -41.58
CA THR B 248 1.06 -30.44 -40.77
C THR B 248 0.04 -29.37 -41.16
N ALA B 249 -0.91 -29.09 -40.28
CA ALA B 249 -1.94 -28.08 -40.53
C ALA B 249 -1.49 -26.74 -39.93
N LEU B 250 -0.47 -26.16 -40.56
CA LEU B 250 0.17 -24.95 -40.04
C LEU B 250 -0.30 -23.70 -40.78
N GLU B 251 -0.13 -23.66 -42.10
CA GLU B 251 -0.31 -22.44 -42.88
C GLU B 251 -1.71 -22.41 -43.47
N GLN B 252 -2.51 -21.45 -43.04
CA GLN B 252 -3.79 -21.14 -43.69
C GLN B 252 -3.45 -20.29 -44.90
N VAL B 253 -3.37 -20.93 -46.07
CA VAL B 253 -2.74 -20.31 -47.23
C VAL B 253 -3.50 -19.06 -47.66
N MET B 254 -4.82 -19.13 -47.70
CA MET B 254 -5.65 -18.02 -48.11
C MET B 254 -6.35 -17.39 -46.91
N GLY B 255 -6.21 -16.07 -46.78
CA GLY B 255 -6.91 -15.35 -45.74
C GLY B 255 -8.37 -15.13 -46.07
N SER B 256 -9.08 -14.53 -45.13
CA SER B 256 -10.49 -14.24 -45.34
C SER B 256 -10.68 -13.26 -46.50
N SER B 257 -9.93 -12.16 -46.48
CA SER B 257 -10.08 -11.15 -47.53
C SER B 257 -9.64 -11.66 -48.88
N VAL B 258 -8.55 -12.41 -48.93
CA VAL B 258 -8.03 -12.89 -50.21
C VAL B 258 -9.00 -13.88 -50.85
N ASN B 259 -9.53 -14.82 -50.06
CA ASN B 259 -10.43 -15.83 -50.61
C ASN B 259 -11.80 -15.24 -50.91
N ASN B 260 -12.29 -14.33 -50.06
CA ASN B 260 -13.61 -13.76 -50.26
C ASN B 260 -13.67 -12.80 -51.45
N ALA B 261 -12.54 -12.40 -52.00
CA ALA B 261 -12.49 -11.42 -53.07
C ALA B 261 -12.07 -12.00 -54.41
N VAL B 262 -11.86 -13.32 -54.49
CA VAL B 262 -11.46 -13.97 -55.73
C VAL B 262 -12.33 -15.19 -55.97
N TRP B 263 -12.42 -15.58 -57.24
CA TRP B 263 -13.10 -16.81 -57.63
C TRP B 263 -12.39 -17.41 -58.83
N VAL B 264 -12.52 -18.73 -58.97
CA VAL B 264 -11.85 -19.50 -60.07
C VAL B 264 -12.43 -19.11 -61.43
N PRO B 265 -11.59 -18.80 -62.44
CA PRO B 265 -12.07 -18.44 -63.78
C PRO B 265 -12.46 -19.71 -64.55
N ALA B 266 -13.20 -19.53 -65.65
CA ALA B 266 -13.64 -20.66 -66.47
C ALA B 266 -12.47 -21.41 -67.09
N THR B 267 -11.38 -20.70 -67.40
CA THR B 267 -10.25 -21.32 -68.10
C THR B 267 -9.63 -22.44 -67.26
N PHE B 268 -9.32 -22.14 -66.00
CA PHE B 268 -8.73 -23.16 -65.14
C PHE B 268 -9.76 -24.19 -64.69
N LEU B 269 -11.00 -23.75 -64.45
CA LEU B 269 -12.05 -24.66 -64.03
C LEU B 269 -12.44 -25.65 -65.11
N ALA B 270 -12.15 -25.35 -66.38
CA ALA B 270 -12.42 -26.30 -67.45
C ALA B 270 -11.59 -27.56 -67.33
N LEU B 271 -10.49 -27.52 -66.58
CA LEU B 271 -9.66 -28.70 -66.36
C LEU B 271 -10.36 -29.75 -65.50
N TYR B 272 -11.40 -29.37 -64.78
CA TYR B 272 -12.16 -30.30 -63.93
C TYR B 272 -13.30 -30.90 -64.75
N GLN B 273 -12.92 -31.75 -65.70
CA GLN B 273 -13.87 -32.38 -66.61
C GLN B 273 -14.58 -33.54 -65.92
N GLU B 274 -15.74 -33.90 -66.48
CA GLU B 274 -16.68 -34.81 -65.83
C GLU B 274 -16.07 -36.17 -65.54
N GLY B 275 -16.39 -36.72 -64.38
CA GLY B 275 -15.79 -37.94 -63.89
C GLY B 275 -15.08 -37.80 -62.57
N ASP B 276 -14.90 -36.59 -62.07
CA ASP B 276 -14.31 -36.33 -60.77
C ASP B 276 -15.30 -35.62 -59.85
N LYS B 277 -15.07 -35.76 -58.55
CA LYS B 277 -15.86 -35.05 -57.55
C LYS B 277 -15.09 -33.90 -56.91
N ARG B 278 -13.91 -33.57 -57.44
CA ARG B 278 -13.15 -32.43 -56.94
C ARG B 278 -13.92 -31.12 -57.14
N LEU B 279 -14.56 -30.98 -58.30
CA LEU B 279 -15.25 -29.73 -58.62
C LEU B 279 -16.40 -29.46 -57.65
N ALA B 280 -17.22 -30.48 -57.38
CA ALA B 280 -18.38 -30.32 -56.52
C ALA B 280 -18.01 -30.09 -55.07
N ALA B 281 -16.80 -30.45 -54.65
CA ALA B 281 -16.37 -30.32 -53.26
C ALA B 281 -15.56 -29.05 -53.01
N TYR B 282 -14.61 -28.74 -53.89
CA TYR B 282 -13.74 -27.59 -53.66
C TYR B 282 -14.50 -26.28 -53.70
N PHE B 283 -15.41 -26.12 -54.65
CA PHE B 283 -16.05 -24.86 -54.93
C PHE B 283 -17.56 -24.95 -54.74
N ALA B 284 -18.18 -23.83 -54.42
CA ALA B 284 -19.62 -23.74 -54.29
C ALA B 284 -20.26 -23.68 -55.68
N ALA B 285 -21.59 -23.66 -55.70
CA ALA B 285 -22.32 -23.58 -56.97
C ALA B 285 -22.04 -22.25 -57.66
N PRO B 286 -22.06 -22.22 -58.99
CA PRO B 286 -21.82 -20.96 -59.70
C PRO B 286 -22.87 -19.93 -59.36
N ASP B 287 -22.46 -18.66 -59.38
CA ASP B 287 -23.34 -17.56 -59.04
C ASP B 287 -24.12 -17.14 -60.28
N GLU B 288 -24.94 -16.09 -60.16
CA GLU B 288 -25.79 -15.67 -61.27
C GLU B 288 -24.98 -15.33 -62.51
N ASN B 289 -23.74 -14.85 -62.33
CA ASN B 289 -22.88 -14.49 -63.45
C ASN B 289 -22.04 -15.67 -63.95
N GLY B 290 -22.08 -16.81 -63.28
CA GLY B 290 -21.36 -17.98 -63.73
C GLY B 290 -19.97 -18.16 -63.18
N ASN B 291 -19.60 -17.44 -62.11
CA ASN B 291 -18.29 -17.55 -61.51
C ASN B 291 -18.37 -18.36 -60.23
N ARG B 292 -17.54 -19.40 -60.13
CA ARG B 292 -17.56 -20.31 -59.00
C ARG B 292 -16.62 -19.79 -57.92
N LYS B 293 -17.19 -19.39 -56.77
CA LYS B 293 -16.40 -18.95 -55.63
C LYS B 293 -16.04 -20.18 -54.79
N SER B 294 -14.73 -20.37 -54.57
CA SER B 294 -14.26 -21.55 -53.88
C SER B 294 -14.62 -21.51 -52.39
N SER B 295 -14.88 -22.69 -51.83
CA SER B 295 -15.11 -22.86 -50.41
C SER B 295 -14.04 -23.74 -49.78
N LYS B 296 -12.85 -23.76 -50.39
CA LYS B 296 -11.75 -24.60 -49.95
C LYS B 296 -10.82 -23.90 -48.97
N GLY B 297 -11.14 -22.68 -48.56
CA GLY B 297 -10.29 -21.96 -47.65
C GLY B 297 -10.93 -20.66 -47.20
N GLY B 298 -10.08 -19.74 -46.75
CA GLY B 298 -10.53 -18.45 -46.28
C GLY B 298 -10.87 -18.37 -44.82
N LYS B 299 -10.82 -19.48 -44.09
CA LYS B 299 -11.09 -19.49 -42.66
C LYS B 299 -10.03 -20.32 -41.96
N ARG B 300 -9.92 -20.12 -40.65
CA ARG B 300 -8.86 -20.73 -39.86
C ARG B 300 -8.92 -22.25 -39.88
N GLU B 301 -10.07 -22.84 -40.19
CA GLU B 301 -10.21 -24.30 -40.10
C GLU B 301 -9.61 -25.01 -41.31
N PHE B 302 -9.34 -24.30 -42.40
CA PHE B 302 -8.78 -24.88 -43.62
C PHE B 302 -7.26 -24.70 -43.71
N SER B 303 -6.57 -24.63 -42.59
CA SER B 303 -5.13 -24.48 -42.60
C SER B 303 -4.47 -25.81 -42.92
N CYS B 304 -3.51 -25.79 -43.84
CA CYS B 304 -2.78 -27.00 -44.20
C CYS B 304 -1.47 -26.61 -44.88
N THR B 305 -0.41 -27.34 -44.56
CA THR B 305 0.89 -27.11 -45.18
C THR B 305 1.39 -28.34 -45.93
N PHE B 306 1.33 -29.52 -45.31
CA PHE B 306 1.72 -30.76 -45.96
C PHE B 306 0.57 -31.76 -45.88
N ARG B 307 0.45 -32.60 -46.90
CA ARG B 307 -0.53 -33.68 -46.88
C ARG B 307 -0.08 -34.77 -47.85
N VAL B 308 -0.70 -35.94 -47.72
CA VAL B 308 -0.24 -37.13 -48.43
C VAL B 308 -0.41 -36.98 -49.94
N GLY B 309 -1.45 -36.28 -50.38
CA GLY B 309 -1.64 -36.11 -51.82
C GLY B 309 -0.48 -35.39 -52.48
N GLU B 310 -0.01 -34.31 -51.86
CA GLU B 310 1.17 -33.62 -52.39
C GLU B 310 2.36 -34.56 -52.47
N LEU B 311 2.51 -35.44 -51.49
CA LEU B 311 3.58 -36.42 -51.53
C LEU B 311 3.40 -37.38 -52.70
N TYR B 312 2.16 -37.74 -53.02
CA TYR B 312 1.90 -38.61 -54.17
C TYR B 312 2.31 -37.92 -55.47
N LEU B 313 1.96 -36.64 -55.63
CA LEU B 313 2.39 -35.91 -56.81
C LEU B 313 3.91 -35.78 -56.87
N ASN B 314 4.55 -35.52 -55.72
CA ASN B 314 6.01 -35.40 -55.72
C ASN B 314 6.66 -36.72 -56.12
N ALA B 315 6.17 -37.84 -55.59
CA ALA B 315 6.71 -39.14 -55.95
C ALA B 315 6.51 -39.44 -57.43
N ALA B 316 5.32 -39.14 -57.95
CA ALA B 316 5.05 -39.39 -59.37
C ALA B 316 5.99 -38.57 -60.25
N GLU B 317 6.13 -37.27 -59.94
CA GLU B 317 6.99 -36.42 -60.74
C GLU B 317 8.45 -36.86 -60.66
N ALA B 318 8.92 -37.20 -59.45
CA ALA B 318 10.31 -37.63 -59.30
C ALA B 318 10.57 -38.93 -60.05
N ALA B 319 9.63 -39.88 -59.98
CA ALA B 319 9.81 -41.13 -60.70
C ALA B 319 9.78 -40.90 -62.21
N ALA B 320 8.90 -40.04 -62.68
CA ALA B 320 8.81 -39.80 -64.13
C ALA B 320 10.03 -39.06 -64.66
N ASN B 321 10.60 -38.15 -63.89
CA ASN B 321 11.68 -37.30 -64.38
C ASN B 321 13.00 -38.04 -64.57
N MET B 322 13.13 -39.27 -64.08
CA MET B 322 14.37 -40.02 -64.23
C MET B 322 14.27 -41.43 -64.83
N ASP B 323 13.31 -41.66 -65.71
CA ASP B 323 13.10 -42.90 -66.45
C ASP B 323 12.42 -44.00 -65.62
N LYS B 324 12.04 -43.73 -64.37
CA LYS B 324 11.28 -44.70 -63.58
C LYS B 324 9.80 -44.57 -63.88
N LEU B 325 9.47 -44.85 -65.15
CA LEU B 325 8.10 -44.65 -65.64
C LEU B 325 7.07 -45.51 -64.92
N PRO B 326 7.28 -46.82 -64.71
CA PRO B 326 6.24 -47.61 -64.03
C PRO B 326 5.90 -47.12 -62.63
N HIS B 327 6.90 -46.68 -61.86
CA HIS B 327 6.63 -46.17 -60.52
C HIS B 327 5.78 -44.90 -60.57
N ALA B 328 6.10 -43.99 -61.49
CA ALA B 328 5.29 -42.79 -61.65
C ALA B 328 3.87 -43.13 -62.06
N ARG B 329 3.72 -44.07 -63.00
CA ARG B 329 2.39 -44.48 -63.43
C ARG B 329 1.59 -45.08 -62.28
N MET B 330 2.22 -45.95 -61.50
CA MET B 330 1.51 -46.62 -60.42
C MET B 330 1.11 -45.62 -59.32
N ARG B 331 2.01 -44.68 -58.98
CA ARG B 331 1.67 -43.67 -57.97
C ARG B 331 0.55 -42.76 -58.46
N LEU B 332 0.65 -42.27 -59.70
CA LEU B 332 -0.37 -41.41 -60.26
C LEU B 332 -1.72 -42.12 -60.34
N LEU B 333 -1.73 -43.39 -60.75
CA LEU B 333 -3.00 -44.09 -60.88
C LEU B 333 -3.58 -44.46 -59.52
N GLU B 334 -2.74 -44.73 -58.52
CA GLU B 334 -3.25 -44.91 -57.17
C GLU B 334 -3.90 -43.63 -56.65
N LEU B 335 -3.27 -42.48 -56.89
CA LEU B 335 -3.89 -41.23 -56.48
C LEU B 335 -5.19 -40.97 -57.22
N MET B 336 -5.22 -41.29 -58.52
CA MET B 336 -6.40 -41.04 -59.32
C MET B 336 -7.54 -41.99 -58.96
N ARG B 337 -7.23 -43.20 -58.50
CA ARG B 337 -8.27 -44.16 -58.13
C ARG B 337 -9.14 -43.62 -57.01
N LYS B 338 -8.51 -43.02 -55.99
CA LYS B 338 -9.22 -42.54 -54.82
C LYS B 338 -9.92 -41.22 -55.06
N ARG B 339 -9.75 -40.60 -56.24
CA ARG B 339 -10.28 -39.27 -56.49
C ARG B 339 -11.17 -39.18 -57.72
N TYR B 340 -11.41 -40.29 -58.43
CA TYR B 340 -12.15 -40.25 -59.68
C TYR B 340 -13.17 -41.38 -59.71
N THR B 341 -14.20 -41.20 -60.54
CA THR B 341 -15.21 -42.22 -60.74
C THR B 341 -14.62 -43.42 -61.47
N PRO B 342 -15.21 -44.62 -61.28
CA PRO B 342 -14.63 -45.82 -61.91
C PRO B 342 -14.50 -45.74 -63.42
N GLU B 343 -15.47 -45.15 -64.12
CA GLU B 343 -15.37 -45.03 -65.57
C GLU B 343 -14.27 -44.04 -65.95
N ALA B 344 -14.24 -42.88 -65.30
CA ALA B 344 -13.15 -41.94 -65.51
C ALA B 344 -11.81 -42.55 -65.08
N TYR B 345 -11.84 -43.34 -64.00
CA TYR B 345 -10.61 -44.03 -63.56
C TYR B 345 -10.10 -44.94 -64.68
N ALA B 346 -10.99 -45.70 -65.31
CA ALA B 346 -10.57 -46.64 -66.35
C ALA B 346 -10.07 -45.90 -67.58
N LYS B 347 -10.76 -44.84 -68.00
CA LYS B 347 -10.30 -44.10 -69.17
C LYS B 347 -8.96 -43.43 -68.90
N LYS B 348 -8.76 -42.93 -67.67
CA LYS B 348 -7.48 -42.33 -67.32
C LYS B 348 -6.39 -43.38 -67.24
N GLU B 349 -6.72 -44.59 -66.79
CA GLU B 349 -5.77 -45.70 -66.81
C GLU B 349 -5.32 -46.00 -68.23
N ASN B 350 -6.28 -46.08 -69.16
CA ASN B 350 -5.95 -46.34 -70.55
C ASN B 350 -5.09 -45.23 -71.12
N ALA B 351 -5.40 -43.98 -70.79
CA ALA B 351 -4.60 -42.86 -71.29
C ALA B 351 -3.19 -42.89 -70.73
N VAL B 352 -3.06 -43.15 -69.42
CA VAL B 352 -1.75 -43.08 -68.77
C VAL B 352 -0.86 -44.23 -69.22
N ASN B 353 -1.43 -45.42 -69.39
CA ASN B 353 -0.62 -46.57 -69.74
C ASN B 353 -0.06 -46.50 -71.17
N VAL B 354 -0.50 -45.55 -71.98
CA VAL B 354 -0.08 -45.45 -73.37
C VAL B 354 0.68 -44.17 -73.68
N MET B 355 0.83 -43.28 -72.69
CA MET B 355 1.54 -42.03 -72.92
C MET B 355 3.00 -42.15 -72.51
N ASP B 356 3.86 -41.43 -73.22
CA ASP B 356 5.30 -41.49 -73.05
C ASP B 356 5.76 -40.55 -71.95
N LYS B 357 7.07 -40.33 -71.89
CA LYS B 357 7.68 -39.57 -70.81
C LYS B 357 7.13 -38.14 -70.73
N ASN B 358 7.18 -37.40 -71.85
CA ASN B 358 6.75 -36.01 -71.83
C ASN B 358 5.26 -35.88 -71.55
N ALA B 359 4.44 -36.73 -72.18
CA ALA B 359 3.00 -36.69 -71.95
C ALA B 359 2.67 -37.04 -70.50
N LEU B 360 3.33 -38.04 -69.94
CA LEU B 360 3.10 -38.39 -68.55
C LEU B 360 3.51 -37.28 -67.61
N ILE B 361 4.63 -36.60 -67.90
CA ILE B 361 5.06 -35.49 -67.07
C ILE B 361 4.05 -34.35 -67.13
N SER B 362 3.56 -34.05 -68.34
CA SER B 362 2.54 -33.01 -68.48
C SER B 362 1.28 -33.38 -67.72
N GLU B 363 0.89 -34.66 -67.76
CA GLU B 363 -0.27 -35.10 -66.98
C GLU B 363 -0.01 -34.95 -65.49
N ILE B 364 1.23 -35.21 -65.04
CA ILE B 364 1.55 -35.06 -63.63
C ILE B 364 1.42 -33.61 -63.20
N LEU B 365 1.94 -32.68 -64.00
CA LEU B 365 1.78 -31.26 -63.67
C LEU B 365 0.31 -30.84 -63.71
N ASN B 366 -0.45 -31.37 -64.68
CA ASN B 366 -1.87 -31.05 -64.72
C ASN B 366 -2.60 -31.55 -63.48
N GLU B 367 -2.25 -32.74 -63.00
CA GLU B 367 -2.86 -33.26 -61.78
C GLU B 367 -2.39 -32.48 -60.57
N ARG B 368 -1.15 -31.98 -60.58
CA ARG B 368 -0.70 -31.10 -59.52
C ARG B 368 -1.54 -29.84 -59.46
N ALA B 369 -1.82 -29.25 -60.63
CA ALA B 369 -2.70 -28.09 -60.68
C ALA B 369 -4.11 -28.44 -60.21
N ARG B 370 -4.59 -29.63 -60.56
CA ARG B 370 -5.94 -30.03 -60.21
C ARG B 370 -6.09 -30.24 -58.70
N GLU B 371 -5.16 -30.98 -58.10
CA GLU B 371 -5.32 -31.38 -56.71
C GLU B 371 -5.07 -30.22 -55.76
N LEU B 372 -4.05 -29.41 -56.03
CA LEU B 372 -3.62 -28.36 -55.12
C LEU B 372 -4.26 -27.01 -55.43
N ALA B 373 -5.45 -27.00 -56.00
CA ALA B 373 -6.15 -25.74 -56.25
C ALA B 373 -6.49 -25.06 -54.93
N PHE B 374 -6.24 -23.76 -54.87
CA PHE B 374 -6.48 -22.96 -53.67
C PHE B 374 -5.71 -23.50 -52.46
N GLU B 375 -4.50 -24.01 -52.71
CA GLU B 375 -3.65 -24.50 -51.65
C GLU B 375 -2.27 -23.87 -51.62
N GLY B 376 -1.99 -22.90 -52.49
CA GLY B 376 -0.71 -22.23 -52.47
C GLY B 376 0.40 -22.90 -53.24
N HIS B 377 0.06 -23.73 -54.23
CA HIS B 377 1.06 -24.43 -55.01
C HIS B 377 1.07 -24.09 -56.50
N ARG B 378 0.03 -23.41 -57.00
CA ARG B 378 -0.09 -23.21 -58.44
C ARG B 378 1.04 -22.34 -58.99
N TRP B 379 1.26 -21.19 -58.36
CA TRP B 379 2.25 -20.23 -58.86
C TRP B 379 3.65 -20.86 -58.88
N PHE B 380 4.03 -21.53 -57.78
CA PHE B 380 5.35 -22.14 -57.72
C PHE B 380 5.45 -23.35 -58.63
N ASP B 381 4.33 -24.04 -58.88
CA ASP B 381 4.34 -25.14 -59.84
C ASP B 381 4.63 -24.63 -61.25
N LEU B 382 4.00 -23.53 -61.65
CA LEU B 382 4.34 -22.94 -62.95
C LEU B 382 5.77 -22.43 -62.96
N ARG B 383 6.20 -21.81 -61.86
CA ARG B 383 7.49 -21.11 -61.85
C ARG B 383 8.67 -22.07 -61.79
N ARG B 384 8.49 -23.27 -61.23
CA ARG B 384 9.64 -24.14 -60.99
C ARG B 384 10.01 -24.99 -62.21
N THR B 385 9.01 -25.50 -62.94
CA THR B 385 9.27 -26.51 -63.97
C THR B 385 9.40 -26.04 -65.41
N THR B 386 8.43 -25.26 -65.89
CA THR B 386 8.43 -24.85 -67.30
C THR B 386 8.41 -23.35 -67.49
N ARG B 387 7.87 -22.59 -66.54
CA ARG B 387 7.70 -21.15 -66.66
C ARG B 387 6.96 -20.81 -67.94
N PRO B 388 5.74 -21.31 -68.13
CA PRO B 388 5.07 -21.14 -69.42
C PRO B 388 4.55 -19.72 -69.62
N ARG B 389 4.42 -19.35 -70.89
CA ARG B 389 3.81 -18.07 -71.25
C ARG B 389 2.34 -18.09 -70.89
N MET B 390 1.86 -16.96 -70.37
CA MET B 390 0.47 -16.85 -69.92
C MET B 390 -0.15 -15.58 -70.49
N VAL B 391 -1.45 -15.65 -70.78
CA VAL B 391 -2.21 -14.52 -71.30
C VAL B 391 -3.54 -14.48 -70.56
N LYS B 392 -3.90 -13.30 -70.05
CA LYS B 392 -5.20 -13.16 -69.42
C LYS B 392 -5.83 -11.81 -69.78
N VAL B 393 -7.13 -11.82 -69.99
CA VAL B 393 -7.87 -10.61 -70.36
C VAL B 393 -8.61 -10.11 -69.13
N LEU B 394 -8.23 -8.94 -68.64
CA LEU B 394 -8.85 -8.32 -67.49
C LEU B 394 -9.31 -6.91 -67.88
N GLN B 395 -10.60 -6.63 -67.64
CA GLN B 395 -11.17 -5.31 -67.89
C GLN B 395 -10.98 -4.88 -69.34
N GLY B 396 -11.01 -5.83 -70.27
CA GLY B 396 -10.83 -5.53 -71.67
C GLY B 396 -9.39 -5.36 -72.11
N LYS B 397 -8.43 -5.50 -71.21
CA LYS B 397 -7.01 -5.36 -71.53
C LYS B 397 -6.34 -6.72 -71.44
N THR B 398 -5.55 -7.07 -72.46
CA THR B 398 -4.84 -8.34 -72.50
C THR B 398 -3.47 -8.16 -71.88
N TYR B 399 -3.19 -8.93 -70.82
CA TYR B 399 -1.91 -8.91 -70.14
C TYR B 399 -1.17 -10.21 -70.43
N ILE B 400 0.09 -10.07 -70.84
CA ILE B 400 0.92 -11.20 -71.29
C ILE B 400 2.12 -11.30 -70.36
N LEU B 401 2.36 -12.51 -69.86
CA LEU B 401 3.57 -12.84 -69.12
C LEU B 401 4.38 -13.81 -69.97
N GLU B 402 5.54 -13.36 -70.44
CA GLU B 402 6.32 -14.11 -71.41
C GLU B 402 6.96 -15.34 -70.77
N GLN B 403 7.50 -16.20 -71.62
CA GLN B 403 8.26 -17.35 -71.14
C GLN B 403 9.57 -16.89 -70.53
N ASP B 404 9.93 -17.50 -69.39
CA ASP B 404 11.11 -17.10 -68.62
C ASP B 404 11.05 -15.61 -68.27
N ASP B 405 9.85 -15.15 -67.91
CA ASP B 405 9.65 -13.74 -67.61
C ASP B 405 10.37 -13.37 -66.32
N PRO B 406 11.02 -12.20 -66.26
CA PRO B 406 11.54 -11.72 -64.98
C PRO B 406 10.47 -11.48 -63.92
N ARG B 407 9.20 -11.41 -64.31
CA ARG B 407 8.11 -11.21 -63.38
C ARG B 407 7.67 -12.50 -62.70
N TYR B 408 8.28 -13.64 -63.03
CA TYR B 408 7.99 -14.88 -62.32
C TYR B 408 8.45 -14.83 -60.87
N THR B 409 9.32 -13.90 -60.51
CA THR B 409 9.75 -13.70 -59.13
C THR B 409 9.23 -12.36 -58.65
N ILE B 410 8.51 -12.37 -57.54
CA ILE B 410 7.96 -11.12 -57.00
C ILE B 410 9.12 -10.26 -56.49
N PRO B 411 9.15 -8.96 -56.84
CA PRO B 411 10.20 -8.10 -56.29
C PRO B 411 10.04 -7.95 -54.78
N ILE B 412 11.16 -7.68 -54.12
CA ILE B 412 11.16 -7.53 -52.66
C ILE B 412 10.25 -6.36 -52.28
N PRO B 413 9.43 -6.50 -51.24
CA PRO B 413 8.47 -5.43 -50.92
C PRO B 413 9.15 -4.09 -50.68
N ARG B 414 8.38 -3.02 -50.88
CA ARG B 414 8.93 -1.67 -50.77
C ARG B 414 9.34 -1.34 -49.34
N ASP B 415 8.64 -1.89 -48.34
CA ASP B 415 9.01 -1.64 -46.95
C ASP B 415 10.38 -2.20 -46.64
N ALA B 416 10.67 -3.40 -47.13
CA ALA B 416 11.99 -4.00 -46.91
C ALA B 416 13.08 -3.19 -47.58
N ILE B 417 12.82 -2.69 -48.78
CA ILE B 417 13.79 -1.86 -49.49
C ILE B 417 14.03 -0.56 -48.73
N ALA B 418 12.96 0.07 -48.23
CA ALA B 418 13.10 1.31 -47.48
C ALA B 418 13.89 1.10 -46.20
N ALA B 419 13.60 0.03 -45.47
CA ALA B 419 14.33 -0.24 -44.23
C ALA B 419 15.77 -0.63 -44.52
N ASN B 420 15.99 -1.46 -45.55
CA ASN B 420 17.33 -1.91 -45.92
C ASN B 420 17.59 -1.49 -47.37
N PRO B 421 18.25 -0.35 -47.58
CA PRO B 421 18.45 0.13 -48.97
C PRO B 421 19.32 -0.79 -49.82
N GLY B 422 20.09 -1.69 -49.22
CA GLY B 422 20.95 -2.59 -49.96
C GLY B 422 20.27 -3.80 -50.55
N LEU B 423 18.96 -3.87 -50.49
CA LEU B 423 18.23 -5.01 -51.05
C LEU B 423 17.89 -4.79 -52.52
N ASP C 1 26.38 -3.45 42.57
CA ASP C 1 27.43 -2.48 42.86
C ASP C 1 27.03 -1.63 44.07
N ALA C 2 27.47 -0.37 44.06
CA ALA C 2 27.14 0.58 45.11
C ALA C 2 26.05 1.56 44.68
N VAL C 3 25.56 1.47 43.44
CA VAL C 3 24.52 2.36 42.94
C VAL C 3 23.47 1.55 42.20
N VAL C 4 22.28 2.13 42.11
CA VAL C 4 21.14 1.55 41.40
C VAL C 4 20.61 2.61 40.44
N VAL C 5 20.37 2.21 39.20
CA VAL C 5 19.78 3.09 38.19
C VAL C 5 18.30 2.76 38.10
N THR C 6 17.45 3.76 38.33
CA THR C 6 16.01 3.60 38.24
C THR C 6 15.41 4.22 37.00
N GLY C 7 16.24 4.75 36.09
CA GLY C 7 15.77 5.43 34.92
C GLY C 7 15.62 6.93 35.08
N TYR C 8 15.55 7.42 36.32
CA TYR C 8 15.48 8.84 36.61
C TYR C 8 16.60 9.32 37.51
N GLN C 9 17.04 8.49 38.46
CA GLN C 9 18.07 8.88 39.41
C GLN C 9 19.06 7.73 39.58
N THR C 10 20.12 8.01 40.32
CA THR C 10 21.09 7.01 40.75
C THR C 10 21.07 6.98 42.28
N VAL C 11 20.63 5.86 42.84
CA VAL C 11 20.38 5.73 44.27
C VAL C 11 21.45 4.84 44.87
N GLU C 12 22.10 5.32 45.93
CA GLU C 12 23.11 4.52 46.62
C GLU C 12 22.47 3.31 47.28
N ARG C 13 23.24 2.21 47.37
CA ARG C 13 22.73 0.99 47.98
C ARG C 13 22.40 1.21 49.45
N ARG C 14 23.25 1.95 50.16
CA ARG C 14 23.02 2.23 51.58
C ARG C 14 21.79 3.10 51.81
N LYS C 15 21.27 3.73 50.77
CA LYS C 15 20.06 4.55 50.87
C LYS C 15 18.96 4.03 49.94
N LEU C 16 18.97 2.73 49.67
CA LEU C 16 17.98 2.11 48.80
C LEU C 16 16.85 1.54 49.65
N THR C 17 15.65 2.10 49.49
CA THR C 17 14.49 1.74 50.28
C THR C 17 13.48 0.92 49.49
N ALA C 18 13.91 0.28 48.41
CA ALA C 18 12.99 -0.38 47.48
C ALA C 18 13.52 -1.75 47.09
N ALA C 19 12.60 -2.58 46.58
CA ALA C 19 12.95 -3.91 46.09
C ALA C 19 13.47 -3.78 44.67
N VAL C 20 14.75 -4.07 44.47
CA VAL C 20 15.41 -3.93 43.18
C VAL C 20 16.23 -5.19 42.92
N GLY C 21 16.09 -5.77 41.73
CA GLY C 21 16.88 -6.92 41.36
C GLY C 21 17.85 -6.63 40.24
N LYS C 22 19.14 -6.81 40.50
CA LYS C 22 20.17 -6.50 39.52
C LYS C 22 20.72 -7.77 38.88
N LEU C 23 21.13 -7.64 37.62
CA LEU C 23 21.77 -8.74 36.90
C LEU C 23 22.87 -8.16 36.03
N ASN C 24 24.11 -8.47 36.37
CA ASN C 24 25.25 -8.05 35.56
C ASN C 24 25.36 -8.97 34.35
N ILE C 25 25.59 -8.37 33.19
CA ILE C 25 25.45 -9.07 31.91
C ILE C 25 26.84 -9.34 31.34
N SER C 26 27.12 -10.61 31.06
CA SER C 26 28.36 -11.03 30.43
C SER C 26 28.16 -12.43 29.89
N ASP C 27 29.20 -12.93 29.22
CA ASP C 27 29.16 -14.30 28.72
C ASP C 27 29.09 -15.29 29.88
N GLU C 28 29.78 -14.99 30.98
CA GLU C 28 29.84 -15.89 32.12
C GLU C 28 28.55 -15.90 32.94
N THR C 29 27.61 -14.99 32.65
CA THR C 29 26.38 -14.88 33.43
C THR C 29 25.15 -15.33 32.67
N ILE C 30 24.91 -14.79 31.47
CA ILE C 30 23.71 -15.10 30.72
C ILE C 30 23.94 -16.09 29.58
N GLY C 31 25.18 -16.29 29.15
CA GLY C 31 25.47 -17.23 28.08
C GLY C 31 25.55 -16.58 26.71
N ALA C 32 25.11 -17.31 25.68
CA ALA C 32 25.16 -16.83 24.31
C ALA C 32 23.77 -16.52 23.76
N VAL C 33 22.91 -15.91 24.58
CA VAL C 33 21.60 -15.52 24.09
C VAL C 33 21.75 -14.41 23.04
N LYS C 34 20.72 -14.27 22.21
CA LYS C 34 20.69 -13.24 21.18
C LYS C 34 19.66 -12.17 21.44
N SER C 35 18.71 -12.41 22.33
CA SER C 35 17.78 -11.40 22.81
C SER C 35 17.89 -11.34 24.33
N ILE C 36 17.74 -10.14 24.87
CA ILE C 36 17.93 -9.97 26.32
C ILE C 36 16.69 -10.35 27.10
N ASP C 37 15.52 -10.41 26.46
CA ASP C 37 14.33 -10.87 27.16
C ASP C 37 14.41 -12.36 27.47
N GLN C 38 15.26 -13.10 26.76
CA GLN C 38 15.43 -14.53 26.97
C GLN C 38 16.56 -14.86 27.94
N ALA C 39 17.34 -13.86 28.38
CA ALA C 39 18.45 -14.09 29.29
C ALA C 39 18.06 -13.93 30.76
N LEU C 40 16.82 -13.54 31.04
CA LEU C 40 16.38 -13.26 32.40
C LEU C 40 15.68 -14.44 33.06
N ALA C 41 15.62 -15.60 32.40
CA ALA C 41 14.89 -16.74 32.93
C ALA C 41 15.64 -17.32 34.13
N GLY C 42 15.09 -17.13 35.32
CA GLY C 42 15.67 -17.67 36.54
C GLY C 42 16.79 -16.85 37.13
N GLN C 43 17.08 -15.67 36.59
CA GLN C 43 18.20 -14.87 37.08
C GLN C 43 17.79 -13.83 38.12
N ILE C 44 16.51 -13.44 38.16
CA ILE C 44 16.01 -12.45 39.11
C ILE C 44 14.79 -13.03 39.80
N ALA C 45 14.78 -12.97 41.13
CA ALA C 45 13.66 -13.49 41.90
C ALA C 45 12.46 -12.57 41.78
N GLY C 46 11.30 -13.15 41.49
CA GLY C 46 10.08 -12.39 41.29
C GLY C 46 9.80 -12.04 39.84
N LEU C 47 10.72 -12.35 38.94
CA LEU C 47 10.58 -12.04 37.52
C LEU C 47 10.46 -13.38 36.78
N SER C 48 9.23 -13.73 36.39
CA SER C 48 8.96 -15.00 35.74
C SER C 48 8.95 -14.80 34.23
N VAL C 49 9.84 -15.50 33.53
CA VAL C 49 9.96 -15.42 32.08
C VAL C 49 9.50 -16.75 31.49
N THR C 50 8.61 -16.68 30.51
CA THR C 50 8.05 -17.86 29.86
C THR C 50 8.15 -17.66 28.36
N SER C 51 8.37 -18.75 27.62
CA SER C 51 8.54 -18.68 26.18
C SER C 51 7.20 -18.87 25.49
N THR C 52 6.83 -17.91 24.65
CA THR C 52 5.60 -18.02 23.86
C THR C 52 5.76 -18.98 22.69
N SER C 53 6.95 -19.02 22.10
CA SER C 53 7.22 -19.89 20.96
C SER C 53 8.70 -20.19 20.91
N GLY C 54 9.06 -21.24 20.17
CA GLY C 54 10.43 -21.61 19.96
C GLY C 54 11.07 -21.06 18.70
N ALA C 55 10.29 -20.41 17.84
CA ALA C 55 10.82 -19.86 16.62
C ALA C 55 11.74 -18.68 16.92
N PRO C 56 12.74 -18.43 16.07
CA PRO C 56 13.63 -17.28 16.30
C PRO C 56 12.85 -15.97 16.31
N GLY C 57 13.24 -15.07 17.21
CA GLY C 57 12.61 -13.78 17.33
C GLY C 57 11.31 -13.77 18.10
N ALA C 58 10.87 -14.91 18.63
CA ALA C 58 9.61 -14.95 19.36
C ALA C 58 9.75 -14.23 20.69
N PRO C 59 8.84 -13.31 21.01
CA PRO C 59 8.94 -12.59 22.29
C PRO C 59 8.68 -13.52 23.46
N ALA C 60 9.23 -13.13 24.61
CA ALA C 60 9.04 -13.87 25.85
C ALA C 60 8.03 -13.16 26.72
N LYS C 61 7.09 -13.91 27.28
CA LYS C 61 6.09 -13.37 28.19
C LYS C 61 6.73 -13.23 29.57
N ILE C 62 6.83 -12.00 30.05
CA ILE C 62 7.49 -11.69 31.32
C ILE C 62 6.46 -11.15 32.29
N ARG C 63 6.47 -11.66 33.52
CA ARG C 63 5.56 -11.20 34.56
C ARG C 63 6.37 -10.91 35.82
N ILE C 64 6.23 -9.70 36.34
CA ILE C 64 6.90 -9.29 37.57
C ILE C 64 5.85 -9.24 38.67
N ARG C 65 6.01 -10.10 39.68
CA ARG C 65 5.07 -10.21 40.78
C ARG C 65 3.66 -10.54 40.28
N GLY C 66 3.58 -11.39 39.27
CA GLY C 66 2.31 -11.87 38.77
C GLY C 66 1.62 -10.89 37.83
N THR C 67 0.44 -11.30 37.39
CA THR C 67 -0.38 -10.48 36.50
C THR C 67 -1.05 -9.37 37.31
N SER C 68 -0.90 -8.13 36.85
CA SER C 68 -1.40 -6.96 37.56
C SER C 68 -2.62 -6.34 36.90
N SER C 69 -3.17 -6.96 35.85
CA SER C 69 -4.31 -6.39 35.17
C SER C 69 -5.12 -7.51 34.53
N LEU C 70 -6.38 -7.21 34.21
CA LEU C 70 -7.29 -8.16 33.60
C LEU C 70 -7.40 -7.95 32.09
N ASN C 71 -7.77 -6.74 31.66
CA ASN C 71 -7.94 -6.43 30.25
C ASN C 71 -7.05 -5.27 29.81
N GLY C 72 -6.00 -4.96 30.58
CA GLY C 72 -5.08 -3.90 30.25
C GLY C 72 -3.72 -4.43 29.87
N THR C 73 -2.72 -3.56 30.02
CA THR C 73 -1.35 -3.94 29.75
C THR C 73 -0.84 -4.88 30.83
N GLN C 74 -0.24 -6.01 30.44
CA GLN C 74 0.27 -6.99 31.38
C GLN C 74 1.76 -7.21 31.27
N ASP C 75 2.43 -6.59 30.30
CA ASP C 75 3.86 -6.78 30.13
C ASP C 75 4.64 -5.68 30.83
N PRO C 76 5.85 -5.97 31.29
CA PRO C 76 6.65 -4.95 31.98
C PRO C 76 7.02 -3.82 31.03
N LEU C 77 7.56 -2.75 31.62
CA LEU C 77 8.01 -1.59 30.88
C LEU C 77 9.54 -1.64 30.77
N TRP C 78 10.04 -1.57 29.55
CA TRP C 78 11.47 -1.62 29.29
C TRP C 78 12.01 -0.21 29.12
N VAL C 79 13.00 0.15 29.92
CA VAL C 79 13.61 1.47 29.90
C VAL C 79 15.04 1.32 29.42
N LEU C 80 15.37 1.98 28.32
CA LEU C 80 16.70 1.92 27.72
C LEU C 80 17.39 3.26 27.94
N ASP C 81 18.39 3.27 28.83
CA ASP C 81 19.18 4.46 29.12
C ASP C 81 18.31 5.64 29.56
N GLY C 82 17.29 5.35 30.35
CA GLY C 82 16.41 6.36 30.89
C GLY C 82 15.20 6.68 30.04
N ILE C 83 15.19 6.25 28.78
CA ILE C 83 14.09 6.52 27.85
C ILE C 83 13.28 5.24 27.69
N PRO C 84 12.01 5.22 28.10
CA PRO C 84 11.22 3.99 27.96
C PRO C 84 11.02 3.62 26.50
N LEU C 85 10.98 2.31 26.24
CA LEU C 85 10.87 1.78 24.89
C LEU C 85 9.42 1.51 24.52
N GLU C 86 9.17 1.46 23.22
CA GLU C 86 7.84 1.21 22.67
C GLU C 86 7.87 -0.05 21.83
N GLY C 87 6.69 -0.64 21.64
CA GLY C 87 6.58 -1.86 20.86
C GLY C 87 7.06 -3.10 21.58
N THR C 88 7.30 -3.03 22.88
CA THR C 88 7.75 -4.18 23.66
C THR C 88 6.61 -5.06 24.14
N ASP C 89 5.37 -4.64 23.95
CA ASP C 89 4.22 -5.42 24.40
C ASP C 89 4.09 -6.69 23.59
N VAL C 90 3.68 -7.77 24.26
CA VAL C 90 3.50 -9.09 23.60
C VAL C 90 2.03 -9.25 23.21
N PRO C 91 1.68 -9.32 21.91
CA PRO C 91 0.29 -9.46 21.48
C PRO C 91 -0.29 -10.83 21.90
N GLN C 92 -1.38 -10.82 22.65
CA GLN C 92 -2.02 -12.08 23.13
C GLN C 92 -3.38 -12.25 22.47
N SER C 93 -3.57 -13.34 21.73
CA SER C 93 -4.86 -13.64 21.03
C SER C 93 -5.48 -14.96 21.51
N ASN C 94 -6.47 -15.47 20.77
CA ASN C 94 -7.18 -16.73 21.11
C ASN C 94 -6.74 -17.84 20.15
N VAL C 95 -6.82 -17.58 18.85
CA VAL C 95 -6.43 -18.54 17.82
C VAL C 95 -5.02 -19.05 18.13
N LEU C 96 -4.90 -20.37 18.25
CA LEU C 96 -3.60 -20.96 18.60
C LEU C 96 -2.59 -20.83 17.48
N ASN C 97 -3.03 -20.60 16.23
CA ASN C 97 -2.11 -20.52 15.11
C ASN C 97 -1.45 -19.15 14.97
N ASP C 98 -1.90 -18.15 15.73
CA ASP C 98 -1.34 -16.81 15.60
C ASP C 98 0.12 -16.74 15.98
N VAL C 99 0.61 -17.71 16.79
CA VAL C 99 2.03 -17.75 17.13
C VAL C 99 2.88 -17.97 15.90
N SER C 100 2.28 -18.45 14.79
CA SER C 100 3.01 -18.55 13.54
C SER C 100 3.45 -17.18 13.04
N ASN C 101 2.64 -16.14 13.26
CA ASN C 101 2.95 -14.81 12.79
C ASN C 101 3.11 -13.71 13.85
N ILE C 102 3.51 -14.08 15.07
CA ILE C 102 3.57 -13.12 16.16
C ILE C 102 4.69 -12.13 15.89
N GLN C 103 4.42 -10.85 16.16
CA GLN C 103 5.40 -9.80 15.90
C GLN C 103 6.50 -9.80 16.96
N GLN C 104 7.70 -9.46 16.52
CA GLN C 104 8.83 -9.36 17.44
C GLN C 104 8.82 -8.04 18.17
N SER C 105 9.16 -8.07 19.45
CA SER C 105 9.28 -6.85 20.22
C SER C 105 10.56 -6.10 19.84
N SER C 106 10.57 -4.79 20.13
CA SER C 106 11.75 -4.00 19.85
C SER C 106 12.94 -4.42 20.70
N ILE C 107 12.69 -5.17 21.78
CA ILE C 107 13.77 -5.72 22.60
C ILE C 107 14.65 -6.65 21.79
N ALA C 108 14.09 -7.27 20.75
CA ALA C 108 14.87 -8.13 19.88
C ALA C 108 15.90 -7.36 19.06
N GLY C 109 15.83 -6.04 19.03
CA GLY C 109 16.79 -5.23 18.31
C GLY C 109 18.00 -4.80 19.11
N LEU C 110 17.97 -4.96 20.43
CA LEU C 110 19.07 -4.56 21.29
C LEU C 110 20.01 -5.74 21.47
N ASN C 111 21.26 -5.57 21.07
CA ASN C 111 22.25 -6.63 21.24
C ASN C 111 22.61 -6.77 22.72
N PRO C 112 22.51 -7.97 23.29
CA PRO C 112 22.95 -8.15 24.68
C PRO C 112 24.43 -7.87 24.88
N ALA C 113 25.24 -7.90 23.83
CA ALA C 113 26.65 -7.57 23.94
C ALA C 113 26.90 -6.09 24.16
N ASP C 114 25.87 -5.25 24.02
CA ASP C 114 25.99 -3.81 24.23
C ASP C 114 25.32 -3.37 25.53
N ILE C 115 25.05 -4.30 26.44
CA ILE C 115 24.33 -4.02 27.68
C ILE C 115 25.19 -4.49 28.85
N GLU C 116 25.31 -3.63 29.87
CA GLU C 116 26.10 -3.94 31.05
C GLU C 116 25.27 -4.54 32.17
N ASN C 117 24.15 -3.89 32.51
CA ASN C 117 23.32 -4.30 33.63
C ASN C 117 21.87 -4.39 33.21
N ILE C 118 21.11 -5.21 33.94
CA ILE C 118 19.65 -5.22 33.88
C ILE C 118 19.13 -5.02 35.29
N THR C 119 18.41 -3.92 35.50
CA THR C 119 17.84 -3.59 36.81
C THR C 119 16.33 -3.70 36.71
N VAL C 120 15.75 -4.55 37.55
CA VAL C 120 14.30 -4.78 37.58
C VAL C 120 13.76 -4.13 38.84
N LEU C 121 12.86 -3.17 38.66
CA LEU C 121 12.18 -2.51 39.76
C LEU C 121 10.86 -3.24 40.02
N LYS C 122 10.67 -3.71 41.25
CA LYS C 122 9.61 -4.67 41.55
C LYS C 122 8.47 -4.07 42.36
N ASP C 123 8.76 -3.33 43.42
CA ASP C 123 7.74 -2.88 44.34
C ASP C 123 7.36 -1.42 44.07
N ALA C 124 6.45 -0.90 44.90
CA ALA C 124 5.96 0.47 44.72
C ALA C 124 7.06 1.49 44.95
N ALA C 125 7.91 1.27 45.96
CA ALA C 125 8.97 2.21 46.26
C ALA C 125 9.96 2.38 45.12
N ALA C 126 10.06 1.39 44.24
CA ALA C 126 10.97 1.45 43.10
C ALA C 126 10.28 1.86 41.81
N THR C 127 9.00 1.54 41.65
CA THR C 127 8.31 1.74 40.38
C THR C 127 7.39 2.95 40.37
N ALA C 128 7.01 3.49 41.53
CA ALA C 128 5.98 4.54 41.57
C ALA C 128 6.43 5.83 40.90
N ILE C 129 7.71 5.99 40.60
CA ILE C 129 8.18 7.15 39.85
C ILE C 129 7.82 7.04 38.37
N TYR C 130 7.33 5.90 37.92
CA TYR C 130 6.90 5.71 36.55
C TYR C 130 5.40 5.93 36.37
N GLY C 131 4.70 6.32 37.44
CA GLY C 131 3.32 6.76 37.30
C GLY C 131 2.41 5.63 36.85
N ALA C 132 1.68 5.87 35.76
CA ALA C 132 0.69 4.95 35.24
C ALA C 132 1.28 3.87 34.35
N ARG C 133 2.58 3.60 34.46
CA ARG C 133 3.24 2.51 33.74
C ARG C 133 4.06 1.67 34.70
N ALA C 134 3.58 1.48 35.92
CA ALA C 134 4.35 0.86 36.98
C ALA C 134 3.71 -0.40 37.56
N ALA C 135 2.44 -0.66 37.29
CA ALA C 135 1.77 -1.80 37.90
C ALA C 135 2.37 -3.13 37.47
N ASN C 136 2.97 -3.19 36.28
CA ASN C 136 3.53 -4.42 35.74
C ASN C 136 5.02 -4.56 35.97
N GLY C 137 5.64 -3.64 36.68
CA GLY C 137 7.07 -3.67 36.88
C GLY C 137 7.83 -2.96 35.76
N VAL C 138 9.08 -2.63 36.04
CA VAL C 138 9.94 -1.92 35.12
C VAL C 138 11.28 -2.64 35.03
N ILE C 139 11.76 -2.83 33.80
CA ILE C 139 13.07 -3.43 33.56
C ILE C 139 13.94 -2.36 32.92
N VAL C 140 14.98 -1.91 33.63
CA VAL C 140 15.82 -0.81 33.20
C VAL C 140 17.07 -1.39 32.53
N ILE C 141 17.28 -1.06 31.26
CA ILE C 141 18.44 -1.52 30.53
C ILE C 141 19.53 -0.45 30.62
N THR C 142 20.67 -0.81 31.18
CA THR C 142 21.84 0.05 31.23
C THR C 142 22.81 -0.47 30.18
N THR C 143 23.03 0.30 29.12
CA THR C 143 23.91 -0.13 28.05
C THR C 143 25.37 0.19 28.38
N LYS C 144 26.26 -0.53 27.72
CA LYS C 144 27.69 -0.40 28.00
C LYS C 144 28.19 0.98 27.59
N LYS C 145 29.24 1.43 28.27
CA LYS C 145 29.74 2.79 28.14
C LYS C 145 31.25 2.77 27.96
N GLY C 146 31.76 3.83 27.33
CA GLY C 146 33.20 3.96 27.18
C GLY C 146 33.88 4.27 28.50
N LYS C 147 34.95 3.53 28.78
CA LYS C 147 35.71 3.69 30.02
C LYS C 147 36.93 4.55 29.76
N VAL C 148 37.18 5.50 30.66
CA VAL C 148 38.28 6.44 30.46
C VAL C 148 39.61 5.70 30.48
N GLY C 149 40.40 5.88 29.42
CA GLY C 149 41.69 5.25 29.32
C GLY C 149 41.99 4.91 27.88
N LYS C 150 42.92 3.96 27.69
CA LYS C 150 43.31 3.50 26.32
C LYS C 150 42.12 2.82 25.66
N PRO C 151 41.94 2.94 24.32
CA PRO C 151 40.81 2.31 23.63
C PRO C 151 40.79 0.79 23.82
N VAL C 152 39.59 0.23 24.06
CA VAL C 152 39.43 -1.24 24.25
C VAL C 152 38.56 -1.78 23.10
N ILE C 153 39.04 -2.83 22.41
CA ILE C 153 38.29 -3.43 21.27
C ILE C 153 38.02 -4.91 21.57
N ASN C 154 36.80 -5.38 21.29
CA ASN C 154 36.43 -6.79 21.55
C ASN C 154 35.87 -7.40 20.25
N PHE C 155 36.26 -8.65 19.95
CA PHE C 155 35.80 -9.34 18.71
C PHE C 155 35.29 -10.74 19.10
N SER C 156 33.98 -10.85 19.35
CA SER C 156 33.38 -12.12 19.74
C SER C 156 32.78 -12.80 18.53
N SER C 157 33.04 -14.10 18.39
CA SER C 157 32.49 -14.90 17.32
C SER C 157 31.92 -16.18 17.91
N LYS C 158 30.64 -16.41 17.71
CA LYS C 158 29.94 -17.57 18.25
C LYS C 158 29.36 -18.39 17.10
N PHE C 159 29.60 -19.69 17.14
CA PHE C 159 29.09 -20.62 16.14
C PHE C 159 28.23 -21.65 16.85
N THR C 160 26.97 -21.76 16.46
CA THR C 160 25.99 -22.57 17.15
C THR C 160 25.54 -23.73 16.27
N TYR C 161 25.44 -24.91 16.87
CA TYR C 161 24.85 -26.08 16.23
C TYR C 161 23.53 -26.37 16.90
N MET C 162 22.46 -26.40 16.10
CA MET C 162 21.12 -26.71 16.58
C MET C 162 20.74 -28.12 16.14
N PRO C 163 20.61 -29.07 17.06
CA PRO C 163 20.23 -30.43 16.65
C PRO C 163 18.84 -30.49 16.06
N THR C 164 18.62 -31.52 15.24
CA THR C 164 17.34 -31.70 14.57
C THR C 164 16.24 -31.97 15.59
N LEU C 165 15.03 -31.56 15.25
CA LEU C 165 13.87 -31.76 16.11
C LEU C 165 13.43 -33.21 16.01
N SER C 166 13.56 -33.95 17.11
CA SER C 166 13.19 -35.37 17.15
C SER C 166 11.74 -35.49 17.56
N THR C 167 10.92 -36.08 16.69
CA THR C 167 9.50 -36.28 16.95
C THR C 167 9.21 -37.60 17.66
N ASN C 168 10.24 -38.27 18.18
CA ASN C 168 10.03 -39.52 18.90
C ASN C 168 9.17 -39.30 20.15
N ARG C 169 9.19 -38.08 20.70
CA ARG C 169 8.35 -37.76 21.84
C ARG C 169 6.90 -37.48 21.45
N LEU C 170 6.62 -37.31 20.16
CA LEU C 170 5.25 -37.08 19.73
C LEU C 170 4.38 -38.33 19.89
N ASN C 171 5.00 -39.51 19.98
CA ASN C 171 4.29 -40.76 20.24
C ASN C 171 3.19 -41.00 19.20
N MET C 172 3.58 -40.99 17.94
CA MET C 172 2.64 -41.14 16.84
C MET C 172 2.66 -42.55 16.28
N LEU C 173 1.58 -42.90 15.59
CA LEU C 173 1.44 -44.22 15.02
C LEU C 173 2.28 -44.34 13.75
N ASN C 174 2.91 -45.50 13.58
CA ASN C 174 3.60 -45.78 12.33
C ASN C 174 2.60 -46.39 11.35
N SER C 175 3.08 -46.87 10.20
CA SER C 175 2.18 -47.36 9.17
C SER C 175 1.40 -48.58 9.64
N GLN C 176 2.05 -49.47 10.39
CA GLN C 176 1.42 -50.73 10.78
C GLN C 176 0.16 -50.48 11.61
N GLU C 177 0.31 -49.84 12.78
CA GLU C 177 -0.85 -49.67 13.64
C GLU C 177 -1.82 -48.63 13.10
N LYS C 178 -1.35 -47.68 12.29
CA LYS C 178 -2.29 -46.76 11.64
C LYS C 178 -3.20 -47.50 10.67
N VAL C 179 -2.63 -48.38 9.86
CA VAL C 179 -3.45 -49.16 8.93
C VAL C 179 -4.35 -50.12 9.70
N ASP C 180 -3.85 -50.70 10.79
CA ASP C 180 -4.68 -51.58 11.59
C ASP C 180 -5.87 -50.82 12.19
N LEU C 181 -5.62 -49.61 12.69
CA LEU C 181 -6.70 -48.79 13.22
C LEU C 181 -7.71 -48.43 12.15
N GLU C 182 -7.23 -48.07 10.95
CA GLU C 182 -8.14 -47.75 9.86
C GLU C 182 -8.99 -48.95 9.48
N LEU C 183 -8.39 -50.14 9.42
CA LEU C 183 -9.14 -51.35 9.11
C LEU C 183 -10.19 -51.64 10.17
N GLU C 184 -9.82 -51.51 11.44
CA GLU C 184 -10.77 -51.79 12.51
C GLU C 184 -11.88 -50.75 12.56
N LEU C 185 -11.59 -49.52 12.14
CA LEU C 185 -12.65 -48.50 12.06
C LEU C 185 -13.58 -48.75 10.88
N LEU C 186 -13.02 -49.24 9.77
CA LEU C 186 -13.86 -49.59 8.63
C LEU C 186 -14.76 -50.78 8.95
N ARG C 187 -14.26 -51.72 9.74
CA ARG C 187 -15.10 -52.82 10.20
C ARG C 187 -16.25 -52.33 11.08
N SER C 188 -15.96 -51.40 11.99
CA SER C 188 -16.93 -50.95 12.96
C SER C 188 -17.92 -49.97 12.33
N ASN C 189 -18.87 -49.50 13.15
CA ASN C 189 -19.91 -48.59 12.69
C ASN C 189 -19.55 -47.13 12.88
N PHE C 190 -18.34 -46.82 13.36
CA PHE C 190 -17.91 -45.44 13.50
C PHE C 190 -17.68 -44.87 12.11
N ALA C 191 -18.65 -44.11 11.63
CA ALA C 191 -18.63 -43.60 10.25
C ALA C 191 -18.68 -42.09 10.12
N TYR C 192 -18.06 -41.35 11.03
CA TYR C 192 -17.97 -39.90 10.87
C TYR C 192 -17.32 -39.46 9.57
N GLY C 193 -16.10 -39.92 9.32
CA GLY C 193 -15.50 -39.83 8.01
C GLY C 193 -14.96 -41.18 7.59
N ASP C 194 -15.63 -41.83 6.65
CA ASP C 194 -15.18 -43.10 6.11
C ASP C 194 -14.70 -43.01 4.67
N ASN C 195 -14.91 -41.88 4.01
CA ASN C 195 -14.27 -41.63 2.73
C ASN C 195 -12.80 -41.26 2.90
N LYS C 196 -12.42 -40.69 4.05
CA LYS C 196 -11.06 -40.30 4.34
C LYS C 196 -10.22 -41.50 4.75
N GLY C 197 -8.91 -41.30 4.76
CA GLY C 197 -7.97 -42.34 5.12
C GLY C 197 -7.16 -42.81 3.93
N GLY C 198 -6.37 -43.85 4.16
CA GLY C 198 -5.64 -44.48 3.08
C GLY C 198 -6.18 -45.86 2.77
N VAL C 199 -6.57 -46.59 3.82
CA VAL C 199 -7.19 -47.90 3.63
C VAL C 199 -8.58 -47.76 3.05
N SER C 200 -9.33 -46.75 3.51
CA SER C 200 -10.70 -46.57 3.06
C SER C 200 -10.77 -46.31 1.56
N LYS C 201 -9.91 -45.43 1.06
CA LYS C 201 -9.89 -45.15 -0.39
C LYS C 201 -9.51 -46.40 -1.18
N ILE C 202 -8.51 -47.14 -0.72
CA ILE C 202 -8.05 -48.32 -1.44
C ILE C 202 -9.16 -49.36 -1.50
N ILE C 203 -9.85 -49.59 -0.39
CA ILE C 203 -10.90 -50.60 -0.36
C ILE C 203 -12.11 -50.15 -1.16
N SER C 204 -12.49 -48.87 -1.05
CA SER C 204 -13.67 -48.37 -1.74
C SER C 204 -13.46 -48.16 -3.23
N GLY C 205 -12.21 -48.07 -3.69
CA GLY C 205 -11.96 -47.96 -5.11
C GLY C 205 -12.25 -49.23 -5.88
N TYR C 206 -12.26 -50.37 -5.19
CA TYR C 206 -12.57 -51.66 -5.81
C TYR C 206 -14.00 -52.10 -5.52
N GLY C 207 -14.81 -51.23 -4.91
CA GLY C 207 -16.18 -51.58 -4.59
C GLY C 207 -16.34 -52.57 -3.45
N LEU C 208 -15.33 -52.69 -2.59
CA LEU C 208 -15.35 -53.65 -1.50
C LEU C 208 -15.63 -53.01 -0.15
N THR C 209 -16.07 -51.75 -0.13
CA THR C 209 -16.35 -51.08 1.14
C THR C 209 -17.50 -51.74 1.89
N ASP C 210 -18.42 -52.40 1.19
CA ASP C 210 -19.50 -53.12 1.85
C ASP C 210 -19.17 -54.59 2.11
N ALA C 211 -18.39 -55.21 1.22
CA ALA C 211 -17.98 -56.58 1.44
C ALA C 211 -17.04 -56.69 2.64
N TYR C 212 -16.15 -55.72 2.81
CA TYR C 212 -15.24 -55.75 3.95
C TYR C 212 -15.98 -55.63 5.28
N LYS C 213 -16.99 -54.75 5.33
CA LYS C 213 -17.71 -54.52 6.58
C LYS C 213 -18.43 -55.79 7.04
N LYS C 214 -18.83 -56.64 6.10
CA LYS C 214 -19.57 -57.86 6.42
C LYS C 214 -18.69 -59.08 6.61
N GLY C 215 -17.67 -59.25 5.77
CA GLY C 215 -16.83 -60.43 5.85
C GLY C 215 -15.50 -60.20 6.54
N GLY C 216 -14.84 -59.08 6.22
CA GLY C 216 -13.58 -58.75 6.85
C GLY C 216 -12.39 -58.85 5.90
N TRP C 217 -11.23 -59.23 6.45
CA TRP C 217 -10.01 -59.31 5.65
C TRP C 217 -10.15 -60.35 4.54
N SER C 218 -10.76 -61.50 4.85
CA SER C 218 -10.91 -62.55 3.85
C SER C 218 -11.82 -62.12 2.70
N ALA C 219 -12.75 -61.21 2.97
CA ALA C 219 -13.69 -60.73 1.95
C ALA C 219 -13.05 -59.79 0.94
N LEU C 220 -11.73 -59.62 0.96
CA LEU C 220 -11.03 -58.72 0.05
C LEU C 220 -10.27 -59.52 -0.99
N THR C 221 -10.29 -59.05 -2.23
CA THR C 221 -9.48 -59.66 -3.27
C THR C 221 -8.00 -59.40 -3.00
N PRO C 222 -7.12 -60.30 -3.45
CA PRO C 222 -5.68 -60.05 -3.26
C PRO C 222 -5.21 -58.76 -3.90
N GLU C 223 -5.90 -58.28 -4.93
CA GLU C 223 -5.60 -56.95 -5.48
C GLU C 223 -5.80 -55.88 -4.42
N ALA C 224 -6.82 -56.03 -3.57
CA ALA C 224 -7.07 -55.10 -2.47
C ALA C 224 -6.28 -55.42 -1.22
N GLN C 225 -5.62 -56.58 -1.16
CA GLN C 225 -4.81 -56.94 0.00
C GLN C 225 -3.35 -56.56 -0.18
N THR C 226 -2.82 -56.68 -1.39
CA THR C 226 -1.44 -56.26 -1.65
C THR C 226 -1.29 -54.76 -1.48
N ASP C 227 -2.32 -54.00 -1.86
CA ASP C 227 -2.27 -52.55 -1.67
C ASP C 227 -2.21 -52.18 -0.20
N ILE C 228 -3.02 -52.85 0.63
CA ILE C 228 -3.01 -52.55 2.06
C ILE C 228 -1.70 -53.00 2.70
N SER C 229 -1.14 -54.13 2.24
CA SER C 229 0.17 -54.54 2.72
C SER C 229 1.25 -53.54 2.33
N ARG C 230 1.17 -53.00 1.12
CA ARG C 230 2.11 -51.97 0.69
C ARG C 230 1.97 -50.71 1.56
N LEU C 231 0.74 -50.35 1.91
CA LEU C 231 0.53 -49.24 2.83
C LEU C 231 1.17 -49.52 4.18
N ARG C 232 1.03 -50.75 4.68
CA ARG C 232 1.64 -51.11 5.96
C ARG C 232 3.16 -51.04 5.89
N ASN C 233 3.74 -51.42 4.75
CA ASN C 233 5.18 -51.48 4.61
C ASN C 233 5.80 -50.15 4.19
N THR C 234 5.00 -49.12 3.94
CA THR C 234 5.50 -47.81 3.54
C THR C 234 5.63 -46.93 4.77
N GLU C 235 6.86 -46.52 5.07
CA GLU C 235 7.15 -45.68 6.22
C GLU C 235 7.86 -44.41 5.76
N THR C 236 7.38 -43.26 6.23
CA THR C 236 7.93 -41.97 5.85
C THR C 236 8.35 -41.21 7.10
N ASP C 237 9.55 -40.64 7.07
CA ASP C 237 10.08 -39.87 8.18
C ASP C 237 9.68 -38.41 8.00
N TRP C 238 8.70 -37.96 8.77
CA TRP C 238 8.24 -36.58 8.69
C TRP C 238 9.00 -35.64 9.60
N GLY C 239 9.84 -36.16 10.50
CA GLY C 239 10.76 -35.31 11.22
C GLY C 239 12.01 -34.96 10.44
N ASP C 240 12.25 -35.63 9.32
CA ASP C 240 13.34 -35.33 8.41
C ASP C 240 12.91 -34.48 7.23
N ILE C 241 11.68 -34.68 6.74
CA ILE C 241 11.16 -33.84 5.68
C ILE C 241 10.89 -32.42 6.19
N LEU C 242 10.36 -32.30 7.40
CA LEU C 242 9.92 -31.02 7.91
C LEU C 242 10.98 -30.28 8.71
N PHE C 243 11.78 -31.00 9.51
CA PHE C 243 12.72 -30.38 10.43
C PHE C 243 14.16 -30.60 9.98
N ARG C 244 15.05 -29.79 10.54
CA ARG C 244 16.45 -29.79 10.12
C ARG C 244 17.34 -29.42 11.29
N ASP C 245 18.62 -29.76 11.16
CA ASP C 245 19.65 -29.21 12.03
C ASP C 245 20.20 -27.92 11.42
N ALA C 246 20.77 -27.08 12.27
CA ALA C 246 21.14 -25.74 11.82
C ALA C 246 22.53 -25.37 12.30
N PHE C 247 23.18 -24.49 11.54
CA PHE C 247 24.44 -23.87 11.93
C PHE C 247 24.22 -22.36 11.94
N ASN C 248 24.17 -21.78 13.13
CA ASN C 248 23.94 -20.35 13.31
C ASN C 248 25.26 -19.64 13.59
N GLN C 249 25.31 -18.36 13.20
CA GLN C 249 26.53 -17.56 13.32
C GLN C 249 26.23 -16.28 14.09
N GLU C 250 27.25 -15.76 14.77
CA GLU C 250 27.11 -14.48 15.45
C GLU C 250 28.49 -13.84 15.55
N TYR C 251 28.56 -12.54 15.24
CA TYR C 251 29.81 -11.79 15.32
C TYR C 251 29.51 -10.44 15.93
N SER C 252 30.42 -9.97 16.79
CA SER C 252 30.28 -8.68 17.45
C SER C 252 31.65 -8.04 17.57
N LEU C 253 31.76 -6.79 17.14
CA LEU C 253 32.99 -6.01 17.25
C LEU C 253 32.67 -4.74 18.02
N SER C 254 33.20 -4.63 19.24
CA SER C 254 32.93 -3.44 20.10
C SER C 254 34.24 -2.73 20.47
N LEU C 255 34.38 -1.47 20.05
CA LEU C 255 35.56 -0.63 20.36
C LEU C 255 35.09 0.57 21.17
N SER C 256 35.71 0.83 22.34
CA SER C 256 35.28 1.93 23.18
C SER C 256 36.50 2.61 23.78
N GLY C 257 36.25 3.53 24.69
CA GLY C 257 37.33 4.19 25.39
C GLY C 257 36.90 5.58 25.82
N GLY C 258 37.89 6.38 26.19
CA GLY C 258 37.61 7.76 26.54
C GLY C 258 38.84 8.45 27.06
N ASN C 259 38.66 9.73 27.37
CA ASN C 259 39.69 10.55 27.98
C ASN C 259 38.98 11.54 28.89
N GLU C 260 39.75 12.46 29.47
CA GLU C 260 39.27 13.30 30.56
C GLU C 260 38.06 14.16 30.17
N ARG C 261 37.70 14.21 28.89
CA ARG C 261 36.60 15.08 28.48
C ARG C 261 35.56 14.37 27.63
N VAL C 262 35.95 13.36 26.87
CA VAL C 262 35.05 12.66 25.97
C VAL C 262 35.18 11.16 26.19
N THR C 263 34.05 10.47 26.30
CA THR C 263 34.00 9.02 26.37
C THR C 263 33.18 8.49 25.20
N TYR C 264 33.76 7.55 24.45
CA TYR C 264 33.17 7.06 23.21
C TYR C 264 33.01 5.55 23.25
N TYR C 265 32.04 5.06 22.46
CA TYR C 265 31.73 3.64 22.37
C TYR C 265 31.14 3.38 20.99
N THR C 266 31.66 2.37 20.29
CA THR C 266 31.12 1.96 19.01
C THR C 266 31.02 0.45 18.99
N SER C 267 30.00 -0.06 18.30
CA SER C 267 29.82 -1.50 18.25
C SER C 267 29.04 -1.87 16.99
N ILE C 268 29.42 -3.00 16.39
CA ILE C 268 28.70 -3.58 15.27
C ILE C 268 28.41 -5.03 15.62
N GLY C 269 27.24 -5.51 15.24
CA GLY C 269 26.89 -6.88 15.53
C GLY C 269 25.97 -7.51 14.51
N TYR C 270 26.37 -8.66 13.97
CA TYR C 270 25.57 -9.37 12.99
C TYR C 270 25.41 -10.82 13.40
N TYR C 271 24.17 -11.31 13.44
CA TYR C 271 23.92 -12.71 13.70
C TYR C 271 22.92 -13.27 12.70
N GLN C 272 23.09 -14.55 12.40
CA GLN C 272 22.19 -15.34 11.58
C GLN C 272 21.74 -16.53 12.41
N GLU C 273 20.43 -16.67 12.60
CA GLU C 273 19.84 -17.74 13.39
C GLU C 273 18.81 -18.49 12.55
N ASN C 274 19.00 -19.79 12.41
CA ASN C 274 18.07 -20.62 11.67
C ASN C 274 17.06 -21.26 12.62
N GLY C 275 15.93 -21.67 12.06
CA GLY C 275 14.92 -22.37 12.81
C GLY C 275 14.97 -23.87 12.55
N ASN C 276 14.40 -24.63 13.48
CA ASN C 276 14.36 -26.08 13.31
C ASN C 276 13.45 -26.50 12.16
N VAL C 277 12.52 -25.65 11.76
CA VAL C 277 11.66 -25.91 10.61
C VAL C 277 12.35 -25.38 9.36
N LYS C 278 12.35 -26.17 8.29
CA LYS C 278 13.04 -25.79 7.08
C LYS C 278 12.46 -24.50 6.50
N GLY C 279 13.35 -23.59 6.08
CA GLY C 279 12.95 -22.34 5.48
C GLY C 279 12.77 -21.18 6.44
N VAL C 280 12.96 -21.40 7.74
CA VAL C 280 12.79 -20.35 8.75
C VAL C 280 14.15 -19.82 9.14
N GLY C 281 14.33 -18.50 9.07
CA GLY C 281 15.60 -17.90 9.43
C GLY C 281 15.42 -16.45 9.82
N LEU C 282 16.43 -15.92 10.51
CA LEU C 282 16.36 -14.56 11.02
C LEU C 282 17.76 -13.98 11.11
N ASP C 283 17.97 -12.85 10.46
CA ASP C 283 19.22 -12.12 10.49
C ASP C 283 19.02 -10.83 11.28
N ARG C 284 20.06 -10.41 11.99
CA ARG C 284 20.04 -9.12 12.67
C ARG C 284 21.40 -8.46 12.53
N LEU C 285 21.41 -7.22 12.02
CA LEU C 285 22.61 -6.40 11.94
C LEU C 285 22.32 -5.09 12.64
N ASN C 286 23.17 -4.74 13.61
CA ASN C 286 22.94 -3.53 14.39
C ASN C 286 24.25 -2.78 14.62
N ILE C 287 24.11 -1.47 14.80
CA ILE C 287 25.21 -0.55 15.07
C ILE C 287 24.85 0.28 16.30
N VAL C 288 25.82 0.47 17.18
CA VAL C 288 25.68 1.31 18.35
C VAL C 288 26.78 2.36 18.33
N ALA C 289 26.40 3.62 18.49
CA ALA C 289 27.36 4.73 18.48
C ALA C 289 27.01 5.66 19.64
N LYS C 290 27.80 5.59 20.71
CA LYS C 290 27.64 6.46 21.87
C LYS C 290 28.84 7.38 21.96
N THR C 291 28.60 8.62 22.35
CA THR C 291 29.70 9.53 22.65
C THR C 291 29.20 10.63 23.57
N SER C 292 29.95 10.89 24.64
CA SER C 292 29.57 11.88 25.65
C SER C 292 30.73 12.84 25.83
N TYR C 293 30.45 14.14 25.67
CA TYR C 293 31.42 15.21 25.75
C TYR C 293 31.14 16.05 26.98
N LYS C 294 32.21 16.60 27.55
CA LYS C 294 32.13 17.55 28.66
C LYS C 294 32.46 18.93 28.11
N VAL C 295 31.42 19.73 27.87
CA VAL C 295 31.62 21.05 27.28
C VAL C 295 32.38 21.95 28.24
N ASN C 296 31.92 22.02 29.50
CA ASN C 296 32.57 22.81 30.54
C ASN C 296 32.45 22.03 31.84
N ARG C 297 32.97 22.61 32.91
CA ARG C 297 32.83 21.97 34.21
C ARG C 297 31.37 21.81 34.62
N MET C 298 30.45 22.50 33.94
CA MET C 298 29.04 22.45 34.23
C MET C 298 28.24 21.68 33.19
N LEU C 299 28.45 22.00 31.91
CA LEU C 299 27.67 21.40 30.83
C LEU C 299 28.29 20.08 30.37
N LYS C 300 27.42 19.16 29.97
CA LYS C 300 27.85 17.84 29.52
C LYS C 300 26.78 17.29 28.58
N PHE C 301 27.17 16.99 27.34
CA PHE C 301 26.21 16.60 26.31
C PHE C 301 26.60 15.25 25.72
N GLY C 302 25.65 14.34 25.62
CA GLY C 302 25.91 13.03 25.07
C GLY C 302 24.87 12.62 24.07
N VAL C 303 25.31 11.83 23.09
CA VAL C 303 24.45 11.30 22.04
C VAL C 303 24.67 9.80 21.95
N SER C 304 23.58 9.04 22.02
CA SER C 304 23.61 7.59 21.87
C SER C 304 22.67 7.19 20.74
N LEU C 305 23.16 6.38 19.81
CA LEU C 305 22.37 5.98 18.64
C LEU C 305 22.42 4.46 18.51
N PHE C 306 21.25 3.84 18.41
CA PHE C 306 21.11 2.41 18.22
C PHE C 306 20.33 2.19 16.92
N VAL C 307 20.98 1.59 15.93
CA VAL C 307 20.38 1.32 14.62
C VAL C 307 20.33 -0.19 14.45
N ASN C 308 19.19 -0.70 13.99
CA ASN C 308 18.95 -2.13 13.96
C ASN C 308 18.21 -2.51 12.69
N ARG C 309 18.56 -3.66 12.11
CA ARG C 309 17.86 -4.18 10.94
C ARG C 309 17.75 -5.69 11.06
N ARG C 310 16.51 -6.18 11.08
CA ARG C 310 16.24 -7.61 11.18
C ARG C 310 15.52 -8.08 9.93
N ASN C 311 15.79 -9.32 9.55
CA ASN C 311 15.23 -9.93 8.34
C ASN C 311 14.74 -11.33 8.69
N ASN C 312 13.43 -11.55 8.58
CA ASN C 312 12.80 -12.80 8.96
C ASN C 312 12.22 -13.49 7.73
N LYS C 313 12.53 -14.78 7.58
CA LYS C 313 11.95 -15.61 6.53
C LYS C 313 11.23 -16.77 7.20
N THR C 314 10.00 -17.04 6.77
CA THR C 314 9.20 -18.06 7.41
C THR C 314 8.12 -18.55 6.46
N TYR C 315 7.37 -19.56 6.91
CA TYR C 315 6.39 -20.26 6.10
C TYR C 315 5.04 -19.54 6.14
N LEU C 316 4.25 -19.75 5.09
CA LEU C 316 2.90 -19.24 5.03
C LEU C 316 1.92 -20.32 5.43
N THR C 317 1.01 -19.98 6.33
CA THR C 317 -0.01 -20.90 6.81
C THR C 317 -1.38 -20.24 6.64
N ASP C 318 -2.42 -21.05 6.85
CA ASP C 318 -3.79 -20.55 6.79
C ASP C 318 -4.11 -19.74 8.04
N THR C 319 -5.35 -19.28 8.11
CA THR C 319 -5.81 -18.60 9.32
C THR C 319 -5.84 -19.55 10.51
N TYR C 320 -6.22 -20.81 10.28
CA TYR C 320 -6.40 -21.78 11.34
C TYR C 320 -5.33 -22.86 11.36
N GLY C 321 -4.24 -22.67 10.62
CA GLY C 321 -3.08 -23.53 10.73
C GLY C 321 -3.25 -24.98 10.33
N LEU C 322 -3.87 -25.24 9.19
CA LEU C 322 -3.90 -26.59 8.65
C LEU C 322 -2.60 -26.96 7.94
N VAL C 323 -1.73 -25.98 7.69
CA VAL C 323 -0.52 -26.18 6.90
C VAL C 323 0.69 -26.26 7.83
N ASN C 324 0.58 -25.63 9.01
CA ASN C 324 1.66 -25.42 9.96
C ASN C 324 2.56 -26.64 10.09
N PRO C 325 3.82 -26.54 9.68
CA PRO C 325 4.69 -27.74 9.68
C PRO C 325 4.87 -28.36 11.05
N VAL C 326 4.95 -27.54 12.10
CA VAL C 326 5.07 -28.08 13.45
C VAL C 326 3.85 -28.91 13.81
N TYR C 327 2.66 -28.39 13.50
CA TYR C 327 1.43 -29.15 13.71
C TYR C 327 1.23 -30.22 12.65
N TYR C 328 1.71 -30.00 11.42
CA TYR C 328 1.61 -31.01 10.37
C TYR C 328 2.45 -32.23 10.67
N SER C 329 3.47 -32.11 11.54
CA SER C 329 4.20 -33.29 11.97
C SER C 329 3.33 -34.22 12.81
N ARG C 330 2.18 -33.75 13.26
CA ARG C 330 1.20 -34.56 13.98
C ARG C 330 0.04 -35.01 13.11
N LYS C 331 -0.06 -34.50 11.88
CA LYS C 331 -1.16 -34.85 10.97
C LYS C 331 -0.72 -35.71 9.80
N ALA C 332 0.55 -35.62 9.39
CA ALA C 332 1.01 -36.35 8.23
C ALA C 332 0.90 -37.86 8.44
N ASN C 333 0.32 -38.54 7.47
CA ASN C 333 0.16 -39.99 7.59
C ASN C 333 1.51 -40.68 7.50
N PRO C 334 1.73 -41.74 8.28
CA PRO C 334 3.03 -42.42 8.23
C PRO C 334 3.33 -43.07 6.87
N TYR C 335 2.30 -43.46 6.12
CA TYR C 335 2.47 -44.16 4.87
C TYR C 335 2.32 -43.25 3.65
N TYR C 336 2.14 -41.96 3.85
CA TYR C 336 1.94 -41.03 2.74
C TYR C 336 3.28 -40.47 2.30
N GLN C 337 3.69 -40.80 1.07
CA GLN C 337 4.95 -40.32 0.51
C GLN C 337 4.70 -39.09 -0.33
N PRO C 338 5.38 -37.97 -0.07
CA PRO C 338 5.09 -36.74 -0.83
C PRO C 338 5.39 -36.85 -2.32
N PHE C 339 6.26 -37.77 -2.73
CA PHE C 339 6.65 -37.92 -4.13
C PHE C 339 6.30 -39.32 -4.62
N ASP C 340 5.90 -39.41 -5.87
CA ASP C 340 5.63 -40.69 -6.51
C ASP C 340 6.91 -41.23 -7.15
N ALA C 341 6.76 -42.31 -7.93
CA ALA C 341 7.92 -42.95 -8.53
C ALA C 341 8.62 -42.05 -9.54
N ASN C 342 7.87 -41.21 -10.24
CA ASN C 342 8.42 -40.33 -11.26
C ASN C 342 8.84 -38.97 -10.72
N GLY C 343 8.75 -38.76 -9.41
CA GLY C 343 9.12 -37.50 -8.81
C GLY C 343 8.04 -36.45 -8.80
N ASN C 344 6.84 -36.77 -9.29
CA ASN C 344 5.75 -35.81 -9.32
C ASN C 344 5.18 -35.60 -7.92
N TYR C 345 4.42 -34.52 -7.77
CA TYR C 345 3.81 -34.19 -6.49
C TYR C 345 2.65 -35.13 -6.19
N VAL C 346 2.55 -35.55 -4.93
CA VAL C 346 1.41 -36.30 -4.42
C VAL C 346 0.77 -35.46 -3.33
N TYR C 347 -0.52 -35.20 -3.46
CA TYR C 347 -1.22 -34.23 -2.63
C TYR C 347 -1.95 -34.93 -1.48
N ASP C 348 -1.98 -34.26 -0.33
CA ASP C 348 -2.66 -34.73 0.86
C ASP C 348 -4.04 -34.08 0.92
N PHE C 349 -5.08 -34.85 0.62
CA PHE C 349 -6.44 -34.34 0.60
C PHE C 349 -7.14 -34.48 1.94
N ASP C 350 -6.48 -35.08 2.94
CA ASP C 350 -7.06 -35.26 4.27
C ASP C 350 -6.62 -34.17 5.24
N VAL C 351 -6.12 -33.04 4.72
CA VAL C 351 -5.55 -32.00 5.59
C VAL C 351 -6.63 -31.17 6.28
N GLN C 352 -7.84 -31.12 5.74
CA GLN C 352 -8.90 -30.32 6.34
C GLN C 352 -9.55 -31.06 7.50
N ASN C 353 -9.90 -30.31 8.55
CA ASN C 353 -10.55 -30.88 9.75
C ASN C 353 -12.02 -31.13 9.47
N ASN C 354 -12.45 -30.90 8.23
CA ASN C 354 -13.88 -31.11 7.81
C ASN C 354 -13.96 -32.37 6.94
N SER C 355 -15.18 -32.81 6.64
CA SER C 355 -15.39 -34.03 5.80
C SER C 355 -15.48 -33.63 4.32
N ASP C 356 -14.41 -33.03 3.80
CA ASP C 356 -14.36 -32.59 2.38
C ASP C 356 -12.93 -32.70 1.85
N THR C 357 -12.72 -33.57 0.86
CA THR C 357 -11.36 -33.76 0.26
C THR C 357 -11.35 -33.22 -1.17
N ASP C 358 -10.97 -31.95 -1.33
CA ASP C 358 -10.92 -31.31 -2.68
C ASP C 358 -9.62 -30.52 -2.83
N LEU C 359 -9.10 -29.98 -1.72
CA LEU C 359 -7.87 -29.21 -1.75
C LEU C 359 -6.71 -30.10 -1.32
N GLY C 360 -5.75 -30.29 -2.21
CA GLY C 360 -4.59 -31.09 -1.91
C GLY C 360 -3.46 -30.24 -1.35
N PHE C 361 -2.68 -30.84 -0.45
CA PHE C 361 -1.57 -30.16 0.20
C PHE C 361 -0.31 -30.99 0.02
N ASN C 362 0.73 -30.39 -0.56
CA ASN C 362 2.06 -30.97 -0.61
C ASN C 362 3.02 -30.01 0.05
N ILE C 363 3.82 -30.52 1.00
CA ILE C 363 4.69 -29.65 1.77
C ILE C 363 5.77 -29.04 0.88
N PHE C 364 6.34 -29.84 -0.04
CA PHE C 364 7.33 -29.30 -0.96
C PHE C 364 6.73 -28.26 -1.89
N GLU C 365 5.52 -28.52 -2.39
CA GLU C 365 4.86 -27.55 -3.27
C GLU C 365 4.58 -26.25 -2.54
N GLU C 366 4.12 -26.33 -1.29
CA GLU C 366 3.85 -25.11 -0.54
C GLU C 366 5.13 -24.36 -0.23
N ARG C 367 6.20 -25.07 0.15
CA ARG C 367 7.47 -24.40 0.40
C ARG C 367 8.01 -23.72 -0.85
N LYS C 368 7.80 -24.34 -2.01
CA LYS C 368 8.28 -23.75 -3.25
C LYS C 368 7.42 -22.57 -3.68
N ASN C 369 6.11 -22.63 -3.45
CA ASN C 369 5.16 -21.68 -4.01
C ASN C 369 4.71 -20.60 -3.02
N THR C 370 5.18 -20.62 -1.79
CA THR C 370 4.76 -19.65 -0.78
C THR C 370 5.98 -19.03 -0.11
N SER C 371 5.75 -17.90 0.54
CA SER C 371 6.82 -17.19 1.24
C SER C 371 6.20 -16.21 2.22
N ASN C 372 6.86 -16.03 3.38
CA ASN C 372 6.46 -15.02 4.36
C ASN C 372 7.74 -14.32 4.82
N GLU C 373 8.00 -13.13 4.29
CA GLU C 373 9.25 -12.45 4.59
C GLU C 373 8.99 -11.06 5.16
N GLU C 374 9.67 -10.75 6.26
CA GLU C 374 9.51 -9.47 6.94
C GLU C 374 10.87 -8.81 7.12
N THR C 375 10.87 -7.48 7.10
CA THR C 375 12.07 -6.70 7.35
C THR C 375 11.74 -5.59 8.34
N ILE C 376 12.55 -5.47 9.38
CA ILE C 376 12.32 -4.50 10.45
C ILE C 376 13.51 -3.56 10.52
N ASN C 377 13.24 -2.26 10.40
CA ASN C 377 14.25 -1.22 10.55
C ASN C 377 13.92 -0.42 11.79
N ALA C 378 14.84 -0.41 12.76
CA ALA C 378 14.61 0.21 14.04
C ALA C 378 15.71 1.21 14.37
N LEU C 379 15.33 2.28 15.06
CA LEU C 379 16.25 3.33 15.44
C LEU C 379 15.85 3.88 16.81
N SER C 380 16.85 4.12 17.65
CA SER C 380 16.63 4.72 18.96
C SER C 380 17.78 5.68 19.23
N SER C 381 17.45 6.96 19.33
CA SER C 381 18.44 8.01 19.54
C SER C 381 18.13 8.76 20.83
N ILE C 382 19.15 8.94 21.67
CA ILE C 382 19.00 9.59 22.96
C ILE C 382 20.03 10.71 23.03
N PHE C 383 19.55 11.95 23.11
CA PHE C 383 20.39 13.12 23.38
C PHE C 383 20.16 13.53 24.82
N ASP C 384 21.19 13.42 25.65
CA ASP C 384 21.07 13.78 27.06
C ASP C 384 22.04 14.91 27.40
N ALA C 385 21.51 15.99 27.94
CA ALA C 385 22.30 17.14 28.37
C ALA C 385 22.18 17.31 29.88
N GLU C 386 23.27 17.70 30.51
CA GLU C 386 23.32 17.87 31.95
C GLU C 386 24.05 19.16 32.28
N LEU C 387 23.52 19.92 33.23
CA LEU C 387 24.08 21.19 33.64
C LEU C 387 24.29 21.16 35.15
N ARG C 388 25.55 21.14 35.58
CA ARG C 388 25.88 21.17 37.00
C ARG C 388 25.91 22.63 37.44
N PHE C 389 24.72 23.12 37.80
CA PHE C 389 24.60 24.51 38.23
C PHE C 389 25.40 24.77 39.49
N ASN C 390 25.44 23.79 40.39
CA ASN C 390 26.08 23.94 41.69
C ASN C 390 26.61 22.57 42.11
N ASP C 391 27.41 22.59 43.19
CA ASP C 391 27.84 21.33 43.79
C ASP C 391 26.63 20.52 44.25
N LYS C 392 25.56 21.19 44.68
CA LYS C 392 24.36 20.54 45.17
C LYS C 392 23.24 20.46 44.14
N LEU C 393 23.08 21.48 43.31
CA LEU C 393 21.97 21.56 42.37
C LEU C 393 22.44 21.19 40.97
N LYS C 394 21.73 20.24 40.34
CA LYS C 394 22.04 19.78 39.00
C LYS C 394 20.75 19.71 38.19
N PHE C 395 20.87 19.90 36.88
CA PHE C 395 19.73 19.80 35.98
C PHE C 395 20.04 18.84 34.85
N THR C 396 19.02 18.13 34.38
CA THR C 396 19.19 17.16 33.32
C THR C 396 18.01 17.23 32.37
N THR C 397 18.30 17.21 31.07
CA THR C 397 17.27 17.08 30.04
C THR C 397 17.64 15.93 29.12
N GLN C 398 16.64 15.30 28.54
CA GLN C 398 16.84 14.09 27.77
C GLN C 398 15.77 13.98 26.70
N LEU C 399 16.18 13.79 25.46
CA LEU C 399 15.27 13.61 24.34
C LEU C 399 15.52 12.23 23.72
N GLY C 400 14.48 11.42 23.66
CA GLY C 400 14.57 10.10 23.08
C GLY C 400 13.61 9.90 21.92
N LEU C 401 14.15 9.55 20.76
CA LEU C 401 13.37 9.31 19.56
C LEU C 401 13.49 7.85 19.16
N GLN C 402 12.36 7.16 19.05
CA GLN C 402 12.34 5.77 18.68
C GLN C 402 11.44 5.58 17.47
N LEU C 403 11.89 4.73 16.54
CA LEU C 403 11.16 4.50 15.30
C LEU C 403 11.39 3.06 14.84
N ASP C 404 10.31 2.29 14.76
CA ASP C 404 10.37 0.93 14.24
C ASP C 404 9.47 0.84 13.03
N LYS C 405 9.96 0.22 11.95
CA LYS C 405 9.21 0.08 10.71
C LYS C 405 9.32 -1.36 10.25
N ALA C 406 8.19 -2.08 10.26
CA ALA C 406 8.13 -3.47 9.84
C ALA C 406 7.40 -3.57 8.52
N SER C 407 8.03 -4.19 7.53
CA SER C 407 7.45 -4.42 6.22
C SER C 407 7.35 -5.92 6.01
N LYS C 408 6.13 -6.43 5.92
CA LYS C 408 5.85 -7.85 5.77
C LYS C 408 5.29 -8.11 4.38
N GLU C 409 5.66 -9.26 3.82
CA GLU C 409 5.26 -9.62 2.47
C GLU C 409 4.98 -11.11 2.44
N GLN C 410 3.72 -11.47 2.22
CA GLN C 410 3.29 -12.86 2.14
C GLN C 410 2.82 -13.13 0.73
N ILE C 411 3.47 -14.08 0.07
CA ILE C 411 3.13 -14.43 -1.31
C ILE C 411 2.73 -15.89 -1.36
N ALA C 412 1.58 -16.16 -1.97
CA ALA C 412 1.09 -17.53 -2.15
C ALA C 412 0.74 -17.71 -3.61
N ASP C 413 1.47 -18.58 -4.30
CA ASP C 413 1.24 -18.79 -5.72
C ASP C 413 -0.08 -19.50 -5.96
N LYS C 414 -0.46 -19.60 -7.25
CA LYS C 414 -1.72 -20.24 -7.60
C LYS C 414 -1.73 -21.72 -7.19
N GLU C 415 -0.63 -22.43 -7.43
CA GLU C 415 -0.53 -23.84 -7.09
C GLU C 415 0.04 -24.01 -5.69
N SER C 416 -0.78 -23.63 -4.71
CA SER C 416 -0.45 -23.79 -3.31
C SER C 416 -1.74 -23.90 -2.50
N PHE C 417 -1.67 -24.61 -1.38
CA PHE C 417 -2.85 -24.81 -0.56
C PHE C 417 -3.35 -23.51 0.04
N SER C 418 -2.44 -22.59 0.38
CA SER C 418 -2.83 -21.33 0.98
C SER C 418 -3.71 -20.52 0.03
N MET C 419 -3.52 -20.67 -1.28
CA MET C 419 -4.40 -20.03 -2.24
C MET C 419 -5.67 -20.85 -2.48
N ARG C 420 -5.56 -22.18 -2.36
CA ARG C 420 -6.73 -23.03 -2.52
C ARG C 420 -7.79 -22.73 -1.47
N ILE C 421 -7.37 -22.56 -0.22
CA ILE C 421 -8.34 -22.24 0.83
C ILE C 421 -8.97 -20.88 0.59
N ILE C 422 -8.18 -19.92 0.12
CA ILE C 422 -8.72 -18.58 -0.15
C ILE C 422 -9.79 -18.66 -1.24
N ARG C 423 -9.48 -19.37 -2.33
CA ARG C 423 -10.46 -19.50 -3.42
C ARG C 423 -11.70 -20.25 -2.95
N LYS C 424 -11.52 -21.29 -2.13
CA LYS C 424 -12.67 -22.03 -1.61
C LYS C 424 -13.54 -21.15 -0.72
N ASN C 425 -12.91 -20.35 0.15
CA ASN C 425 -13.65 -19.43 1.00
C ASN C 425 -14.32 -18.33 0.20
N SER C 426 -13.87 -18.08 -1.02
CA SER C 426 -14.51 -17.11 -1.90
C SER C 426 -15.76 -17.66 -2.59
N LYS C 427 -16.32 -18.76 -2.10
CA LYS C 427 -17.49 -19.35 -2.74
C LYS C 427 -18.74 -18.56 -2.40
N TYR C 428 -19.50 -18.21 -3.42
CA TYR C 428 -20.74 -17.45 -3.26
C TYR C 428 -21.81 -18.03 -4.17
N TRP C 429 -23.07 -17.82 -3.78
CA TRP C 429 -24.22 -18.32 -4.52
C TRP C 429 -24.62 -17.31 -5.58
N ASP C 430 -24.36 -17.63 -6.85
CA ASP C 430 -24.75 -16.76 -7.94
C ASP C 430 -26.26 -16.84 -8.14
N SER C 431 -26.94 -15.71 -7.93
CA SER C 431 -28.40 -15.71 -7.98
C SER C 431 -28.90 -15.95 -9.40
N ALA C 432 -28.22 -15.38 -10.40
CA ALA C 432 -28.68 -15.46 -11.77
C ALA C 432 -28.38 -16.80 -12.45
N SER C 433 -27.56 -17.65 -11.83
CA SER C 433 -27.17 -18.91 -12.44
C SER C 433 -27.57 -20.14 -11.64
N GLN C 434 -28.10 -19.96 -10.43
CA GLN C 434 -28.49 -21.08 -9.55
C GLN C 434 -27.32 -22.03 -9.33
N SER C 435 -26.14 -21.46 -9.12
CA SER C 435 -24.93 -22.25 -8.93
C SER C 435 -24.04 -21.54 -7.91
N ASN C 436 -22.90 -22.17 -7.64
CA ASN C 436 -21.90 -21.61 -6.74
C ASN C 436 -20.65 -21.26 -7.52
N LYS C 437 -20.19 -20.03 -7.40
CA LYS C 437 -19.01 -19.54 -8.10
C LYS C 437 -18.00 -19.01 -7.09
N TYR C 438 -16.85 -18.58 -7.60
CA TYR C 438 -15.79 -18.03 -6.77
C TYR C 438 -15.38 -16.68 -7.32
N PHE C 439 -15.42 -15.64 -6.48
CA PHE C 439 -15.14 -14.29 -6.94
C PHE C 439 -13.66 -13.92 -6.84
N ILE C 440 -12.83 -14.76 -6.25
CA ILE C 440 -11.39 -14.50 -6.21
C ILE C 440 -10.78 -14.91 -7.55
N PRO C 441 -10.03 -14.03 -8.21
CA PRO C 441 -9.49 -14.37 -9.52
C PRO C 441 -8.49 -15.53 -9.45
N ASP C 442 -8.41 -16.27 -10.55
CA ASP C 442 -7.50 -17.41 -10.64
C ASP C 442 -6.06 -16.90 -10.70
N GLY C 443 -5.32 -17.09 -9.62
CA GLY C 443 -3.95 -16.63 -9.55
C GLY C 443 -3.49 -16.56 -8.11
N GLY C 444 -2.25 -16.11 -7.94
CA GLY C 444 -1.67 -16.01 -6.62
C GLY C 444 -2.19 -14.81 -5.86
N VAL C 445 -1.75 -14.70 -4.62
CA VAL C 445 -2.05 -13.58 -3.76
C VAL C 445 -0.76 -12.99 -3.21
N HIS C 446 -0.67 -11.66 -3.20
CA HIS C 446 0.44 -10.94 -2.60
C HIS C 446 -0.12 -9.99 -1.56
N LYS C 447 0.18 -10.24 -0.30
CA LYS C 447 -0.28 -9.41 0.81
C LYS C 447 0.90 -8.64 1.37
N ALA C 448 0.72 -7.34 1.56
CA ALA C 448 1.77 -6.45 2.04
C ALA C 448 1.31 -5.73 3.29
N TYR C 449 2.14 -5.75 4.33
CA TYR C 449 1.87 -5.09 5.60
C TYR C 449 2.96 -4.08 5.86
N GLU C 450 2.58 -2.88 6.29
CA GLU C 450 3.53 -1.84 6.67
C GLU C 450 3.11 -1.27 8.02
N ASN C 451 3.85 -1.62 9.07
CA ASN C 451 3.56 -1.15 10.42
C ASN C 451 4.66 -0.19 10.85
N THR C 452 4.26 0.94 11.44
CA THR C 452 5.20 1.94 11.93
C THR C 452 4.86 2.29 13.36
N ASN C 453 5.85 2.24 14.24
CA ASN C 453 5.70 2.54 15.65
C ASN C 453 6.72 3.61 16.02
N SER C 454 6.23 4.81 16.32
CA SER C 454 7.09 5.95 16.60
C SER C 454 6.86 6.44 18.02
N GLN C 455 7.88 7.08 18.58
CA GLN C 455 7.78 7.62 19.93
C GLN C 455 8.80 8.75 20.08
N ILE C 456 8.37 9.82 20.74
CA ILE C 456 9.25 10.92 21.12
C ILE C 456 9.02 11.22 22.59
N THR C 457 10.10 11.26 23.37
CA THR C 457 10.02 11.48 24.80
C THR C 457 10.97 12.60 25.18
N TRP C 458 10.52 13.49 26.07
CA TRP C 458 11.35 14.58 26.57
C TRP C 458 11.20 14.64 28.07
N LYS C 459 12.31 14.44 28.78
CA LYS C 459 12.34 14.51 30.24
C LYS C 459 13.25 15.66 30.67
N ALA C 460 12.91 16.28 31.80
CA ALA C 460 13.70 17.36 32.35
C ALA C 460 13.54 17.36 33.85
N MET C 461 14.60 16.99 34.58
CA MET C 461 14.53 16.87 36.02
C MET C 461 15.68 17.62 36.68
N GLY C 462 15.38 18.28 37.80
CA GLY C 462 16.37 18.97 38.60
C GLY C 462 16.54 18.28 39.95
N GLU C 463 17.79 17.99 40.29
CA GLU C 463 18.14 17.26 41.51
C GLU C 463 18.89 18.17 42.47
N TYR C 464 18.54 18.06 43.75
CA TYR C 464 19.19 18.81 44.82
C TYR C 464 19.66 17.83 45.88
N ARG C 465 20.92 17.94 46.29
CA ARG C 465 21.53 17.04 47.27
C ARG C 465 22.30 17.88 48.28
N ASP C 466 21.90 17.82 49.55
CA ASP C 466 22.57 18.56 50.60
C ASP C 466 22.72 17.69 51.84
N SER C 467 23.74 17.98 52.62
CA SER C 467 24.01 17.29 53.88
C SER C 467 24.15 18.31 54.99
N PHE C 468 23.45 18.09 56.10
CA PHE C 468 23.42 19.02 57.22
C PHE C 468 23.95 18.33 58.47
N ASN C 469 24.91 18.97 59.13
CA ASN C 469 25.45 18.53 60.42
C ASN C 469 26.06 17.13 60.35
N ASP C 470 26.42 16.68 59.15
CA ASP C 470 27.15 15.43 58.91
C ASP C 470 26.36 14.19 59.32
N ILE C 471 25.08 14.32 59.65
CA ILE C 471 24.27 13.15 60.01
C ILE C 471 22.96 13.19 59.24
N HIS C 472 22.62 14.33 58.65
CA HIS C 472 21.43 14.49 57.84
C HIS C 472 21.80 14.59 56.37
N GLU C 473 21.08 13.86 55.52
CA GLU C 473 21.27 13.92 54.08
C GLU C 473 19.92 14.04 53.42
N LEU C 474 19.79 14.97 52.47
CA LEU C 474 18.53 15.23 51.79
C LEU C 474 18.76 15.19 50.28
N GLU C 475 17.92 14.43 49.58
CA GLU C 475 18.00 14.32 48.12
C GLU C 475 16.60 14.58 47.56
N VAL C 476 16.45 15.64 46.78
CA VAL C 476 15.18 16.04 46.21
C VAL C 476 15.32 16.16 44.70
N MET C 477 14.39 15.56 43.97
CA MET C 477 14.32 15.64 42.53
C MET C 477 12.92 16.08 42.11
N VAL C 478 12.86 16.99 41.15
CA VAL C 478 11.60 17.45 40.56
C VAL C 478 11.77 17.43 39.05
N GLY C 479 10.78 16.89 38.34
CA GLY C 479 10.91 16.80 36.90
C GLY C 479 9.58 16.67 36.20
N THR C 480 9.64 16.76 34.87
CA THR C 480 8.48 16.64 34.02
C THR C 480 8.84 15.79 32.81
N GLU C 481 7.81 15.29 32.11
CA GLU C 481 8.03 14.41 30.99
C GLU C 481 6.86 14.49 30.02
N LEU C 482 7.16 14.79 28.76
CA LEU C 482 6.18 14.76 27.68
C LEU C 482 6.53 13.61 26.76
N ARG C 483 5.54 12.78 26.42
CA ARG C 483 5.78 11.61 25.59
C ARG C 483 4.64 11.40 24.62
N LYS C 484 4.96 11.34 23.33
CA LYS C 484 3.95 11.12 22.30
C LYS C 484 4.31 9.88 21.50
N THR C 485 3.31 9.02 21.27
CA THR C 485 3.49 7.77 20.55
C THR C 485 2.52 7.70 19.38
N TRP C 486 3.00 7.17 18.26
CA TRP C 486 2.19 6.93 17.08
C TRP C 486 2.35 5.49 16.63
N TYR C 487 1.26 4.88 16.18
CA TYR C 487 1.28 3.53 15.62
C TYR C 487 0.39 3.55 14.38
N GLU C 488 1.01 3.49 13.20
CA GLU C 488 0.32 3.50 11.93
C GLU C 488 0.58 2.20 11.20
N THR C 489 -0.48 1.54 10.74
CA THR C 489 -0.37 0.29 10.01
C THR C 489 -1.12 0.39 8.69
N LEU C 490 -0.58 -0.27 7.68
CA LEU C 490 -1.21 -0.33 6.35
C LEU C 490 -1.16 -1.77 5.86
N PHE C 491 -2.26 -2.21 5.27
CA PHE C 491 -2.36 -3.55 4.69
C PHE C 491 -2.92 -3.45 3.29
N SER C 492 -2.30 -4.18 2.35
CA SER C 492 -2.73 -4.18 0.96
C SER C 492 -2.61 -5.57 0.39
N ALA C 493 -3.64 -6.02 -0.32
CA ALA C 493 -3.66 -7.35 -0.91
C ALA C 493 -4.08 -7.25 -2.37
N GLY C 494 -3.44 -8.06 -3.21
CA GLY C 494 -3.76 -8.10 -4.63
C GLY C 494 -3.93 -9.51 -5.14
N TYR C 495 -5.11 -9.83 -5.65
CA TYR C 495 -5.43 -11.17 -6.11
C TYR C 495 -5.29 -11.26 -7.62
N GLY C 496 -5.05 -12.49 -8.09
CA GLY C 496 -4.59 -12.68 -9.45
C GLY C 496 -3.12 -12.45 -9.64
N PHE C 497 -2.39 -12.24 -8.54
CA PHE C 497 -0.97 -11.90 -8.58
C PHE C 497 -0.16 -12.98 -9.27
N ASP C 498 0.75 -12.55 -10.15
CA ASP C 498 1.76 -13.39 -10.76
C ASP C 498 3.11 -13.00 -10.19
N ARG C 499 3.90 -14.00 -9.78
CA ARG C 499 5.12 -13.71 -9.05
C ARG C 499 6.12 -12.92 -9.88
N GLN C 500 6.27 -13.27 -11.15
CA GLN C 500 7.23 -12.57 -12.00
C GLN C 500 6.63 -11.35 -12.70
N THR C 501 5.42 -11.49 -13.23
CA THR C 501 4.80 -10.38 -13.95
C THR C 501 4.37 -9.26 -13.01
N LEU C 502 4.20 -9.54 -11.72
CA LEU C 502 3.83 -8.55 -10.71
C LEU C 502 2.49 -7.89 -11.05
N THR C 503 1.59 -8.62 -11.68
CA THR C 503 0.31 -8.09 -12.12
C THR C 503 -0.83 -8.78 -11.37
N THR C 504 -1.76 -7.98 -10.86
CA THR C 504 -2.93 -8.48 -10.15
C THR C 504 -4.14 -8.49 -11.10
N LYS C 505 -5.29 -8.88 -10.56
CA LYS C 505 -6.52 -8.99 -11.33
C LYS C 505 -7.66 -8.42 -10.51
N PRO C 506 -8.66 -7.81 -11.16
CA PRO C 506 -9.76 -7.20 -10.42
C PRO C 506 -10.62 -8.24 -9.72
N VAL C 507 -11.18 -7.84 -8.57
CA VAL C 507 -12.03 -8.69 -7.75
C VAL C 507 -13.40 -8.03 -7.65
N VAL C 508 -14.46 -8.82 -7.88
CA VAL C 508 -15.83 -8.33 -7.83
C VAL C 508 -16.49 -9.01 -6.64
N PHE C 509 -16.61 -8.27 -5.54
CA PHE C 509 -17.22 -8.81 -4.32
C PHE C 509 -18.74 -8.78 -4.43
N PRO C 510 -19.42 -9.90 -4.18
CA PRO C 510 -20.89 -9.89 -4.26
C PRO C 510 -21.55 -8.92 -3.30
N ASP C 511 -21.02 -8.77 -2.09
CA ASP C 511 -21.57 -7.87 -1.09
C ASP C 511 -20.45 -7.06 -0.46
N GLU C 512 -20.81 -6.18 0.47
CA GLU C 512 -19.83 -5.47 1.27
C GLU C 512 -19.23 -6.35 2.35
N ASP C 513 -20.03 -7.27 2.89
CA ASP C 513 -19.51 -8.20 3.90
C ASP C 513 -18.44 -9.11 3.31
N ARG C 514 -18.65 -9.60 2.09
CA ARG C 514 -17.63 -10.41 1.45
C ARG C 514 -16.42 -9.59 1.06
N ALA C 515 -16.59 -8.28 0.85
CA ALA C 515 -15.45 -7.41 0.63
C ALA C 515 -14.66 -7.19 1.91
N ARG C 516 -15.34 -7.19 3.06
CA ARG C 516 -14.63 -7.12 4.34
C ARG C 516 -13.96 -8.44 4.67
N GLN C 517 -14.52 -9.56 4.18
CA GLN C 517 -13.91 -10.86 4.43
C GLN C 517 -12.57 -11.00 3.72
N PHE C 518 -12.39 -10.34 2.58
CA PHE C 518 -11.13 -10.32 1.85
C PHE C 518 -10.85 -8.83 1.75
N PRO C 519 -10.15 -8.24 2.71
CA PRO C 519 -9.77 -6.82 2.60
C PRO C 519 -8.66 -6.62 1.57
N LEU C 520 -8.80 -5.53 0.81
CA LEU C 520 -7.82 -5.17 -0.20
C LEU C 520 -6.95 -3.98 0.21
N HIS C 521 -7.41 -3.15 1.12
CA HIS C 521 -6.68 -1.96 1.54
C HIS C 521 -7.21 -1.49 2.87
N GLN C 522 -6.39 -1.55 3.91
CA GLN C 522 -6.77 -1.17 5.26
C GLN C 522 -5.72 -0.22 5.84
N LYS C 523 -6.19 0.77 6.57
CA LYS C 523 -5.34 1.74 7.25
C LYS C 523 -5.73 1.81 8.72
N THR C 524 -4.73 1.98 9.59
CA THR C 524 -4.96 2.11 11.01
C THR C 524 -4.01 3.15 11.57
N TYR C 525 -4.54 4.03 12.42
CA TYR C 525 -3.78 5.15 12.97
C TYR C 525 -4.13 5.31 14.43
N LYS C 526 -3.13 5.20 15.31
CA LYS C 526 -3.29 5.49 16.72
C LYS C 526 -2.26 6.52 17.14
N GLU C 527 -2.67 7.50 17.93
CA GLU C 527 -1.77 8.55 18.39
C GLU C 527 -2.15 8.94 19.81
N ASN C 528 -1.17 8.95 20.71
CA ASN C 528 -1.41 9.24 22.11
C ASN C 528 -0.33 10.18 22.63
N ALA C 529 -0.70 10.98 23.63
CA ALA C 529 0.20 11.91 24.29
C ALA C 529 0.05 11.81 25.79
N TYR C 530 1.16 12.03 26.50
CA TYR C 530 1.21 11.89 27.95
C TYR C 530 2.03 13.03 28.53
N VAL C 531 1.50 13.68 29.56
CA VAL C 531 2.16 14.74 30.29
C VAL C 531 2.26 14.33 31.74
N SER C 532 3.48 14.30 32.29
CA SER C 532 3.70 13.83 33.65
C SER C 532 4.56 14.82 34.41
N PHE C 533 4.23 15.02 35.69
CA PHE C 533 5.04 15.82 36.60
C PHE C 533 5.35 14.97 37.82
N PHE C 534 6.63 14.70 38.08
CA PHE C 534 7.02 13.80 39.13
C PHE C 534 8.01 14.46 40.08
N SER C 535 8.09 13.93 41.29
CA SER C 535 9.05 14.38 42.27
C SER C 535 9.42 13.22 43.18
N THR C 536 10.61 13.30 43.76
CA THR C 536 11.15 12.27 44.63
C THR C 536 11.91 12.93 45.76
N ALA C 537 11.76 12.40 46.97
CA ALA C 537 12.45 12.91 48.14
C ALA C 537 13.04 11.76 48.94
N SER C 538 14.19 12.01 49.55
CA SER C 538 14.86 11.02 50.38
C SER C 538 15.59 11.72 51.49
N TYR C 539 15.46 11.21 52.71
CA TYR C 539 16.09 11.77 53.89
C TYR C 539 16.78 10.67 54.67
N SER C 540 18.10 10.76 54.79
CA SER C 540 18.90 9.78 55.50
C SER C 540 19.42 10.38 56.80
N LEU C 541 19.26 9.66 57.90
CA LEU C 541 19.60 10.13 59.23
C LEU C 541 20.59 9.17 59.87
N MET C 542 21.75 9.70 60.27
CA MET C 542 22.78 8.97 61.00
C MET C 542 23.24 7.71 60.26
N ASN C 543 23.12 7.72 58.94
CA ASN C 543 23.45 6.56 58.09
C ASN C 543 22.70 5.31 58.54
N ARG C 544 21.59 5.49 59.25
CA ARG C 544 20.82 4.40 59.81
C ARG C 544 19.34 4.37 59.47
N TYR C 545 18.72 5.53 59.31
CA TYR C 545 17.28 5.60 59.01
C TYR C 545 17.08 6.38 57.73
N THR C 546 16.66 5.71 56.66
CA THR C 546 16.37 6.35 55.40
C THR C 546 14.87 6.32 55.16
N PHE C 547 14.30 7.49 54.91
CA PHE C 547 12.88 7.64 54.60
C PHE C 547 12.76 8.22 53.20
N GLY C 548 12.09 7.49 52.32
CA GLY C 548 11.95 7.93 50.95
C GLY C 548 10.50 8.08 50.53
N GLY C 549 10.28 8.86 49.48
CA GLY C 549 8.94 9.05 48.97
C GLY C 549 9.00 9.55 47.55
N SER C 550 7.90 9.35 46.83
CA SER C 550 7.80 9.82 45.46
C SER C 550 6.34 10.16 45.16
N ILE C 551 6.15 11.00 44.14
CA ILE C 551 4.82 11.39 43.70
C ILE C 551 4.88 11.65 42.21
N ARG C 552 3.77 11.41 41.52
CA ARG C 552 3.74 11.55 40.07
C ARG C 552 2.31 11.81 39.63
N PHE C 553 2.08 12.96 39.00
CA PHE C 553 0.80 13.31 38.42
C PHE C 553 0.87 13.04 36.92
N ASP C 554 0.00 12.16 36.43
CA ASP C 554 -0.01 11.73 35.04
C ASP C 554 -1.30 12.17 34.36
N GLY C 555 -1.17 12.65 33.14
CA GLY C 555 -2.33 12.96 32.32
C GLY C 555 -2.11 12.48 30.91
N SER C 556 -3.21 12.10 30.26
CA SER C 556 -3.13 11.55 28.92
C SER C 556 -4.46 11.78 28.22
N ASP C 557 -4.45 11.62 26.90
CA ASP C 557 -5.68 11.68 26.13
C ASP C 557 -6.49 10.40 26.23
N LEU C 558 -5.94 9.35 26.83
CA LEU C 558 -6.66 8.11 27.07
C LEU C 558 -7.47 8.14 28.35
N PHE C 559 -7.41 9.22 29.12
CA PHE C 559 -8.18 9.38 30.33
C PHE C 559 -9.31 10.37 30.08
N GLY C 560 -10.33 10.30 30.94
CA GLY C 560 -11.44 11.23 30.84
C GLY C 560 -11.05 12.63 31.27
N VAL C 561 -11.94 13.57 30.95
CA VAL C 561 -11.71 14.98 31.25
C VAL C 561 -12.40 15.41 32.53
N ASP C 562 -12.82 14.45 33.36
CA ASP C 562 -13.45 14.78 34.64
C ASP C 562 -12.44 15.41 35.57
N LYS C 563 -12.83 16.53 36.19
CA LYS C 563 -11.92 17.22 37.11
C LYS C 563 -11.75 16.47 38.42
N LYS C 564 -12.64 15.53 38.72
CA LYS C 564 -12.52 14.76 39.95
C LYS C 564 -11.35 13.78 39.90
N TYR C 565 -11.05 13.25 38.71
CA TYR C 565 -10.01 12.24 38.54
C TYR C 565 -8.86 12.72 37.66
N ARG C 566 -8.85 13.99 37.25
CA ARG C 566 -7.98 14.39 36.15
C ARG C 566 -6.50 14.21 36.49
N TYR C 567 -6.06 14.75 37.63
CA TYR C 567 -4.67 14.63 38.05
C TYR C 567 -4.66 14.19 39.52
N LEU C 568 -4.70 12.88 39.73
CA LEU C 568 -4.59 12.28 41.05
C LEU C 568 -3.20 11.70 41.24
N PRO C 569 -2.59 11.89 42.42
CA PRO C 569 -1.20 11.48 42.59
C PRO C 569 -1.02 9.97 42.55
N LEU C 570 0.11 9.56 42.02
CA LEU C 570 0.59 8.18 42.09
C LEU C 570 1.87 8.19 42.92
N TYR C 571 1.74 7.86 44.19
CA TYR C 571 2.78 8.15 45.17
C TYR C 571 3.35 6.88 45.75
N SER C 572 4.31 7.04 46.66
CA SER C 572 4.92 5.95 47.40
C SER C 572 5.63 6.51 48.61
N VAL C 573 5.55 5.79 49.73
CA VAL C 573 6.29 6.10 50.94
C VAL C 573 7.11 4.87 51.32
N SER C 574 8.41 5.06 51.50
CA SER C 574 9.34 3.98 51.77
C SER C 574 10.08 4.24 53.06
N GLY C 575 10.74 3.20 53.57
CA GLY C 575 11.53 3.32 54.78
C GLY C 575 12.55 2.23 54.93
N LEU C 576 13.78 2.60 55.29
CA LEU C 576 14.87 1.65 55.51
C LEU C 576 15.47 1.87 56.89
N TRP C 577 15.78 0.76 57.56
CA TRP C 577 16.43 0.80 58.87
C TRP C 577 17.56 -0.22 58.86
N ARG C 578 18.80 0.25 58.94
CA ARG C 578 19.97 -0.62 58.91
C ARG C 578 20.26 -1.06 60.35
N LEU C 579 19.77 -2.24 60.72
CA LEU C 579 19.97 -2.75 62.07
C LEU C 579 21.43 -3.04 62.38
N SER C 580 22.25 -3.27 61.37
CA SER C 580 23.66 -3.58 61.61
C SER C 580 24.45 -2.36 62.08
N ASN C 581 24.00 -1.15 61.76
CA ASN C 581 24.70 0.07 62.12
C ASN C 581 24.32 0.59 63.50
N GLU C 582 23.37 -0.09 64.15
CA GLU C 582 22.87 0.31 65.49
C GLU C 582 24.00 0.14 66.53
N PRO C 583 24.22 1.12 67.43
CA PRO C 583 25.28 1.02 68.44
C PRO C 583 25.10 -0.20 69.35
N PHE C 584 23.84 -0.60 69.60
CA PHE C 584 23.56 -1.74 70.45
C PHE C 584 23.83 -3.06 69.75
N MET C 585 24.03 -3.07 68.45
CA MET C 585 24.24 -4.29 67.68
C MET C 585 25.66 -4.38 67.13
N GLN C 586 26.53 -3.45 67.52
CA GLN C 586 27.92 -3.45 67.07
C GLN C 586 28.71 -4.65 67.60
N GLY C 587 28.20 -5.35 68.61
CA GLY C 587 28.87 -6.55 69.07
C GLY C 587 28.87 -7.64 68.02
N THR C 588 27.78 -7.79 67.29
CA THR C 588 27.67 -8.78 66.21
C THR C 588 28.09 -8.18 64.87
N ARG C 589 29.29 -7.61 64.82
CA ARG C 589 29.82 -7.05 63.59
C ARG C 589 31.06 -7.77 63.07
N LYS C 590 31.60 -8.72 63.84
CA LYS C 590 32.73 -9.51 63.36
C LYS C 590 32.32 -10.55 62.34
N TRP C 591 31.02 -10.81 62.19
CA TRP C 591 30.53 -11.78 61.22
C TRP C 591 29.36 -11.29 60.39
N MET C 592 28.72 -10.18 60.74
CA MET C 592 27.56 -9.66 60.02
C MET C 592 27.95 -8.35 59.34
N ASP C 593 27.78 -8.29 58.02
CA ASP C 593 28.07 -7.08 57.27
C ASP C 593 26.87 -6.18 57.07
N ASN C 594 25.67 -6.76 57.01
CA ASN C 594 24.47 -5.99 56.72
C ASN C 594 23.26 -6.67 57.34
N LEU C 595 22.35 -5.86 57.86
CA LEU C 595 21.04 -6.31 58.28
C LEU C 595 20.26 -5.03 58.07
N ALA C 596 19.35 -5.03 57.09
CA ALA C 596 18.50 -3.88 56.83
C ALA C 596 17.06 -4.35 56.68
N PHE C 597 16.14 -3.63 57.30
CA PHE C 597 14.71 -3.88 57.16
C PHE C 597 14.10 -2.72 56.39
N ARG C 598 13.44 -3.01 55.28
CA ARG C 598 12.81 -1.98 54.46
C ARG C 598 11.34 -2.28 54.27
N VAL C 599 10.52 -1.24 54.36
CA VAL C 599 9.08 -1.35 54.11
C VAL C 599 8.70 -0.30 53.07
N SER C 600 7.61 -0.57 52.37
CA SER C 600 7.16 0.31 51.31
C SER C 600 5.65 0.23 51.19
N TYR C 601 5.05 1.36 50.80
CA TYR C 601 3.64 1.43 50.47
C TYR C 601 3.49 2.41 49.31
N GLY C 602 2.44 2.24 48.53
CA GLY C 602 2.21 3.17 47.44
C GLY C 602 1.11 2.70 46.53
N ILE C 603 0.81 3.55 45.57
CA ILE C 603 -0.20 3.29 44.55
C ILE C 603 0.46 3.36 43.18
N GLN C 604 0.35 2.26 42.42
CA GLN C 604 0.81 2.20 41.04
C GLN C 604 -0.37 2.45 40.12
N GLY C 605 -0.11 2.42 38.82
CA GLY C 605 -1.16 2.69 37.84
C GLY C 605 -0.92 1.90 36.57
N ASN C 606 -2.02 1.61 35.88
CA ASN C 606 -1.98 0.94 34.59
C ASN C 606 -2.90 1.67 33.62
N ILE C 607 -2.51 1.67 32.34
CA ILE C 607 -3.29 2.30 31.29
C ILE C 607 -3.82 1.21 30.37
N ASP C 608 -5.13 1.16 30.19
CA ASP C 608 -5.75 0.29 29.19
C ASP C 608 -5.87 1.10 27.90
N LYS C 609 -4.96 0.86 26.97
CA LYS C 609 -4.87 1.66 25.76
C LYS C 609 -5.92 1.29 24.72
N ASN C 610 -6.66 0.21 24.91
CA ASN C 610 -7.71 -0.20 23.98
C ASN C 610 -9.07 0.35 24.36
N THR C 611 -9.15 1.17 25.40
CA THR C 611 -10.39 1.81 25.83
C THR C 611 -10.29 3.31 25.60
N SER C 612 -11.40 3.91 25.16
CA SER C 612 -11.42 5.33 24.85
C SER C 612 -12.49 6.04 25.66
N PRO C 613 -12.23 7.27 26.11
CA PRO C 613 -13.24 8.05 26.81
C PRO C 613 -14.21 8.79 25.91
N PHE C 614 -14.18 8.55 24.61
CA PHE C 614 -14.96 9.29 23.63
C PHE C 614 -16.19 8.49 23.22
N LEU C 615 -17.13 9.18 22.57
CA LEU C 615 -18.35 8.57 22.08
C LEU C 615 -18.07 8.02 20.69
N LEU C 616 -17.74 6.73 20.62
CA LEU C 616 -17.48 6.07 19.35
C LEU C 616 -18.79 5.52 18.80
N GLY C 617 -19.20 6.00 17.64
CA GLY C 617 -20.44 5.58 17.03
C GLY C 617 -20.30 5.15 15.59
N LYS C 618 -21.42 5.00 14.89
CA LYS C 618 -21.40 4.60 13.49
C LYS C 618 -22.55 5.27 12.76
N TYR C 619 -22.33 5.58 11.49
CA TYR C 619 -23.32 6.25 10.67
C TYR C 619 -24.28 5.24 10.06
N ILE C 620 -25.59 5.50 10.19
CA ILE C 620 -26.62 4.69 9.57
C ILE C 620 -27.61 5.61 8.89
N VAL C 621 -28.41 5.03 7.99
CA VAL C 621 -29.45 5.76 7.28
C VAL C 621 -30.80 5.20 7.73
N ASP C 622 -31.68 6.09 8.19
CA ASP C 622 -33.00 5.72 8.67
C ASP C 622 -33.84 6.99 8.73
N ASN C 623 -35.10 6.83 9.06
CA ASN C 623 -35.98 7.98 9.19
C ASN C 623 -37.13 7.65 10.13
N ILE C 624 -37.77 8.71 10.63
CA ILE C 624 -38.87 8.57 11.58
C ILE C 624 -40.22 8.85 10.92
N LEU C 625 -40.19 9.37 9.68
CA LEU C 625 -41.42 9.66 8.90
C LEU C 625 -41.26 9.14 7.47
N PRO C 626 -42.35 8.84 6.73
CA PRO C 626 -42.26 8.33 5.34
C PRO C 626 -41.52 9.33 4.44
N GLY C 627 -40.53 8.85 3.67
CA GLY C 627 -39.73 9.72 2.82
C GLY C 627 -38.57 10.33 3.58
N GLY C 628 -37.62 10.85 2.80
CA GLY C 628 -36.45 11.47 3.38
C GLY C 628 -35.42 10.48 3.89
N SER C 629 -34.14 10.81 3.77
CA SER C 629 -33.05 9.93 4.20
C SER C 629 -32.24 10.68 5.25
N GLU C 630 -32.66 10.57 6.52
CA GLU C 630 -31.94 11.17 7.63
C GLU C 630 -30.71 10.32 7.95
N HIS C 631 -29.57 11.00 8.12
CA HIS C 631 -28.29 10.35 8.48
C HIS C 631 -28.20 10.32 10.01
N MET C 632 -28.22 9.11 10.59
CA MET C 632 -28.22 8.95 12.03
C MET C 632 -26.93 8.29 12.51
N ILE C 633 -26.64 8.45 13.80
CA ILE C 633 -25.45 7.91 14.43
C ILE C 633 -25.88 6.96 15.54
N ASP C 634 -25.39 5.73 15.50
CA ASP C 634 -25.67 4.73 16.51
C ASP C 634 -24.45 4.55 17.40
N ILE C 635 -24.64 4.66 18.71
CA ILE C 635 -23.52 4.64 19.64
C ILE C 635 -22.99 3.22 19.75
N ASN C 636 -21.70 3.05 19.45
CA ASN C 636 -21.02 1.76 19.61
C ASN C 636 -20.42 1.61 21.00
N SER C 637 -19.79 2.67 21.52
CA SER C 637 -19.19 2.66 22.84
C SER C 637 -19.63 3.89 23.61
N ALA C 638 -19.90 3.71 24.90
CA ALA C 638 -20.36 4.80 25.75
C ALA C 638 -19.21 5.73 26.11
N PRO C 639 -19.45 7.04 26.15
CA PRO C 639 -18.40 7.97 26.58
C PRO C 639 -18.23 7.94 28.09
N ASN C 640 -17.01 7.70 28.54
CA ASN C 640 -16.69 7.59 29.96
C ASN C 640 -15.78 8.74 30.34
N LYS C 641 -16.37 9.80 30.89
CA LYS C 641 -15.58 10.96 31.33
C LYS C 641 -14.77 10.67 32.59
N LYS C 642 -15.06 9.59 33.30
CA LYS C 642 -14.32 9.21 34.50
C LYS C 642 -13.34 8.08 34.23
N LEU C 643 -12.90 7.92 32.99
CA LEU C 643 -11.86 6.94 32.69
C LEU C 643 -10.54 7.37 33.29
N ARG C 644 -9.81 6.42 33.83
CA ARG C 644 -8.59 6.71 34.59
C ARG C 644 -7.76 5.44 34.65
N TRP C 645 -6.64 5.52 35.37
CA TRP C 645 -5.73 4.39 35.44
C TRP C 645 -6.22 3.36 36.45
N GLU C 646 -5.82 2.11 36.24
CA GLU C 646 -6.21 1.01 37.11
C GLU C 646 -5.32 1.04 38.35
N LYS C 647 -5.92 1.31 39.50
CA LYS C 647 -5.16 1.53 40.72
C LYS C 647 -4.60 0.21 41.24
N THR C 648 -3.42 0.28 41.86
CA THR C 648 -2.80 -0.88 42.49
C THR C 648 -2.15 -0.43 43.78
N GLN C 649 -2.63 -0.95 44.92
CA GLN C 649 -2.09 -0.62 46.23
C GLN C 649 -1.12 -1.72 46.65
N SER C 650 0.15 -1.35 46.82
CA SER C 650 1.21 -2.31 47.10
C SER C 650 1.80 -2.06 48.48
N VAL C 651 2.03 -3.15 49.21
CA VAL C 651 2.75 -3.12 50.48
C VAL C 651 3.85 -4.16 50.40
N ASN C 652 5.09 -3.75 50.63
CA ASN C 652 6.24 -4.63 50.55
C ASN C 652 7.06 -4.52 51.83
N VAL C 653 7.45 -5.67 52.38
CA VAL C 653 8.30 -5.74 53.56
C VAL C 653 9.54 -6.53 53.19
N GLY C 654 10.72 -5.91 53.36
CA GLY C 654 11.96 -6.47 52.90
C GLY C 654 12.93 -6.77 54.03
N LEU C 655 13.98 -7.52 53.68
CA LEU C 655 15.03 -7.89 54.63
C LEU C 655 16.28 -8.24 53.85
N ASP C 656 17.38 -7.57 54.17
CA ASP C 656 18.70 -7.86 53.61
C ASP C 656 19.61 -8.34 54.72
N PHE C 657 20.43 -9.34 54.43
CA PHE C 657 21.22 -9.99 55.48
C PHE C 657 22.47 -10.61 54.87
N SER C 658 23.63 -10.02 55.13
CA SER C 658 24.90 -10.51 54.60
C SER C 658 25.82 -10.87 55.75
N VAL C 659 26.48 -12.03 55.65
CA VAL C 659 27.39 -12.49 56.69
C VAL C 659 28.66 -13.10 56.09
N LEU C 660 29.74 -12.96 56.88
CA LEU C 660 31.04 -13.59 56.65
C LEU C 660 31.72 -13.03 55.40
N ASN C 661 31.83 -11.70 55.34
CA ASN C 661 32.47 -11.00 54.22
C ASN C 661 31.84 -11.41 52.90
N GLN C 662 30.54 -11.17 52.78
CA GLN C 662 29.74 -11.49 51.60
C GLN C 662 29.70 -12.99 51.31
N ALA C 663 30.03 -13.79 52.33
CA ALA C 663 30.04 -15.26 52.19
C ALA C 663 28.61 -15.78 52.01
N LEU C 664 27.62 -15.09 52.61
CA LEU C 664 26.20 -15.49 52.50
C LEU C 664 25.32 -14.24 52.47
N ASN C 665 24.60 -14.03 51.36
CA ASN C 665 23.71 -12.86 51.20
C ASN C 665 22.26 -13.35 51.06
N LEU C 666 21.32 -12.70 51.74
CA LEU C 666 19.92 -13.09 51.68
C LEU C 666 19.07 -11.84 51.50
N SER C 667 18.14 -11.89 50.55
CA SER C 667 17.19 -10.81 50.32
C SER C 667 15.80 -11.41 50.26
N VAL C 668 14.97 -11.10 51.25
CA VAL C 668 13.61 -11.63 51.35
C VAL C 668 12.64 -10.47 51.23
N ASP C 669 11.60 -10.66 50.43
CA ASP C 669 10.56 -9.65 50.25
C ASP C 669 9.20 -10.32 50.30
N TYR C 670 8.32 -9.81 51.15
CA TYR C 670 6.93 -10.24 51.17
C TYR C 670 6.08 -9.10 50.65
N TYR C 671 5.28 -9.37 49.62
CA TYR C 671 4.49 -8.33 48.98
C TYR C 671 3.03 -8.70 48.94
N TYR C 672 2.20 -7.66 49.04
CA TYR C 672 0.75 -7.74 48.89
C TYR C 672 0.30 -6.56 48.05
N ARG C 673 -0.16 -6.84 46.83
CA ARG C 673 -0.57 -5.81 45.88
C ARG C 673 -2.02 -6.09 45.49
N LYS C 674 -2.92 -5.22 45.94
CA LYS C 674 -4.34 -5.36 45.63
C LYS C 674 -4.71 -4.32 44.58
N GLY C 675 -5.24 -4.79 43.46
CA GLY C 675 -5.60 -3.92 42.35
C GLY C 675 -7.09 -3.64 42.34
N THR C 676 -7.43 -2.37 42.13
CA THR C 676 -8.81 -1.91 42.09
C THR C 676 -9.01 -1.07 40.84
N ASP C 677 -10.27 -0.93 40.44
CA ASP C 677 -10.66 -0.08 39.32
C ASP C 677 -10.06 -0.59 38.02
N LEU C 678 -9.79 -1.89 37.96
CA LEU C 678 -9.30 -2.49 36.71
C LEU C 678 -10.38 -2.36 35.64
N ILE C 679 -9.97 -1.91 34.46
CA ILE C 679 -10.92 -1.65 33.39
C ILE C 679 -11.44 -2.97 32.85
N GLY C 680 -12.75 -3.18 32.97
CA GLY C 680 -13.37 -4.41 32.52
C GLY C 680 -14.84 -4.18 32.23
N LYS C 681 -15.46 -5.20 31.63
CA LYS C 681 -16.85 -5.11 31.24
C LYS C 681 -17.75 -5.38 32.44
N GLN C 682 -18.62 -4.43 32.74
CA GLN C 682 -19.59 -4.55 33.83
C GLN C 682 -20.99 -4.41 33.27
N MET C 683 -21.91 -5.17 33.88
CA MET C 683 -23.34 -5.10 33.57
C MET C 683 -23.91 -3.90 34.31
N LEU C 684 -24.10 -2.80 33.60
CA LEU C 684 -24.55 -1.56 34.21
C LEU C 684 -26.04 -1.62 34.54
N PRO C 685 -26.50 -0.79 35.47
CA PRO C 685 -27.95 -0.60 35.63
C PRO C 685 -28.55 -0.02 34.37
N LEU C 686 -29.82 -0.34 34.12
CA LEU C 686 -30.47 0.07 32.90
C LEU C 686 -30.70 1.58 32.83
N GLU C 687 -30.59 2.28 33.96
CA GLU C 687 -30.73 3.74 33.97
C GLU C 687 -29.50 4.46 33.45
N THR C 688 -28.37 3.77 33.32
CA THR C 688 -27.18 4.38 32.74
C THR C 688 -27.30 4.55 31.24
N GLY C 689 -28.32 3.97 30.62
CA GLY C 689 -28.50 4.02 29.18
C GLY C 689 -27.95 2.83 28.43
N PHE C 690 -27.13 2.01 29.07
CA PHE C 690 -26.51 0.86 28.42
C PHE C 690 -26.64 -0.36 29.32
N VAL C 691 -26.74 -1.53 28.68
CA VAL C 691 -26.83 -2.78 29.43
C VAL C 691 -25.48 -3.10 30.10
N SER C 692 -24.38 -2.92 29.38
CA SER C 692 -23.06 -3.23 29.89
C SER C 692 -22.03 -2.42 29.13
N THR C 693 -20.90 -2.16 29.77
CA THR C 693 -19.81 -1.44 29.11
C THR C 693 -18.53 -1.62 29.93
N ASN C 694 -17.42 -1.17 29.34
CA ASN C 694 -16.11 -1.28 29.98
C ASN C 694 -15.85 -0.04 30.84
N ILE C 695 -15.74 -0.25 32.15
CA ILE C 695 -15.48 0.83 33.10
C ILE C 695 -14.43 0.35 34.10
N ASN C 696 -14.02 1.27 34.98
CA ASN C 696 -13.05 0.99 36.03
C ASN C 696 -13.80 0.47 37.24
N TRP C 697 -13.98 -0.85 37.31
CA TRP C 697 -14.69 -1.45 38.44
C TRP C 697 -14.13 -2.76 38.95
N ALA C 698 -13.25 -3.45 38.23
CA ALA C 698 -12.84 -4.77 38.64
C ALA C 698 -11.83 -4.71 39.79
N SER C 699 -11.49 -5.90 40.30
CA SER C 699 -10.58 -6.01 41.43
C SER C 699 -9.71 -7.25 41.26
N MET C 700 -8.62 -7.29 42.02
CA MET C 700 -7.58 -8.29 41.84
C MET C 700 -6.68 -8.25 43.07
N VAL C 701 -5.90 -9.31 43.25
CA VAL C 701 -4.89 -9.32 44.30
C VAL C 701 -3.76 -10.27 43.90
N ASN C 702 -2.54 -9.88 44.25
CA ASN C 702 -1.36 -10.73 44.19
C ASN C 702 -0.64 -10.63 45.52
N LYS C 703 0.00 -11.70 45.94
CA LYS C 703 0.74 -11.69 47.19
C LYS C 703 1.68 -12.87 47.22
N GLY C 704 2.84 -12.67 47.83
CA GLY C 704 3.78 -13.76 47.95
C GLY C 704 5.14 -13.32 48.43
N VAL C 705 6.12 -14.21 48.22
CA VAL C 705 7.47 -14.07 48.76
C VAL C 705 8.48 -14.20 47.64
N GLU C 706 9.47 -13.31 47.64
CA GLU C 706 10.64 -13.39 46.78
C GLU C 706 11.86 -13.62 47.66
N VAL C 707 12.61 -14.68 47.38
CA VAL C 707 13.80 -15.01 48.15
C VAL C 707 14.98 -15.09 47.19
N SER C 708 16.03 -14.33 47.47
CA SER C 708 17.25 -14.33 46.67
C SER C 708 18.43 -14.58 47.59
N LEU C 709 19.04 -15.76 47.48
CA LEU C 709 20.15 -16.16 48.33
C LEU C 709 21.38 -16.43 47.47
N SER C 710 22.48 -15.78 47.81
CA SER C 710 23.74 -15.92 47.09
C SER C 710 24.82 -16.35 48.07
N THR C 711 25.57 -17.39 47.70
CA THR C 711 26.54 -18.00 48.61
C THR C 711 27.88 -18.16 47.91
N ARG C 712 28.95 -17.99 48.67
CA ARG C 712 30.32 -18.27 48.23
C ARG C 712 30.75 -19.54 48.97
N ASN C 713 30.53 -20.68 48.33
CA ASN C 713 30.72 -21.96 49.01
C ASN C 713 32.19 -22.24 49.26
N VAL C 714 33.04 -22.05 48.25
CA VAL C 714 34.46 -22.32 48.35
C VAL C 714 35.22 -21.08 47.89
N ALA C 715 36.19 -20.64 48.69
CA ALA C 715 37.03 -19.49 48.39
C ALA C 715 38.48 -19.90 48.58
N THR C 716 39.11 -20.36 47.51
CA THR C 716 40.49 -20.82 47.54
C THR C 716 41.24 -20.13 46.40
N LYS C 717 42.56 -20.02 46.56
CA LYS C 717 43.39 -19.35 45.56
C LYS C 717 43.17 -19.92 44.16
N ASN C 718 42.94 -21.23 44.05
CA ASN C 718 42.74 -21.87 42.75
C ASN C 718 41.27 -22.18 42.45
N PHE C 719 40.55 -22.75 43.40
CA PHE C 719 39.18 -23.21 43.18
C PHE C 719 38.20 -22.34 43.95
N SER C 720 37.20 -21.81 43.24
CA SER C 720 36.16 -20.99 43.84
C SER C 720 34.80 -21.50 43.37
N TRP C 721 33.82 -21.50 44.28
CA TRP C 721 32.49 -22.00 43.99
C TRP C 721 31.45 -21.04 44.57
N TYR C 722 30.55 -20.57 43.72
CA TYR C 722 29.48 -19.66 44.10
C TYR C 722 28.13 -20.26 43.74
N THR C 723 27.13 -19.96 44.57
CA THR C 723 25.76 -20.41 44.33
C THR C 723 24.83 -19.22 44.44
N ASN C 724 23.86 -19.15 43.51
CA ASN C 724 22.88 -18.07 43.46
C ASN C 724 21.51 -18.71 43.30
N LEU C 725 20.70 -18.66 44.36
CA LEU C 725 19.37 -19.25 44.34
C LEU C 725 18.32 -18.14 44.38
N ASN C 726 17.44 -18.11 43.39
CA ASN C 726 16.33 -17.17 43.33
C ASN C 726 15.03 -17.97 43.38
N PHE C 727 14.14 -17.58 44.28
CA PHE C 727 12.85 -18.24 44.46
C PHE C 727 11.76 -17.19 44.56
N ALA C 728 10.60 -17.49 43.98
CA ALA C 728 9.48 -16.57 44.04
C ALA C 728 8.17 -17.35 44.00
N TYR C 729 7.28 -17.04 44.93
CA TYR C 729 5.93 -17.61 44.96
C TYR C 729 4.92 -16.48 44.85
N ASN C 730 3.98 -16.62 43.91
CA ASN C 730 2.94 -15.64 43.70
C ASN C 730 1.58 -16.31 43.84
N ASN C 731 0.72 -15.72 44.65
CA ASN C 731 -0.65 -16.21 44.86
C ASN C 731 -1.60 -15.23 44.19
N ASN C 732 -1.87 -15.47 42.91
CA ASN C 732 -2.77 -14.62 42.14
C ASN C 732 -4.21 -15.02 42.40
N LYS C 733 -5.11 -14.04 42.41
CA LYS C 733 -6.51 -14.29 42.73
C LYS C 733 -7.33 -13.11 42.26
N VAL C 734 -8.37 -13.39 41.47
CA VAL C 734 -9.30 -12.36 41.01
C VAL C 734 -10.39 -12.18 42.05
N LEU C 735 -10.59 -10.95 42.49
CA LEU C 735 -11.53 -10.66 43.56
C LEU C 735 -12.89 -10.22 43.08
N ARG C 736 -12.98 -9.53 41.95
CA ARG C 736 -14.25 -8.99 41.47
C ARG C 736 -14.18 -8.81 39.97
N GLU C 737 -14.93 -9.65 39.26
CA GLU C 737 -15.03 -9.66 37.78
C GLU C 737 -16.44 -10.13 37.40
N ALA C 738 -16.89 -9.79 36.18
CA ALA C 738 -18.21 -10.16 35.72
C ALA C 738 -18.12 -11.14 34.55
N ILE C 739 -19.04 -12.09 34.51
CA ILE C 739 -19.11 -13.07 33.43
C ILE C 739 -20.48 -12.99 32.78
N PRO C 740 -20.60 -13.32 31.49
CA PRO C 740 -21.92 -13.33 30.86
C PRO C 740 -22.83 -14.39 31.47
N GLU C 741 -24.13 -14.11 31.46
CA GLU C 741 -25.10 -15.06 32.02
C GLU C 741 -25.16 -16.34 31.21
N ALA C 742 -24.86 -16.28 29.91
CA ALA C 742 -24.88 -17.45 29.05
C ALA C 742 -23.63 -18.32 29.21
N GLN C 743 -22.60 -17.82 29.89
CA GLN C 743 -21.37 -18.58 30.08
C GLN C 743 -21.62 -19.78 30.99
N THR C 744 -21.09 -20.94 30.59
CA THR C 744 -21.29 -22.17 31.32
C THR C 744 -20.08 -22.64 32.10
N ILE C 745 -18.90 -22.06 31.85
CA ILE C 745 -17.69 -22.40 32.58
C ILE C 745 -17.58 -21.40 33.73
N PRO C 746 -17.10 -21.79 34.91
CA PRO C 746 -17.10 -20.87 36.04
C PRO C 746 -16.18 -19.68 35.82
N GLY C 747 -16.53 -18.56 36.45
CA GLY C 747 -15.70 -17.38 36.37
C GLY C 747 -14.47 -17.49 37.26
N ARG C 748 -13.51 -16.60 37.00
CA ARG C 748 -12.24 -16.62 37.70
C ARG C 748 -12.29 -15.94 39.06
N GLU C 749 -13.42 -15.35 39.43
CA GLU C 749 -13.53 -14.62 40.69
C GLU C 749 -13.20 -15.54 41.87
N GLY C 750 -12.10 -15.24 42.56
CA GLY C 750 -11.59 -16.11 43.61
C GLY C 750 -10.47 -17.01 43.18
N TYR C 751 -10.07 -16.99 41.92
CA TYR C 751 -9.07 -17.87 41.34
C TYR C 751 -8.16 -17.04 40.44
N PRO C 752 -6.98 -17.57 40.10
CA PRO C 752 -6.05 -16.81 39.25
C PRO C 752 -6.65 -16.47 37.89
N VAL C 753 -5.91 -15.62 37.16
CA VAL C 753 -6.35 -15.20 35.83
C VAL C 753 -6.42 -16.40 34.89
N ASP C 754 -5.46 -17.32 35.00
CA ASP C 754 -5.38 -18.49 34.16
C ASP C 754 -5.92 -19.73 34.86
N ALA C 755 -6.98 -19.56 35.65
CA ALA C 755 -7.60 -20.69 36.33
C ALA C 755 -8.11 -21.70 35.33
N ILE C 756 -7.98 -22.98 35.67
CA ILE C 756 -8.42 -24.08 34.82
C ILE C 756 -9.52 -24.83 35.55
N PHE C 757 -10.73 -24.78 35.01
CA PHE C 757 -11.87 -25.51 35.56
C PHE C 757 -12.18 -26.68 34.63
N ALA C 758 -12.23 -27.88 35.19
CA ALA C 758 -12.44 -29.10 34.41
C ALA C 758 -13.51 -29.95 35.07
N ILE C 759 -14.19 -30.74 34.24
CA ILE C 759 -15.22 -31.66 34.72
C ILE C 759 -14.53 -32.93 35.20
N LYS C 760 -14.58 -33.18 36.50
CA LYS C 760 -13.95 -34.36 37.06
C LYS C 760 -14.71 -35.62 36.65
N THR C 761 -13.97 -36.62 36.19
CA THR C 761 -14.55 -37.87 35.74
C THR C 761 -14.10 -39.02 36.65
N ALA C 762 -15.01 -39.97 36.85
CA ALA C 762 -14.75 -41.16 37.64
C ALA C 762 -14.26 -42.34 36.81
N GLY C 763 -14.05 -42.14 35.52
CA GLY C 763 -13.66 -43.22 34.63
C GLY C 763 -14.67 -43.42 33.53
N LEU C 764 -14.86 -44.70 33.16
CA LEU C 764 -15.78 -45.10 32.13
C LEU C 764 -16.73 -46.16 32.65
N ASP C 765 -17.92 -46.24 32.05
CA ASP C 765 -18.85 -47.31 32.38
C ASP C 765 -18.47 -48.55 31.59
N GLU C 766 -19.37 -49.54 31.57
CA GLU C 766 -19.08 -50.78 30.86
C GLU C 766 -19.20 -50.63 29.35
N GLU C 767 -19.67 -49.48 28.85
CA GLU C 767 -19.77 -49.23 27.42
C GLU C 767 -18.76 -48.21 26.93
N GLY C 768 -17.84 -47.77 27.79
CA GLY C 768 -16.76 -46.89 27.37
C GLY C 768 -17.05 -45.41 27.39
N TYR C 769 -18.24 -45.00 27.81
CA TYR C 769 -18.53 -43.58 27.90
C TYR C 769 -17.96 -43.00 29.18
N PRO C 770 -17.65 -41.71 29.21
CA PRO C 770 -17.17 -41.09 30.45
C PRO C 770 -18.24 -41.14 31.53
N LEU C 771 -17.79 -41.31 32.78
CA LEU C 771 -18.66 -41.29 33.95
C LEU C 771 -18.36 -40.05 34.78
N PHE C 772 -19.40 -39.38 35.23
CA PHE C 772 -19.27 -38.11 35.93
C PHE C 772 -19.64 -38.27 37.41
N TYR C 773 -19.55 -37.17 38.13
CA TYR C 773 -19.88 -37.10 39.54
C TYR C 773 -21.02 -36.11 39.74
N ASP C 774 -21.99 -36.48 40.55
CA ASP C 774 -23.08 -35.58 40.89
C ASP C 774 -22.73 -34.84 42.19
N LYS C 775 -23.69 -34.07 42.72
CA LYS C 775 -23.43 -33.32 43.95
C LYS C 775 -23.22 -34.23 45.14
N GLU C 776 -23.88 -35.39 45.15
CA GLU C 776 -23.78 -36.32 46.27
C GLU C 776 -22.52 -37.18 46.22
N GLY C 777 -21.73 -37.09 45.15
CA GLY C 777 -20.50 -37.85 45.06
C GLY C 777 -20.63 -39.24 44.49
N LYS C 778 -21.74 -39.55 43.82
CA LYS C 778 -21.92 -40.85 43.19
C LYS C 778 -21.70 -40.74 41.69
N LYS C 779 -21.30 -41.86 41.09
CA LYS C 779 -20.98 -41.88 39.66
C LYS C 779 -22.27 -41.88 38.85
N VAL C 780 -22.36 -40.93 37.92
CA VAL C 780 -23.52 -40.78 37.04
C VAL C 780 -23.03 -40.67 35.61
N THR C 781 -23.97 -40.78 34.67
CA THR C 781 -23.69 -40.61 33.26
C THR C 781 -24.04 -39.19 32.83
N LEU C 782 -23.81 -38.89 31.55
CA LEU C 782 -24.19 -37.59 31.01
C LEU C 782 -25.69 -37.39 31.07
N LYS C 783 -26.45 -38.46 30.79
CA LYS C 783 -27.91 -38.36 30.83
C LYS C 783 -28.41 -38.02 32.22
N GLU C 784 -27.82 -38.64 33.26
CA GLU C 784 -28.21 -38.31 34.62
C GLU C 784 -27.67 -36.94 35.04
N LEU C 785 -26.45 -36.61 34.63
CA LEU C 785 -25.83 -35.36 35.04
C LEU C 785 -26.59 -34.15 34.49
N TYR C 786 -26.86 -34.14 33.19
CA TYR C 786 -27.55 -33.03 32.56
C TYR C 786 -29.06 -33.19 32.52
N ARG C 787 -29.59 -34.33 32.99
CA ARG C 787 -31.02 -34.61 32.98
C ARG C 787 -31.59 -34.45 31.56
N LEU C 788 -31.01 -35.18 30.62
CA LEU C 788 -31.43 -35.07 29.22
C LEU C 788 -32.80 -35.71 29.02
N GLN C 789 -33.64 -35.03 28.23
CA GLN C 789 -34.98 -35.51 27.90
C GLN C 789 -35.13 -35.53 26.38
N ASP C 790 -35.65 -36.64 25.86
CA ASP C 790 -35.87 -36.80 24.43
C ASP C 790 -37.31 -37.23 24.20
N PRO C 791 -38.25 -36.29 24.10
CA PRO C 791 -39.66 -36.67 23.92
C PRO C 791 -39.96 -37.14 22.51
N PHE C 792 -39.32 -36.53 21.52
CA PHE C 792 -39.60 -36.90 20.13
C PHE C 792 -38.97 -38.24 19.76
N GLY C 793 -37.88 -38.60 20.43
CA GLY C 793 -37.22 -39.86 20.15
C GLY C 793 -36.32 -39.86 18.93
N LEU C 794 -36.16 -38.73 18.26
CA LEU C 794 -35.33 -38.65 17.07
C LEU C 794 -33.84 -38.66 17.39
N GLY C 795 -33.45 -38.51 18.65
CA GLY C 795 -32.06 -38.51 19.02
C GLY C 795 -31.43 -37.12 19.04
N PHE C 796 -31.48 -36.43 17.90
CA PHE C 796 -30.89 -35.10 17.80
C PHE C 796 -31.78 -34.00 18.37
N THR C 797 -32.93 -34.36 18.94
CA THR C 797 -33.88 -33.39 19.48
C THR C 797 -33.82 -33.32 21.00
N VAL C 798 -32.63 -33.45 21.59
CA VAL C 798 -32.48 -33.49 23.03
C VAL C 798 -32.44 -32.08 23.59
N ASN C 799 -32.85 -31.95 24.85
CA ASN C 799 -32.82 -30.67 25.55
C ASN C 799 -32.59 -30.94 27.03
N SER C 800 -32.11 -29.91 27.73
CA SER C 800 -31.84 -30.00 29.16
C SER C 800 -32.36 -28.76 29.84
N ASP C 801 -32.88 -28.93 31.06
CA ASP C 801 -33.34 -27.83 31.89
C ASP C 801 -32.25 -27.29 32.78
N VAL C 802 -31.01 -27.76 32.63
CA VAL C 802 -29.91 -27.29 33.46
C VAL C 802 -29.54 -25.88 33.05
N THR C 803 -29.72 -24.94 33.97
CA THR C 803 -29.38 -23.55 33.70
C THR C 803 -27.86 -23.37 33.68
N PRO C 804 -27.36 -22.35 32.98
CA PRO C 804 -25.91 -22.10 33.00
C PRO C 804 -25.36 -21.92 34.40
N ALA C 805 -26.10 -21.28 35.29
CA ALA C 805 -25.63 -21.12 36.66
C ALA C 805 -25.48 -22.46 37.36
N GLU C 806 -26.25 -23.46 36.96
CA GLU C 806 -26.11 -24.81 37.50
C GLU C 806 -25.07 -25.62 36.74
N GLU C 807 -24.90 -25.36 35.45
CA GLU C 807 -23.84 -26.02 34.70
C GLU C 807 -22.46 -25.59 35.17
N ARG C 808 -22.34 -24.36 35.70
CA ARG C 808 -21.08 -23.91 36.25
C ARG C 808 -20.65 -24.71 37.47
N SER C 809 -21.57 -25.43 38.11
CA SER C 809 -21.23 -26.24 39.26
C SER C 809 -20.70 -27.62 38.88
N PHE C 810 -20.80 -28.01 37.61
CA PHE C 810 -20.23 -29.29 37.18
C PHE C 810 -18.71 -29.21 37.15
N TYR C 811 -18.17 -28.06 36.76
CA TYR C 811 -16.72 -27.88 36.67
C TYR C 811 -16.12 -27.69 38.06
N SER C 812 -14.86 -28.10 38.20
CA SER C 812 -14.12 -27.94 39.45
C SER C 812 -12.76 -27.34 39.15
N TYR C 813 -12.26 -26.55 40.10
CA TYR C 813 -11.00 -25.84 39.92
C TYR C 813 -9.84 -26.83 40.07
N ILE C 814 -8.97 -26.89 39.05
CA ILE C 814 -7.83 -27.79 39.06
C ILE C 814 -6.58 -27.02 39.49
N GLY C 815 -6.21 -26.02 38.69
CA GLY C 815 -5.03 -25.24 39.01
C GLY C 815 -4.97 -23.99 38.17
N SER C 816 -3.76 -23.47 37.99
CA SER C 816 -3.53 -22.27 37.20
C SER C 816 -2.45 -22.54 36.17
N GLN C 817 -2.61 -21.96 34.99
CA GLN C 817 -1.63 -22.17 33.92
C GLN C 817 -0.28 -21.58 34.28
N ASP C 818 -0.28 -20.41 34.92
CA ASP C 818 0.96 -19.77 35.35
C ASP C 818 1.44 -20.42 36.64
N THR C 819 2.66 -20.93 36.62
CA THR C 819 3.21 -21.64 37.77
C THR C 819 3.43 -20.68 38.93
N PRO C 820 2.91 -20.97 40.12
CA PRO C 820 3.15 -20.07 41.27
C PRO C 820 4.61 -20.00 41.66
N TYR C 821 5.28 -21.13 41.82
CA TYR C 821 6.68 -21.17 42.23
C TYR C 821 7.57 -21.10 41.00
N THR C 822 8.39 -20.06 40.92
CA THR C 822 9.34 -19.88 39.84
C THR C 822 10.69 -19.51 40.41
N GLY C 823 11.73 -19.71 39.61
CA GLY C 823 13.04 -19.24 40.01
C GLY C 823 14.14 -20.03 39.33
N GLY C 824 15.32 -19.97 39.94
CA GLY C 824 16.47 -20.65 39.37
C GLY C 824 17.59 -20.84 40.37
N LEU C 825 18.56 -21.64 39.94
CA LEU C 825 19.77 -21.93 40.71
C LEU C 825 20.95 -21.85 39.76
N ILE C 826 21.90 -20.97 40.05
CA ILE C 826 23.07 -20.75 39.21
C ILE C 826 24.30 -21.12 40.01
N ASN C 827 25.07 -22.06 39.50
CA ASN C 827 26.29 -22.53 40.15
C ASN C 827 27.49 -22.14 39.30
N THR C 828 28.47 -21.49 39.91
CA THR C 828 29.64 -20.97 39.22
C THR C 828 30.90 -21.56 39.85
N PHE C 829 31.68 -22.28 39.04
CA PHE C 829 32.96 -22.83 39.47
C PHE C 829 34.07 -22.16 38.69
N SER C 830 35.18 -21.88 39.37
CA SER C 830 36.36 -21.30 38.75
C SER C 830 37.57 -22.06 39.25
N TYR C 831 38.25 -22.77 38.34
CA TYR C 831 39.45 -23.54 38.66
C TYR C 831 40.56 -23.08 37.73
N LYS C 832 41.45 -22.24 38.26
CA LYS C 832 42.60 -21.70 37.51
C LYS C 832 42.04 -20.94 36.30
N ASN C 833 42.28 -21.38 35.07
CA ASN C 833 41.79 -20.69 33.89
C ASN C 833 40.41 -21.17 33.44
N TRP C 834 39.88 -22.22 34.06
CA TRP C 834 38.60 -22.78 33.66
C TRP C 834 37.46 -22.18 34.48
N GLU C 835 36.31 -22.00 33.83
CA GLU C 835 35.14 -21.37 34.45
C GLU C 835 33.89 -22.08 33.95
N LEU C 836 33.16 -22.73 34.85
CA LEU C 836 31.98 -23.50 34.49
C LEU C 836 30.76 -22.91 35.17
N THR C 837 29.78 -22.50 34.36
CA THR C 837 28.53 -21.92 34.86
C THR C 837 27.38 -22.85 34.49
N ALA C 838 26.59 -23.22 35.49
CA ALA C 838 25.42 -24.08 35.31
C ALA C 838 24.20 -23.33 35.83
N ASN C 839 23.40 -22.80 34.92
CA ASN C 839 22.20 -22.05 35.25
C ASN C 839 20.99 -22.94 34.97
N LEU C 840 20.28 -23.32 36.03
CA LEU C 840 19.08 -24.14 35.94
C LEU C 840 17.90 -23.31 36.42
N SER C 841 16.71 -23.60 35.87
CA SER C 841 15.52 -22.85 36.20
C SER C 841 14.39 -23.81 36.52
N PHE C 842 13.47 -23.36 37.37
CA PHE C 842 12.30 -24.16 37.70
C PHE C 842 11.04 -23.31 37.67
N ASN C 843 9.98 -23.90 37.11
CA ASN C 843 8.63 -23.34 37.15
C ASN C 843 7.73 -24.48 37.63
N LEU C 844 7.32 -24.44 38.90
CA LEU C 844 6.62 -25.54 39.52
C LEU C 844 5.21 -25.11 39.93
N GLY C 845 4.30 -26.08 39.95
CA GLY C 845 2.96 -25.87 40.46
C GLY C 845 1.92 -25.47 39.44
N GLY C 846 2.20 -25.63 38.14
CA GLY C 846 1.24 -25.21 37.13
C GLY C 846 0.37 -26.35 36.64
N TYR C 847 -0.63 -25.99 35.83
CA TYR C 847 -1.45 -26.95 35.13
C TYR C 847 -1.66 -26.46 33.70
N VAL C 848 -1.83 -27.40 32.78
CA VAL C 848 -2.02 -27.07 31.37
C VAL C 848 -3.15 -27.92 30.82
N ARG C 849 -4.09 -27.29 30.11
CA ARG C 849 -5.18 -27.99 29.45
C ARG C 849 -4.74 -28.33 28.04
N THR C 850 -4.40 -29.59 27.81
CA THR C 850 -3.92 -30.04 26.52
C THR C 850 -5.09 -30.43 25.63
N THR C 851 -4.89 -30.27 24.32
CA THR C 851 -5.89 -30.69 23.36
C THR C 851 -6.05 -32.20 23.43
N PRO C 852 -7.28 -32.72 23.37
CA PRO C 852 -7.46 -34.18 23.39
C PRO C 852 -6.69 -34.84 22.26
N SER C 853 -6.04 -35.96 22.58
CA SER C 853 -5.24 -36.66 21.58
C SER C 853 -6.12 -37.19 20.46
N TYR C 854 -7.39 -37.45 20.74
CA TYR C 854 -8.35 -37.82 19.71
C TYR C 854 -9.73 -37.39 20.18
N ASN C 855 -10.61 -37.14 19.22
CA ASN C 855 -12.01 -36.82 19.52
C ASN C 855 -12.85 -38.07 19.36
N PHE C 856 -13.70 -38.34 20.33
CA PHE C 856 -14.48 -39.57 20.35
C PHE C 856 -15.80 -39.45 19.59
N ILE C 857 -16.03 -38.32 18.93
CA ILE C 857 -17.19 -38.15 18.06
C ILE C 857 -16.72 -37.71 16.68
N ASN C 858 -15.58 -37.02 16.62
CA ASN C 858 -15.11 -36.40 15.39
C ASN C 858 -13.69 -36.85 15.03
N PHE C 859 -13.35 -38.09 15.32
CA PHE C 859 -12.01 -38.59 15.02
C PHE C 859 -11.81 -38.64 13.51
N ASP C 860 -10.83 -37.89 13.02
CA ASP C 860 -10.50 -37.87 11.60
C ASP C 860 -9.49 -38.98 11.33
N ARG C 861 -9.92 -40.03 10.64
CA ARG C 861 -9.03 -41.14 10.35
C ARG C 861 -8.12 -40.87 9.17
N GLY C 862 -8.34 -39.78 8.44
CA GLY C 862 -7.43 -39.40 7.37
C GLY C 862 -6.14 -38.77 7.81
N GLN C 863 -6.02 -38.50 9.11
CA GLN C 863 -4.82 -37.90 9.68
C GLN C 863 -4.28 -38.80 10.77
N ASN C 864 -2.97 -38.70 11.01
CA ASN C 864 -2.34 -39.51 12.03
C ASN C 864 -2.82 -39.10 13.42
N VAL C 865 -2.43 -39.90 14.42
CA VAL C 865 -2.95 -39.76 15.77
C VAL C 865 -1.93 -40.32 16.75
N ASN C 866 -2.00 -39.87 18.00
CA ASN C 866 -1.07 -40.31 19.04
C ASN C 866 -1.27 -41.77 19.42
N SER C 867 -0.26 -42.33 20.07
CA SER C 867 -0.24 -43.74 20.40
C SER C 867 -1.22 -44.10 21.51
N ASP C 868 -1.93 -43.14 22.07
CA ASP C 868 -2.91 -43.43 23.12
C ASP C 868 -4.30 -43.73 22.57
N ILE C 869 -4.52 -43.56 21.26
CA ILE C 869 -5.74 -44.08 20.64
C ILE C 869 -5.82 -45.59 20.81
N LEU C 870 -4.66 -46.24 20.95
CA LEU C 870 -4.62 -47.67 21.20
C LEU C 870 -4.92 -48.03 22.64
N ASP C 871 -4.99 -47.04 23.54
CA ASP C 871 -5.41 -47.27 24.92
C ASP C 871 -6.83 -46.78 25.18
N ARG C 872 -7.64 -46.65 24.13
CA ARG C 872 -9.04 -46.31 24.26
C ARG C 872 -9.87 -47.56 24.51
N TRP C 873 -11.11 -47.34 24.95
CA TRP C 873 -12.02 -48.46 25.18
C TRP C 873 -12.48 -49.05 23.85
N THR C 874 -12.44 -50.38 23.76
CA THR C 874 -12.88 -51.12 22.59
C THR C 874 -13.68 -52.32 23.07
N PRO C 875 -14.65 -52.78 22.29
CA PRO C 875 -15.36 -54.01 22.68
C PRO C 875 -14.43 -55.20 22.84
N GLU C 876 -13.34 -55.27 22.08
CA GLU C 876 -12.35 -56.32 22.23
C GLU C 876 -11.27 -55.97 23.25
N ASN C 877 -11.20 -54.72 23.71
CA ASN C 877 -10.26 -54.28 24.73
C ASN C 877 -11.02 -53.45 25.74
N THR C 878 -11.61 -54.11 26.75
CA THR C 878 -12.48 -53.46 27.72
C THR C 878 -11.71 -52.87 28.89
N ASP C 879 -10.39 -52.98 28.91
CA ASP C 879 -9.57 -52.43 29.98
C ASP C 879 -8.99 -51.07 29.64
N GLY C 880 -9.46 -50.45 28.55
CA GLY C 880 -8.97 -49.13 28.19
C GLY C 880 -9.40 -48.07 29.19
N ARG C 881 -8.59 -47.03 29.31
CA ARG C 881 -8.85 -45.96 30.26
C ARG C 881 -9.39 -44.69 29.60
N LEU C 882 -9.15 -44.50 28.31
CA LEU C 882 -9.64 -43.35 27.58
C LEU C 882 -10.99 -43.65 26.94
N PRO C 883 -11.81 -42.63 26.69
CA PRO C 883 -13.16 -42.87 26.20
C PRO C 883 -13.16 -43.53 24.82
N ALA C 884 -14.17 -44.37 24.59
CA ALA C 884 -14.32 -45.07 23.32
C ALA C 884 -14.89 -44.14 22.26
N LEU C 885 -14.70 -44.53 21.00
CA LEU C 885 -15.28 -43.81 19.87
C LEU C 885 -16.77 -44.13 19.81
N ILE C 886 -17.59 -43.15 20.18
CA ILE C 886 -19.01 -43.38 20.34
C ILE C 886 -19.75 -43.03 19.06
N THR C 887 -20.94 -43.61 18.90
CA THR C 887 -21.79 -43.37 17.74
C THR C 887 -23.21 -43.12 18.24
N SER C 888 -24.12 -42.84 17.30
CA SER C 888 -25.50 -42.57 17.61
C SER C 888 -26.36 -43.82 17.65
N GLU C 889 -25.76 -45.00 17.47
CA GLU C 889 -26.52 -46.23 17.47
C GLU C 889 -26.97 -46.60 18.89
N LYS C 890 -26.07 -46.49 19.87
CA LYS C 890 -26.35 -46.96 21.22
C LYS C 890 -27.14 -46.00 22.11
N ARG C 891 -26.64 -44.78 22.26
CA ARG C 891 -27.29 -43.76 23.08
C ARG C 891 -27.33 -42.47 22.27
N ALA C 892 -28.42 -42.28 21.52
CA ALA C 892 -28.54 -41.10 20.68
C ALA C 892 -28.58 -39.82 21.49
N ASP C 893 -29.27 -39.82 22.64
CA ASP C 893 -29.39 -38.60 23.42
C ASP C 893 -28.03 -38.14 23.93
N GLU C 894 -27.27 -39.03 24.56
CA GLU C 894 -25.94 -38.67 25.05
C GLU C 894 -25.01 -38.31 23.91
N TYR C 895 -25.06 -39.06 22.81
CA TYR C 895 -24.19 -38.77 21.67
C TYR C 895 -24.44 -37.37 21.12
N TYR C 896 -25.71 -37.01 20.94
CA TYR C 896 -26.01 -35.70 20.36
C TYR C 896 -25.79 -34.57 21.36
N TRP C 897 -25.95 -34.84 22.66
CA TRP C 897 -25.58 -33.84 23.65
C TRP C 897 -24.07 -33.58 23.62
N TYR C 898 -23.28 -34.64 23.50
CA TYR C 898 -21.84 -34.48 23.35
C TYR C 898 -21.51 -33.74 22.06
N ASP C 899 -22.23 -34.05 20.98
CA ASP C 899 -21.94 -33.46 19.68
C ASP C 899 -22.24 -31.96 19.67
N GLN C 900 -23.42 -31.56 20.16
CA GLN C 900 -23.80 -30.16 20.08
C GLN C 900 -23.16 -29.31 21.17
N LYS C 901 -22.50 -29.91 22.15
CA LYS C 901 -21.74 -29.20 23.18
C LYS C 901 -20.33 -29.78 23.19
N SER C 902 -19.46 -29.25 22.33
CA SER C 902 -18.11 -29.78 22.17
C SER C 902 -17.20 -29.47 23.33
N GLU C 903 -17.61 -28.59 24.26
CA GLU C 903 -16.77 -28.22 25.37
C GLU C 903 -16.78 -29.23 26.51
N ILE C 904 -17.75 -30.15 26.53
CA ILE C 904 -17.79 -31.15 27.59
C ILE C 904 -16.61 -32.10 27.48
N TYR C 905 -16.32 -32.58 26.27
CA TYR C 905 -15.20 -33.49 26.07
C TYR C 905 -13.86 -32.78 26.20
N LYS C 906 -13.79 -31.54 25.73
CA LYS C 906 -12.54 -30.79 25.80
C LYS C 906 -12.18 -30.40 27.23
N ASN C 907 -13.17 -30.26 28.11
CA ASN C 907 -12.96 -29.78 29.47
C ASN C 907 -12.93 -30.91 30.49
N LEU C 908 -12.83 -32.16 30.06
CA LEU C 908 -12.67 -33.26 31.00
C LEU C 908 -11.35 -33.14 31.74
N ASP C 909 -11.33 -33.62 32.98
CA ASP C 909 -10.13 -33.52 33.80
C ASP C 909 -8.99 -34.41 33.31
N ILE C 910 -9.26 -35.32 32.38
CA ILE C 910 -8.21 -36.21 31.87
C ILE C 910 -7.30 -35.52 30.86
N TRP C 911 -7.69 -34.35 30.35
CA TRP C 911 -6.87 -33.60 29.42
C TRP C 911 -6.09 -32.48 30.09
N VAL C 912 -6.22 -32.32 31.40
CA VAL C 912 -5.49 -31.32 32.17
C VAL C 912 -4.35 -32.02 32.89
N LYS C 913 -3.13 -31.52 32.71
CA LYS C 913 -1.93 -32.19 33.18
C LYS C 913 -1.04 -31.24 33.95
N LYS C 914 -0.28 -31.80 34.89
CA LYS C 914 0.58 -31.01 35.74
C LYS C 914 1.71 -30.37 34.93
N LEU C 915 2.22 -29.26 35.44
CA LEU C 915 3.26 -28.47 34.78
C LEU C 915 4.29 -28.10 35.84
N ASN C 916 5.26 -29.00 36.05
CA ASN C 916 6.38 -28.79 36.98
C ASN C 916 7.63 -29.24 36.23
N TYR C 917 8.41 -28.29 35.71
CA TYR C 917 9.58 -28.64 34.92
C TYR C 917 10.79 -27.84 35.37
N PHE C 918 11.90 -28.53 35.55
CA PHE C 918 13.22 -27.92 35.71
C PHE C 918 13.93 -27.98 34.36
N ARG C 919 14.55 -26.87 33.96
CA ARG C 919 15.26 -26.81 32.69
C ARG C 919 16.68 -26.33 32.92
N LEU C 920 17.65 -27.05 32.35
CA LEU C 920 19.04 -26.62 32.38
C LEU C 920 19.18 -25.51 31.35
N GLN C 921 18.95 -24.28 31.80
CA GLN C 921 18.92 -23.14 30.89
C GLN C 921 20.27 -22.92 30.23
N ASN C 922 21.35 -23.16 30.96
CA ASN C 922 22.68 -22.90 30.43
C ASN C 922 23.70 -23.79 31.12
N LEU C 923 24.65 -24.31 30.34
CA LEU C 923 25.79 -25.03 30.89
C LEU C 923 27.00 -24.66 30.05
N ARG C 924 27.82 -23.74 30.53
CA ARG C 924 28.91 -23.16 29.76
C ARG C 924 30.24 -23.38 30.45
N LEU C 925 31.20 -23.95 29.73
CA LEU C 925 32.56 -24.12 30.20
C LEU C 925 33.47 -23.26 29.34
N GLY C 926 34.18 -22.34 29.99
CA GLY C 926 35.05 -21.41 29.30
C GLY C 926 36.48 -21.54 29.79
N TYR C 927 37.43 -21.29 28.89
CA TYR C 927 38.85 -21.35 29.17
C TYR C 927 39.48 -20.03 28.78
N ARG C 928 40.17 -19.41 29.72
CA ARG C 928 40.91 -18.17 29.46
C ARG C 928 42.34 -18.53 29.10
N LEU C 929 42.78 -18.11 27.92
CA LEU C 929 44.12 -18.44 27.47
C LEU C 929 45.15 -17.80 28.40
N PRO C 930 46.29 -18.46 28.60
CA PRO C 930 47.30 -17.90 29.51
C PRO C 930 47.81 -16.56 29.02
N GLU C 931 48.19 -15.71 29.98
CA GLU C 931 48.57 -14.33 29.66
C GLU C 931 49.74 -14.29 28.69
N LYS C 932 50.70 -15.20 28.85
CA LYS C 932 51.85 -15.25 27.95
C LYS C 932 51.41 -15.58 26.52
N MET C 933 50.48 -16.50 26.36
CA MET C 933 50.01 -16.86 25.02
C MET C 933 49.27 -15.70 24.36
N THR C 934 48.44 -15.00 25.13
CA THR C 934 47.74 -13.84 24.57
C THR C 934 48.72 -12.73 24.20
N LYS C 935 49.72 -12.49 25.04
CA LYS C 935 50.73 -11.47 24.74
C LYS C 935 51.51 -11.84 23.49
N SER C 936 51.80 -13.14 23.31
CA SER C 936 52.46 -13.58 22.08
C SER C 936 51.61 -13.29 20.85
N LEU C 937 50.29 -13.28 21.00
CA LEU C 937 49.38 -12.98 19.91
C LEU C 937 49.04 -11.50 19.81
N GLY C 938 49.53 -10.67 20.73
CA GLY C 938 49.23 -9.26 20.71
C GLY C 938 47.86 -8.88 21.26
N MET C 939 47.19 -9.79 21.95
CA MET C 939 45.86 -9.54 22.50
C MET C 939 45.96 -9.22 23.98
N GLY C 940 45.15 -8.27 24.43
CA GLY C 940 45.06 -8.00 25.86
C GLY C 940 44.49 -9.17 26.63
N SER C 941 43.54 -9.88 26.02
CA SER C 941 42.96 -11.07 26.60
C SER C 941 42.37 -11.92 25.50
N ALA C 942 42.13 -13.19 25.81
CA ALA C 942 41.49 -14.11 24.88
C ALA C 942 40.78 -15.18 25.68
N SER C 943 39.76 -15.78 25.07
CA SER C 943 38.97 -16.79 25.76
C SER C 943 38.20 -17.62 24.76
N VAL C 944 37.96 -18.88 25.12
CA VAL C 944 37.11 -19.77 24.35
C VAL C 944 36.05 -20.32 25.28
N ALA C 945 34.95 -20.79 24.71
CA ALA C 945 33.88 -21.34 25.54
C ALA C 945 33.04 -22.31 24.73
N ILE C 946 32.64 -23.41 25.37
CA ILE C 946 31.68 -24.35 24.82
C ILE C 946 30.46 -24.35 25.73
N GLU C 947 29.28 -24.24 25.13
CA GLU C 947 28.07 -23.88 25.85
C GLU C 947 26.90 -24.73 25.36
N GLY C 948 26.09 -25.20 26.31
CA GLY C 948 24.90 -25.97 25.99
C GLY C 948 23.66 -25.29 26.50
N ARG C 949 22.71 -25.03 25.61
CA ARG C 949 21.47 -24.34 25.94
C ARG C 949 20.30 -25.28 25.74
N ASN C 950 19.44 -25.37 26.77
CA ASN C 950 18.26 -26.26 26.77
C ASN C 950 18.67 -27.72 26.55
N LEU C 951 19.76 -28.13 27.19
CA LEU C 951 20.21 -29.51 27.03
C LEU C 951 19.38 -30.48 27.85
N LEU C 952 18.90 -30.07 29.02
CA LEU C 952 18.20 -30.96 29.93
C LEU C 952 16.90 -30.33 30.39
N VAL C 953 15.81 -31.10 30.32
CA VAL C 953 14.52 -30.73 30.89
C VAL C 953 13.98 -31.96 31.61
N PHE C 954 13.65 -31.80 32.90
CA PHE C 954 13.13 -32.91 33.69
C PHE C 954 12.04 -32.37 34.61
N GLY C 955 11.53 -33.25 35.48
CA GLY C 955 10.42 -32.90 36.35
C GLY C 955 9.20 -33.74 36.09
N SER C 956 8.04 -33.10 35.99
CA SER C 956 6.82 -33.82 35.66
C SER C 956 6.86 -34.30 34.22
N SER C 957 6.21 -35.43 33.96
CA SER C 957 6.22 -36.05 32.64
C SER C 957 5.38 -35.24 31.67
N TYR C 958 5.88 -35.09 30.45
CA TYR C 958 5.16 -34.44 29.35
C TYR C 958 5.11 -35.45 28.22
N LYS C 959 4.15 -36.36 28.28
CA LYS C 959 4.04 -37.42 27.29
C LYS C 959 3.19 -36.95 26.13
N ASN C 960 3.58 -37.34 24.92
CA ASN C 960 2.98 -36.99 23.63
C ASN C 960 3.32 -35.57 23.21
N PHE C 961 4.16 -34.85 23.95
CA PHE C 961 4.56 -33.50 23.60
C PHE C 961 6.07 -33.39 23.63
N LEU C 962 6.60 -32.48 22.81
CA LEU C 962 8.04 -32.34 22.63
C LEU C 962 8.69 -31.49 23.71
N ASP C 963 7.91 -30.82 24.55
CA ASP C 963 8.44 -29.91 25.56
C ASP C 963 7.33 -29.59 26.56
N PRO C 964 7.66 -29.37 27.85
CA PRO C 964 6.59 -29.02 28.79
C PRO C 964 6.05 -27.62 28.57
N GLU C 965 6.85 -26.72 27.99
CA GLU C 965 6.35 -25.41 27.59
C GLU C 965 5.61 -25.44 26.26
N SER C 966 5.60 -26.59 25.58
CA SER C 966 4.89 -26.77 24.32
C SER C 966 3.66 -27.65 24.46
N MET C 967 3.14 -27.80 25.69
CA MET C 967 1.99 -28.65 25.93
C MET C 967 0.67 -27.97 25.60
N TYR C 968 0.66 -26.65 25.45
CA TYR C 968 -0.56 -25.91 25.21
C TYR C 968 -0.79 -25.61 23.73
N ASN C 969 0.21 -25.05 23.05
CA ASN C 969 0.07 -24.65 21.65
C ASN C 969 0.79 -25.64 20.75
N PRO C 970 0.08 -26.40 19.93
CA PRO C 970 0.75 -27.34 19.02
C PRO C 970 1.36 -26.70 17.79
N TYR C 971 1.08 -25.43 17.54
CA TYR C 971 1.55 -24.74 16.33
C TYR C 971 2.85 -23.98 16.55
N ALA C 972 3.42 -24.04 17.74
CA ALA C 972 4.67 -23.35 18.02
C ALA C 972 5.82 -24.33 18.19
N PRO C 973 6.97 -24.06 17.58
CA PRO C 973 8.08 -24.99 17.73
C PRO C 973 8.55 -25.04 19.17
N PRO C 974 9.10 -26.18 19.60
CA PRO C 974 9.65 -26.26 20.95
C PRO C 974 10.91 -25.41 21.08
N ILE C 975 11.31 -25.19 22.33
CA ILE C 975 12.56 -24.48 22.61
C ILE C 975 13.71 -25.34 22.13
N PRO C 976 14.53 -24.85 21.19
CA PRO C 976 15.57 -25.70 20.60
C PRO C 976 16.81 -25.77 21.47
N LYS C 977 17.37 -26.97 21.56
CA LYS C 977 18.68 -27.14 22.18
C LYS C 977 19.75 -26.59 21.25
N SER C 978 20.87 -26.19 21.85
CA SER C 978 21.94 -25.62 21.04
C SER C 978 23.29 -25.87 21.70
N ILE C 979 24.32 -26.01 20.87
CA ILE C 979 25.70 -26.13 21.34
C ILE C 979 26.51 -25.03 20.66
N THR C 980 27.03 -24.10 21.46
CA THR C 980 27.69 -22.91 20.95
C THR C 980 29.18 -22.96 21.30
N PHE C 981 30.02 -22.67 20.32
CA PHE C 981 31.44 -22.45 20.54
C PHE C 981 31.73 -20.98 20.30
N SER C 982 32.27 -20.30 21.32
CA SER C 982 32.49 -18.87 21.26
C SER C 982 33.96 -18.56 21.48
N LEU C 983 34.46 -17.60 20.71
CA LEU C 983 35.83 -17.11 20.81
C LEU C 983 35.80 -15.60 21.03
N ASN C 984 36.47 -15.14 22.08
CA ASN C 984 36.52 -13.72 22.43
C ASN C 984 37.97 -13.27 22.43
N LEU C 985 38.24 -12.13 21.80
CA LEU C 985 39.57 -11.58 21.68
C LEU C 985 39.56 -10.10 22.04
N ASN C 986 40.66 -9.65 22.62
CA ASN C 986 40.84 -8.24 23.00
C ASN C 986 42.14 -7.69 22.42
N ASP D 1 45.08 23.63 0.64
CA ASP D 1 44.61 22.72 -0.40
C ASP D 1 45.77 22.06 -1.13
N ALA D 2 46.52 21.24 -0.41
CA ALA D 2 47.65 20.51 -0.97
C ALA D 2 47.28 19.11 -1.42
N VAL D 3 46.03 18.68 -1.24
CA VAL D 3 45.59 17.36 -1.61
C VAL D 3 44.25 17.45 -2.33
N VAL D 4 43.93 16.40 -3.09
CA VAL D 4 42.66 16.27 -3.78
C VAL D 4 42.14 14.85 -3.52
N VAL D 5 40.89 14.76 -3.07
CA VAL D 5 40.25 13.47 -2.85
C VAL D 5 39.41 13.14 -4.08
N THR D 6 39.49 11.89 -4.53
CA THR D 6 38.75 11.44 -5.70
C THR D 6 37.77 10.32 -5.36
N GLY D 7 37.57 10.02 -4.08
CA GLY D 7 36.72 8.94 -3.67
C GLY D 7 37.41 7.59 -3.57
N TYR D 8 38.59 7.45 -4.16
CA TYR D 8 39.39 6.25 -4.07
C TYR D 8 40.75 6.46 -3.45
N GLN D 9 41.38 7.61 -3.67
CA GLN D 9 42.72 7.87 -3.16
C GLN D 9 42.92 9.38 -3.06
N THR D 10 43.99 9.75 -2.36
CA THR D 10 44.36 11.15 -2.18
C THR D 10 45.54 11.47 -3.09
N VAL D 11 45.38 12.47 -3.94
CA VAL D 11 46.37 12.83 -4.95
C VAL D 11 46.96 14.19 -4.57
N GLU D 12 48.28 14.27 -4.53
CA GLU D 12 48.93 15.54 -4.26
C GLU D 12 48.67 16.53 -5.40
N ARG D 13 48.57 17.80 -5.05
CA ARG D 13 48.30 18.84 -6.04
C ARG D 13 49.43 18.92 -7.07
N ARG D 14 50.68 18.76 -6.62
CA ARG D 14 51.81 18.80 -7.53
C ARG D 14 51.85 17.62 -8.48
N LYS D 15 51.08 16.56 -8.21
CA LYS D 15 50.98 15.41 -9.09
C LYS D 15 49.59 15.24 -9.69
N LEU D 16 48.74 16.28 -9.63
CA LEU D 16 47.39 16.21 -10.15
C LEU D 16 47.41 16.52 -11.63
N THR D 17 47.13 15.51 -12.45
CA THR D 17 47.13 15.64 -13.90
C THR D 17 45.72 15.78 -14.47
N ALA D 18 44.73 16.04 -13.63
CA ALA D 18 43.32 16.04 -14.01
C ALA D 18 42.74 17.43 -13.81
N ALA D 19 41.48 17.58 -14.25
CA ALA D 19 40.71 18.80 -14.04
C ALA D 19 39.79 18.58 -12.85
N VAL D 20 40.09 19.26 -11.73
CA VAL D 20 39.38 19.06 -10.48
C VAL D 20 38.97 20.42 -9.94
N GLY D 21 37.70 20.55 -9.55
CA GLY D 21 37.22 21.78 -8.95
C GLY D 21 36.84 21.61 -7.50
N LYS D 22 37.49 22.34 -6.61
CA LYS D 22 37.28 22.19 -5.17
C LYS D 22 36.62 23.45 -4.61
N LEU D 23 35.59 23.26 -3.80
CA LEU D 23 34.90 24.36 -3.13
C LEU D 23 34.83 24.05 -1.65
N ASN D 24 35.39 24.94 -0.83
CA ASN D 24 35.39 24.73 0.62
C ASN D 24 34.06 25.18 1.20
N ILE D 25 33.31 24.24 1.78
CA ILE D 25 31.98 24.51 2.28
C ILE D 25 32.09 25.20 3.64
N SER D 26 31.45 26.37 3.75
CA SER D 26 31.47 27.15 4.98
C SER D 26 30.31 28.14 4.93
N ASP D 27 30.07 28.80 6.07
CA ASP D 27 29.08 29.86 6.10
C ASP D 27 29.50 31.02 5.21
N GLU D 28 30.79 31.35 5.20
CA GLU D 28 31.29 32.50 4.46
C GLU D 28 31.41 32.25 2.96
N THR D 29 31.23 31.00 2.50
CA THR D 29 31.33 30.68 1.09
C THR D 29 29.99 30.34 0.45
N ILE D 30 29.18 29.50 1.09
CA ILE D 30 27.90 29.10 0.53
C ILE D 30 26.71 29.79 1.18
N GLY D 31 26.87 30.39 2.35
CA GLY D 31 25.77 31.08 2.99
C GLY D 31 24.99 30.18 3.94
N ALA D 32 23.67 30.30 3.88
CA ALA D 32 22.76 29.56 4.75
C ALA D 32 21.85 28.62 3.99
N VAL D 33 22.39 27.89 3.02
CA VAL D 33 21.62 26.92 2.25
C VAL D 33 21.32 25.71 3.11
N LYS D 34 20.40 24.86 2.66
CA LYS D 34 20.04 23.65 3.38
C LYS D 34 20.35 22.37 2.62
N SER D 35 20.72 22.47 1.35
CA SER D 35 21.14 21.31 0.55
C SER D 35 22.40 21.68 -0.20
N ILE D 36 23.30 20.71 -0.36
CA ILE D 36 24.57 20.99 -1.03
C ILE D 36 24.35 21.27 -2.52
N ASP D 37 23.40 20.58 -3.14
CA ASP D 37 23.15 20.78 -4.56
C ASP D 37 22.71 22.20 -4.87
N GLN D 38 22.14 22.92 -3.90
CA GLN D 38 21.78 24.32 -4.09
C GLN D 38 22.92 25.27 -3.77
N ALA D 39 24.00 24.79 -3.14
CA ALA D 39 25.14 25.62 -2.81
C ALA D 39 26.21 25.66 -3.89
N LEU D 40 26.05 24.87 -4.94
CA LEU D 40 27.05 24.76 -6.00
C LEU D 40 26.76 25.65 -7.19
N ALA D 41 25.81 26.57 -7.08
CA ALA D 41 25.40 27.41 -8.19
C ALA D 41 26.42 28.52 -8.38
N GLY D 42 27.28 28.38 -9.39
CA GLY D 42 28.23 29.40 -9.75
C GLY D 42 29.56 29.35 -9.04
N GLN D 43 29.75 28.41 -8.10
CA GLN D 43 30.98 28.35 -7.33
C GLN D 43 32.02 27.42 -7.93
N ILE D 44 31.69 26.69 -9.00
CA ILE D 44 32.63 25.81 -9.67
C ILE D 44 32.48 25.99 -11.17
N ALA D 45 33.59 26.22 -11.87
CA ALA D 45 33.55 26.39 -13.31
C ALA D 45 33.28 25.06 -13.99
N GLY D 46 32.41 25.07 -15.00
CA GLY D 46 32.04 23.87 -15.70
C GLY D 46 30.91 23.09 -15.08
N LEU D 47 30.39 23.54 -13.94
CA LEU D 47 29.31 22.88 -13.21
C LEU D 47 28.11 23.81 -13.21
N SER D 48 27.07 23.45 -13.96
CA SER D 48 25.88 24.27 -14.09
C SER D 48 24.75 23.69 -13.25
N VAL D 49 24.19 24.52 -12.37
CA VAL D 49 23.12 24.12 -11.47
C VAL D 49 21.89 24.95 -11.80
N THR D 50 20.77 24.27 -12.04
CA THR D 50 19.52 24.91 -12.43
C THR D 50 18.41 24.43 -11.51
N SER D 51 17.63 25.36 -10.97
CA SER D 51 16.54 25.00 -10.06
C SER D 51 15.37 24.43 -10.84
N THR D 52 15.03 23.17 -10.57
CA THR D 52 13.86 22.57 -11.22
C THR D 52 12.56 23.16 -10.69
N SER D 53 12.54 23.57 -9.42
CA SER D 53 11.36 24.17 -8.81
C SER D 53 11.80 24.98 -7.61
N GLY D 54 10.90 25.86 -7.16
CA GLY D 54 11.13 26.65 -5.97
C GLY D 54 10.56 26.07 -4.70
N ALA D 55 9.94 24.89 -4.78
CA ALA D 55 9.37 24.27 -3.59
C ALA D 55 10.47 23.74 -2.68
N PRO D 56 10.21 23.65 -1.38
CA PRO D 56 11.22 23.10 -0.48
C PRO D 56 11.55 21.65 -0.83
N GLY D 57 12.85 21.33 -0.78
CA GLY D 57 13.30 19.99 -1.07
C GLY D 57 13.38 19.63 -2.54
N ALA D 58 13.10 20.57 -3.43
CA ALA D 58 13.15 20.27 -4.85
C ALA D 58 14.60 20.05 -5.29
N PRO D 59 14.90 18.95 -5.97
CA PRO D 59 16.28 18.73 -6.41
C PRO D 59 16.68 19.71 -7.50
N ALA D 60 17.99 19.96 -7.57
CA ALA D 60 18.56 20.84 -8.57
C ALA D 60 19.16 20.03 -9.71
N LYS D 61 18.87 20.43 -10.93
CA LYS D 61 19.41 19.77 -12.11
C LYS D 61 20.84 20.25 -12.33
N ILE D 62 21.80 19.33 -12.23
CA ILE D 62 23.21 19.65 -12.30
C ILE D 62 23.80 19.00 -13.54
N ARG D 63 24.58 19.77 -14.29
CA ARG D 63 25.25 19.29 -15.49
C ARG D 63 26.72 19.67 -15.41
N ILE D 64 27.60 18.68 -15.54
CA ILE D 64 29.04 18.91 -15.57
C ILE D 64 29.50 18.74 -17.00
N ARG D 65 29.95 19.83 -17.62
CA ARG D 65 30.41 19.84 -19.00
C ARG D 65 29.31 19.34 -19.95
N GLY D 66 28.13 19.92 -19.81
CA GLY D 66 27.03 19.64 -20.71
C GLY D 66 26.36 18.30 -20.45
N THR D 67 25.46 17.96 -21.37
CA THR D 67 24.71 16.70 -21.30
C THR D 67 25.51 15.62 -22.01
N SER D 68 25.81 14.55 -21.30
CA SER D 68 26.67 13.48 -21.81
C SER D 68 25.90 12.27 -22.30
N SER D 69 24.57 12.32 -22.28
CA SER D 69 23.77 11.18 -22.72
C SER D 69 22.45 11.68 -23.28
N LEU D 70 21.81 10.84 -24.07
CA LEU D 70 20.54 11.16 -24.71
C LEU D 70 19.35 10.60 -23.95
N ASN D 71 19.35 9.29 -23.71
CA ASN D 71 18.24 8.63 -23.03
C ASN D 71 18.66 7.94 -21.74
N GLY D 72 19.94 7.96 -21.39
CA GLY D 72 20.43 7.33 -20.19
C GLY D 72 20.51 8.29 -19.03
N THR D 73 21.43 8.01 -18.11
CA THR D 73 21.64 8.87 -16.95
C THR D 73 22.27 10.19 -17.38
N GLN D 74 21.69 11.30 -16.92
CA GLN D 74 22.18 12.62 -17.25
C GLN D 74 22.66 13.41 -16.04
N ASP D 75 22.46 12.90 -14.83
CA ASP D 75 22.88 13.57 -13.62
C ASP D 75 24.27 13.10 -13.20
N PRO D 76 25.04 13.95 -12.52
CA PRO D 76 26.37 13.53 -12.05
C PRO D 76 26.25 12.50 -10.94
N LEU D 77 27.41 11.97 -10.55
CA LEU D 77 27.50 10.96 -9.51
C LEU D 77 27.97 11.61 -8.22
N TRP D 78 27.21 11.41 -7.15
CA TRP D 78 27.56 11.93 -5.83
C TRP D 78 28.24 10.84 -5.02
N VAL D 79 29.39 11.18 -4.43
CA VAL D 79 30.17 10.25 -3.63
C VAL D 79 30.30 10.83 -2.23
N LEU D 80 29.87 10.07 -1.24
CA LEU D 80 29.91 10.50 0.16
C LEU D 80 30.96 9.66 0.89
N ASP D 81 32.11 10.25 1.15
CA ASP D 81 33.21 9.60 1.88
C ASP D 81 33.64 8.30 1.21
N GLY D 82 33.67 8.30 -0.12
CA GLY D 82 34.13 7.18 -0.89
C GLY D 82 33.05 6.22 -1.34
N ILE D 83 31.88 6.25 -0.71
CA ILE D 83 30.77 5.36 -1.05
C ILE D 83 29.80 6.15 -1.93
N PRO D 84 29.58 5.74 -3.18
CA PRO D 84 28.62 6.46 -4.03
C PRO D 84 27.21 6.37 -3.46
N LEU D 85 26.44 7.43 -3.69
CA LEU D 85 25.09 7.54 -3.18
C LEU D 85 24.06 7.16 -4.25
N GLU D 86 22.96 6.59 -3.80
CA GLU D 86 21.84 6.23 -4.67
C GLU D 86 20.65 7.12 -4.39
N GLY D 87 19.77 7.22 -5.39
CA GLY D 87 18.62 8.09 -5.29
C GLY D 87 18.90 9.55 -5.59
N THR D 88 20.12 9.88 -6.02
CA THR D 88 20.51 11.24 -6.36
C THR D 88 20.19 11.60 -7.80
N ASP D 89 19.25 10.89 -8.42
CA ASP D 89 18.94 11.08 -9.83
C ASP D 89 17.62 11.84 -9.97
N VAL D 90 17.63 12.89 -10.78
CA VAL D 90 16.39 13.72 -10.99
C VAL D 90 15.52 13.05 -12.07
N PRO D 91 14.34 12.51 -11.73
CA PRO D 91 13.45 11.88 -12.71
C PRO D 91 12.53 12.99 -13.24
N GLN D 92 12.93 13.64 -14.34
CA GLN D 92 12.13 14.73 -14.96
C GLN D 92 11.28 14.16 -16.10
N SER D 93 10.12 14.75 -16.36
CA SER D 93 9.21 14.29 -17.43
C SER D 93 8.68 15.49 -18.22
N ASN D 94 7.98 15.24 -19.33
CA ASN D 94 7.42 16.32 -20.18
C ASN D 94 6.20 16.93 -19.47
N VAL D 95 5.51 16.13 -18.64
CA VAL D 95 4.31 16.62 -17.89
C VAL D 95 4.69 17.87 -17.10
N LEU D 96 3.99 18.98 -17.37
CA LEU D 96 4.25 20.27 -16.67
C LEU D 96 3.74 20.18 -15.22
N ASN D 97 2.74 19.31 -14.99
CA ASN D 97 2.16 19.13 -13.63
C ASN D 97 2.78 17.90 -12.96
N ASP D 98 4.10 17.72 -13.12
CA ASP D 98 4.82 16.56 -12.53
C ASP D 98 5.81 17.08 -11.48
N VAL D 99 6.27 18.32 -11.63
CA VAL D 99 7.22 18.91 -10.70
C VAL D 99 6.56 19.23 -9.36
N SER D 100 5.23 19.28 -9.31
CA SER D 100 4.55 19.44 -8.04
C SER D 100 4.66 18.20 -7.17
N ASN D 101 4.70 17.02 -7.78
CA ASN D 101 4.93 15.76 -7.09
C ASN D 101 6.25 15.20 -7.62
N ILE D 102 7.35 15.64 -7.03
CA ILE D 102 8.68 15.30 -7.51
C ILE D 102 9.46 14.63 -6.39
N GLN D 103 10.18 13.56 -6.74
CA GLN D 103 10.95 12.82 -5.75
C GLN D 103 12.11 13.66 -5.21
N GLN D 104 12.41 13.47 -3.93
CA GLN D 104 13.51 14.17 -3.28
C GLN D 104 14.78 13.34 -3.40
N SER D 105 15.85 13.98 -3.84
CA SER D 105 17.14 13.29 -3.91
C SER D 105 17.70 13.06 -2.52
N SER D 106 18.49 12.00 -2.38
CA SER D 106 19.11 11.69 -1.09
C SER D 106 20.10 12.75 -0.67
N ILE D 107 20.58 13.57 -1.61
CA ILE D 107 21.47 14.68 -1.29
C ILE D 107 20.80 15.65 -0.34
N ALA D 108 19.47 15.77 -0.41
CA ALA D 108 18.74 16.64 0.51
C ALA D 108 18.82 16.15 1.96
N GLY D 109 19.25 14.92 2.19
CA GLY D 109 19.39 14.40 3.53
C GLY D 109 20.71 14.67 4.20
N LEU D 110 21.65 15.31 3.52
CA LEU D 110 22.98 15.59 4.07
C LEU D 110 23.05 17.04 4.50
N ASN D 111 23.43 17.27 5.75
CA ASN D 111 23.55 18.62 6.27
C ASN D 111 24.79 19.30 5.69
N PRO D 112 24.65 20.48 5.08
CA PRO D 112 25.84 21.20 4.61
C PRO D 112 26.79 21.61 5.72
N ALA D 113 26.33 21.62 6.98
CA ALA D 113 27.19 21.97 8.10
C ALA D 113 28.11 20.82 8.52
N ASP D 114 27.88 19.61 8.00
CA ASP D 114 28.72 18.46 8.29
C ASP D 114 29.70 18.15 7.16
N ILE D 115 29.85 19.06 6.20
CA ILE D 115 30.63 18.82 4.99
C ILE D 115 31.79 19.81 4.97
N GLU D 116 33.01 19.28 4.83
CA GLU D 116 34.20 20.11 4.81
C GLU D 116 34.36 20.80 3.47
N ASN D 117 34.41 20.02 2.38
CA ASN D 117 34.56 20.58 1.05
C ASN D 117 33.86 19.70 0.04
N ILE D 118 33.71 20.22 -1.17
CA ILE D 118 33.09 19.53 -2.29
C ILE D 118 34.10 19.47 -3.42
N THR D 119 34.38 18.27 -3.91
CA THR D 119 35.31 18.04 -5.02
C THR D 119 34.54 17.55 -6.22
N VAL D 120 34.69 18.25 -7.35
CA VAL D 120 34.03 17.90 -8.59
C VAL D 120 35.08 17.44 -9.58
N LEU D 121 34.96 16.21 -10.04
CA LEU D 121 35.86 15.62 -11.02
C LEU D 121 35.22 15.77 -12.39
N LYS D 122 35.92 16.42 -13.31
CA LYS D 122 35.32 16.91 -14.54
C LYS D 122 35.74 16.15 -15.79
N ASP D 123 37.01 15.79 -15.93
CA ASP D 123 37.51 15.19 -17.15
C ASP D 123 37.78 13.70 -16.95
N ALA D 124 38.25 13.06 -18.02
CA ALA D 124 38.51 11.63 -17.99
C ALA D 124 39.64 11.29 -17.01
N ALA D 125 40.65 12.15 -16.93
CA ALA D 125 41.78 11.89 -16.03
C ALA D 125 41.33 11.79 -14.58
N ALA D 126 40.24 12.46 -14.22
CA ALA D 126 39.74 12.43 -12.85
C ALA D 126 38.58 11.46 -12.65
N THR D 127 37.81 11.16 -13.70
CA THR D 127 36.59 10.38 -13.56
C THR D 127 36.71 8.94 -14.04
N ALA D 128 37.72 8.62 -14.84
CA ALA D 128 37.79 7.30 -15.45
C ALA D 128 37.98 6.19 -14.44
N ILE D 129 38.33 6.51 -13.19
CA ILE D 129 38.39 5.50 -12.15
C ILE D 129 37.01 5.06 -11.72
N TYR D 130 35.97 5.78 -12.10
CA TYR D 130 34.59 5.40 -11.79
C TYR D 130 33.95 4.59 -12.90
N GLY D 131 34.67 4.33 -13.99
CA GLY D 131 34.19 3.39 -14.99
C GLY D 131 32.95 3.89 -15.70
N ALA D 132 31.90 3.06 -15.68
CA ALA D 132 30.66 3.32 -16.39
C ALA D 132 29.72 4.25 -15.66
N ARG D 133 30.21 4.98 -14.65
CA ARG D 133 29.44 6.03 -13.98
C ARG D 133 30.16 7.37 -14.07
N ALA D 134 31.00 7.56 -15.08
CA ALA D 134 31.87 8.71 -15.17
C ALA D 134 31.51 9.68 -16.29
N ALA D 135 30.58 9.31 -17.17
CA ALA D 135 30.31 10.16 -18.33
C ALA D 135 29.72 11.50 -17.93
N ASN D 136 28.97 11.55 -16.83
CA ASN D 136 28.28 12.76 -16.41
C ASN D 136 29.04 13.53 -15.33
N GLY D 137 30.23 13.08 -14.96
CA GLY D 137 30.99 13.73 -13.91
C GLY D 137 30.68 13.18 -12.53
N VAL D 138 31.57 13.48 -11.59
CA VAL D 138 31.48 12.98 -10.22
C VAL D 138 31.65 14.14 -9.26
N ILE D 139 30.81 14.16 -8.22
CA ILE D 139 30.91 15.14 -7.14
C ILE D 139 31.21 14.38 -5.87
N VAL D 140 32.37 14.66 -5.28
CA VAL D 140 32.86 13.94 -4.11
C VAL D 140 32.60 14.79 -2.86
N ILE D 141 31.85 14.24 -1.93
CA ILE D 141 31.55 14.91 -0.67
C ILE D 141 32.53 14.41 0.39
N THR D 142 33.30 15.33 0.97
CA THR D 142 34.15 15.03 2.10
C THR D 142 33.49 15.63 3.34
N THR D 143 33.28 14.81 4.35
CA THR D 143 32.60 15.26 5.56
C THR D 143 33.62 15.66 6.62
N LYS D 144 33.16 16.46 7.57
CA LYS D 144 34.02 16.91 8.66
C LYS D 144 34.37 15.76 9.58
N LYS D 145 35.52 15.87 10.24
CA LYS D 145 35.97 14.86 11.19
C LYS D 145 36.64 15.56 12.36
N GLY D 146 36.90 14.79 13.41
CA GLY D 146 37.49 15.35 14.60
C GLY D 146 38.97 15.66 14.40
N LYS D 147 39.37 16.84 14.85
CA LYS D 147 40.77 17.24 14.90
C LYS D 147 41.32 16.95 16.29
N VAL D 148 42.54 16.42 16.35
CA VAL D 148 43.14 16.01 17.61
C VAL D 148 43.32 17.24 18.50
N GLY D 149 42.73 17.20 19.68
CA GLY D 149 42.77 18.31 20.61
C GLY D 149 41.55 18.28 21.50
N LYS D 150 41.28 19.41 22.13
CA LYS D 150 40.09 19.53 22.96
C LYS D 150 38.84 19.47 22.09
N PRO D 151 37.71 19.04 22.66
CA PRO D 151 36.46 19.03 21.89
C PRO D 151 36.11 20.42 21.38
N VAL D 152 35.60 20.46 20.16
CA VAL D 152 35.14 21.69 19.53
C VAL D 152 33.62 21.62 19.50
N ILE D 153 32.97 22.63 20.05
CA ILE D 153 31.52 22.69 20.19
C ILE D 153 31.04 23.87 19.36
N ASN D 154 30.34 23.60 18.26
CA ASN D 154 29.83 24.65 17.40
C ASN D 154 28.31 24.59 17.41
N PHE D 155 27.66 25.64 17.88
CA PHE D 155 26.20 25.74 17.87
C PHE D 155 25.78 26.85 16.91
N SER D 156 24.90 26.51 15.98
CA SER D 156 24.44 27.48 14.98
C SER D 156 22.91 27.54 15.00
N SER D 157 22.37 28.74 14.91
CA SER D 157 20.93 28.95 14.85
C SER D 157 20.62 29.99 13.79
N LYS D 158 19.83 29.62 12.80
CA LYS D 158 19.45 30.49 11.70
C LYS D 158 17.95 30.70 11.71
N PHE D 159 17.53 31.95 11.59
CA PHE D 159 16.12 32.31 11.53
C PHE D 159 15.89 33.04 10.21
N THR D 160 15.07 32.45 9.35
CA THR D 160 14.88 32.92 7.99
C THR D 160 13.47 33.49 7.83
N TYR D 161 13.39 34.67 7.24
CA TYR D 161 12.12 35.27 6.85
C TYR D 161 12.01 35.19 5.33
N MET D 162 10.94 34.56 4.85
CA MET D 162 10.67 34.44 3.43
C MET D 162 9.57 35.41 3.07
N PRO D 163 9.84 36.45 2.27
CA PRO D 163 8.78 37.38 1.88
C PRO D 163 7.71 36.68 1.06
N THR D 164 6.49 37.21 1.15
CA THR D 164 5.36 36.63 0.45
C THR D 164 5.54 36.75 -1.06
N LEU D 165 4.93 35.81 -1.78
CA LEU D 165 5.01 35.80 -3.24
C LEU D 165 4.07 36.84 -3.81
N SER D 166 4.61 37.76 -4.59
CA SER D 166 3.84 38.86 -5.18
C SER D 166 3.50 38.53 -6.62
N THR D 167 2.22 38.42 -6.93
CA THR D 167 1.75 38.13 -8.28
C THR D 167 1.70 39.36 -9.17
N ASN D 168 2.22 40.51 -8.71
CA ASN D 168 2.20 41.72 -9.51
C ASN D 168 2.99 41.57 -10.80
N ARG D 169 3.95 40.64 -10.84
CA ARG D 169 4.70 40.38 -12.05
C ARG D 169 3.95 39.51 -13.06
N LEU D 170 2.84 38.90 -12.65
CA LEU D 170 2.06 38.07 -13.56
C LEU D 170 1.31 38.89 -14.59
N ASN D 171 1.04 40.17 -14.29
CA ASN D 171 0.37 41.09 -15.23
C ASN D 171 -1.00 40.55 -15.65
N MET D 172 -1.80 40.17 -14.67
CA MET D 172 -3.13 39.65 -14.92
C MET D 172 -4.16 40.77 -14.98
N LEU D 173 -5.17 40.57 -15.81
CA LEU D 173 -6.26 41.52 -15.90
C LEU D 173 -7.04 41.54 -14.59
N ASN D 174 -7.45 42.74 -14.16
CA ASN D 174 -8.27 42.86 -12.97
C ASN D 174 -9.75 42.75 -13.38
N SER D 175 -10.66 43.03 -12.45
CA SER D 175 -12.08 42.82 -12.71
C SER D 175 -12.58 43.69 -13.85
N GLN D 176 -12.17 44.96 -13.88
CA GLN D 176 -12.73 45.90 -14.85
C GLN D 176 -12.43 45.47 -16.28
N GLU D 177 -11.16 45.33 -16.63
CA GLU D 177 -10.81 45.00 -18.01
C GLU D 177 -11.12 43.55 -18.37
N LYS D 178 -11.14 42.63 -17.40
CA LYS D 178 -11.58 41.28 -17.72
C LYS D 178 -13.07 41.25 -18.05
N VAL D 179 -13.90 41.99 -17.30
CA VAL D 179 -15.31 42.07 -17.64
C VAL D 179 -15.50 42.76 -18.99
N ASP D 180 -14.68 43.78 -19.26
CA ASP D 180 -14.74 44.43 -20.57
C ASP D 180 -14.41 43.44 -21.69
N LEU D 181 -13.38 42.62 -21.49
CA LEU D 181 -13.01 41.62 -22.49
C LEU D 181 -14.11 40.58 -22.67
N GLU D 182 -14.73 40.15 -21.57
CA GLU D 182 -15.80 39.16 -21.66
C GLU D 182 -17.01 39.72 -22.41
N LEU D 183 -17.36 40.98 -22.14
CA LEU D 183 -18.45 41.62 -22.88
C LEU D 183 -18.09 41.74 -24.36
N GLU D 184 -16.84 42.11 -24.66
CA GLU D 184 -16.40 42.21 -26.04
C GLU D 184 -16.51 40.86 -26.76
N LEU D 185 -16.12 39.78 -26.07
CA LEU D 185 -16.23 38.45 -26.66
C LEU D 185 -17.68 38.04 -26.85
N LEU D 186 -18.56 38.39 -25.91
CA LEU D 186 -19.97 38.07 -26.04
C LEU D 186 -20.57 38.81 -27.24
N ARG D 187 -20.13 40.05 -27.49
CA ARG D 187 -20.59 40.74 -28.68
C ARG D 187 -20.15 40.04 -29.96
N SER D 188 -18.96 39.46 -29.97
CA SER D 188 -18.43 38.83 -31.17
C SER D 188 -18.94 37.39 -31.25
N ASN D 189 -18.46 36.65 -32.25
CA ASN D 189 -18.90 35.28 -32.51
C ASN D 189 -17.79 34.29 -32.21
N PHE D 190 -17.07 34.50 -31.12
CA PHE D 190 -15.98 33.61 -30.75
C PHE D 190 -16.54 32.24 -30.38
N ALA D 191 -15.99 31.20 -31.01
CA ALA D 191 -16.62 29.88 -30.94
C ALA D 191 -16.43 29.22 -29.58
N TYR D 192 -15.27 29.42 -28.96
CA TYR D 192 -14.92 28.64 -27.78
C TYR D 192 -15.38 29.33 -26.50
N GLY D 193 -15.87 28.54 -25.56
CA GLY D 193 -16.16 29.00 -24.21
C GLY D 193 -17.25 30.05 -24.10
N ASP D 194 -18.34 29.88 -24.84
CA ASP D 194 -19.46 30.82 -24.75
C ASP D 194 -20.21 30.73 -23.44
N ASN D 195 -20.19 29.57 -22.78
CA ASN D 195 -20.89 29.36 -21.53
C ASN D 195 -20.06 29.72 -20.30
N LYS D 196 -18.77 30.01 -20.49
CA LYS D 196 -17.89 30.25 -19.36
C LYS D 196 -17.72 31.74 -19.12
N GLY D 197 -17.26 32.08 -17.92
CA GLY D 197 -17.08 33.46 -17.52
C GLY D 197 -18.29 33.98 -16.76
N GLY D 198 -18.06 34.90 -15.83
CA GLY D 198 -19.17 35.42 -15.04
C GLY D 198 -20.15 36.23 -15.87
N VAL D 199 -19.64 37.04 -16.79
CA VAL D 199 -20.51 37.90 -17.59
C VAL D 199 -21.44 37.06 -18.45
N SER D 200 -20.91 36.03 -19.11
CA SER D 200 -21.73 35.17 -19.95
C SER D 200 -22.79 34.43 -19.14
N LYS D 201 -22.46 33.89 -17.98
CA LYS D 201 -23.43 33.24 -17.12
C LYS D 201 -24.51 34.19 -16.63
N ILE D 202 -24.13 35.41 -16.23
CA ILE D 202 -25.11 36.37 -15.76
C ILE D 202 -26.06 36.75 -16.90
N ILE D 203 -25.51 37.01 -18.09
CA ILE D 203 -26.33 37.45 -19.21
C ILE D 203 -27.25 36.33 -19.69
N SER D 204 -26.73 35.10 -19.75
CA SER D 204 -27.56 33.98 -20.18
C SER D 204 -28.58 33.58 -19.13
N GLY D 205 -28.31 33.87 -17.85
CA GLY D 205 -29.28 33.59 -16.82
C GLY D 205 -30.57 34.36 -16.97
N TYR D 206 -30.49 35.60 -17.44
CA TYR D 206 -31.66 36.41 -17.74
C TYR D 206 -32.18 36.20 -19.15
N GLY D 207 -31.52 35.37 -19.94
CA GLY D 207 -31.96 35.08 -21.29
C GLY D 207 -31.60 36.11 -22.34
N LEU D 208 -30.85 37.15 -21.98
CA LEU D 208 -30.51 38.21 -22.93
C LEU D 208 -29.15 37.87 -23.52
N THR D 209 -29.04 36.74 -24.21
CA THR D 209 -27.82 36.42 -24.94
C THR D 209 -27.82 36.91 -26.38
N ASP D 210 -28.84 36.55 -27.15
CA ASP D 210 -29.01 37.10 -28.49
C ASP D 210 -29.39 38.58 -28.43
N ALA D 211 -30.18 38.96 -27.43
CA ALA D 211 -30.53 40.36 -27.25
C ALA D 211 -29.29 41.21 -27.04
N TYR D 212 -28.38 40.75 -26.19
CA TYR D 212 -27.11 41.46 -26.01
C TYR D 212 -26.31 41.47 -27.30
N LYS D 213 -26.16 40.30 -27.94
CA LYS D 213 -25.38 40.20 -29.16
C LYS D 213 -25.85 41.19 -30.22
N LYS D 214 -27.16 41.45 -30.28
CA LYS D 214 -27.69 42.37 -31.27
C LYS D 214 -27.67 43.82 -30.82
N GLY D 215 -27.88 44.10 -29.53
CA GLY D 215 -28.11 45.47 -29.11
C GLY D 215 -27.05 46.14 -28.26
N GLY D 216 -26.01 45.42 -27.86
CA GLY D 216 -24.97 46.03 -27.06
C GLY D 216 -25.35 46.17 -25.59
N TRP D 217 -24.75 47.16 -24.94
CA TRP D 217 -24.99 47.39 -23.52
C TRP D 217 -26.42 47.80 -23.24
N SER D 218 -27.01 48.61 -24.13
CA SER D 218 -28.34 49.15 -23.91
C SER D 218 -29.45 48.11 -24.04
N ALA D 219 -29.13 46.90 -24.51
CA ALA D 219 -30.12 45.86 -24.70
C ALA D 219 -30.31 44.99 -23.46
N LEU D 220 -29.66 45.33 -22.36
CA LEU D 220 -29.73 44.55 -21.14
C LEU D 220 -30.65 45.23 -20.13
N THR D 221 -31.44 44.41 -19.43
CA THR D 221 -32.32 44.94 -18.41
C THR D 221 -31.51 45.48 -17.24
N PRO D 222 -32.01 46.55 -16.58
CA PRO D 222 -31.31 47.13 -15.42
C PRO D 222 -30.72 46.13 -14.44
N GLU D 223 -31.40 45.00 -14.23
CA GLU D 223 -30.88 43.98 -13.31
C GLU D 223 -29.56 43.40 -13.82
N ALA D 224 -29.50 43.05 -15.10
CA ALA D 224 -28.26 42.54 -15.67
C ALA D 224 -27.15 43.57 -15.62
N GLN D 225 -27.49 44.84 -15.91
CA GLN D 225 -26.50 45.90 -15.84
C GLN D 225 -25.94 46.04 -14.42
N THR D 226 -26.82 45.99 -13.42
CA THR D 226 -26.36 46.10 -12.04
C THR D 226 -25.49 44.90 -11.65
N ASP D 227 -25.87 43.70 -12.11
CA ASP D 227 -25.05 42.52 -11.82
C ASP D 227 -23.67 42.63 -12.45
N ILE D 228 -23.59 43.08 -13.69
CA ILE D 228 -22.31 43.20 -14.36
C ILE D 228 -21.46 44.30 -13.71
N SER D 229 -22.10 45.41 -13.33
CA SER D 229 -21.37 46.47 -12.63
C SER D 229 -20.87 46.00 -11.28
N ARG D 230 -21.63 45.15 -10.59
CA ARG D 230 -21.15 44.54 -9.36
C ARG D 230 -19.95 43.65 -9.62
N LEU D 231 -19.98 42.91 -10.74
CA LEU D 231 -18.83 42.10 -11.13
C LEU D 231 -17.59 42.97 -11.37
N ARG D 232 -17.78 44.12 -12.01
CA ARG D 232 -16.65 44.98 -12.32
C ARG D 232 -16.00 45.53 -11.06
N ASN D 233 -16.80 45.88 -10.06
CA ASN D 233 -16.30 46.53 -8.85
C ASN D 233 -15.87 45.54 -7.78
N THR D 234 -15.96 44.24 -8.05
CA THR D 234 -15.56 43.21 -7.09
C THR D 234 -14.09 42.85 -7.32
N GLU D 235 -13.27 43.00 -6.29
CA GLU D 235 -11.85 42.71 -6.37
C GLU D 235 -11.49 41.62 -5.37
N THR D 236 -10.74 40.63 -5.82
CA THR D 236 -10.25 39.55 -4.97
C THR D 236 -8.74 39.48 -5.09
N ASP D 237 -8.05 39.41 -3.96
CA ASP D 237 -6.61 39.24 -3.93
C ASP D 237 -6.31 37.74 -3.95
N TRP D 238 -5.77 37.25 -5.07
CA TRP D 238 -5.43 35.85 -5.23
C TRP D 238 -3.96 35.59 -4.95
N GLY D 239 -3.22 36.59 -4.46
CA GLY D 239 -1.84 36.40 -4.08
C GLY D 239 -1.65 36.33 -2.58
N ASP D 240 -2.68 36.69 -1.82
CA ASP D 240 -2.63 36.62 -0.38
C ASP D 240 -3.47 35.51 0.23
N ILE D 241 -4.48 35.01 -0.49
CA ILE D 241 -5.20 33.81 -0.08
C ILE D 241 -4.65 32.57 -0.76
N LEU D 242 -3.59 32.70 -1.56
CA LEU D 242 -2.89 31.57 -2.15
C LEU D 242 -1.45 31.44 -1.68
N PHE D 243 -0.80 32.55 -1.33
CA PHE D 243 0.60 32.57 -0.95
C PHE D 243 0.76 33.22 0.42
N ARG D 244 1.97 33.14 0.96
CA ARG D 244 2.23 33.60 2.32
C ARG D 244 3.70 33.96 2.46
N ASP D 245 4.01 34.71 3.51
CA ASP D 245 5.37 34.87 3.99
C ASP D 245 5.60 33.89 5.14
N ALA D 246 6.85 33.47 5.31
CA ALA D 246 7.13 32.35 6.20
C ALA D 246 8.29 32.69 7.14
N PHE D 247 8.31 31.99 8.27
CA PHE D 247 9.41 32.07 9.23
C PHE D 247 9.97 30.66 9.41
N ASN D 248 11.11 30.41 8.74
CA ASN D 248 11.81 29.10 8.81
C ASN D 248 12.85 29.18 9.94
N GLN D 249 13.20 28.03 10.52
CA GLN D 249 14.16 28.00 11.61
C GLN D 249 15.04 26.77 11.51
N GLU D 250 16.36 26.97 11.58
CA GLU D 250 17.33 25.89 11.50
C GLU D 250 18.23 25.94 12.73
N TYR D 251 18.54 24.77 13.28
CA TYR D 251 19.44 24.64 14.41
C TYR D 251 20.43 23.53 14.12
N SER D 252 21.66 23.70 14.61
CA SER D 252 22.71 22.73 14.37
C SER D 252 23.65 22.72 15.57
N LEU D 253 24.08 21.52 15.96
CA LEU D 253 25.02 21.35 17.06
C LEU D 253 26.07 20.34 16.61
N SER D 254 27.29 20.83 16.37
CA SER D 254 28.40 19.95 15.90
C SER D 254 29.47 19.80 16.97
N LEU D 255 29.50 18.66 17.66
CA LEU D 255 30.52 18.37 18.70
C LEU D 255 31.58 17.48 18.07
N SER D 256 32.87 17.81 18.26
CA SER D 256 33.93 17.01 17.64
C SER D 256 35.15 17.03 18.54
N GLY D 257 36.18 16.29 18.12
CA GLY D 257 37.45 16.29 18.81
C GLY D 257 38.22 15.03 18.50
N GLY D 258 39.28 14.81 19.27
CA GLY D 258 40.06 13.61 19.12
C GLY D 258 41.28 13.64 20.01
N ASN D 259 42.00 12.52 20.02
CA ASN D 259 43.25 12.41 20.74
C ASN D 259 44.12 11.45 19.94
N GLU D 260 45.30 11.13 20.50
CA GLU D 260 46.37 10.49 19.74
C GLU D 260 45.97 9.16 19.13
N ARG D 261 44.83 8.59 19.52
CA ARG D 261 44.45 7.28 18.99
C ARG D 261 43.03 7.25 18.41
N VAL D 262 42.12 8.05 18.97
CA VAL D 262 40.73 8.04 18.56
C VAL D 262 40.29 9.47 18.23
N THR D 263 39.61 9.63 17.10
CA THR D 263 39.03 10.91 16.70
C THR D 263 37.53 10.75 16.49
N TYR D 264 36.75 11.66 17.05
CA TYR D 264 35.31 11.54 17.06
C TYR D 264 34.64 12.81 16.54
N TYR D 265 33.48 12.63 15.93
CA TYR D 265 32.66 13.71 15.41
C TYR D 265 31.20 13.36 15.63
N THR D 266 30.40 14.35 16.00
CA THR D 266 28.98 14.16 16.22
C THR D 266 28.26 15.43 15.82
N SER D 267 27.05 15.29 15.29
CA SER D 267 26.28 16.47 14.91
C SER D 267 24.81 16.12 14.94
N ILE D 268 24.02 17.04 15.46
CA ILE D 268 22.56 16.93 15.40
C ILE D 268 22.00 18.24 14.86
N GLY D 269 21.19 18.15 13.83
CA GLY D 269 20.60 19.32 13.21
C GLY D 269 19.13 19.13 12.96
N TYR D 270 18.41 20.23 12.95
CA TYR D 270 16.97 20.20 12.70
C TYR D 270 16.57 21.51 12.04
N TYR D 271 15.97 21.43 10.87
CA TYR D 271 15.45 22.62 10.21
C TYR D 271 13.99 22.43 9.86
N GLN D 272 13.23 23.53 9.94
CA GLN D 272 11.86 23.60 9.49
C GLN D 272 11.76 24.74 8.49
N GLU D 273 11.26 24.44 7.30
CA GLU D 273 11.13 25.39 6.21
C GLU D 273 9.69 25.35 5.70
N ASN D 274 9.20 26.50 5.27
CA ASN D 274 7.86 26.60 4.72
C ASN D 274 7.95 27.07 3.28
N GLY D 275 7.00 26.62 2.46
CA GLY D 275 6.90 27.11 1.10
C GLY D 275 6.08 28.38 1.02
N ASN D 276 6.22 29.10 -0.09
CA ASN D 276 5.42 30.28 -0.31
C ASN D 276 3.95 29.95 -0.53
N VAL D 277 3.63 28.69 -0.82
CA VAL D 277 2.25 28.25 -0.98
C VAL D 277 1.74 27.77 0.37
N LYS D 278 0.55 28.24 0.75
CA LYS D 278 -0.01 27.88 2.04
C LYS D 278 -0.19 26.37 2.16
N GLY D 279 0.17 25.84 3.33
CA GLY D 279 0.08 24.42 3.57
C GLY D 279 1.24 23.59 3.09
N VAL D 280 2.29 24.22 2.60
CA VAL D 280 3.48 23.52 2.10
C VAL D 280 4.61 23.72 3.10
N GLY D 281 5.22 22.62 3.54
CA GLY D 281 6.31 22.70 4.48
C GLY D 281 7.18 21.47 4.43
N LEU D 282 8.38 21.60 4.99
CA LEU D 282 9.35 20.52 4.98
C LEU D 282 10.30 20.68 6.16
N ASP D 283 10.40 19.63 6.97
CA ASP D 283 11.32 19.62 8.09
C ASP D 283 12.29 18.46 7.94
N ARG D 284 13.47 18.62 8.54
CA ARG D 284 14.50 17.58 8.48
C ARG D 284 15.26 17.52 9.80
N LEU D 285 15.40 16.30 10.32
CA LEU D 285 16.18 16.01 11.50
C LEU D 285 17.34 15.10 11.07
N ASN D 286 18.56 15.54 11.34
CA ASN D 286 19.77 14.87 10.87
C ASN D 286 20.67 14.57 12.06
N ILE D 287 21.26 13.37 12.07
CA ILE D 287 22.22 12.97 13.07
C ILE D 287 23.43 12.38 12.35
N VAL D 288 24.63 12.75 12.81
CA VAL D 288 25.87 12.23 12.28
C VAL D 288 26.73 11.77 13.44
N ALA D 289 27.24 10.54 13.37
CA ALA D 289 28.10 9.99 14.41
C ALA D 289 29.25 9.27 13.72
N LYS D 290 30.47 9.80 13.87
CA LYS D 290 31.65 9.22 13.28
C LYS D 290 32.71 9.02 14.35
N THR D 291 33.37 7.87 14.31
CA THR D 291 34.48 7.60 15.23
C THR D 291 35.52 6.77 14.51
N SER D 292 36.77 7.22 14.57
CA SER D 292 37.89 6.54 13.94
C SER D 292 38.90 6.17 15.02
N TYR D 293 39.16 4.87 15.15
CA TYR D 293 40.07 4.33 16.16
C TYR D 293 41.34 3.85 15.47
N LYS D 294 42.48 4.08 16.12
CA LYS D 294 43.77 3.56 15.67
C LYS D 294 44.07 2.33 16.51
N VAL D 295 43.78 1.15 15.96
CA VAL D 295 43.91 -0.08 16.71
C VAL D 295 45.38 -0.38 17.01
N ASN D 296 46.23 -0.31 15.99
CA ASN D 296 47.67 -0.47 16.13
C ASN D 296 48.33 0.61 15.29
N ARG D 297 49.67 0.59 15.27
CA ARG D 297 50.38 1.46 14.34
C ARG D 297 50.12 1.06 12.89
N MET D 298 49.46 -0.07 12.66
CA MET D 298 49.13 -0.55 11.32
C MET D 298 47.63 -0.50 11.04
N LEU D 299 46.81 -1.08 11.90
CA LEU D 299 45.39 -1.18 11.68
C LEU D 299 44.67 0.09 12.15
N LYS D 300 43.64 0.48 11.42
CA LYS D 300 42.87 1.68 11.74
C LYS D 300 41.44 1.47 11.25
N PHE D 301 40.48 1.54 12.17
CA PHE D 301 39.09 1.21 11.85
C PHE D 301 38.19 2.38 12.17
N GLY D 302 37.35 2.78 11.21
CA GLY D 302 36.45 3.90 11.39
C GLY D 302 35.03 3.55 11.01
N VAL D 303 34.09 4.14 11.74
CA VAL D 303 32.67 3.96 11.51
C VAL D 303 32.01 5.33 11.42
N SER D 304 31.30 5.57 10.32
CA SER D 304 30.52 6.78 10.13
C SER D 304 29.06 6.39 9.94
N LEU D 305 28.16 7.16 10.54
CA LEU D 305 26.73 6.83 10.51
C LEU D 305 25.94 8.12 10.35
N PHE D 306 25.26 8.26 9.21
CA PHE D 306 24.41 9.40 8.92
C PHE D 306 22.97 8.94 8.93
N VAL D 307 22.16 9.49 9.83
CA VAL D 307 20.75 9.16 9.98
C VAL D 307 19.95 10.41 9.66
N ASN D 308 18.88 10.25 8.89
CA ASN D 308 18.14 11.39 8.37
C ASN D 308 16.65 11.09 8.40
N ARG D 309 15.84 12.10 8.72
CA ARG D 309 14.40 11.98 8.63
C ARG D 309 13.82 13.29 8.13
N ARG D 310 13.17 13.24 6.98
CA ARG D 310 12.53 14.41 6.38
C ARG D 310 11.02 14.20 6.35
N ASN D 311 10.28 15.29 6.54
CA ASN D 311 8.83 15.27 6.53
C ASN D 311 8.34 16.41 5.64
N ASN D 312 7.58 16.06 4.61
CA ASN D 312 7.09 17.02 3.63
C ASN D 312 5.57 17.01 3.64
N LYS D 313 4.97 18.19 3.66
CA LYS D 313 3.52 18.35 3.56
C LYS D 313 3.22 19.30 2.41
N THR D 314 2.26 18.93 1.57
CA THR D 314 1.94 19.73 0.40
C THR D 314 0.53 19.41 -0.08
N TYR D 315 0.17 20.04 -1.19
CA TYR D 315 -1.18 20.00 -1.74
C TYR D 315 -1.34 18.82 -2.69
N LEU D 316 -2.60 18.40 -2.85
CA LEU D 316 -2.98 17.41 -3.86
C LEU D 316 -3.58 18.13 -5.05
N THR D 317 -3.14 17.76 -6.25
CA THR D 317 -3.60 18.40 -7.47
C THR D 317 -4.07 17.34 -8.45
N ASP D 318 -4.79 17.81 -9.48
CA ASP D 318 -5.15 16.95 -10.59
C ASP D 318 -3.88 16.45 -11.29
N THR D 319 -4.03 15.37 -12.06
CA THR D 319 -2.90 14.81 -12.79
C THR D 319 -2.31 15.84 -13.75
N TYR D 320 -3.11 16.77 -14.25
CA TYR D 320 -2.67 17.75 -15.23
C TYR D 320 -2.80 19.18 -14.69
N GLY D 321 -2.78 19.33 -13.37
CA GLY D 321 -2.65 20.64 -12.75
C GLY D 321 -3.79 21.61 -12.94
N LEU D 322 -5.03 21.14 -12.81
CA LEU D 322 -6.18 22.05 -12.83
C LEU D 322 -6.44 22.67 -11.46
N VAL D 323 -5.69 22.26 -10.43
CA VAL D 323 -5.88 22.77 -9.09
C VAL D 323 -4.67 23.57 -8.59
N ASN D 324 -3.47 23.29 -9.12
CA ASN D 324 -2.19 23.82 -8.66
C ASN D 324 -2.44 25.27 -8.25
N PRO D 325 -2.08 25.64 -7.03
CA PRO D 325 -2.23 27.05 -6.61
C PRO D 325 -1.29 28.00 -7.32
N VAL D 326 -0.07 27.56 -7.65
CA VAL D 326 0.85 28.41 -8.38
C VAL D 326 0.27 28.75 -9.76
N TYR D 327 -0.27 27.76 -10.45
CA TYR D 327 -0.96 28.00 -11.71
C TYR D 327 -2.34 28.62 -11.51
N TYR D 328 -2.97 28.40 -10.36
CA TYR D 328 -4.29 28.98 -10.12
C TYR D 328 -4.21 30.49 -9.93
N SER D 329 -3.13 30.99 -9.34
CA SER D 329 -2.94 32.44 -9.25
C SER D 329 -2.86 33.06 -10.64
N ARG D 330 -2.39 32.29 -11.62
CA ARG D 330 -2.40 32.69 -13.02
C ARG D 330 -3.76 32.47 -13.69
N LYS D 331 -4.70 31.85 -12.99
CA LYS D 331 -5.94 31.38 -13.60
C LYS D 331 -7.20 31.82 -12.89
N ALA D 332 -7.15 32.14 -11.60
CA ALA D 332 -8.35 32.49 -10.87
C ALA D 332 -8.92 33.81 -11.34
N ASN D 333 -10.25 33.88 -11.43
CA ASN D 333 -10.92 35.09 -11.87
C ASN D 333 -10.71 36.21 -10.86
N PRO D 334 -10.53 37.45 -11.30
CA PRO D 334 -10.32 38.54 -10.35
C PRO D 334 -11.57 38.90 -9.56
N TYR D 335 -12.74 38.75 -10.14
CA TYR D 335 -14.00 39.10 -9.49
C TYR D 335 -14.64 37.93 -8.76
N TYR D 336 -13.99 36.77 -8.76
CA TYR D 336 -14.54 35.58 -8.12
C TYR D 336 -14.11 35.56 -6.65
N GLN D 337 -15.10 35.52 -5.75
CA GLN D 337 -14.84 35.46 -4.31
C GLN D 337 -15.18 34.08 -3.79
N PRO D 338 -14.23 33.36 -3.19
CA PRO D 338 -14.50 32.00 -2.74
C PRO D 338 -15.47 31.89 -1.57
N PHE D 339 -15.87 33.00 -0.98
CA PHE D 339 -16.81 32.99 0.14
C PHE D 339 -17.93 33.98 -0.14
N ASP D 340 -19.16 33.59 0.13
CA ASP D 340 -20.28 34.51 0.00
C ASP D 340 -20.50 35.24 1.33
N ALA D 341 -21.62 35.96 1.41
CA ALA D 341 -21.90 36.76 2.61
C ALA D 341 -22.12 35.89 3.84
N ASN D 342 -22.54 34.64 3.66
CA ASN D 342 -22.80 33.73 4.76
C ASN D 342 -21.60 32.88 5.16
N GLY D 343 -20.47 33.03 4.47
CA GLY D 343 -19.29 32.25 4.76
C GLY D 343 -19.23 30.90 4.07
N ASN D 344 -20.22 30.57 3.26
CA ASN D 344 -20.24 29.30 2.55
C ASN D 344 -19.27 29.34 1.37
N TYR D 345 -19.02 28.16 0.80
CA TYR D 345 -18.11 28.04 -0.32
C TYR D 345 -18.79 28.47 -1.61
N VAL D 346 -18.04 29.18 -2.46
CA VAL D 346 -18.46 29.51 -3.82
C VAL D 346 -17.49 28.81 -4.77
N TYR D 347 -18.04 27.97 -5.64
CA TYR D 347 -17.22 27.07 -6.45
C TYR D 347 -16.89 27.70 -7.79
N ASP D 348 -15.64 27.54 -8.22
CA ASP D 348 -15.18 27.99 -9.52
C ASP D 348 -15.36 26.84 -10.51
N PHE D 349 -16.33 26.98 -11.41
CA PHE D 349 -16.66 25.93 -12.36
C PHE D 349 -15.90 26.03 -13.67
N ASP D 350 -15.01 27.02 -13.80
CA ASP D 350 -14.23 27.21 -15.02
C ASP D 350 -12.78 26.77 -14.88
N VAL D 351 -12.51 25.84 -13.96
CA VAL D 351 -11.13 25.40 -13.74
C VAL D 351 -10.66 24.40 -14.79
N GLN D 352 -11.58 23.75 -15.49
CA GLN D 352 -11.21 22.74 -16.48
C GLN D 352 -10.77 23.39 -17.79
N ASN D 353 -9.82 22.76 -18.46
CA ASN D 353 -9.36 23.22 -19.76
C ASN D 353 -10.27 22.44 -20.72
N ASN D 354 -11.55 22.75 -20.64
CA ASN D 354 -12.57 22.16 -21.51
C ASN D 354 -13.70 23.16 -21.62
N SER D 355 -14.75 22.78 -22.35
CA SER D 355 -15.99 23.55 -22.35
C SER D 355 -16.93 23.10 -21.24
N ASP D 356 -16.49 22.18 -20.38
CA ASP D 356 -17.35 21.60 -19.36
C ASP D 356 -17.39 22.49 -18.11
N THR D 357 -18.58 22.58 -17.52
CA THR D 357 -18.81 23.33 -16.29
C THR D 357 -19.18 22.37 -15.14
N ASP D 358 -19.06 21.07 -15.38
CA ASP D 358 -19.56 20.05 -14.46
C ASP D 358 -18.91 20.12 -13.08
N LEU D 359 -17.60 20.34 -13.03
CA LEU D 359 -16.83 20.21 -11.79
C LEU D 359 -16.52 21.59 -11.22
N GLY D 360 -16.76 21.75 -9.91
CA GLY D 360 -16.47 22.99 -9.22
C GLY D 360 -15.27 22.84 -8.29
N PHE D 361 -14.58 23.96 -8.07
CA PHE D 361 -13.36 23.97 -7.28
C PHE D 361 -13.36 25.17 -6.35
N ASN D 362 -13.22 24.91 -5.04
CA ASN D 362 -12.99 25.94 -4.04
C ASN D 362 -11.64 25.70 -3.39
N ILE D 363 -10.81 26.75 -3.30
CA ILE D 363 -9.45 26.57 -2.84
C ILE D 363 -9.40 26.20 -1.36
N PHE D 364 -10.27 26.80 -0.54
CA PHE D 364 -10.30 26.48 0.88
C PHE D 364 -10.84 25.07 1.11
N GLU D 365 -11.86 24.67 0.34
CA GLU D 365 -12.39 23.31 0.44
C GLU D 365 -11.33 22.29 0.06
N GLU D 366 -10.59 22.54 -1.02
CA GLU D 366 -9.51 21.64 -1.42
C GLU D 366 -8.42 21.59 -0.37
N ARG D 367 -8.09 22.75 0.21
CA ARG D 367 -7.03 22.80 1.22
C ARG D 367 -7.40 22.06 2.50
N LYS D 368 -8.65 22.14 2.94
CA LYS D 368 -9.06 21.45 4.15
C LYS D 368 -9.58 20.04 3.92
N ASN D 369 -9.76 19.62 2.67
CA ASN D 369 -10.26 18.28 2.37
C ASN D 369 -9.21 17.37 1.76
N THR D 370 -8.09 17.90 1.29
CA THR D 370 -7.05 17.11 0.66
C THR D 370 -5.73 17.28 1.41
N SER D 371 -4.86 16.29 1.27
CA SER D 371 -3.54 16.32 1.88
C SER D 371 -2.59 15.46 1.06
N ASN D 372 -1.31 15.87 0.98
CA ASN D 372 -0.29 15.07 0.32
C ASN D 372 0.93 15.15 1.24
N GLU D 373 1.14 14.11 2.05
CA GLU D 373 2.23 14.10 3.01
C GLU D 373 3.22 13.00 2.66
N GLU D 374 4.44 13.14 3.17
CA GLU D 374 5.49 12.18 2.87
C GLU D 374 6.53 12.22 3.98
N THR D 375 7.07 11.05 4.32
CA THR D 375 8.11 10.91 5.31
C THR D 375 9.22 10.05 4.74
N ILE D 376 10.46 10.55 4.78
CA ILE D 376 11.63 9.86 4.25
C ILE D 376 12.58 9.58 5.40
N ASN D 377 12.86 8.30 5.63
CA ASN D 377 13.83 7.87 6.62
C ASN D 377 15.04 7.30 5.88
N ALA D 378 16.21 7.91 6.10
CA ALA D 378 17.42 7.57 5.38
C ALA D 378 18.52 7.21 6.36
N LEU D 379 19.39 6.30 5.91
CA LEU D 379 20.53 5.84 6.70
C LEU D 379 21.69 5.56 5.78
N SER D 380 22.89 5.94 6.22
CA SER D 380 24.11 5.69 5.47
C SER D 380 25.22 5.35 6.46
N SER D 381 25.62 4.08 6.48
CA SER D 381 26.70 3.62 7.34
C SER D 381 27.91 3.28 6.49
N ILE D 382 29.08 3.74 6.93
CA ILE D 382 30.33 3.48 6.24
C ILE D 382 31.32 2.94 7.25
N PHE D 383 31.74 1.69 7.07
CA PHE D 383 32.78 1.08 7.87
C PHE D 383 34.03 0.96 7.01
N ASP D 384 35.12 1.60 7.43
CA ASP D 384 36.35 1.56 6.67
C ASP D 384 37.48 1.03 7.54
N ALA D 385 38.34 0.22 6.93
CA ALA D 385 39.50 -0.35 7.60
C ALA D 385 40.73 -0.10 6.77
N GLU D 386 41.84 0.23 7.44
CA GLU D 386 43.10 0.51 6.77
C GLU D 386 44.20 -0.27 7.45
N LEU D 387 45.05 -0.92 6.67
CA LEU D 387 46.15 -1.74 7.16
C LEU D 387 47.43 -1.26 6.49
N ARG D 388 48.33 -0.66 7.29
CA ARG D 388 49.63 -0.22 6.79
C ARG D 388 50.57 -1.42 6.83
N PHE D 389 50.54 -2.20 5.75
CA PHE D 389 51.37 -3.40 5.67
C PHE D 389 52.84 -3.04 5.74
N ASN D 390 53.26 -1.99 5.05
CA ASN D 390 54.65 -1.63 4.92
C ASN D 390 54.73 -0.11 4.87
N ASP D 391 55.95 0.42 4.92
CA ASP D 391 56.15 1.85 4.72
C ASP D 391 55.69 2.30 3.34
N LYS D 392 55.65 1.38 2.38
CA LYS D 392 55.22 1.70 1.02
C LYS D 392 53.91 1.05 0.62
N LEU D 393 53.48 0.00 1.32
CA LEU D 393 52.30 -0.78 0.96
C LEU D 393 51.18 -0.50 1.95
N LYS D 394 49.98 -0.28 1.44
CA LYS D 394 48.81 0.01 2.27
C LYS D 394 47.60 -0.67 1.65
N PHE D 395 46.72 -1.21 2.51
CA PHE D 395 45.51 -1.88 2.05
C PHE D 395 44.28 -1.25 2.71
N THR D 396 43.36 -0.77 1.89
CA THR D 396 42.13 -0.15 2.39
C THR D 396 40.93 -0.98 1.98
N THR D 397 39.96 -1.10 2.88
CA THR D 397 38.68 -1.72 2.58
C THR D 397 37.57 -0.85 3.14
N GLN D 398 36.40 -0.95 2.51
CA GLN D 398 35.29 -0.06 2.85
C GLN D 398 33.97 -0.76 2.54
N LEU D 399 33.01 -0.61 3.44
CA LEU D 399 31.66 -1.13 3.26
C LEU D 399 30.67 0.00 3.51
N GLY D 400 29.80 0.24 2.54
CA GLY D 400 28.80 1.28 2.65
C GLY D 400 27.39 0.76 2.46
N LEU D 401 26.56 0.93 3.49
CA LEU D 401 25.16 0.52 3.47
C LEU D 401 24.30 1.78 3.42
N GLN D 402 23.45 1.88 2.41
CA GLN D 402 22.54 3.00 2.26
C GLN D 402 21.11 2.47 2.18
N LEU D 403 20.20 3.15 2.87
CA LEU D 403 18.80 2.74 2.88
C LEU D 403 17.92 3.97 2.97
N ASP D 404 17.03 4.15 2.00
CA ASP D 404 16.12 5.30 1.96
C ASP D 404 14.70 4.79 1.79
N LYS D 405 13.86 5.00 2.79
CA LYS D 405 12.46 4.58 2.74
C LYS D 405 11.57 5.81 2.74
N ALA D 406 10.83 6.01 1.65
CA ALA D 406 9.90 7.12 1.51
C ALA D 406 8.47 6.61 1.52
N SER D 407 7.67 7.11 2.45
CA SER D 407 6.27 6.73 2.59
C SER D 407 5.42 7.97 2.32
N LYS D 408 4.64 7.94 1.26
CA LYS D 408 3.77 9.03 0.87
C LYS D 408 2.32 8.63 1.08
N GLU D 409 1.52 9.61 1.50
CA GLU D 409 0.11 9.41 1.79
C GLU D 409 -0.67 10.56 1.19
N GLN D 410 -1.49 10.27 0.19
CA GLN D 410 -2.33 11.27 -0.46
C GLN D 410 -3.78 10.95 -0.15
N ILE D 411 -4.46 11.86 0.52
CA ILE D 411 -5.85 11.68 0.90
C ILE D 411 -6.67 12.77 0.24
N ALA D 412 -7.73 12.38 -0.47
CA ALA D 412 -8.68 13.31 -1.07
C ALA D 412 -10.07 12.98 -0.53
N ASP D 413 -10.71 13.96 0.09
CA ASP D 413 -12.03 13.75 0.65
C ASP D 413 -13.08 13.75 -0.45
N LYS D 414 -14.30 13.38 -0.08
CA LYS D 414 -15.38 13.30 -1.05
C LYS D 414 -15.67 14.68 -1.66
N GLU D 415 -15.70 15.71 -0.83
CA GLU D 415 -15.99 17.06 -1.30
C GLU D 415 -14.68 17.81 -1.59
N SER D 416 -14.04 17.39 -2.67
CA SER D 416 -12.84 18.04 -3.16
C SER D 416 -12.76 17.85 -4.67
N PHE D 417 -12.04 18.75 -5.34
CA PHE D 417 -11.98 18.69 -6.80
C PHE D 417 -11.21 17.47 -7.27
N SER D 418 -10.23 16.99 -6.49
CA SER D 418 -9.48 15.81 -6.89
C SER D 418 -10.40 14.60 -6.99
N MET D 419 -11.21 14.35 -5.96
CA MET D 419 -12.12 13.23 -5.99
C MET D 419 -13.22 13.43 -7.04
N ARG D 420 -13.66 14.67 -7.23
CA ARG D 420 -14.66 14.94 -8.26
C ARG D 420 -14.13 14.58 -9.64
N ILE D 421 -12.90 14.99 -9.95
CA ILE D 421 -12.34 14.70 -11.26
C ILE D 421 -12.01 13.22 -11.41
N ILE D 422 -11.62 12.54 -10.32
CA ILE D 422 -11.38 11.10 -10.40
C ILE D 422 -12.69 10.37 -10.70
N ARG D 423 -13.75 10.73 -9.99
CA ARG D 423 -15.05 10.09 -10.22
C ARG D 423 -15.56 10.37 -11.63
N LYS D 424 -15.38 11.60 -12.12
CA LYS D 424 -15.78 11.91 -13.48
C LYS D 424 -14.96 11.11 -14.50
N ASN D 425 -13.65 10.98 -14.26
CA ASN D 425 -12.80 10.18 -15.13
C ASN D 425 -13.18 8.71 -15.09
N SER D 426 -13.88 8.27 -14.04
CA SER D 426 -14.32 6.88 -13.94
C SER D 426 -15.65 6.63 -14.63
N LYS D 427 -16.02 7.46 -15.60
CA LYS D 427 -17.29 7.28 -16.30
C LYS D 427 -17.14 6.25 -17.40
N TYR D 428 -18.09 5.31 -17.47
CA TYR D 428 -18.09 4.26 -18.46
C TYR D 428 -19.49 4.14 -19.04
N TRP D 429 -19.60 3.35 -20.12
CA TRP D 429 -20.85 3.16 -20.85
C TRP D 429 -21.41 1.78 -20.51
N ASP D 430 -22.39 1.74 -19.61
CA ASP D 430 -23.10 0.50 -19.30
C ASP D 430 -24.06 0.19 -20.44
N SER D 431 -23.77 -0.88 -21.18
CA SER D 431 -24.60 -1.30 -22.29
C SER D 431 -25.87 -2.01 -21.85
N ALA D 432 -25.91 -2.53 -20.62
CA ALA D 432 -27.10 -3.21 -20.14
C ALA D 432 -28.29 -2.26 -20.06
N SER D 433 -28.06 -1.05 -19.55
CA SER D 433 -29.08 -0.01 -19.52
C SER D 433 -28.85 1.07 -20.57
N GLN D 434 -27.78 0.95 -21.37
CA GLN D 434 -27.44 1.93 -22.41
C GLN D 434 -27.34 3.33 -21.82
N SER D 435 -26.48 3.48 -20.81
CA SER D 435 -26.35 4.77 -20.14
C SER D 435 -24.95 4.90 -19.58
N ASN D 436 -24.56 6.14 -19.30
CA ASN D 436 -23.24 6.44 -18.75
C ASN D 436 -23.30 6.41 -17.23
N LYS D 437 -22.49 5.55 -16.63
CA LYS D 437 -22.43 5.40 -15.18
C LYS D 437 -21.00 5.63 -14.70
N TYR D 438 -20.80 5.55 -13.38
CA TYR D 438 -19.49 5.72 -12.77
C TYR D 438 -19.22 4.53 -11.86
N PHE D 439 -18.04 3.92 -11.99
CA PHE D 439 -17.72 2.75 -11.20
C PHE D 439 -16.92 3.05 -9.94
N ILE D 440 -16.30 4.23 -9.85
CA ILE D 440 -15.64 4.61 -8.60
C ILE D 440 -16.70 4.94 -7.56
N PRO D 441 -16.62 4.38 -6.34
CA PRO D 441 -17.71 4.55 -5.37
C PRO D 441 -17.86 5.98 -4.86
N ASP D 442 -18.85 6.19 -4.00
CA ASP D 442 -19.11 7.49 -3.40
C ASP D 442 -18.31 7.61 -2.11
N GLY D 443 -17.36 8.52 -2.09
CA GLY D 443 -16.50 8.71 -0.94
C GLY D 443 -15.19 9.33 -1.38
N GLY D 444 -14.18 9.21 -0.53
CA GLY D 444 -12.86 9.74 -0.80
C GLY D 444 -11.94 8.71 -1.41
N VAL D 445 -10.66 9.07 -1.47
CA VAL D 445 -9.61 8.16 -1.92
C VAL D 445 -8.40 8.32 -1.02
N HIS D 446 -7.83 7.20 -0.61
CA HIS D 446 -6.59 7.17 0.15
C HIS D 446 -5.56 6.39 -0.66
N LYS D 447 -4.45 7.04 -1.00
CA LYS D 447 -3.39 6.42 -1.78
C LYS D 447 -2.12 6.39 -0.95
N ALA D 448 -1.51 5.22 -0.84
CA ALA D 448 -0.29 5.03 -0.06
C ALA D 448 0.82 4.53 -0.97
N TYR D 449 1.94 5.22 -0.94
CA TYR D 449 3.14 4.85 -1.69
C TYR D 449 4.25 4.52 -0.70
N GLU D 450 4.97 3.43 -0.95
CA GLU D 450 6.10 3.04 -0.12
C GLU D 450 7.24 2.66 -1.06
N ASN D 451 8.27 3.50 -1.13
CA ASN D 451 9.43 3.28 -1.99
C ASN D 451 10.67 3.08 -1.13
N THR D 452 11.30 1.92 -1.27
CA THR D 452 12.53 1.61 -0.56
C THR D 452 13.67 1.52 -1.57
N ASN D 453 14.78 2.19 -1.26
CA ASN D 453 15.96 2.21 -2.11
C ASN D 453 17.16 1.83 -1.25
N SER D 454 17.71 0.64 -1.48
CA SER D 454 18.81 0.12 -0.68
C SER D 454 20.03 -0.10 -1.56
N GLN D 455 21.21 -0.02 -0.95
CA GLN D 455 22.45 -0.21 -1.66
C GLN D 455 23.52 -0.72 -0.70
N ILE D 456 24.33 -1.66 -1.18
CA ILE D 456 25.49 -2.15 -0.45
C ILE D 456 26.70 -2.05 -1.38
N THR D 457 27.75 -1.39 -0.90
CA THR D 457 28.98 -1.22 -1.66
C THR D 457 30.14 -1.78 -0.85
N TRP D 458 31.06 -2.48 -1.52
CA TRP D 458 32.25 -2.98 -0.86
C TRP D 458 33.44 -2.73 -1.77
N LYS D 459 34.37 -1.90 -1.30
CA LYS D 459 35.58 -1.58 -2.03
C LYS D 459 36.78 -2.16 -1.29
N ALA D 460 37.77 -2.64 -2.05
CA ALA D 460 39.00 -3.15 -1.47
C ALA D 460 40.13 -2.85 -2.42
N MET D 461 41.07 -2.01 -1.98
CA MET D 461 42.15 -1.55 -2.85
C MET D 461 43.47 -1.58 -2.09
N GLY D 462 44.56 -1.56 -2.86
CA GLY D 462 45.88 -1.53 -2.32
C GLY D 462 46.77 -0.53 -3.03
N GLU D 463 47.50 0.26 -2.26
CA GLU D 463 48.37 1.31 -2.76
C GLU D 463 49.82 0.97 -2.46
N TYR D 464 50.69 1.17 -3.47
CA TYR D 464 52.12 1.03 -3.32
C TYR D 464 52.76 2.32 -3.82
N ARG D 465 53.51 2.99 -2.94
CA ARG D 465 54.12 4.27 -3.25
C ARG D 465 55.61 4.19 -2.96
N ASP D 466 56.44 4.46 -3.96
CA ASP D 466 57.87 4.32 -3.84
C ASP D 466 58.57 5.53 -4.44
N SER D 467 59.79 5.77 -3.98
CA SER D 467 60.65 6.83 -4.49
C SER D 467 62.01 6.25 -4.84
N PHE D 468 62.46 6.52 -6.07
CA PHE D 468 63.70 5.98 -6.60
C PHE D 468 64.64 7.11 -6.98
N ASN D 469 65.88 7.06 -6.48
CA ASN D 469 66.94 8.00 -6.82
C ASN D 469 66.57 9.45 -6.47
N ASP D 470 65.60 9.64 -5.60
CA ASP D 470 65.13 10.95 -5.13
C ASP D 470 64.53 11.81 -6.25
N ILE D 471 64.40 11.27 -7.46
CA ILE D 471 63.80 12.01 -8.56
C ILE D 471 62.63 11.27 -9.21
N HIS D 472 62.53 9.96 -9.07
CA HIS D 472 61.38 9.20 -9.58
C HIS D 472 60.43 8.91 -8.43
N GLU D 473 59.14 9.10 -8.67
CA GLU D 473 58.10 8.76 -7.69
C GLU D 473 57.03 7.93 -8.39
N LEU D 474 56.76 6.75 -7.86
CA LEU D 474 55.80 5.83 -8.45
C LEU D 474 54.67 5.57 -7.46
N GLU D 475 53.43 5.62 -7.95
CA GLU D 475 52.25 5.34 -7.13
C GLU D 475 51.32 4.42 -7.92
N VAL D 476 51.13 3.20 -7.43
CA VAL D 476 50.32 2.20 -8.12
C VAL D 476 49.23 1.72 -7.18
N MET D 477 47.97 1.84 -7.60
CA MET D 477 46.84 1.35 -6.84
C MET D 477 46.10 0.30 -7.66
N VAL D 478 45.72 -0.79 -7.00
CA VAL D 478 44.95 -1.87 -7.62
C VAL D 478 43.82 -2.24 -6.69
N GLY D 479 42.60 -2.31 -7.20
CA GLY D 479 41.49 -2.60 -6.32
C GLY D 479 40.29 -3.16 -7.05
N THR D 480 39.27 -3.47 -6.26
CA THR D 480 38.02 -4.06 -6.75
C THR D 480 36.85 -3.49 -5.96
N GLU D 481 35.67 -3.62 -6.54
CA GLU D 481 34.46 -3.08 -5.93
C GLU D 481 33.25 -3.90 -6.36
N LEU D 482 32.50 -4.39 -5.36
CA LEU D 482 31.24 -5.08 -5.60
C LEU D 482 30.12 -4.22 -5.04
N ARG D 483 29.15 -3.89 -5.89
CA ARG D 483 28.05 -3.05 -5.50
C ARG D 483 26.73 -3.72 -5.86
N LYS D 484 25.70 -3.45 -5.07
CA LYS D 484 24.39 -4.05 -5.32
C LYS D 484 23.32 -3.06 -4.88
N THR D 485 22.29 -2.91 -5.72
CA THR D 485 21.24 -1.94 -5.50
C THR D 485 19.87 -2.61 -5.62
N TRP D 486 18.95 -2.22 -4.74
CA TRP D 486 17.57 -2.67 -4.78
C TRP D 486 16.64 -1.46 -4.74
N TYR D 487 15.56 -1.53 -5.53
CA TYR D 487 14.53 -0.50 -5.53
C TYR D 487 13.18 -1.20 -5.56
N GLU D 488 12.41 -1.03 -4.49
CA GLU D 488 11.10 -1.64 -4.35
C GLU D 488 10.06 -0.53 -4.19
N THR D 489 8.92 -0.69 -4.86
CA THR D 489 7.81 0.25 -4.70
C THR D 489 6.52 -0.52 -4.50
N LEU D 490 5.70 -0.03 -3.57
CA LEU D 490 4.36 -0.54 -3.36
C LEU D 490 3.39 0.64 -3.41
N PHE D 491 2.27 0.43 -4.10
CA PHE D 491 1.21 1.42 -4.20
C PHE D 491 -0.10 0.76 -3.86
N SER D 492 -0.89 1.41 -3.00
CA SER D 492 -2.19 0.87 -2.58
C SER D 492 -3.20 1.99 -2.55
N ALA D 493 -4.30 1.82 -3.30
CA ALA D 493 -5.35 2.83 -3.38
C ALA D 493 -6.65 2.27 -2.84
N GLY D 494 -7.36 3.09 -2.08
CA GLY D 494 -8.65 2.71 -1.55
C GLY D 494 -9.69 3.79 -1.76
N TYR D 495 -10.75 3.45 -2.48
CA TYR D 495 -11.82 4.38 -2.82
C TYR D 495 -13.01 4.12 -1.91
N GLY D 496 -13.85 5.15 -1.77
CA GLY D 496 -14.87 5.12 -0.73
C GLY D 496 -14.31 5.39 0.64
N PHE D 497 -13.08 5.87 0.72
CA PHE D 497 -12.39 6.05 1.99
C PHE D 497 -12.99 7.21 2.77
N ASP D 498 -13.28 6.95 4.05
CA ASP D 498 -13.73 7.97 4.98
C ASP D 498 -12.55 8.34 5.88
N ARG D 499 -12.26 9.63 5.96
CA ARG D 499 -11.06 10.06 6.69
C ARG D 499 -11.17 9.74 8.18
N GLN D 500 -12.35 9.96 8.77
CA GLN D 500 -12.52 9.72 10.19
C GLN D 500 -12.69 8.23 10.50
N THR D 501 -13.36 7.49 9.62
CA THR D 501 -13.67 6.10 9.88
C THR D 501 -12.65 5.12 9.29
N LEU D 502 -11.82 5.57 8.36
CA LEU D 502 -10.77 4.75 7.75
C LEU D 502 -11.34 3.52 7.05
N THR D 503 -12.55 3.63 6.51
CA THR D 503 -13.22 2.53 5.83
C THR D 503 -13.41 2.85 4.36
N THR D 504 -13.14 1.88 3.50
CA THR D 504 -13.24 2.02 2.06
C THR D 504 -14.47 1.26 1.54
N LYS D 505 -14.67 1.34 0.23
CA LYS D 505 -15.79 0.69 -0.44
C LYS D 505 -15.30 -0.11 -1.63
N PRO D 506 -15.98 -1.20 -1.97
CA PRO D 506 -15.55 -2.02 -3.11
C PRO D 506 -15.73 -1.29 -4.44
N VAL D 507 -14.88 -1.64 -5.39
CA VAL D 507 -14.89 -1.06 -6.72
C VAL D 507 -15.12 -2.17 -7.74
N VAL D 508 -16.04 -1.94 -8.67
CA VAL D 508 -16.32 -2.91 -9.72
C VAL D 508 -15.93 -2.32 -11.06
N PHE D 509 -14.71 -2.63 -11.51
CA PHE D 509 -14.25 -2.12 -12.78
C PHE D 509 -14.98 -2.80 -13.93
N PRO D 510 -15.33 -2.06 -14.99
CA PRO D 510 -16.01 -2.69 -16.13
C PRO D 510 -15.19 -3.79 -16.78
N ASP D 511 -13.87 -3.65 -16.84
CA ASP D 511 -13.01 -4.65 -17.43
C ASP D 511 -11.60 -4.42 -16.91
N GLU D 512 -10.64 -5.21 -17.42
CA GLU D 512 -9.26 -5.09 -16.96
C GLU D 512 -8.61 -3.82 -17.47
N ASP D 513 -9.05 -3.31 -18.62
CA ASP D 513 -8.47 -2.09 -19.17
C ASP D 513 -8.74 -0.90 -18.25
N ARG D 514 -9.95 -0.80 -17.71
CA ARG D 514 -10.28 0.28 -16.79
C ARG D 514 -9.76 0.04 -15.37
N ALA D 515 -9.24 -1.15 -15.09
CA ALA D 515 -8.64 -1.45 -13.80
C ALA D 515 -7.17 -1.08 -13.74
N ARG D 516 -6.57 -0.67 -14.86
CA ARG D 516 -5.17 -0.26 -14.90
C ARG D 516 -4.99 1.25 -14.78
N GLN D 517 -6.01 2.04 -15.13
CA GLN D 517 -5.97 3.48 -14.92
C GLN D 517 -6.44 3.88 -13.53
N PHE D 518 -7.04 2.97 -12.78
CA PHE D 518 -7.40 3.18 -11.38
C PHE D 518 -6.86 1.99 -10.59
N PRO D 519 -5.54 1.86 -10.46
CA PRO D 519 -4.97 0.68 -9.79
C PRO D 519 -5.16 0.72 -8.29
N LEU D 520 -5.42 -0.46 -7.72
CA LEU D 520 -5.59 -0.60 -6.29
C LEU D 520 -4.40 -1.21 -5.58
N HIS D 521 -3.52 -1.91 -6.31
CA HIS D 521 -2.38 -2.57 -5.69
C HIS D 521 -1.38 -2.66 -6.83
N GLN D 522 -0.20 -2.08 -6.65
CA GLN D 522 0.91 -2.23 -7.58
C GLN D 522 2.18 -2.52 -6.80
N LYS D 523 3.00 -3.42 -7.34
CA LYS D 523 4.28 -3.77 -6.74
C LYS D 523 5.33 -3.78 -7.84
N THR D 524 6.47 -3.14 -7.58
CA THR D 524 7.60 -3.14 -8.49
C THR D 524 8.86 -3.48 -7.71
N TYR D 525 9.73 -4.27 -8.34
CA TYR D 525 10.99 -4.70 -7.73
C TYR D 525 12.08 -4.66 -8.79
N LYS D 526 13.23 -4.08 -8.44
CA LYS D 526 14.35 -4.00 -9.38
C LYS D 526 15.65 -4.14 -8.61
N GLU D 527 16.42 -5.17 -8.93
CA GLU D 527 17.68 -5.45 -8.24
C GLU D 527 18.80 -5.56 -9.27
N ASN D 528 19.91 -4.88 -9.01
CA ASN D 528 21.05 -4.87 -9.91
C ASN D 528 22.33 -5.09 -9.12
N ALA D 529 23.33 -5.67 -9.80
CA ALA D 529 24.63 -5.95 -9.19
C ALA D 529 25.73 -5.57 -10.17
N TYR D 530 26.81 -5.00 -9.64
CA TYR D 530 27.95 -4.53 -10.42
C TYR D 530 29.24 -5.03 -9.81
N VAL D 531 30.16 -5.48 -10.66
CA VAL D 531 31.48 -5.94 -10.24
C VAL D 531 32.52 -5.20 -11.06
N SER D 532 33.47 -4.55 -10.39
CA SER D 532 34.45 -3.73 -11.09
C SER D 532 35.85 -4.00 -10.55
N PHE D 533 36.83 -3.95 -11.43
CA PHE D 533 38.24 -4.05 -11.07
C PHE D 533 38.97 -2.86 -11.67
N PHE D 534 39.64 -2.08 -10.83
CA PHE D 534 40.26 -0.83 -11.28
C PHE D 534 41.72 -0.78 -10.86
N SER D 535 42.45 0.10 -11.54
CA SER D 535 43.86 0.32 -11.21
C SER D 535 44.26 1.71 -11.69
N THR D 536 45.18 2.32 -10.95
CA THR D 536 45.76 3.61 -11.31
C THR D 536 47.27 3.54 -11.16
N ALA D 537 47.95 4.31 -12.00
CA ALA D 537 49.40 4.42 -11.94
C ALA D 537 49.79 5.88 -12.14
N SER D 538 50.86 6.28 -11.45
CA SER D 538 51.38 7.64 -11.57
C SER D 538 52.89 7.59 -11.42
N TYR D 539 53.57 8.35 -12.28
CA TYR D 539 55.03 8.40 -12.30
C TYR D 539 55.44 9.86 -12.44
N SER D 540 56.08 10.40 -11.40
CA SER D 540 56.55 11.78 -11.38
C SER D 540 58.07 11.79 -11.50
N LEU D 541 58.60 12.63 -12.38
CA LEU D 541 60.01 12.67 -12.69
C LEU D 541 60.54 14.09 -12.54
N MET D 542 61.63 14.23 -11.79
CA MET D 542 62.31 15.50 -11.51
C MET D 542 61.37 16.56 -10.95
N ASN D 543 60.23 16.15 -10.40
CA ASN D 543 59.20 17.05 -9.87
C ASN D 543 58.66 18.00 -10.93
N ARG D 544 58.81 17.64 -12.20
CA ARG D 544 58.25 18.43 -13.31
C ARG D 544 57.42 17.68 -14.32
N TYR D 545 57.67 16.38 -14.51
CA TYR D 545 56.95 15.61 -15.53
C TYR D 545 56.18 14.48 -14.84
N THR D 546 54.85 14.59 -14.84
CA THR D 546 53.99 13.58 -14.26
C THR D 546 53.22 12.86 -15.35
N PHE D 547 53.24 11.53 -15.32
CA PHE D 547 52.46 10.72 -16.25
C PHE D 547 51.53 9.82 -15.45
N GLY D 548 50.24 9.88 -15.75
CA GLY D 548 49.25 9.13 -15.02
C GLY D 548 48.39 8.29 -15.94
N GLY D 549 47.85 7.22 -15.40
CA GLY D 549 47.01 6.32 -16.15
C GLY D 549 46.01 5.63 -15.25
N SER D 550 44.89 5.22 -15.84
CA SER D 550 43.82 4.59 -15.08
C SER D 550 43.11 3.59 -15.97
N ILE D 551 42.87 2.39 -15.43
CA ILE D 551 42.17 1.33 -16.13
C ILE D 551 41.03 0.84 -15.23
N ARG D 552 39.95 0.37 -15.86
CA ARG D 552 38.78 -0.06 -15.11
C ARG D 552 37.98 -1.02 -15.98
N PHE D 553 37.77 -2.24 -15.47
CA PHE D 553 36.91 -3.23 -16.10
C PHE D 553 35.63 -3.32 -15.29
N ASP D 554 34.51 -3.03 -15.93
CA ASP D 554 33.22 -2.93 -15.27
C ASP D 554 32.26 -3.95 -15.86
N GLY D 555 31.52 -4.64 -15.00
CA GLY D 555 30.53 -5.59 -15.44
C GLY D 555 29.28 -5.49 -14.59
N SER D 556 28.15 -5.81 -15.21
CA SER D 556 26.86 -5.70 -14.54
C SER D 556 25.87 -6.63 -15.22
N ASP D 557 24.72 -6.81 -14.56
CA ASP D 557 23.65 -7.59 -15.15
C ASP D 557 22.80 -6.77 -16.12
N LEU D 558 23.07 -5.47 -16.25
CA LEU D 558 22.39 -4.63 -17.22
C LEU D 558 23.06 -4.64 -18.58
N PHE D 559 24.19 -5.33 -18.72
CA PHE D 559 24.89 -5.46 -19.99
C PHE D 559 24.64 -6.82 -20.60
N GLY D 560 24.87 -6.92 -21.90
CA GLY D 560 24.68 -8.17 -22.60
C GLY D 560 25.74 -9.20 -22.25
N VAL D 561 25.44 -10.45 -22.62
CA VAL D 561 26.32 -11.58 -22.31
C VAL D 561 27.44 -11.75 -23.34
N ASP D 562 27.34 -11.05 -24.48
CA ASP D 562 28.29 -11.25 -25.57
C ASP D 562 29.73 -11.07 -25.09
N LYS D 563 30.60 -11.99 -25.52
CA LYS D 563 31.97 -12.01 -25.02
C LYS D 563 32.81 -10.88 -25.60
N LYS D 564 32.50 -10.44 -26.82
CA LYS D 564 33.30 -9.37 -27.44
C LYS D 564 33.09 -8.02 -26.78
N TYR D 565 31.99 -7.85 -26.05
CA TYR D 565 31.74 -6.62 -25.29
C TYR D 565 31.70 -6.87 -23.79
N ARG D 566 32.15 -8.04 -23.33
CA ARG D 566 31.95 -8.43 -21.94
C ARG D 566 32.66 -7.55 -20.92
N TYR D 567 33.98 -7.46 -21.02
CA TYR D 567 34.76 -6.57 -20.14
C TYR D 567 35.74 -5.79 -21.00
N LEU D 568 35.29 -4.63 -21.51
CA LEU D 568 36.22 -3.74 -22.17
C LEU D 568 36.70 -2.69 -21.18
N PRO D 569 37.94 -2.23 -21.30
CA PRO D 569 38.48 -1.29 -20.32
C PRO D 569 37.95 0.12 -20.53
N LEU D 570 37.74 0.82 -19.42
CA LEU D 570 37.52 2.25 -19.40
C LEU D 570 38.75 2.92 -18.80
N TYR D 571 39.54 3.56 -19.66
CA TYR D 571 40.89 3.94 -19.30
C TYR D 571 41.04 5.45 -19.43
N SER D 572 42.23 5.93 -19.09
CA SER D 572 42.61 7.33 -19.24
C SER D 572 44.11 7.45 -19.10
N VAL D 573 44.70 8.34 -19.90
CA VAL D 573 46.11 8.70 -19.78
C VAL D 573 46.20 10.20 -19.61
N SER D 574 47.24 10.65 -18.92
CA SER D 574 47.34 12.05 -18.55
C SER D 574 48.81 12.43 -18.39
N GLY D 575 49.09 13.69 -18.64
CA GLY D 575 50.43 14.23 -18.48
C GLY D 575 50.43 15.65 -17.95
N LEU D 576 51.35 15.93 -17.02
CA LEU D 576 51.51 17.25 -16.44
C LEU D 576 52.95 17.69 -16.60
N TRP D 577 53.14 18.91 -17.11
CA TRP D 577 54.45 19.51 -17.26
C TRP D 577 54.44 20.86 -16.57
N ARG D 578 55.26 21.01 -15.52
CA ARG D 578 55.33 22.24 -14.75
C ARG D 578 56.50 23.07 -15.29
N LEU D 579 56.17 24.12 -16.06
CA LEU D 579 57.20 24.96 -16.64
C LEU D 579 57.94 25.77 -15.59
N SER D 580 57.27 26.12 -14.48
CA SER D 580 57.90 26.95 -13.47
C SER D 580 59.10 26.27 -12.84
N ASN D 581 59.12 24.93 -12.83
CA ASN D 581 60.24 24.19 -12.28
C ASN D 581 61.38 24.00 -13.27
N GLU D 582 61.20 24.40 -14.52
CA GLU D 582 62.26 24.22 -15.51
C GLU D 582 63.41 25.20 -15.26
N PRO D 583 64.65 24.78 -15.46
CA PRO D 583 65.78 25.70 -15.22
C PRO D 583 65.74 26.95 -16.07
N PHE D 584 65.31 26.84 -17.33
CA PHE D 584 65.31 28.02 -18.20
C PHE D 584 64.26 29.05 -17.77
N MET D 585 63.31 28.66 -16.93
CA MET D 585 62.35 29.59 -16.36
C MET D 585 62.76 30.05 -14.97
N GLN D 586 63.95 29.68 -14.50
CA GLN D 586 64.40 30.01 -13.16
C GLN D 586 64.46 31.52 -12.92
N GLY D 587 64.56 32.31 -13.98
CA GLY D 587 64.57 33.75 -13.83
C GLY D 587 63.22 34.39 -13.62
N THR D 588 62.14 33.63 -13.66
CA THR D 588 60.79 34.16 -13.50
C THR D 588 60.12 33.66 -12.23
N ARG D 589 60.89 33.20 -11.24
CA ARG D 589 60.32 32.73 -9.99
C ARG D 589 60.07 33.84 -8.99
N LYS D 590 60.52 35.07 -9.26
CA LYS D 590 60.27 36.18 -8.36
C LYS D 590 58.84 36.68 -8.44
N TRP D 591 58.14 36.40 -9.54
CA TRP D 591 56.77 36.85 -9.71
C TRP D 591 55.81 35.76 -10.14
N MET D 592 56.28 34.52 -10.32
CA MET D 592 55.42 33.42 -10.72
C MET D 592 55.74 32.20 -9.88
N ASP D 593 54.71 31.56 -9.34
CA ASP D 593 54.90 30.37 -8.53
C ASP D 593 54.25 29.12 -9.11
N ASN D 594 53.62 29.20 -10.28
CA ASN D 594 53.02 28.03 -10.89
C ASN D 594 52.74 28.32 -12.36
N LEU D 595 53.16 27.39 -13.22
CA LEU D 595 52.77 27.39 -14.63
C LEU D 595 52.81 25.89 -14.88
N ALA D 596 51.65 25.30 -15.10
CA ALA D 596 51.57 23.88 -15.41
C ALA D 596 50.63 23.65 -16.58
N PHE D 597 51.07 22.82 -17.52
CA PHE D 597 50.25 22.41 -18.66
C PHE D 597 49.90 20.94 -18.48
N ARG D 598 48.60 20.64 -18.50
CA ARG D 598 48.12 19.28 -18.34
C ARG D 598 47.34 18.86 -19.57
N VAL D 599 47.56 17.63 -20.02
CA VAL D 599 46.84 17.03 -21.14
C VAL D 599 46.23 15.72 -20.66
N SER D 600 45.03 15.43 -21.12
CA SER D 600 44.35 14.21 -20.70
C SER D 600 43.54 13.64 -21.85
N TYR D 601 43.53 12.32 -21.94
CA TYR D 601 42.67 11.60 -22.87
C TYR D 601 42.07 10.42 -22.14
N GLY D 602 40.87 10.02 -22.53
CA GLY D 602 40.26 8.91 -21.83
C GLY D 602 38.96 8.44 -22.45
N ILE D 603 38.49 7.31 -21.94
CA ILE D 603 37.23 6.71 -22.35
C ILE D 603 36.38 6.53 -21.10
N GLN D 604 35.25 7.23 -21.04
CA GLN D 604 34.28 7.10 -19.96
C GLN D 604 33.07 6.35 -20.48
N GLY D 605 32.21 5.94 -19.54
CA GLY D 605 31.02 5.19 -19.89
C GLY D 605 29.82 5.66 -19.11
N ASN D 606 28.65 5.26 -19.59
CA ASN D 606 27.39 5.55 -18.92
C ASN D 606 26.52 4.31 -18.96
N ILE D 607 25.71 4.13 -17.91
CA ILE D 607 24.84 2.97 -17.79
C ILE D 607 23.40 3.44 -17.95
N ASP D 608 22.67 2.82 -18.86
CA ASP D 608 21.24 3.03 -19.03
C ASP D 608 20.52 1.92 -18.28
N LYS D 609 19.87 2.27 -17.18
CA LYS D 609 19.23 1.29 -16.31
C LYS D 609 17.83 0.93 -16.76
N ASN D 610 17.27 1.61 -17.75
CA ASN D 610 15.94 1.28 -18.22
C ASN D 610 15.96 0.12 -19.21
N THR D 611 16.93 0.11 -20.12
CA THR D 611 17.05 -0.98 -21.08
C THR D 611 17.51 -2.26 -20.40
N SER D 612 17.08 -3.39 -20.94
CA SER D 612 17.44 -4.69 -20.40
C SER D 612 17.99 -5.58 -21.51
N PRO D 613 18.94 -6.46 -21.20
CA PRO D 613 19.48 -7.38 -22.21
C PRO D 613 18.67 -8.64 -22.40
N PHE D 614 17.46 -8.71 -21.88
CA PHE D 614 16.66 -9.93 -21.88
C PHE D 614 15.46 -9.78 -22.82
N LEU D 615 14.97 -10.93 -23.29
CA LEU D 615 13.73 -10.97 -24.06
C LEU D 615 12.56 -10.75 -23.10
N LEU D 616 11.89 -9.61 -23.22
CA LEU D 616 10.76 -9.29 -22.37
C LEU D 616 9.47 -9.49 -23.14
N GLY D 617 8.57 -10.30 -22.60
CA GLY D 617 7.33 -10.62 -23.29
C GLY D 617 6.09 -10.53 -22.44
N LYS D 618 4.95 -10.90 -23.02
CA LYS D 618 3.68 -10.89 -22.32
C LYS D 618 2.88 -12.13 -22.71
N TYR D 619 1.96 -12.52 -21.84
CA TYR D 619 1.17 -13.72 -22.05
C TYR D 619 -0.16 -13.37 -22.72
N ILE D 620 -0.51 -14.13 -23.76
CA ILE D 620 -1.79 -14.02 -24.43
C ILE D 620 -2.39 -15.40 -24.57
N VAL D 621 -3.70 -15.43 -24.88
CA VAL D 621 -4.44 -16.69 -24.94
C VAL D 621 -5.03 -16.91 -26.32
N ASP D 622 -4.36 -16.41 -27.35
CA ASP D 622 -4.87 -16.58 -28.70
C ASP D 622 -4.70 -18.02 -29.17
N ASN D 623 -5.35 -18.33 -30.30
CA ASN D 623 -5.40 -19.69 -30.82
C ASN D 623 -4.92 -19.72 -32.26
N ILE D 624 -4.36 -20.85 -32.66
CA ILE D 624 -3.94 -21.09 -34.04
C ILE D 624 -4.95 -21.94 -34.79
N LEU D 625 -5.46 -22.99 -34.14
CA LEU D 625 -6.46 -23.89 -34.70
C LEU D 625 -7.75 -23.83 -33.90
N PRO D 626 -8.89 -24.14 -34.52
CA PRO D 626 -10.14 -24.21 -33.74
C PRO D 626 -10.05 -25.26 -32.65
N GLY D 627 -10.58 -24.92 -31.47
CA GLY D 627 -10.47 -25.80 -30.34
C GLY D 627 -9.07 -25.99 -29.83
N GLY D 628 -8.13 -25.15 -30.27
CA GLY D 628 -6.73 -25.29 -29.91
C GLY D 628 -6.22 -24.16 -29.04
N SER D 629 -7.01 -23.76 -28.03
CA SER D 629 -6.62 -22.68 -27.16
C SER D 629 -5.27 -22.94 -26.52
N GLU D 630 -4.41 -21.92 -26.54
CA GLU D 630 -3.03 -22.07 -26.09
C GLU D 630 -2.58 -20.80 -25.39
N HIS D 631 -1.50 -20.94 -24.62
CA HIS D 631 -0.90 -19.84 -23.88
C HIS D 631 0.43 -19.51 -24.56
N MET D 632 0.50 -18.36 -25.23
CA MET D 632 1.66 -17.99 -26.01
C MET D 632 2.18 -16.62 -25.60
N ILE D 633 3.43 -16.35 -25.95
CA ILE D 633 4.16 -15.17 -25.48
C ILE D 633 4.41 -14.24 -26.66
N ASP D 634 4.00 -12.99 -26.51
CA ASP D 634 4.30 -11.94 -27.46
C ASP D 634 5.50 -11.12 -26.98
N ILE D 635 6.47 -10.91 -27.85
CA ILE D 635 7.70 -10.22 -27.49
C ILE D 635 7.42 -8.72 -27.41
N ASN D 636 7.66 -8.14 -26.23
CA ASN D 636 7.53 -6.71 -26.02
C ASN D 636 8.86 -5.96 -26.22
N SER D 637 9.95 -6.50 -25.67
CA SER D 637 11.28 -5.94 -25.84
C SER D 637 12.21 -7.04 -26.32
N ALA D 638 12.94 -6.76 -27.40
CA ALA D 638 13.83 -7.74 -27.98
C ALA D 638 15.05 -7.96 -27.10
N PRO D 639 15.59 -9.18 -27.06
CA PRO D 639 16.84 -9.40 -26.33
C PRO D 639 18.01 -8.76 -27.05
N ASN D 640 18.93 -8.19 -26.28
CA ASN D 640 20.11 -7.53 -26.81
C ASN D 640 21.33 -8.07 -26.07
N LYS D 641 22.00 -9.06 -26.67
CA LYS D 641 23.19 -9.64 -26.06
C LYS D 641 24.40 -8.73 -26.16
N LYS D 642 24.32 -7.64 -26.93
CA LYS D 642 25.44 -6.72 -27.12
C LYS D 642 25.21 -5.40 -26.38
N LEU D 643 24.39 -5.42 -25.32
CA LEU D 643 24.22 -4.23 -24.50
C LEU D 643 25.52 -3.89 -23.80
N ARG D 644 25.81 -2.60 -23.70
CA ARG D 644 27.07 -2.14 -23.14
C ARG D 644 26.92 -0.69 -22.71
N TRP D 645 27.92 -0.22 -21.98
CA TRP D 645 27.95 1.17 -21.54
C TRP D 645 28.15 2.10 -22.73
N GLU D 646 27.61 3.31 -22.61
CA GLU D 646 27.68 4.30 -23.68
C GLU D 646 29.07 4.93 -23.66
N LYS D 647 29.85 4.70 -24.70
CA LYS D 647 31.21 5.21 -24.78
C LYS D 647 31.23 6.72 -24.88
N THR D 648 32.24 7.33 -24.25
CA THR D 648 32.45 8.78 -24.34
C THR D 648 33.96 9.01 -24.35
N GLN D 649 34.52 9.32 -25.51
CA GLN D 649 35.95 9.55 -25.62
C GLN D 649 36.22 11.04 -25.46
N SER D 650 37.14 11.37 -24.57
CA SER D 650 37.34 12.76 -24.15
C SER D 650 38.80 13.13 -24.24
N VAL D 651 39.05 14.37 -24.66
CA VAL D 651 40.37 14.98 -24.64
C VAL D 651 40.26 16.32 -23.93
N ASN D 652 41.32 16.70 -23.24
CA ASN D 652 41.31 17.88 -22.40
C ASN D 652 42.72 18.48 -22.35
N VAL D 653 42.78 19.81 -22.44
CA VAL D 653 44.03 20.55 -22.32
C VAL D 653 43.80 21.68 -21.32
N GLY D 654 44.59 21.70 -20.25
CA GLY D 654 44.43 22.66 -19.18
C GLY D 654 45.73 23.38 -18.84
N LEU D 655 45.56 24.54 -18.24
CA LEU D 655 46.68 25.44 -17.92
C LEU D 655 46.43 26.03 -16.54
N ASP D 656 47.43 25.95 -15.67
CA ASP D 656 47.39 26.57 -14.35
C ASP D 656 48.50 27.61 -14.26
N PHE D 657 48.18 28.77 -13.70
CA PHE D 657 49.09 29.91 -13.72
C PHE D 657 48.87 30.73 -12.46
N SER D 658 49.84 30.72 -11.55
CA SER D 658 49.77 31.48 -10.31
C SER D 658 50.92 32.49 -10.27
N VAL D 659 50.59 33.75 -10.00
CA VAL D 659 51.59 34.81 -9.95
C VAL D 659 51.41 35.66 -8.71
N LEU D 660 52.53 36.20 -8.23
CA LEU D 660 52.61 37.17 -7.13
C LEU D 660 52.15 36.55 -5.81
N ASN D 661 52.62 35.34 -5.53
CA ASN D 661 52.34 34.66 -4.26
C ASN D 661 50.86 34.46 -3.99
N GLN D 662 50.23 33.67 -4.87
CA GLN D 662 48.78 33.32 -4.84
C GLN D 662 47.95 34.60 -4.91
N ALA D 663 48.47 35.62 -5.60
CA ALA D 663 47.76 36.90 -5.78
C ALA D 663 46.86 36.79 -7.02
N LEU D 664 47.29 35.99 -8.00
CA LEU D 664 46.51 35.76 -9.25
C LEU D 664 46.58 34.30 -9.69
N ASN D 665 45.48 33.56 -9.57
CA ASN D 665 45.40 32.17 -9.99
C ASN D 665 44.49 32.09 -11.21
N LEU D 666 44.97 31.44 -12.27
CA LEU D 666 44.20 31.26 -13.48
C LEU D 666 44.24 29.80 -13.88
N SER D 667 43.07 29.23 -14.17
CA SER D 667 42.95 27.84 -14.59
C SER D 667 42.07 27.78 -15.82
N VAL D 668 42.68 27.56 -16.98
CA VAL D 668 41.95 27.43 -18.23
C VAL D 668 41.87 25.95 -18.58
N ASP D 669 40.78 25.54 -19.21
CA ASP D 669 40.53 24.13 -19.45
C ASP D 669 39.69 24.10 -20.72
N TYR D 670 40.23 23.56 -21.80
CA TYR D 670 39.48 23.29 -23.02
C TYR D 670 39.26 21.80 -23.14
N TYR D 671 38.01 21.40 -23.41
CA TYR D 671 37.65 19.99 -23.45
C TYR D 671 36.82 19.69 -24.70
N TYR D 672 37.01 18.47 -25.20
CA TYR D 672 36.24 17.93 -26.31
C TYR D 672 35.85 16.50 -25.96
N ARG D 673 34.54 16.25 -25.84
CA ARG D 673 34.03 14.95 -25.40
C ARG D 673 33.03 14.46 -26.44
N LYS D 674 33.39 13.43 -27.18
CA LYS D 674 32.53 12.83 -28.20
C LYS D 674 31.98 11.53 -27.65
N GLY D 675 30.67 11.47 -27.44
CA GLY D 675 30.02 10.31 -26.92
C GLY D 675 29.36 9.51 -28.02
N THR D 676 29.80 8.28 -28.20
CA THR D 676 29.24 7.35 -29.16
C THR D 676 28.55 6.20 -28.44
N ASP D 677 27.97 5.29 -29.22
CA ASP D 677 27.28 4.11 -28.69
C ASP D 677 26.18 4.49 -27.71
N LEU D 678 25.64 5.70 -27.84
CA LEU D 678 24.54 6.10 -26.98
C LEU D 678 23.31 5.26 -27.26
N ILE D 679 22.53 4.99 -26.22
CA ILE D 679 21.36 4.14 -26.33
C ILE D 679 20.16 4.98 -26.73
N GLY D 680 19.50 4.58 -27.82
CA GLY D 680 18.32 5.27 -28.31
C GLY D 680 17.59 4.37 -29.28
N LYS D 681 16.41 4.81 -29.68
CA LYS D 681 15.54 4.04 -30.56
C LYS D 681 16.01 4.21 -31.99
N GLN D 682 16.51 3.14 -32.60
CA GLN D 682 16.92 3.14 -33.99
C GLN D 682 15.91 2.37 -34.83
N MET D 683 15.56 2.93 -35.98
CA MET D 683 14.71 2.22 -36.93
C MET D 683 15.50 1.11 -37.59
N LEU D 684 15.38 -0.10 -37.07
CA LEU D 684 16.18 -1.22 -37.53
C LEU D 684 15.66 -1.73 -38.87
N PRO D 685 16.53 -2.40 -39.64
CA PRO D 685 16.05 -3.11 -40.83
C PRO D 685 15.08 -4.21 -40.45
N LEU D 686 14.12 -4.47 -41.34
CA LEU D 686 13.10 -5.46 -41.08
C LEU D 686 13.67 -6.88 -41.01
N GLU D 687 14.89 -7.09 -41.51
CA GLU D 687 15.52 -8.40 -41.41
C GLU D 687 15.92 -8.76 -39.99
N THR D 688 15.92 -7.80 -39.06
CA THR D 688 16.23 -8.09 -37.67
C THR D 688 15.03 -8.63 -36.89
N GLY D 689 13.85 -8.68 -37.51
CA GLY D 689 12.67 -9.14 -36.85
C GLY D 689 11.86 -8.06 -36.15
N PHE D 690 12.40 -6.85 -36.02
CA PHE D 690 11.72 -5.76 -35.33
C PHE D 690 11.85 -4.48 -36.13
N VAL D 691 10.79 -3.65 -36.05
CA VAL D 691 10.79 -2.38 -36.74
C VAL D 691 11.78 -1.40 -36.09
N SER D 692 11.83 -1.38 -34.76
CA SER D 692 12.75 -0.50 -34.05
C SER D 692 13.05 -1.09 -32.68
N THR D 693 14.23 -0.74 -32.14
CA THR D 693 14.66 -1.22 -30.85
C THR D 693 15.63 -0.20 -30.25
N ASN D 694 15.77 -0.23 -28.93
CA ASN D 694 16.70 0.64 -28.21
C ASN D 694 18.05 -0.03 -28.15
N ILE D 695 19.00 0.45 -28.95
CA ILE D 695 20.33 -0.13 -29.03
C ILE D 695 21.38 0.98 -28.94
N ASN D 696 22.64 0.56 -28.85
CA ASN D 696 23.78 1.48 -28.71
C ASN D 696 24.21 1.98 -30.09
N TRP D 697 23.57 3.06 -30.53
CA TRP D 697 23.86 3.60 -31.86
C TRP D 697 24.04 5.12 -31.92
N ALA D 698 23.36 5.89 -31.07
CA ALA D 698 23.34 7.34 -31.20
C ALA D 698 24.67 7.95 -30.77
N SER D 699 24.79 9.27 -30.94
CA SER D 699 26.04 9.95 -30.66
C SER D 699 25.81 11.45 -30.49
N MET D 700 26.67 12.08 -29.69
CA MET D 700 26.68 13.53 -29.54
C MET D 700 28.10 13.98 -29.22
N VAL D 701 28.27 15.30 -29.09
CA VAL D 701 29.57 15.88 -28.80
C VAL D 701 29.37 17.15 -27.97
N ASN D 702 30.17 17.28 -26.90
CA ASN D 702 30.20 18.45 -26.05
C ASN D 702 31.63 19.01 -26.08
N LYS D 703 31.78 20.24 -26.56
CA LYS D 703 33.10 20.86 -26.58
C LYS D 703 33.01 22.27 -26.00
N GLY D 704 34.02 22.65 -25.22
CA GLY D 704 33.93 23.95 -24.58
C GLY D 704 35.18 24.30 -23.81
N VAL D 705 35.05 25.36 -23.03
CA VAL D 705 36.17 25.94 -22.28
C VAL D 705 35.68 26.41 -20.92
N GLU D 706 36.51 26.19 -19.90
CA GLU D 706 36.26 26.64 -18.54
C GLU D 706 37.41 27.51 -18.07
N VAL D 707 37.07 28.60 -17.39
CA VAL D 707 38.06 29.53 -16.86
C VAL D 707 37.77 29.76 -15.38
N SER D 708 38.80 29.64 -14.55
CA SER D 708 38.69 29.88 -13.12
C SER D 708 39.76 30.89 -12.73
N LEU D 709 39.34 32.12 -12.42
CA LEU D 709 40.22 33.18 -12.00
C LEU D 709 40.00 33.47 -10.52
N SER D 710 41.09 33.66 -9.79
CA SER D 710 41.03 33.89 -8.35
C SER D 710 42.09 34.91 -7.98
N THR D 711 41.67 36.12 -7.65
CA THR D 711 42.60 37.21 -7.38
C THR D 711 42.44 37.70 -5.95
N ARG D 712 43.54 38.21 -5.39
CA ARG D 712 43.56 38.87 -4.10
C ARG D 712 43.81 40.35 -4.38
N ASN D 713 42.71 41.10 -4.48
CA ASN D 713 42.80 42.48 -4.95
C ASN D 713 43.48 43.37 -3.92
N VAL D 714 43.07 43.28 -2.66
CA VAL D 714 43.59 44.11 -1.59
C VAL D 714 44.01 43.21 -0.43
N ALA D 715 45.21 43.44 0.11
CA ALA D 715 45.70 42.69 1.25
C ALA D 715 46.31 43.69 2.23
N THR D 716 45.56 44.00 3.29
CA THR D 716 45.99 44.96 4.30
C THR D 716 45.67 44.36 5.67
N LYS D 717 46.29 44.92 6.71
CA LYS D 717 46.07 44.43 8.07
C LYS D 717 44.60 44.45 8.44
N ASN D 718 43.87 45.48 8.00
CA ASN D 718 42.44 45.61 8.28
C ASN D 718 41.59 45.18 7.09
N PHE D 719 41.80 45.81 5.93
CA PHE D 719 40.98 45.56 4.76
C PHE D 719 41.57 44.48 3.88
N SER D 720 40.69 43.64 3.33
CA SER D 720 41.11 42.58 2.42
C SER D 720 39.97 42.32 1.43
N TRP D 721 40.32 42.11 0.17
CA TRP D 721 39.34 41.92 -0.90
C TRP D 721 39.81 40.79 -1.79
N TYR D 722 38.96 39.76 -1.94
CA TYR D 722 39.23 38.62 -2.79
C TYR D 722 38.14 38.49 -3.83
N THR D 723 38.51 38.06 -5.04
CA THR D 723 37.57 37.88 -6.14
C THR D 723 37.77 36.51 -6.74
N ASN D 724 36.66 35.88 -7.14
CA ASN D 724 36.69 34.53 -7.71
C ASN D 724 35.66 34.48 -8.84
N LEU D 725 36.15 34.44 -10.08
CA LEU D 725 35.30 34.42 -11.27
C LEU D 725 35.40 33.07 -11.94
N ASN D 726 34.27 32.37 -12.05
CA ASN D 726 34.19 31.11 -12.77
C ASN D 726 33.34 31.31 -14.02
N PHE D 727 33.86 30.84 -15.15
CA PHE D 727 33.16 30.96 -16.43
C PHE D 727 33.25 29.62 -17.15
N ALA D 728 32.20 29.29 -17.90
CA ALA D 728 32.18 28.05 -18.64
C ALA D 728 31.30 28.19 -19.86
N TYR D 729 31.86 27.91 -21.04
CA TYR D 729 31.11 27.84 -22.29
C TYR D 729 31.11 26.39 -22.77
N ASN D 730 29.92 25.90 -23.12
CA ASN D 730 29.74 24.54 -23.61
C ASN D 730 28.92 24.56 -24.89
N ASN D 731 29.35 23.77 -25.87
CA ASN D 731 28.66 23.61 -27.14
C ASN D 731 28.24 22.14 -27.23
N ASN D 732 26.94 21.91 -27.18
CA ASN D 732 26.38 20.58 -27.31
C ASN D 732 25.86 20.38 -28.73
N LYS D 733 26.02 19.18 -29.25
CA LYS D 733 25.61 18.91 -30.62
C LYS D 733 25.29 17.42 -30.76
N VAL D 734 24.04 17.10 -31.05
CA VAL D 734 23.65 15.72 -31.34
C VAL D 734 24.09 15.37 -32.76
N LEU D 735 24.88 14.31 -32.90
CA LEU D 735 25.46 13.96 -34.19
C LEU D 735 24.71 12.85 -34.90
N ARG D 736 24.05 11.97 -34.16
CA ARG D 736 23.32 10.85 -34.77
C ARG D 736 22.08 10.57 -33.93
N GLU D 737 20.92 10.68 -34.54
CA GLU D 737 19.67 10.42 -33.84
C GLU D 737 18.59 10.10 -34.86
N ALA D 738 17.64 9.26 -34.45
CA ALA D 738 16.55 8.82 -35.32
C ALA D 738 15.25 9.46 -34.85
N ILE D 739 14.52 10.05 -35.79
CA ILE D 739 13.22 10.66 -35.50
C ILE D 739 12.15 9.91 -36.30
N PRO D 740 10.92 9.84 -35.82
CA PRO D 740 9.87 9.17 -36.59
C PRO D 740 9.63 9.86 -37.92
N GLU D 741 9.24 9.06 -38.92
CA GLU D 741 8.98 9.60 -40.24
C GLU D 741 7.77 10.52 -40.27
N ALA D 742 6.85 10.37 -39.31
CA ALA D 742 5.65 11.20 -39.24
C ALA D 742 5.85 12.47 -38.43
N GLN D 743 7.01 12.65 -37.82
CA GLN D 743 7.25 13.82 -36.99
C GLN D 743 7.47 15.05 -37.86
N THR D 744 6.81 16.16 -37.50
CA THR D 744 6.91 17.41 -38.26
C THR D 744 7.87 18.41 -37.63
N ILE D 745 8.35 18.16 -36.41
CA ILE D 745 9.35 19.00 -35.76
C ILE D 745 10.73 18.55 -36.23
N PRO D 746 11.63 19.47 -36.57
CA PRO D 746 12.96 19.07 -37.02
C PRO D 746 13.71 18.30 -35.94
N GLY D 747 14.55 17.38 -36.38
CA GLY D 747 15.35 16.61 -35.45
C GLY D 747 16.45 17.43 -34.83
N ARG D 748 17.09 16.85 -33.81
CA ARG D 748 18.15 17.51 -33.08
C ARG D 748 19.53 17.27 -33.66
N GLU D 749 19.63 16.58 -34.80
CA GLU D 749 20.94 16.33 -35.40
C GLU D 749 21.60 17.65 -35.78
N GLY D 750 22.85 17.82 -35.34
CA GLY D 750 23.58 19.04 -35.57
C GLY D 750 23.24 20.18 -34.62
N TYR D 751 22.37 19.95 -33.65
CA TYR D 751 21.91 20.95 -32.71
C TYR D 751 21.96 20.37 -31.31
N PRO D 752 21.95 21.22 -30.28
CA PRO D 752 22.02 20.71 -28.91
C PRO D 752 20.89 19.74 -28.60
N VAL D 753 21.11 18.94 -27.54
CA VAL D 753 20.15 17.96 -27.10
C VAL D 753 18.80 18.56 -26.73
N ASP D 754 18.70 19.88 -26.69
CA ASP D 754 17.50 20.59 -26.24
C ASP D 754 17.01 21.68 -27.18
N ALA D 755 17.34 21.56 -28.47
CA ALA D 755 17.16 22.66 -29.40
C ALA D 755 15.69 23.09 -29.45
N ILE D 756 15.49 24.38 -29.72
CA ILE D 756 14.15 24.96 -29.81
C ILE D 756 13.95 25.37 -31.27
N PHE D 757 13.03 24.68 -31.95
CA PHE D 757 12.70 24.97 -33.33
C PHE D 757 11.35 25.67 -33.37
N ALA D 758 11.31 26.86 -33.94
CA ALA D 758 10.12 27.68 -33.97
C ALA D 758 9.85 28.17 -35.38
N ILE D 759 8.58 28.36 -35.70
CA ILE D 759 8.18 28.90 -37.01
C ILE D 759 8.30 30.41 -36.95
N LYS D 760 9.18 30.97 -37.77
CA LYS D 760 9.37 32.42 -37.79
C LYS D 760 8.20 33.09 -38.51
N THR D 761 7.66 34.13 -37.89
CA THR D 761 6.52 34.86 -38.42
C THR D 761 6.94 36.26 -38.84
N ALA D 762 6.33 36.74 -39.92
CA ALA D 762 6.57 38.07 -40.46
C ALA D 762 5.65 39.13 -39.88
N GLY D 763 4.78 38.77 -38.93
CA GLY D 763 3.81 39.68 -38.37
C GLY D 763 2.40 39.21 -38.65
N LEU D 764 1.48 40.18 -38.71
CA LEU D 764 0.07 39.91 -38.97
C LEU D 764 -0.38 40.65 -40.21
N ASP D 765 -1.29 40.02 -40.97
CA ASP D 765 -1.86 40.67 -42.14
C ASP D 765 -3.06 41.51 -41.71
N GLU D 766 -3.75 42.09 -42.68
CA GLU D 766 -4.78 43.08 -42.41
C GLU D 766 -5.97 42.52 -41.64
N GLU D 767 -6.05 41.19 -41.47
CA GLU D 767 -7.14 40.57 -40.74
C GLU D 767 -6.69 39.97 -39.41
N GLY D 768 -5.46 40.24 -38.98
CA GLY D 768 -4.97 39.78 -37.70
C GLY D 768 -4.37 38.39 -37.70
N TYR D 769 -4.43 37.67 -38.81
CA TYR D 769 -3.84 36.34 -38.85
C TYR D 769 -2.31 36.44 -38.99
N PRO D 770 -1.58 35.50 -38.39
CA PRO D 770 -0.12 35.52 -38.54
C PRO D 770 0.30 35.26 -39.98
N LEU D 771 1.45 35.82 -40.34
CA LEU D 771 2.03 35.68 -41.67
C LEU D 771 3.33 34.90 -41.58
N PHE D 772 3.60 34.07 -42.58
CA PHE D 772 4.78 33.22 -42.58
C PHE D 772 5.66 33.55 -43.78
N TYR D 773 6.89 33.03 -43.74
CA TYR D 773 7.85 33.14 -44.83
C TYR D 773 7.94 31.82 -45.56
N ASP D 774 7.91 31.86 -46.89
CA ASP D 774 8.12 30.67 -47.69
C ASP D 774 9.62 30.53 -47.97
N LYS D 775 9.96 29.62 -48.89
CA LYS D 775 11.35 29.40 -49.23
C LYS D 775 11.98 30.65 -49.83
N GLU D 776 11.22 31.39 -50.65
CA GLU D 776 11.75 32.58 -51.32
C GLU D 776 11.86 33.80 -50.41
N GLY D 777 11.18 33.80 -49.27
CA GLY D 777 11.29 34.89 -48.33
C GLY D 777 10.18 35.93 -48.37
N LYS D 778 9.10 35.68 -49.10
CA LYS D 778 7.99 36.62 -49.15
C LYS D 778 6.91 36.22 -48.15
N LYS D 779 6.28 37.22 -47.54
CA LYS D 779 5.27 36.97 -46.53
C LYS D 779 4.06 36.27 -47.14
N VAL D 780 3.73 35.09 -46.63
CA VAL D 780 2.59 34.31 -47.10
C VAL D 780 1.73 33.94 -45.90
N THR D 781 0.48 33.56 -46.20
CA THR D 781 -0.45 33.14 -45.16
C THR D 781 -0.29 31.64 -44.91
N LEU D 782 -1.14 31.11 -44.03
CA LEU D 782 -1.14 29.66 -43.80
C LEU D 782 -1.65 28.90 -45.01
N LYS D 783 -2.62 29.47 -45.73
CA LYS D 783 -3.14 28.84 -46.95
C LYS D 783 -2.03 28.65 -47.98
N GLU D 784 -1.21 29.67 -48.20
CA GLU D 784 -0.14 29.56 -49.17
C GLU D 784 1.01 28.71 -48.64
N LEU D 785 1.29 28.77 -47.34
CA LEU D 785 2.38 28.00 -46.77
C LEU D 785 2.09 26.50 -46.85
N TYR D 786 0.92 26.08 -46.39
CA TYR D 786 0.57 24.67 -46.36
C TYR D 786 -0.16 24.19 -47.62
N ARG D 787 -0.44 25.09 -48.55
CA ARG D 787 -1.18 24.76 -49.77
C ARG D 787 -2.49 24.05 -49.44
N LEU D 788 -3.29 24.70 -48.59
CA LEU D 788 -4.54 24.11 -48.12
C LEU D 788 -5.55 24.01 -49.26
N GLN D 789 -6.22 22.86 -49.33
CA GLN D 789 -7.26 22.62 -50.32
C GLN D 789 -8.52 22.14 -49.61
N ASP D 790 -9.67 22.65 -50.06
CA ASP D 790 -10.97 22.29 -49.49
C ASP D 790 -11.84 21.71 -50.60
N PRO D 791 -11.86 20.39 -50.77
CA PRO D 791 -12.64 19.80 -51.86
C PRO D 791 -14.13 19.71 -51.55
N PHE D 792 -14.48 19.45 -50.29
CA PHE D 792 -15.88 19.28 -49.93
C PHE D 792 -16.57 20.60 -49.64
N GLY D 793 -15.81 21.61 -49.19
CA GLY D 793 -16.39 22.91 -48.88
C GLY D 793 -17.07 23.00 -47.53
N LEU D 794 -17.03 21.95 -46.72
CA LEU D 794 -17.66 21.97 -45.41
C LEU D 794 -16.90 22.83 -44.41
N GLY D 795 -15.72 23.30 -44.75
CA GLY D 795 -14.91 24.11 -43.84
C GLY D 795 -13.91 23.35 -43.01
N PHE D 796 -14.37 22.31 -42.32
CA PHE D 796 -13.49 21.48 -41.48
C PHE D 796 -12.86 20.33 -42.25
N THR D 797 -13.19 20.15 -43.52
CA THR D 797 -12.65 19.07 -44.33
C THR D 797 -11.47 19.63 -45.12
N VAL D 798 -10.44 20.08 -44.39
CA VAL D 798 -9.24 20.65 -44.99
C VAL D 798 -8.19 19.55 -45.08
N ASN D 799 -7.44 19.55 -46.18
CA ASN D 799 -6.32 18.63 -46.35
C ASN D 799 -5.17 19.37 -46.97
N SER D 800 -3.96 18.90 -46.69
CA SER D 800 -2.74 19.48 -47.24
C SER D 800 -1.86 18.35 -47.77
N ASP D 801 -1.19 18.62 -48.89
CA ASP D 801 -0.26 17.67 -49.48
C ASP D 801 1.16 17.81 -48.96
N VAL D 802 1.39 18.70 -47.99
CA VAL D 802 2.72 18.92 -47.45
C VAL D 802 3.14 17.69 -46.67
N THR D 803 4.24 17.06 -47.11
CA THR D 803 4.78 15.92 -46.41
C THR D 803 5.45 16.35 -45.11
N PRO D 804 5.56 15.43 -44.14
CA PRO D 804 6.29 15.78 -42.90
C PRO D 804 7.72 16.23 -43.15
N ALA D 805 8.40 15.64 -44.15
CA ALA D 805 9.75 16.08 -44.47
C ALA D 805 9.76 17.53 -44.94
N GLU D 806 8.77 17.92 -45.75
CA GLU D 806 8.66 19.31 -46.17
C GLU D 806 8.21 20.19 -45.02
N GLU D 807 7.35 19.67 -44.15
CA GLU D 807 6.87 20.45 -43.00
C GLU D 807 7.99 20.77 -42.03
N ARG D 808 8.97 19.88 -41.87
CA ARG D 808 10.10 20.14 -41.00
C ARG D 808 10.94 21.30 -41.48
N SER D 809 10.83 21.69 -42.75
CA SER D 809 11.56 22.83 -43.28
C SER D 809 10.90 24.16 -42.96
N PHE D 810 9.67 24.14 -42.42
CA PHE D 810 9.02 25.38 -42.03
C PHE D 810 9.62 25.95 -40.75
N TYR D 811 10.07 25.09 -39.86
CA TYR D 811 10.62 25.51 -38.58
C TYR D 811 12.06 25.99 -38.73
N SER D 812 12.46 26.88 -37.83
CA SER D 812 13.81 27.41 -37.80
C SER D 812 14.39 27.25 -36.41
N TYR D 813 15.71 27.13 -36.34
CA TYR D 813 16.40 26.92 -35.08
C TYR D 813 16.62 28.25 -34.37
N ILE D 814 16.24 28.31 -33.09
CA ILE D 814 16.34 29.54 -32.31
C ILE D 814 17.49 29.44 -31.32
N GLY D 815 17.42 28.48 -30.40
CA GLY D 815 18.43 28.32 -29.38
C GLY D 815 18.31 27.03 -28.59
N SER D 816 18.79 27.04 -27.35
CA SER D 816 18.77 25.87 -26.48
C SER D 816 18.23 26.24 -25.11
N GLN D 817 17.63 25.26 -24.44
CA GLN D 817 17.03 25.53 -23.13
C GLN D 817 18.07 25.86 -22.08
N ASP D 818 19.10 25.03 -21.95
CA ASP D 818 20.22 25.33 -21.06
C ASP D 818 21.16 26.35 -21.71
N THR D 819 21.57 27.34 -20.93
CA THR D 819 22.39 28.42 -21.43
C THR D 819 23.81 27.93 -21.66
N PRO D 820 24.38 28.10 -22.85
CA PRO D 820 25.78 27.70 -23.05
C PRO D 820 26.77 28.43 -22.15
N TYR D 821 26.50 29.70 -21.80
CA TYR D 821 27.40 30.47 -20.96
C TYR D 821 26.91 30.40 -19.52
N THR D 822 27.68 29.76 -18.64
CA THR D 822 27.33 29.67 -17.24
C THR D 822 28.50 30.12 -16.39
N GLY D 823 28.20 30.51 -15.15
CA GLY D 823 29.27 30.76 -14.21
C GLY D 823 28.84 31.67 -13.10
N GLY D 824 29.82 32.26 -12.42
CA GLY D 824 29.55 33.14 -11.31
C GLY D 824 30.75 34.01 -10.97
N LEU D 825 30.50 34.94 -10.05
CA LEU D 825 31.50 35.89 -9.59
C LEU D 825 31.26 36.12 -8.10
N ILE D 826 32.25 35.80 -7.28
CA ILE D 826 32.14 35.90 -5.83
C ILE D 826 33.17 36.90 -5.33
N ASN D 827 32.71 37.91 -4.61
CA ASN D 827 33.57 38.91 -4.01
C ASN D 827 33.48 38.83 -2.49
N THR D 828 34.63 38.69 -1.83
CA THR D 828 34.68 38.60 -0.39
C THR D 828 35.49 39.76 0.15
N PHE D 829 34.88 40.55 1.03
CA PHE D 829 35.53 41.68 1.69
C PHE D 829 35.63 41.39 3.18
N SER D 830 36.74 41.80 3.79
CA SER D 830 36.94 41.68 5.22
C SER D 830 37.51 43.00 5.74
N TYR D 831 36.93 43.53 6.81
CA TYR D 831 37.38 44.76 7.43
C TYR D 831 37.18 44.63 8.94
N LYS D 832 38.30 44.56 9.67
CA LYS D 832 38.30 44.32 11.11
C LYS D 832 37.61 42.98 11.35
N ASN D 833 36.49 42.98 12.08
CA ASN D 833 35.75 41.74 12.39
C ASN D 833 34.56 41.58 11.44
N TRP D 834 34.34 42.55 10.55
CA TRP D 834 33.23 42.52 9.60
C TRP D 834 33.65 41.76 8.35
N GLU D 835 32.74 40.96 7.80
CA GLU D 835 32.97 40.26 6.56
C GLU D 835 31.71 40.33 5.70
N LEU D 836 31.91 40.51 4.39
CA LEU D 836 30.84 40.60 3.42
C LEU D 836 31.14 39.68 2.26
N THR D 837 30.11 39.03 1.72
CA THR D 837 30.27 38.07 0.64
C THR D 837 29.15 38.28 -0.37
N ALA D 838 29.49 38.75 -1.56
CA ALA D 838 28.53 38.95 -2.64
C ALA D 838 28.78 37.89 -3.70
N ASN D 839 27.83 36.97 -3.84
CA ASN D 839 27.92 35.87 -4.79
C ASN D 839 26.89 36.09 -5.89
N LEU D 840 27.36 36.24 -7.13
CA LEU D 840 26.50 36.41 -8.29
C LEU D 840 26.70 35.23 -9.21
N SER D 841 25.66 34.87 -9.96
CA SER D 841 25.73 33.75 -10.89
C SER D 841 25.03 34.13 -12.19
N PHE D 842 25.72 33.94 -13.30
CA PHE D 842 25.18 34.30 -14.61
C PHE D 842 24.90 33.06 -15.44
N ASN D 843 23.75 33.08 -16.12
CA ASN D 843 23.38 32.09 -17.12
C ASN D 843 22.95 32.86 -18.37
N LEU D 844 23.80 32.87 -19.38
CA LEU D 844 23.58 33.66 -20.58
C LEU D 844 23.64 32.77 -21.82
N GLY D 845 22.84 33.14 -22.81
CA GLY D 845 22.80 32.46 -24.08
C GLY D 845 21.67 31.49 -24.28
N GLY D 846 20.68 31.46 -23.38
CA GLY D 846 19.61 30.49 -23.45
C GLY D 846 18.39 31.01 -24.18
N TYR D 847 17.51 30.07 -24.50
CA TYR D 847 16.18 30.38 -25.02
C TYR D 847 15.16 29.46 -24.34
N VAL D 848 13.92 29.92 -24.28
CA VAL D 848 12.86 29.13 -23.67
C VAL D 848 11.57 29.35 -24.43
N ARG D 849 10.86 28.27 -24.71
CA ARG D 849 9.55 28.33 -25.36
C ARG D 849 8.50 28.52 -24.29
N THR D 850 8.07 29.77 -24.10
CA THR D 850 7.03 30.06 -23.12
C THR D 850 5.66 29.67 -23.68
N THR D 851 4.77 29.27 -22.78
CA THR D 851 3.40 29.01 -23.17
C THR D 851 2.75 30.30 -23.66
N PRO D 852 2.03 30.26 -24.78
CA PRO D 852 1.39 31.49 -25.28
C PRO D 852 0.44 32.07 -24.25
N SER D 853 0.43 33.41 -24.17
CA SER D 853 -0.43 34.09 -23.21
C SER D 853 -1.90 33.77 -23.43
N TYR D 854 -2.30 33.60 -24.68
CA TYR D 854 -3.65 33.21 -25.02
C TYR D 854 -3.62 32.47 -26.34
N ASN D 855 -4.59 31.56 -26.52
CA ASN D 855 -4.75 30.78 -27.78
C ASN D 855 -5.83 31.50 -28.61
N PHE D 856 -5.50 31.85 -29.86
CA PHE D 856 -6.43 32.61 -30.75
C PHE D 856 -7.68 31.78 -31.10
N ILE D 857 -7.67 30.48 -30.78
CA ILE D 857 -8.80 29.61 -31.09
C ILE D 857 -9.40 29.03 -29.81
N ASN D 858 -8.56 28.50 -28.93
CA ASN D 858 -9.00 27.83 -27.70
C ASN D 858 -8.96 28.75 -26.49
N PHE D 859 -9.23 30.04 -26.68
CA PHE D 859 -9.15 30.98 -25.58
C PHE D 859 -10.32 30.76 -24.61
N ASP D 860 -9.99 30.37 -23.39
CA ASP D 860 -10.98 30.16 -22.34
C ASP D 860 -11.16 31.46 -21.57
N ARG D 861 -12.37 32.03 -21.63
CA ARG D 861 -12.66 33.29 -20.97
C ARG D 861 -13.29 33.11 -19.59
N GLY D 862 -13.35 31.89 -19.09
CA GLY D 862 -13.69 31.66 -17.71
C GLY D 862 -12.52 31.75 -16.77
N GLN D 863 -11.33 32.08 -17.28
CA GLN D 863 -10.11 32.15 -16.50
C GLN D 863 -9.38 33.44 -16.82
N ASN D 864 -8.58 33.91 -15.86
CA ASN D 864 -7.88 35.18 -16.00
C ASN D 864 -6.81 35.09 -17.08
N VAL D 865 -6.43 36.26 -17.60
CA VAL D 865 -5.53 36.35 -18.74
C VAL D 865 -4.46 37.40 -18.43
N ASN D 866 -3.36 37.32 -19.17
CA ASN D 866 -2.32 38.35 -19.10
C ASN D 866 -2.87 39.69 -19.60
N SER D 867 -2.07 40.73 -19.40
CA SER D 867 -2.42 42.05 -19.90
C SER D 867 -2.08 42.24 -21.37
N ASP D 868 -1.41 41.27 -21.99
CA ASP D 868 -1.04 41.39 -23.39
C ASP D 868 -2.10 40.90 -24.35
N ILE D 869 -3.19 40.30 -23.84
CA ILE D 869 -4.33 40.04 -24.71
C ILE D 869 -4.94 41.35 -25.18
N LEU D 870 -4.81 42.41 -24.38
CA LEU D 870 -5.19 43.74 -24.81
C LEU D 870 -4.31 44.27 -25.94
N ASP D 871 -3.17 43.62 -26.18
CA ASP D 871 -2.28 43.96 -27.28
C ASP D 871 -2.59 43.19 -28.56
N ARG D 872 -3.65 42.39 -28.57
CA ARG D 872 -4.00 41.63 -29.75
C ARG D 872 -4.64 42.53 -30.81
N TRP D 873 -4.71 42.01 -32.03
CA TRP D 873 -5.34 42.72 -33.13
C TRP D 873 -6.85 42.62 -33.01
N THR D 874 -7.53 43.76 -33.11
CA THR D 874 -8.98 43.83 -33.13
C THR D 874 -9.40 44.84 -34.17
N PRO D 875 -10.64 44.78 -34.65
CA PRO D 875 -11.08 45.76 -35.66
C PRO D 875 -10.88 47.20 -35.23
N GLU D 876 -11.11 47.52 -33.95
CA GLU D 876 -10.87 48.88 -33.47
C GLU D 876 -9.38 49.14 -33.25
N ASN D 877 -8.65 48.16 -32.74
CA ASN D 877 -7.22 48.28 -32.48
C ASN D 877 -6.47 47.50 -33.56
N THR D 878 -6.23 48.14 -34.70
CA THR D 878 -5.56 47.51 -35.82
C THR D 878 -4.05 47.58 -35.71
N ASP D 879 -3.51 48.22 -34.68
CA ASP D 879 -2.08 48.32 -34.46
C ASP D 879 -1.54 47.28 -33.51
N GLY D 880 -2.37 46.31 -33.11
CA GLY D 880 -1.90 45.28 -32.21
C GLY D 880 -0.87 44.38 -32.87
N ARG D 881 0.02 43.84 -32.05
CA ARG D 881 1.12 43.01 -32.53
C ARG D 881 0.88 41.52 -32.31
N LEU D 882 -0.08 41.15 -31.47
CA LEU D 882 -0.36 39.75 -31.20
C LEU D 882 -1.56 39.28 -32.01
N PRO D 883 -1.60 37.99 -32.35
CA PRO D 883 -2.64 37.51 -33.28
C PRO D 883 -4.05 37.73 -32.74
N ALA D 884 -4.95 38.02 -33.67
CA ALA D 884 -6.34 38.25 -33.32
C ALA D 884 -7.04 36.94 -32.97
N LEU D 885 -8.12 37.05 -32.20
CA LEU D 885 -8.95 35.89 -31.87
C LEU D 885 -9.77 35.54 -33.10
N ILE D 886 -9.37 34.46 -33.79
CA ILE D 886 -9.93 34.15 -35.08
C ILE D 886 -11.17 33.27 -34.92
N THR D 887 -12.05 33.33 -35.92
CA THR D 887 -13.28 32.55 -35.95
C THR D 887 -13.34 31.77 -37.25
N SER D 888 -14.29 30.84 -37.32
CA SER D 888 -14.43 29.97 -38.49
C SER D 888 -15.27 30.57 -39.59
N GLU D 889 -15.91 31.72 -39.37
CA GLU D 889 -16.77 32.31 -40.39
C GLU D 889 -15.97 32.99 -41.50
N LYS D 890 -14.83 33.58 -41.18
CA LYS D 890 -14.08 34.34 -42.16
C LYS D 890 -13.22 33.51 -43.11
N ARG D 891 -12.35 32.66 -42.56
CA ARG D 891 -11.56 31.71 -43.33
C ARG D 891 -11.72 30.35 -42.66
N ALA D 892 -12.67 29.56 -43.16
CA ALA D 892 -12.99 28.29 -42.51
C ALA D 892 -11.81 27.32 -42.59
N ASP D 893 -11.16 27.23 -43.75
CA ASP D 893 -10.09 26.25 -43.91
C ASP D 893 -8.89 26.58 -43.03
N GLU D 894 -8.48 27.85 -42.99
CA GLU D 894 -7.36 28.23 -42.13
C GLU D 894 -7.71 28.03 -40.67
N TYR D 895 -8.94 28.37 -40.28
CA TYR D 895 -9.36 28.16 -38.90
C TYR D 895 -9.30 26.68 -38.52
N TYR D 896 -9.87 25.81 -39.35
CA TYR D 896 -9.90 24.39 -39.02
C TYR D 896 -8.59 23.68 -39.32
N TRP D 897 -7.63 24.36 -39.93
CA TRP D 897 -6.27 23.83 -39.98
C TRP D 897 -5.46 24.23 -38.75
N TYR D 898 -5.61 25.49 -38.30
CA TYR D 898 -5.04 25.89 -37.02
C TYR D 898 -5.65 25.09 -35.88
N ASP D 899 -6.89 24.63 -36.04
CA ASP D 899 -7.58 23.92 -34.97
C ASP D 899 -6.99 22.53 -34.74
N GLN D 900 -7.04 21.68 -35.77
CA GLN D 900 -6.56 20.31 -35.64
C GLN D 900 -5.03 20.24 -35.59
N LYS D 901 -4.33 21.30 -35.94
CA LYS D 901 -2.87 21.38 -35.82
C LYS D 901 -2.60 22.50 -34.82
N SER D 902 -2.66 22.15 -33.53
CA SER D 902 -2.48 23.13 -32.47
C SER D 902 -1.02 23.45 -32.18
N GLU D 903 -0.09 22.69 -32.77
CA GLU D 903 1.33 22.95 -32.54
C GLU D 903 1.84 24.12 -33.38
N ILE D 904 1.11 24.51 -34.43
CA ILE D 904 1.56 25.62 -35.26
C ILE D 904 1.56 26.92 -34.46
N TYR D 905 0.50 27.15 -33.69
CA TYR D 905 0.40 28.38 -32.91
C TYR D 905 1.40 28.38 -31.75
N LYS D 906 1.59 27.24 -31.10
CA LYS D 906 2.49 27.19 -29.96
C LYS D 906 3.95 27.30 -30.39
N ASN D 907 4.28 26.88 -31.61
CA ASN D 907 5.65 26.87 -32.08
C ASN D 907 6.01 28.10 -32.89
N LEU D 908 5.20 29.16 -32.83
CA LEU D 908 5.60 30.42 -33.43
C LEU D 908 6.78 31.02 -32.69
N ASP D 909 7.60 31.77 -33.43
CA ASP D 909 8.79 32.38 -32.82
C ASP D 909 8.45 33.50 -31.85
N ILE D 910 7.19 33.95 -31.81
CA ILE D 910 6.81 35.04 -30.91
C ILE D 910 6.62 34.58 -29.47
N TRP D 911 6.58 33.28 -29.22
CA TRP D 911 6.47 32.74 -27.88
C TRP D 911 7.79 32.21 -27.34
N VAL D 912 8.90 32.46 -28.03
CA VAL D 912 10.22 32.03 -27.61
C VAL D 912 10.97 33.26 -27.09
N LYS D 913 11.42 33.18 -25.85
CA LYS D 913 12.04 34.30 -25.17
C LYS D 913 13.47 33.98 -24.78
N LYS D 914 14.32 35.00 -24.81
CA LYS D 914 15.72 34.82 -24.45
C LYS D 914 15.87 34.57 -22.96
N LEU D 915 17.00 33.99 -22.59
CA LEU D 915 17.28 33.55 -21.22
C LEU D 915 18.72 33.94 -20.91
N ASN D 916 18.88 35.13 -20.33
CA ASN D 916 20.18 35.69 -19.95
C ASN D 916 20.00 36.40 -18.62
N TYR D 917 20.25 35.69 -17.51
CA TYR D 917 19.97 36.27 -16.21
C TYR D 917 21.16 36.17 -15.27
N PHE D 918 21.38 37.23 -14.52
CA PHE D 918 22.33 37.27 -13.41
C PHE D 918 21.53 37.28 -12.11
N ARG D 919 21.76 36.28 -11.27
CA ARG D 919 21.07 36.16 -9.99
C ARG D 919 22.06 36.38 -8.85
N LEU D 920 21.68 37.23 -7.90
CA LEU D 920 22.46 37.43 -6.68
C LEU D 920 22.13 36.27 -5.74
N GLN D 921 22.95 35.22 -5.81
CA GLN D 921 22.65 34.00 -5.08
C GLN D 921 22.82 34.18 -3.58
N ASN D 922 23.67 35.11 -3.16
CA ASN D 922 24.02 35.24 -1.75
C ASN D 922 24.63 36.60 -1.50
N LEU D 923 24.12 37.30 -0.49
CA LEU D 923 24.74 38.53 0.00
C LEU D 923 24.75 38.43 1.52
N ARG D 924 25.91 38.08 2.09
CA ARG D 924 26.03 37.83 3.52
C ARG D 924 26.97 38.83 4.15
N LEU D 925 26.54 39.46 5.24
CA LEU D 925 27.37 40.35 6.03
C LEU D 925 27.51 39.75 7.42
N GLY D 926 28.75 39.47 7.83
CA GLY D 926 29.02 38.84 9.10
C GLY D 926 29.71 39.78 10.08
N TYR D 927 29.73 39.36 11.33
CA TYR D 927 30.39 40.10 12.39
C TYR D 927 30.85 39.12 13.45
N ARG D 928 32.16 39.06 13.67
CA ARG D 928 32.74 38.22 14.70
C ARG D 928 32.84 39.03 15.99
N LEU D 929 32.20 38.55 17.05
CA LEU D 929 32.21 39.27 18.32
C LEU D 929 33.63 39.34 18.85
N PRO D 930 34.01 40.43 19.51
CA PRO D 930 35.39 40.56 20.00
C PRO D 930 35.72 39.48 21.03
N GLU D 931 36.99 39.09 21.07
CA GLU D 931 37.42 38.00 21.94
C GLU D 931 37.11 38.31 23.40
N LYS D 932 37.20 39.57 23.79
CA LYS D 932 36.93 39.95 25.18
C LYS D 932 35.48 39.65 25.56
N MET D 933 34.53 40.02 24.70
CA MET D 933 33.12 39.78 25.00
C MET D 933 32.81 38.29 25.06
N THR D 934 33.34 37.51 24.11
CA THR D 934 33.11 36.08 24.10
C THR D 934 33.70 35.42 25.35
N LYS D 935 34.91 35.82 25.74
CA LYS D 935 35.50 35.28 26.96
C LYS D 935 34.72 35.68 28.19
N SER D 936 34.17 36.90 28.21
CA SER D 936 33.28 37.30 29.30
C SER D 936 31.99 36.49 29.31
N LEU D 937 31.58 35.97 28.15
CA LEU D 937 30.43 35.07 28.07
C LEU D 937 30.84 33.61 28.19
N GLY D 938 32.13 33.33 28.42
CA GLY D 938 32.60 31.97 28.54
C GLY D 938 32.50 31.15 27.27
N MET D 939 32.87 31.73 26.14
CA MET D 939 32.80 31.07 24.85
C MET D 939 34.08 31.30 24.07
N GLY D 940 34.53 30.27 23.36
CA GLY D 940 35.73 30.42 22.56
C GLY D 940 35.56 31.33 21.36
N SER D 941 34.35 31.41 20.83
CA SER D 941 34.06 32.28 19.69
C SER D 941 32.57 32.58 19.68
N ALA D 942 32.22 33.62 18.93
CA ALA D 942 30.82 34.00 18.74
C ALA D 942 30.73 34.87 17.51
N SER D 943 29.68 34.68 16.72
CA SER D 943 29.53 35.41 15.47
C SER D 943 28.05 35.58 15.15
N VAL D 944 27.74 36.63 14.39
CA VAL D 944 26.41 36.87 13.88
C VAL D 944 26.51 37.18 12.40
N ALA D 945 25.40 37.03 11.70
CA ALA D 945 25.40 37.28 10.27
C ALA D 945 24.00 37.57 9.79
N ILE D 946 23.89 38.46 8.80
CA ILE D 946 22.65 38.75 8.10
C ILE D 946 22.86 38.39 6.63
N GLU D 947 21.94 37.60 6.09
CA GLU D 947 22.13 36.91 4.82
C GLU D 947 20.92 37.16 3.92
N GLY D 948 21.19 37.41 2.64
CA GLY D 948 20.12 37.61 1.68
C GLY D 948 20.25 36.66 0.51
N ARG D 949 19.23 35.84 0.29
CA ARG D 949 19.22 34.84 -0.76
C ARG D 949 18.22 35.22 -1.83
N ASN D 950 18.67 35.27 -3.09
CA ASN D 950 17.84 35.61 -4.24
C ASN D 950 17.22 37.00 -4.10
N LEU D 951 17.93 37.92 -3.46
CA LEU D 951 17.39 39.26 -3.26
C LEU D 951 17.23 40.04 -4.55
N LEU D 952 17.97 39.68 -5.60
CA LEU D 952 17.94 40.45 -6.83
C LEU D 952 18.35 39.58 -8.00
N VAL D 953 17.56 39.62 -9.07
CA VAL D 953 17.89 38.96 -10.33
C VAL D 953 17.62 39.97 -11.45
N PHE D 954 18.58 40.09 -12.37
CA PHE D 954 18.46 41.04 -13.47
C PHE D 954 18.96 40.37 -14.74
N GLY D 955 19.05 41.15 -15.82
CA GLY D 955 19.50 40.62 -17.10
C GLY D 955 18.46 40.80 -18.18
N SER D 956 18.21 39.73 -18.94
CA SER D 956 17.19 39.79 -19.99
C SER D 956 15.81 39.93 -19.38
N SER D 957 14.90 40.55 -20.13
CA SER D 957 13.57 40.83 -19.62
C SER D 957 12.76 39.54 -19.48
N TYR D 958 12.14 39.36 -18.32
CA TYR D 958 11.24 38.23 -18.06
C TYR D 958 9.88 38.85 -17.70
N LYS D 959 9.10 39.17 -18.72
CA LYS D 959 7.81 39.83 -18.53
C LYS D 959 6.71 38.78 -18.45
N ASN D 960 5.72 39.03 -17.58
CA ASN D 960 4.58 38.17 -17.30
C ASN D 960 4.96 36.93 -16.51
N PHE D 961 6.18 36.85 -15.98
CA PHE D 961 6.62 35.71 -15.19
C PHE D 961 7.25 36.19 -13.90
N LEU D 962 7.19 35.35 -12.87
CA LEU D 962 7.71 35.71 -11.55
C LEU D 962 9.22 35.56 -11.44
N ASP D 963 9.85 34.83 -12.36
CA ASP D 963 11.27 34.54 -12.29
C ASP D 963 11.73 34.09 -13.66
N PRO D 964 12.97 34.40 -14.06
CA PRO D 964 13.46 33.92 -15.36
C PRO D 964 13.55 32.40 -15.45
N GLU D 965 13.59 31.69 -14.33
CA GLU D 965 13.54 30.23 -14.32
C GLU D 965 12.11 29.70 -14.30
N SER D 966 11.11 30.56 -14.18
CA SER D 966 9.72 30.15 -14.17
C SER D 966 9.03 30.40 -15.51
N MET D 967 9.79 30.69 -16.56
CA MET D 967 9.23 30.98 -17.86
C MET D 967 8.87 29.73 -18.65
N TYR D 968 9.29 28.55 -18.19
CA TYR D 968 8.96 27.29 -18.85
C TYR D 968 7.81 26.57 -18.17
N ASN D 969 7.95 26.27 -16.88
CA ASN D 969 6.94 25.52 -16.15
C ASN D 969 6.12 26.45 -15.28
N PRO D 970 4.85 26.69 -15.60
CA PRO D 970 4.01 27.54 -14.75
C PRO D 970 3.46 26.86 -13.51
N TYR D 971 3.72 25.57 -13.33
CA TYR D 971 3.20 24.80 -12.21
C TYR D 971 4.17 24.72 -11.04
N ALA D 972 5.33 25.37 -11.14
CA ALA D 972 6.33 25.33 -10.09
C ALA D 972 6.52 26.71 -9.48
N PRO D 973 6.64 26.79 -8.15
CA PRO D 973 6.84 28.10 -7.53
C PRO D 973 8.19 28.67 -7.90
N PRO D 974 8.32 29.99 -7.96
CA PRO D 974 9.63 30.59 -8.24
C PRO D 974 10.57 30.42 -7.06
N ILE D 975 11.85 30.65 -7.31
CA ILE D 975 12.87 30.56 -6.27
C ILE D 975 12.59 31.66 -5.26
N PRO D 976 12.38 31.32 -3.98
CA PRO D 976 12.00 32.34 -3.00
C PRO D 976 13.16 33.22 -2.57
N LYS D 977 12.82 34.44 -2.20
CA LYS D 977 13.76 35.33 -1.55
C LYS D 977 13.82 35.00 -0.07
N SER D 978 14.96 35.27 0.55
CA SER D 978 15.12 34.92 1.96
C SER D 978 16.03 35.92 2.66
N ILE D 979 15.70 36.23 3.91
CA ILE D 979 16.56 37.02 4.78
C ILE D 979 16.81 36.21 6.04
N THR D 980 18.06 35.83 6.26
CA THR D 980 18.44 34.93 7.35
C THR D 980 19.29 35.66 8.37
N PHE D 981 18.98 35.46 9.65
CA PHE D 981 19.84 35.92 10.73
C PHE D 981 20.46 34.70 11.39
N SER D 982 21.79 34.64 11.40
CA SER D 982 22.53 33.48 11.88
C SER D 982 23.34 33.86 13.10
N LEU D 983 23.30 33.01 14.12
CA LEU D 983 24.09 33.16 15.33
C LEU D 983 24.90 31.90 15.56
N ASN D 984 26.22 32.06 15.72
CA ASN D 984 27.14 30.95 15.92
C ASN D 984 27.88 31.13 17.23
N LEU D 985 27.99 30.04 17.99
CA LEU D 985 28.66 30.04 19.28
C LEU D 985 29.65 28.88 19.36
N ASN D 986 30.76 29.12 20.03
CA ASN D 986 31.79 28.11 20.23
C ASN D 986 32.17 27.99 21.70
N MET E 1 -0.10 13.18 -21.85
CA MET E 1 -0.58 12.10 -22.70
C MET E 1 -2.05 12.32 -23.07
N GLN E 2 -2.69 13.28 -22.43
CA GLN E 2 -4.07 13.62 -22.76
C GLN E 2 -4.13 14.37 -24.09
N VAL E 3 -5.29 14.28 -24.74
CA VAL E 3 -5.56 14.98 -25.98
C VAL E 3 -6.92 15.67 -25.86
N PHE E 4 -7.20 16.54 -26.81
CA PHE E 4 -8.45 17.29 -26.86
C PHE E 4 -9.26 16.84 -28.06
N ILE E 5 -10.57 16.74 -27.88
CA ILE E 5 -11.51 16.39 -28.94
C ILE E 5 -12.44 17.57 -29.13
N LYS E 6 -12.43 18.15 -30.33
CA LYS E 6 -13.22 19.34 -30.65
C LYS E 6 -14.16 19.04 -31.81
N ASN E 7 -15.38 19.56 -31.72
CA ASN E 7 -16.29 19.49 -32.85
C ASN E 7 -16.13 20.74 -33.70
N ARG E 8 -16.97 20.88 -34.73
CA ARG E 8 -16.91 22.05 -35.60
C ARG E 8 -17.48 23.30 -34.94
N TYR E 9 -18.16 23.16 -33.81
CA TYR E 9 -18.77 24.29 -33.11
C TYR E 9 -17.92 24.81 -31.96
N GLY E 10 -16.70 24.30 -31.80
CA GLY E 10 -15.80 24.75 -30.77
C GLY E 10 -15.96 24.09 -29.42
N TRP E 11 -16.88 23.14 -29.28
CA TRP E 11 -17.09 22.46 -28.02
C TRP E 11 -16.04 21.36 -27.86
N THR E 12 -15.21 21.46 -26.83
CA THR E 12 -14.09 20.56 -26.64
C THR E 12 -14.26 19.73 -25.38
N ILE E 13 -13.64 18.55 -25.40
CA ILE E 13 -13.50 17.70 -24.22
C ILE E 13 -12.07 17.19 -24.17
N THR E 14 -11.68 16.70 -23.00
CA THR E 14 -10.33 16.18 -22.77
C THR E 14 -10.40 14.67 -22.59
N LEU E 15 -9.68 13.94 -23.43
CA LEU E 15 -9.64 12.48 -23.38
C LEU E 15 -8.22 12.04 -23.08
N GLU E 16 -8.05 11.24 -22.04
CA GLU E 16 -6.74 10.73 -21.66
C GLU E 16 -6.52 9.39 -22.34
N VAL E 17 -5.70 9.38 -23.39
CA VAL E 17 -5.47 8.20 -24.21
C VAL E 17 -4.00 7.83 -24.17
N SER E 18 -3.66 6.71 -24.80
CA SER E 18 -2.28 6.24 -24.86
C SER E 18 -1.77 6.29 -26.30
N PRO E 19 -0.48 6.52 -26.51
CA PRO E 19 0.05 6.54 -27.88
C PRO E 19 -0.15 5.22 -28.62
N THR E 20 -0.18 4.09 -27.91
CA THR E 20 -0.37 2.79 -28.52
C THR E 20 -1.83 2.35 -28.51
N ASP E 21 -2.76 3.30 -28.50
CA ASP E 21 -4.18 3.02 -28.49
C ASP E 21 -4.73 3.09 -29.90
N THR E 22 -5.45 2.05 -30.31
CA THR E 22 -6.12 2.07 -31.61
C THR E 22 -7.22 3.11 -31.62
N VAL E 23 -7.52 3.64 -32.81
CA VAL E 23 -8.54 4.68 -32.93
C VAL E 23 -9.90 4.14 -32.54
N GLU E 24 -10.15 2.85 -32.75
CA GLU E 24 -11.39 2.25 -32.26
C GLU E 24 -11.47 2.33 -30.74
N ASN E 25 -10.35 2.10 -30.06
CA ASN E 25 -10.32 2.26 -28.61
C ASN E 25 -10.57 3.71 -28.21
N VAL E 26 -10.03 4.66 -28.98
CA VAL E 26 -10.26 6.07 -28.71
C VAL E 26 -11.74 6.40 -28.86
N LYS E 27 -12.39 5.84 -29.87
CA LYS E 27 -13.82 6.07 -30.07
C LYS E 27 -14.64 5.44 -28.96
N GLN E 28 -14.22 4.27 -28.47
CA GLN E 28 -14.88 3.67 -27.31
C GLN E 28 -14.73 4.54 -26.08
N LYS E 29 -13.54 5.14 -25.89
CA LYS E 29 -13.35 6.07 -24.79
C LYS E 29 -14.22 7.31 -24.96
N ILE E 30 -14.39 7.78 -26.20
CA ILE E 30 -15.31 8.88 -26.46
C ILE E 30 -16.72 8.52 -26.06
N GLN E 31 -17.16 7.31 -26.42
CA GLN E 31 -18.48 6.83 -26.04
C GLN E 31 -18.62 6.75 -24.53
N ASP E 32 -17.57 6.32 -23.85
CA ASP E 32 -17.59 6.31 -22.39
C ASP E 32 -17.73 7.73 -21.82
N LYS E 33 -17.01 8.69 -22.42
CA LYS E 33 -17.06 10.06 -21.92
C LYS E 33 -18.39 10.72 -22.24
N GLU E 34 -18.72 10.84 -23.52
CA GLU E 34 -20.00 11.36 -23.96
C GLU E 34 -20.77 10.27 -24.69
N GLY E 35 -22.10 10.31 -24.61
CA GLY E 35 -22.87 9.26 -25.24
C GLY E 35 -22.91 9.43 -26.74
N PHE E 36 -22.12 8.61 -27.44
CA PHE E 36 -21.93 8.69 -28.89
C PHE E 36 -21.52 7.32 -29.42
N PRO E 37 -22.35 6.66 -30.22
CA PRO E 37 -22.01 5.33 -30.73
C PRO E 37 -20.73 5.39 -31.54
N PRO E 38 -19.78 4.48 -31.28
CA PRO E 38 -18.49 4.52 -31.99
C PRO E 38 -18.61 4.33 -33.49
N ASP E 39 -19.65 3.64 -33.98
CA ASP E 39 -19.81 3.44 -35.41
C ASP E 39 -20.28 4.69 -36.14
N LYS E 40 -20.70 5.73 -35.41
CA LYS E 40 -21.18 6.97 -35.99
C LYS E 40 -20.27 8.15 -35.64
N ILE E 41 -18.98 7.90 -35.50
CA ILE E 41 -18.00 8.93 -35.14
C ILE E 41 -16.90 8.96 -36.18
N ARG E 42 -16.63 10.14 -36.74
CA ARG E 42 -15.49 10.36 -37.60
C ARG E 42 -14.47 11.21 -36.84
N LEU E 43 -13.24 10.72 -36.76
CA LEU E 43 -12.14 11.41 -36.13
C LEU E 43 -11.18 11.90 -37.20
N ILE E 44 -10.86 13.20 -37.16
CA ILE E 44 -10.02 13.85 -38.15
C ILE E 44 -8.79 14.40 -37.43
N TYR E 45 -7.61 14.06 -37.92
CA TYR E 45 -6.37 14.57 -37.37
C TYR E 45 -5.39 14.77 -38.51
N GLY E 46 -4.89 15.99 -38.68
CA GLY E 46 -4.02 16.29 -39.79
C GLY E 46 -4.73 16.38 -41.13
N GLY E 47 -6.06 16.42 -41.13
CA GLY E 47 -6.83 16.47 -42.34
C GLY E 47 -7.25 15.13 -42.90
N LYS E 48 -6.82 14.03 -42.29
CA LYS E 48 -7.14 12.68 -42.75
C LYS E 48 -8.04 12.00 -41.73
N GLN E 49 -9.10 11.36 -42.23
CA GLN E 49 -9.98 10.58 -41.37
C GLN E 49 -9.22 9.42 -40.76
N MET E 50 -9.41 9.22 -39.45
CA MET E 50 -8.72 8.15 -38.75
C MET E 50 -9.38 6.80 -39.02
N GLU E 51 -8.54 5.80 -39.26
CA GLU E 51 -8.99 4.44 -39.49
C GLU E 51 -9.21 3.74 -38.16
N ASP E 52 -10.14 2.78 -38.15
CA ASP E 52 -10.54 2.09 -36.93
C ASP E 52 -9.57 0.97 -36.54
N GLY E 53 -8.53 0.73 -37.33
CA GLY E 53 -7.58 -0.32 -37.00
C GLY E 53 -6.18 0.20 -36.72
N ARG E 54 -5.96 1.48 -36.99
CA ARG E 54 -4.64 2.09 -36.81
C ARG E 54 -4.52 2.72 -35.43
N THR E 55 -3.30 2.67 -34.88
CA THR E 55 -3.03 3.22 -33.57
C THR E 55 -2.81 4.73 -33.67
N LEU E 56 -2.68 5.38 -32.51
CA LEU E 56 -2.47 6.82 -32.48
C LEU E 56 -1.05 7.21 -32.83
N ALA E 57 -0.06 6.36 -32.55
CA ALA E 57 1.33 6.69 -32.86
C ALA E 57 1.56 6.80 -34.36
N ASP E 58 0.78 6.07 -35.16
CA ASP E 58 0.94 6.13 -36.61
C ASP E 58 0.50 7.48 -37.16
N TYR E 59 -0.50 8.10 -36.55
CA TYR E 59 -0.94 9.43 -36.96
C TYR E 59 -0.12 10.55 -36.33
N ASN E 60 0.85 10.22 -35.48
CA ASN E 60 1.65 11.20 -34.76
C ASN E 60 0.76 12.09 -33.88
N VAL E 61 -0.01 11.45 -33.00
CA VAL E 61 -0.87 12.15 -32.06
C VAL E 61 -0.02 12.53 -30.85
N GLN E 62 0.49 13.76 -30.83
CA GLN E 62 1.35 14.21 -29.76
C GLN E 62 0.52 14.60 -28.54
N LYS E 63 1.21 14.98 -27.48
CA LYS E 63 0.54 15.40 -26.25
C LYS E 63 -0.16 16.74 -26.46
N ASP E 64 -1.34 16.88 -25.85
CA ASP E 64 -2.13 18.11 -25.93
C ASP E 64 -2.45 18.48 -27.38
N SER E 65 -2.76 17.47 -28.18
CA SER E 65 -3.10 17.66 -29.59
C SER E 65 -4.61 17.59 -29.77
N THR E 66 -5.11 18.33 -30.76
CA THR E 66 -6.53 18.46 -31.01
C THR E 66 -6.95 17.53 -32.15
N ILE E 67 -8.03 16.76 -31.91
CA ILE E 67 -8.63 15.89 -32.91
C ILE E 67 -10.06 16.38 -33.14
N LEU E 68 -10.41 16.61 -34.40
CA LEU E 68 -11.76 17.00 -34.73
C LEU E 68 -12.66 15.77 -34.76
N ILE E 69 -13.81 15.87 -34.23
CA ILE E 69 -14.75 14.77 -34.24
C ILE E 69 -15.95 15.30 -34.90
N CYS E 70 -16.57 14.48 -35.73
CA CYS E 70 -17.83 14.88 -36.42
C CYS E 70 -18.72 13.64 -36.43
N ILE E 71 -19.97 13.73 -35.96
CA ILE E 71 -20.87 12.54 -35.94
C ILE E 71 -21.54 12.37 -37.31
N ARG E 72 -21.56 11.14 -37.83
CA ARG E 72 -22.23 10.88 -39.13
C ARG E 72 -23.74 11.13 -38.99
N ASP E 73 -24.36 11.66 -40.03
CA ASP E 73 -25.82 11.97 -40.04
C ASP E 73 -26.20 13.03 -38.99
N VAL E 74 -25.21 13.78 -38.51
CA VAL E 74 -25.45 14.83 -37.48
C VAL E 74 -25.11 16.14 -38.19
N ASP E 75 -23.86 16.30 -38.63
CA ASP E 75 -23.39 17.57 -39.21
C ASP E 75 -22.41 17.30 -40.36
N CYS E 76 -21.91 16.06 -40.47
CA CYS E 76 -20.97 15.70 -41.56
C CYS E 76 -21.46 14.42 -42.26
#